data_1Z6O
#
_entry.id   1Z6O
#
_cell.length_a   206.880
_cell.length_b   145.697
_cell.length_c   209.158
_cell.angle_alpha   90.00
_cell.angle_beta   94.93
_cell.angle_gamma   90.00
#
_symmetry.space_group_name_H-M   'C 1 2 1'
#
loop_
_entity.id
_entity.type
_entity.pdbx_description
1 polymer 'Ferritin light chain'
2 polymer 'Ferritin heavy chain'
3 non-polymer 'FE (III) ION'
4 non-polymer 'CALCIUM ION'
5 water water
#
loop_
_entity_poly.entity_id
_entity_poly.type
_entity_poly.pdbx_seq_one_letter_code
_entity_poly.pdbx_strand_id
1 'polypeptide(L)'
;ADTCYNDVALDCGITSNSLALPRCNAVYGEYGSHGNVATELQAYAKLHLERSYDYLLSAAYFNNYQTNRAGFSKLFKKLS
DEAWSKTIDIIKHVTKRGDKMNFDQHSTMKTERKNYTAENHELEALAKALDTQKELAERAFYIHREATRNSQHLHDPEIA
QYLEEEFIEDHAEKIRTLAGHTSDLKKFITANNGHDLSLALYVFDEYLQKTV
;
A,B,C,D,E,F,G,H,I,J,K,L
2 'polypeptide(L)'
;TQCNVNPVQIPKDWITMHRSCRNSMRQQIQMEVGASLQYLAMGAHFSKDVVNRPGFAQLFFDAASEEREHAMKLIEYLLM
RGELTNDVSSLLQVRPPTRSSWKGGVEALEHALSMESDVTKSIRNVIKACEDDSEFNDYHLVDYLTGDFLEEQYKGQRDL
AGKASTLKKLMDRHEALGEFIFDKKLLGIDV
;
M,N,O,P,Q,R,S,T,U,V,W,X
#
loop_
_chem_comp.id
_chem_comp.type
_chem_comp.name
_chem_comp.formula
CA non-polymer 'CALCIUM ION' 'Ca 2'
FE non-polymer 'FE (III) ION' 'Fe 3'
#
# COMPACT_ATOMS: atom_id res chain seq x y z
N ALA A 1 -48.58 5.96 48.14
CA ALA A 1 -47.78 5.59 46.94
C ALA A 1 -46.55 4.76 47.32
N ASP A 2 -46.61 3.47 47.03
CA ASP A 2 -45.50 2.59 47.33
C ASP A 2 -44.39 2.78 46.31
N THR A 3 -43.15 2.89 46.80
CA THR A 3 -42.02 3.05 45.91
C THR A 3 -40.94 2.08 46.37
N CYS A 4 -39.96 1.83 45.51
CA CYS A 4 -38.89 0.93 45.86
C CYS A 4 -38.07 1.58 46.99
N TYR A 5 -37.86 2.89 46.90
CA TYR A 5 -37.10 3.60 47.92
C TYR A 5 -37.76 3.47 49.30
N ASN A 6 -39.08 3.63 49.35
CA ASN A 6 -39.78 3.51 50.63
C ASN A 6 -39.70 2.07 51.15
N ASP A 7 -39.75 1.08 50.26
CA ASP A 7 -39.64 -0.32 50.69
C ASP A 7 -38.27 -0.54 51.32
N VAL A 8 -37.24 0.05 50.72
CA VAL A 8 -35.89 -0.11 51.27
C VAL A 8 -35.78 0.55 52.65
N ALA A 9 -36.31 1.76 52.79
CA ALA A 9 -36.27 2.48 54.06
C ALA A 9 -36.93 1.66 55.16
N LEU A 10 -38.08 1.06 54.85
CA LEU A 10 -38.80 0.24 55.82
C LEU A 10 -38.06 -1.05 56.16
N ASP A 11 -37.73 -1.84 55.15
CA ASP A 11 -37.04 -3.11 55.36
C ASP A 11 -35.61 -3.03 55.87
N CYS A 12 -34.91 -1.95 55.58
CA CYS A 12 -33.54 -1.82 56.05
C CYS A 12 -33.47 -1.22 57.45
N GLY A 13 -34.62 -1.19 58.12
CA GLY A 13 -34.68 -0.66 59.48
C GLY A 13 -34.31 -1.76 60.45
N ILE A 14 -33.65 -1.41 61.55
CA ILE A 14 -33.26 -2.39 62.56
C ILE A 14 -34.44 -3.21 63.05
N THR A 15 -35.64 -2.68 62.88
CA THR A 15 -36.86 -3.35 63.29
C THR A 15 -37.17 -4.56 62.41
N SER A 16 -36.83 -4.46 61.14
CA SER A 16 -37.08 -5.53 60.17
C SER A 16 -36.11 -6.70 60.27
N ASN A 17 -36.55 -7.85 59.76
CA ASN A 17 -35.76 -9.06 59.75
C ASN A 17 -35.90 -9.74 58.39
N SER A 18 -36.30 -8.96 57.40
CA SER A 18 -36.48 -9.45 56.04
C SER A 18 -36.21 -8.32 55.05
N LEU A 19 -36.23 -8.63 53.77
CA LEU A 19 -35.99 -7.64 52.74
C LEU A 19 -36.81 -8.02 51.52
N ALA A 20 -38.13 -7.89 51.62
CA ALA A 20 -39.03 -8.25 50.53
C ALA A 20 -38.90 -7.37 49.29
N LEU A 21 -38.93 -6.05 49.50
CA LEU A 21 -38.82 -5.07 48.43
C LEU A 21 -39.74 -5.36 47.24
N PRO A 22 -41.04 -5.49 47.50
CA PRO A 22 -42.00 -5.78 46.42
C PRO A 22 -42.04 -4.75 45.29
N ARG A 23 -41.75 -3.48 45.59
CA ARG A 23 -41.77 -2.45 44.55
C ARG A 23 -40.45 -2.29 43.80
N CYS A 24 -39.44 -3.06 44.18
CA CYS A 24 -38.15 -2.96 43.49
C CYS A 24 -38.13 -4.01 42.39
N ASN A 25 -38.86 -3.75 41.33
CA ASN A 25 -38.92 -4.64 40.19
C ASN A 25 -39.02 -3.73 38.98
N ALA A 26 -39.15 -4.28 37.79
CA ALA A 26 -39.20 -3.45 36.59
C ALA A 26 -40.60 -3.07 36.14
N VAL A 27 -41.59 -3.29 37.00
CA VAL A 27 -42.97 -2.97 36.64
C VAL A 27 -43.28 -1.47 36.75
N TYR A 28 -43.82 -0.88 35.69
CA TYR A 28 -44.22 0.53 35.73
C TYR A 28 -45.42 0.69 34.81
N GLY A 29 -46.13 1.82 34.92
CA GLY A 29 -47.32 2.02 34.12
C GLY A 29 -48.36 0.94 34.48
N GLU A 30 -48.26 0.40 35.67
CA GLU A 30 -49.19 -0.69 36.09
C GLU A 30 -49.25 -1.86 35.08
N TYR A 31 -48.12 -2.15 34.45
CA TYR A 31 -48.05 -3.24 33.48
C TYR A 31 -48.48 -4.53 34.16
N GLY A 32 -49.45 -5.23 33.56
CA GLY A 32 -49.90 -6.47 34.15
C GLY A 32 -51.02 -6.33 35.17
N SER A 33 -51.28 -5.11 35.66
CA SER A 33 -52.33 -4.87 36.66
C SER A 33 -53.72 -4.64 36.09
N HIS A 34 -53.80 -3.92 34.97
CA HIS A 34 -55.08 -3.65 34.35
C HIS A 34 -55.03 -4.21 32.93
N GLY A 35 -56.19 -4.64 32.42
CA GLY A 35 -56.24 -5.17 31.08
C GLY A 35 -55.59 -6.51 30.83
N ASN A 36 -55.52 -6.89 29.57
CA ASN A 36 -54.96 -8.17 29.17
C ASN A 36 -53.66 -8.06 28.39
N VAL A 37 -53.06 -6.87 28.35
CA VAL A 37 -51.85 -6.74 27.54
C VAL A 37 -50.73 -7.68 27.95
N ALA A 38 -50.47 -7.80 29.25
CA ALA A 38 -49.37 -8.65 29.71
C ALA A 38 -49.58 -10.12 29.36
N THR A 39 -50.79 -10.63 29.59
CA THR A 39 -51.04 -12.04 29.27
C THR A 39 -51.10 -12.24 27.76
N GLU A 40 -51.61 -11.27 27.02
CA GLU A 40 -51.67 -11.41 25.56
C GLU A 40 -50.26 -11.47 24.96
N LEU A 41 -49.32 -10.70 25.53
CA LEU A 41 -47.96 -10.72 25.01
C LEU A 41 -47.36 -12.11 25.24
N GLN A 42 -47.63 -12.70 26.40
CA GLN A 42 -47.13 -14.05 26.67
C GLN A 42 -47.73 -15.05 25.67
N ALA A 43 -49.03 -14.93 25.41
CA ALA A 43 -49.69 -15.83 24.46
C ALA A 43 -49.16 -15.60 23.03
N TYR A 44 -48.66 -14.40 22.77
CA TYR A 44 -48.12 -14.08 21.43
C TYR A 44 -46.79 -14.81 21.24
N ALA A 45 -45.99 -14.94 22.31
CA ALA A 45 -44.73 -15.68 22.20
C ALA A 45 -45.09 -17.13 21.91
N LYS A 46 -46.12 -17.62 22.58
CA LYS A 46 -46.57 -19.00 22.40
C LYS A 46 -47.04 -19.26 20.96
N LEU A 47 -47.75 -18.30 20.38
CA LEU A 47 -48.22 -18.45 19.01
C LEU A 47 -47.02 -18.51 18.04
N HIS A 48 -46.02 -17.65 18.25
CA HIS A 48 -44.85 -17.68 17.39
C HIS A 48 -44.11 -19.00 17.54
N LEU A 49 -44.03 -19.51 18.77
CA LEU A 49 -43.34 -20.77 19.02
C LEU A 49 -44.00 -21.91 18.26
N GLU A 50 -45.32 -22.00 18.37
CA GLU A 50 -46.07 -23.05 17.68
C GLU A 50 -45.92 -22.90 16.17
N ARG A 51 -46.05 -21.68 15.66
CA ARG A 51 -45.92 -21.50 14.22
C ARG A 51 -44.49 -21.78 13.74
N SER A 52 -43.48 -21.49 14.55
CA SER A 52 -42.12 -21.76 14.08
C SER A 52 -41.97 -23.25 13.76
N TYR A 53 -42.52 -24.11 14.61
CA TYR A 53 -42.44 -25.54 14.35
C TYR A 53 -43.39 -26.00 13.22
N ASP A 54 -44.53 -25.34 13.05
CA ASP A 54 -45.42 -25.69 11.92
C ASP A 54 -44.66 -25.39 10.61
N TYR A 55 -44.04 -24.21 10.53
CA TYR A 55 -43.29 -23.82 9.33
C TYR A 55 -42.11 -24.77 9.10
N LEU A 56 -41.48 -25.21 10.19
CA LEU A 56 -40.35 -26.11 10.07
C LEU A 56 -40.81 -27.43 9.40
N LEU A 57 -41.99 -27.92 9.79
CA LEU A 57 -42.50 -29.15 9.20
C LEU A 57 -42.84 -28.95 7.72
N SER A 58 -43.35 -27.77 7.35
CA SER A 58 -43.62 -27.50 5.93
C SER A 58 -42.29 -27.46 5.18
N ALA A 59 -41.27 -26.85 5.77
CA ALA A 59 -39.96 -26.80 5.11
C ALA A 59 -39.45 -28.23 4.86
N ALA A 60 -39.64 -29.09 5.85
CA ALA A 60 -39.21 -30.49 5.72
C ALA A 60 -39.99 -31.19 4.62
N TYR A 61 -41.32 -31.04 4.63
CA TYR A 61 -42.13 -31.68 3.61
C TYR A 61 -41.70 -31.30 2.19
N PHE A 62 -41.43 -30.03 1.94
CA PHE A 62 -41.02 -29.61 0.62
C PHE A 62 -39.60 -30.00 0.26
N ASN A 63 -38.89 -30.59 1.21
CA ASN A 63 -37.54 -31.05 0.95
C ASN A 63 -37.50 -32.59 0.87
N ASN A 64 -38.66 -33.26 0.76
CA ASN A 64 -38.62 -34.71 0.61
C ASN A 64 -38.29 -34.97 -0.89
N TYR A 65 -37.85 -36.18 -1.23
CA TYR A 65 -37.42 -36.42 -2.61
C TYR A 65 -38.49 -36.34 -3.69
N GLN A 66 -39.75 -36.53 -3.33
CA GLN A 66 -40.84 -36.47 -4.31
C GLN A 66 -41.25 -35.03 -4.61
N THR A 67 -41.38 -34.21 -3.57
CA THR A 67 -41.74 -32.80 -3.78
C THR A 67 -40.53 -32.06 -4.28
N ASN A 68 -39.44 -32.18 -3.54
CA ASN A 68 -38.15 -31.60 -3.91
C ASN A 68 -38.26 -30.16 -4.44
N ARG A 69 -38.89 -29.28 -3.66
CA ARG A 69 -39.02 -27.87 -4.04
C ARG A 69 -38.13 -27.06 -3.11
N ALA A 70 -36.87 -26.89 -3.49
CA ALA A 70 -35.92 -26.16 -2.65
C ALA A 70 -36.34 -24.71 -2.36
N GLY A 71 -37.04 -24.08 -3.31
CA GLY A 71 -37.49 -22.71 -3.13
C GLY A 71 -38.60 -22.63 -2.09
N PHE A 72 -39.58 -23.53 -2.19
CA PHE A 72 -40.66 -23.54 -1.21
C PHE A 72 -40.12 -23.90 0.16
N SER A 73 -39.18 -24.84 0.18
CA SER A 73 -38.59 -25.26 1.45
C SER A 73 -37.85 -24.09 2.11
N LYS A 74 -37.11 -23.32 1.31
CA LYS A 74 -36.36 -22.17 1.81
C LYS A 74 -37.31 -21.09 2.35
N LEU A 75 -38.44 -20.91 1.67
CA LEU A 75 -39.44 -19.93 2.10
C LEU A 75 -39.94 -20.28 3.51
N PHE A 76 -40.30 -21.56 3.70
CA PHE A 76 -40.79 -21.97 5.02
C PHE A 76 -39.72 -22.01 6.09
N LYS A 77 -38.49 -22.33 5.70
CA LYS A 77 -37.41 -22.37 6.67
C LYS A 77 -37.16 -20.95 7.19
N LYS A 78 -37.25 -19.97 6.31
CA LYS A 78 -37.06 -18.58 6.72
C LYS A 78 -38.20 -18.15 7.67
N LEU A 79 -39.43 -18.50 7.34
CA LEU A 79 -40.57 -18.18 8.22
C LEU A 79 -40.39 -18.84 9.59
N SER A 80 -39.88 -20.08 9.58
CA SER A 80 -39.65 -20.81 10.84
C SER A 80 -38.57 -20.13 11.68
N ASP A 81 -37.43 -19.82 11.05
CA ASP A 81 -36.33 -19.18 11.77
C ASP A 81 -36.76 -17.82 12.33
N GLU A 82 -37.52 -17.06 11.55
CA GLU A 82 -37.97 -15.75 12.04
C GLU A 82 -38.92 -15.89 13.22
N ALA A 83 -39.85 -16.84 13.15
CA ALA A 83 -40.80 -17.04 14.24
C ALA A 83 -40.08 -17.54 15.50
N TRP A 84 -39.04 -18.36 15.33
CA TRP A 84 -38.28 -18.86 16.48
C TRP A 84 -37.56 -17.68 17.15
N SER A 85 -36.93 -16.85 16.33
CA SER A 85 -36.22 -15.69 16.85
C SER A 85 -37.18 -14.73 17.56
N LYS A 86 -38.38 -14.54 17.01
CA LYS A 86 -39.37 -13.65 17.64
C LYS A 86 -39.87 -14.22 18.96
N THR A 87 -39.95 -15.54 19.04
CA THR A 87 -40.40 -16.18 20.28
C THR A 87 -39.47 -15.75 21.42
N ILE A 88 -38.16 -15.85 21.17
CA ILE A 88 -37.19 -15.49 22.19
C ILE A 88 -37.23 -13.98 22.49
N ASP A 89 -37.39 -13.18 21.45
CA ASP A 89 -37.45 -11.74 21.62
C ASP A 89 -38.66 -11.34 22.48
N ILE A 90 -39.82 -11.96 22.24
CA ILE A 90 -41.01 -11.62 23.03
C ILE A 90 -40.83 -12.05 24.49
N ILE A 91 -40.27 -13.23 24.70
CA ILE A 91 -40.02 -13.71 26.06
C ILE A 91 -39.14 -12.69 26.78
N LYS A 92 -38.10 -12.20 26.10
CA LYS A 92 -37.22 -11.22 26.72
C LYS A 92 -37.95 -9.91 26.99
N HIS A 93 -38.89 -9.53 26.12
CA HIS A 93 -39.63 -8.29 26.35
C HIS A 93 -40.56 -8.42 27.56
N VAL A 94 -41.20 -9.57 27.68
CA VAL A 94 -42.09 -9.87 28.81
C VAL A 94 -41.31 -9.69 30.12
N THR A 95 -40.09 -10.24 30.18
CA THR A 95 -39.30 -10.12 31.40
C THR A 95 -38.70 -8.72 31.56
N LYS A 96 -38.41 -8.05 30.45
CA LYS A 96 -37.88 -6.69 30.53
C LYS A 96 -38.90 -5.80 31.25
N ARG A 97 -40.19 -6.02 30.99
CA ARG A 97 -41.26 -5.23 31.60
C ARG A 97 -41.66 -5.71 33.00
N GLY A 98 -40.87 -6.61 33.58
CA GLY A 98 -41.13 -7.07 34.94
C GLY A 98 -42.12 -8.19 35.16
N ASP A 99 -42.48 -8.88 34.08
CA ASP A 99 -43.44 -9.97 34.18
C ASP A 99 -42.66 -11.28 34.04
N LYS A 100 -43.37 -12.40 34.01
CA LYS A 100 -42.69 -13.67 33.82
C LYS A 100 -43.47 -14.44 32.78
N MET A 101 -42.73 -15.18 31.97
CA MET A 101 -43.34 -15.94 30.89
C MET A 101 -44.06 -17.18 31.40
N ASN A 102 -45.27 -17.41 30.89
CA ASN A 102 -46.05 -18.59 31.25
C ASN A 102 -46.35 -19.26 29.91
N PHE A 103 -45.78 -20.44 29.66
CA PHE A 103 -45.99 -21.09 28.38
C PHE A 103 -47.36 -21.71 28.13
N ASP A 104 -48.23 -21.62 29.12
CA ASP A 104 -49.58 -22.18 28.94
C ASP A 104 -50.61 -21.06 28.93
N GLN A 105 -50.18 -19.83 28.71
CA GLN A 105 -51.09 -18.70 28.69
C GLN A 105 -51.89 -18.67 27.40
N HIS A 106 -53.20 -18.50 27.50
CA HIS A 106 -54.03 -18.44 26.32
C HIS A 106 -54.44 -17.03 26.00
N SER A 107 -54.73 -16.79 24.72
CA SER A 107 -55.16 -15.49 24.26
C SER A 107 -56.68 -15.39 24.45
N THR A 108 -57.20 -14.18 24.59
CA THR A 108 -58.64 -14.00 24.73
C THR A 108 -59.22 -13.81 23.35
N MET A 109 -58.37 -13.44 22.39
CA MET A 109 -58.84 -13.22 21.03
C MET A 109 -59.46 -14.49 20.50
N LYS A 110 -60.75 -14.41 20.19
CA LYS A 110 -61.51 -15.54 19.67
C LYS A 110 -60.99 -15.94 18.29
N THR A 111 -60.20 -17.00 18.26
CA THR A 111 -59.62 -17.51 17.04
C THR A 111 -60.05 -18.95 16.81
N GLU A 112 -60.62 -19.21 15.64
CA GLU A 112 -61.08 -20.54 15.28
C GLU A 112 -59.97 -21.58 15.44
N ARG A 113 -60.35 -22.84 15.54
CA ARG A 113 -59.40 -23.93 15.69
C ARG A 113 -59.23 -24.69 14.38
N LYS A 114 -58.04 -24.58 13.79
CA LYS A 114 -57.75 -25.26 12.53
C LYS A 114 -56.33 -25.83 12.58
N ASN A 115 -56.22 -27.16 12.64
CA ASN A 115 -54.92 -27.81 12.68
C ASN A 115 -54.08 -27.45 11.46
N TYR A 116 -52.77 -27.32 11.68
CA TYR A 116 -51.85 -26.99 10.60
C TYR A 116 -51.35 -28.31 10.02
N THR A 117 -51.56 -28.55 8.74
CA THR A 117 -51.06 -29.79 8.13
C THR A 117 -49.92 -29.40 7.21
N ALA A 118 -48.81 -30.13 7.29
CA ALA A 118 -47.64 -29.82 6.48
C ALA A 118 -47.66 -30.43 5.07
N GLU A 119 -48.41 -31.53 4.88
CA GLU A 119 -48.47 -32.17 3.56
C GLU A 119 -49.49 -31.45 2.68
N ASN A 120 -49.01 -30.54 1.83
CA ASN A 120 -49.91 -29.77 0.96
C ASN A 120 -49.30 -29.59 -0.41
N HIS A 121 -50.13 -29.32 -1.41
CA HIS A 121 -49.60 -29.02 -2.72
C HIS A 121 -49.17 -27.54 -2.61
N GLU A 122 -48.45 -27.03 -3.59
CA GLU A 122 -47.92 -25.67 -3.53
C GLU A 122 -48.90 -24.54 -3.25
N LEU A 123 -50.02 -24.49 -3.97
CA LEU A 123 -50.99 -23.43 -3.72
C LEU A 123 -51.57 -23.52 -2.30
N GLU A 124 -51.93 -24.72 -1.88
CA GLU A 124 -52.46 -24.91 -0.52
C GLU A 124 -51.47 -24.43 0.55
N ALA A 125 -50.20 -24.79 0.37
CA ALA A 125 -49.18 -24.41 1.34
C ALA A 125 -49.01 -22.89 1.43
N LEU A 126 -48.99 -22.20 0.29
CA LEU A 126 -48.86 -20.76 0.30
C LEU A 126 -50.10 -20.11 0.91
N ALA A 127 -51.28 -20.68 0.63
CA ALA A 127 -52.53 -20.15 1.17
C ALA A 127 -52.51 -20.24 2.70
N LYS A 128 -52.03 -21.37 3.22
CA LYS A 128 -51.97 -21.55 4.66
C LYS A 128 -50.93 -20.60 5.26
N ALA A 129 -49.80 -20.42 4.57
CA ALA A 129 -48.78 -19.50 5.08
C ALA A 129 -49.38 -18.09 5.13
N LEU A 130 -50.11 -17.71 4.09
CA LEU A 130 -50.73 -16.39 4.04
C LEU A 130 -51.70 -16.24 5.21
N ASP A 131 -52.58 -17.22 5.42
CA ASP A 131 -53.54 -17.15 6.53
C ASP A 131 -52.87 -17.07 7.89
N THR A 132 -51.83 -17.86 8.12
CA THR A 132 -51.16 -17.82 9.42
C THR A 132 -50.42 -16.51 9.64
N GLN A 133 -49.89 -15.90 8.58
CA GLN A 133 -49.20 -14.61 8.75
C GLN A 133 -50.25 -13.52 9.03
N LYS A 134 -51.42 -13.59 8.37
CA LYS A 134 -52.47 -12.62 8.64
C LYS A 134 -52.93 -12.77 10.10
N GLU A 135 -52.98 -14.00 10.59
CA GLU A 135 -53.38 -14.22 11.98
C GLU A 135 -52.34 -13.60 12.93
N LEU A 136 -51.05 -13.78 12.63
CA LEU A 136 -50.02 -13.17 13.48
C LEU A 136 -50.16 -11.64 13.44
N ALA A 137 -50.45 -11.10 12.26
CA ALA A 137 -50.58 -9.66 12.10
C ALA A 137 -51.80 -9.11 12.83
N GLU A 138 -52.93 -9.80 12.73
CA GLU A 138 -54.14 -9.32 13.40
C GLU A 138 -54.03 -9.49 14.92
N ARG A 139 -53.24 -10.47 15.36
CA ARG A 139 -53.04 -10.63 16.79
C ARG A 139 -52.24 -9.41 17.28
N ALA A 140 -51.26 -8.97 16.49
CA ALA A 140 -50.49 -7.78 16.91
C ALA A 140 -51.43 -6.57 16.98
N PHE A 141 -52.36 -6.45 16.02
CA PHE A 141 -53.30 -5.33 16.02
C PHE A 141 -54.14 -5.38 17.30
N TYR A 142 -54.55 -6.58 17.69
CA TYR A 142 -55.36 -6.79 18.88
C TYR A 142 -54.63 -6.37 20.16
N ILE A 143 -53.38 -6.82 20.30
CA ILE A 143 -52.60 -6.46 21.50
C ILE A 143 -52.36 -4.95 21.54
N HIS A 144 -52.09 -4.37 20.37
CA HIS A 144 -51.85 -2.94 20.25
C HIS A 144 -53.10 -2.17 20.73
N ARG A 145 -54.27 -2.62 20.28
CA ARG A 145 -55.52 -1.97 20.67
C ARG A 145 -55.79 -2.14 22.19
N GLU A 146 -55.45 -3.31 22.71
CA GLU A 146 -55.61 -3.57 24.13
C GLU A 146 -54.69 -2.65 24.94
N ALA A 147 -53.51 -2.34 24.40
CA ALA A 147 -52.56 -1.49 25.11
C ALA A 147 -52.86 0.00 25.08
N THR A 148 -53.60 0.46 24.08
CA THR A 148 -53.78 1.90 23.94
C THR A 148 -55.19 2.38 23.69
N ARG A 149 -56.17 1.49 23.79
CA ARG A 149 -57.50 1.94 23.47
C ARG A 149 -58.66 1.23 24.16
N ASN A 150 -58.55 -0.07 24.37
CA ASN A 150 -59.67 -0.82 24.95
C ASN A 150 -59.99 -0.65 26.40
N SER A 151 -59.00 -0.37 27.22
CA SER A 151 -59.23 -0.23 28.65
C SER A 151 -58.92 1.17 29.14
N GLN A 152 -59.91 1.78 29.78
CA GLN A 152 -59.79 3.13 30.30
C GLN A 152 -58.59 3.32 31.23
N HIS A 153 -58.27 2.29 32.01
CA HIS A 153 -57.18 2.43 32.97
C HIS A 153 -55.82 1.91 32.51
N LEU A 154 -55.75 1.47 31.26
CA LEU A 154 -54.48 0.97 30.75
C LEU A 154 -54.05 1.75 29.52
N HIS A 155 -52.85 2.33 29.57
CA HIS A 155 -52.30 3.02 28.42
C HIS A 155 -50.82 2.66 28.44
N ASP A 156 -50.40 1.78 27.54
CA ASP A 156 -48.99 1.37 27.50
C ASP A 156 -48.40 1.55 26.11
N PRO A 157 -47.89 2.76 25.85
CA PRO A 157 -47.31 3.04 24.54
C PRO A 157 -45.96 2.35 24.31
N GLU A 158 -45.37 1.79 25.38
CA GLU A 158 -44.10 1.09 25.22
C GLU A 158 -44.40 -0.20 24.46
N ILE A 159 -45.45 -0.90 24.88
CA ILE A 159 -45.85 -2.13 24.18
C ILE A 159 -46.31 -1.77 22.76
N ALA A 160 -47.05 -0.67 22.63
CA ALA A 160 -47.52 -0.26 21.30
C ALA A 160 -46.36 0.00 20.33
N GLN A 161 -45.36 0.76 20.77
CA GLN A 161 -44.22 1.08 19.92
C GLN A 161 -43.39 -0.18 19.63
N TYR A 162 -43.27 -1.06 20.62
CA TYR A 162 -42.54 -2.33 20.41
C TYR A 162 -43.23 -3.13 19.29
N LEU A 163 -44.55 -3.25 19.35
CA LEU A 163 -45.28 -3.98 18.32
C LEU A 163 -45.15 -3.28 16.97
N GLU A 164 -45.26 -1.96 16.95
CA GLU A 164 -45.17 -1.20 15.71
C GLU A 164 -43.83 -1.41 15.02
N GLU A 165 -42.76 -1.30 15.80
CA GLU A 165 -41.41 -1.43 15.27
C GLU A 165 -40.93 -2.85 14.93
N GLU A 166 -41.21 -3.79 15.81
CA GLU A 166 -40.72 -5.15 15.63
C GLU A 166 -41.63 -6.14 14.92
N PHE A 167 -42.91 -5.82 14.80
CA PHE A 167 -43.83 -6.77 14.17
C PHE A 167 -44.68 -6.19 13.05
N ILE A 168 -45.42 -5.15 13.38
CA ILE A 168 -46.37 -4.54 12.47
C ILE A 168 -45.83 -4.07 11.11
N GLU A 169 -44.71 -3.36 11.09
CA GLU A 169 -44.17 -2.89 9.80
C GLU A 169 -43.86 -4.05 8.87
N ASP A 170 -43.15 -5.05 9.37
CA ASP A 170 -42.78 -6.18 8.54
C ASP A 170 -43.91 -7.12 8.14
N HIS A 171 -44.95 -7.22 8.95
CA HIS A 171 -46.07 -8.08 8.60
C HIS A 171 -46.68 -7.68 7.25
N ALA A 172 -46.82 -6.38 7.01
CA ALA A 172 -47.43 -5.93 5.76
C ALA A 172 -46.64 -6.42 4.54
N GLU A 173 -45.31 -6.36 4.64
CA GLU A 173 -44.45 -6.81 3.54
C GLU A 173 -44.60 -8.32 3.30
N LYS A 174 -44.57 -9.10 4.39
CA LYS A 174 -44.68 -10.55 4.24
C LYS A 174 -46.01 -10.98 3.67
N ILE A 175 -47.08 -10.35 4.15
CA ILE A 175 -48.42 -10.70 3.69
C ILE A 175 -48.58 -10.32 2.22
N ARG A 176 -48.07 -9.15 1.83
CA ARG A 176 -48.17 -8.75 0.43
C ARG A 176 -47.39 -9.73 -0.46
N THR A 177 -46.21 -10.13 0.01
CA THR A 177 -45.39 -11.08 -0.76
C THR A 177 -46.11 -12.42 -0.95
N LEU A 178 -46.64 -12.97 0.14
CA LEU A 178 -47.35 -14.25 0.06
C LEU A 178 -48.63 -14.14 -0.78
N ALA A 179 -49.35 -13.02 -0.65
CA ALA A 179 -50.57 -12.84 -1.44
C ALA A 179 -50.19 -12.84 -2.94
N GLY A 180 -49.08 -12.18 -3.26
CA GLY A 180 -48.63 -12.14 -4.64
C GLY A 180 -48.30 -13.54 -5.14
N HIS A 181 -47.66 -14.36 -4.29
CA HIS A 181 -47.32 -15.72 -4.71
C HIS A 181 -48.60 -16.51 -5.02
N THR A 182 -49.65 -16.36 -4.21
CA THR A 182 -50.88 -17.11 -4.49
C THR A 182 -51.50 -16.63 -5.78
N SER A 183 -51.40 -15.33 -6.09
CA SER A 183 -51.96 -14.82 -7.36
C SER A 183 -51.20 -15.44 -8.54
N ASP A 184 -49.88 -15.53 -8.42
CA ASP A 184 -49.10 -16.12 -9.51
C ASP A 184 -49.50 -17.57 -9.75
N LEU A 185 -49.63 -18.35 -8.67
CA LEU A 185 -50.01 -19.76 -8.82
C LEU A 185 -51.42 -19.90 -9.38
N LYS A 186 -52.32 -19.03 -8.92
CA LYS A 186 -53.70 -19.07 -9.40
C LYS A 186 -53.69 -18.90 -10.93
N LYS A 187 -52.89 -17.97 -11.44
CA LYS A 187 -52.83 -17.76 -12.88
C LYS A 187 -52.24 -18.95 -13.63
N PHE A 188 -51.22 -19.59 -13.05
CA PHE A 188 -50.60 -20.75 -13.69
C PHE A 188 -51.64 -21.87 -13.81
N ILE A 189 -52.50 -21.95 -12.81
CA ILE A 189 -53.52 -22.99 -12.78
C ILE A 189 -54.67 -22.72 -13.73
N THR A 190 -55.07 -21.46 -13.87
CA THR A 190 -56.21 -21.14 -14.70
C THR A 190 -55.97 -20.75 -16.16
N ALA A 191 -54.88 -20.04 -16.44
CA ALA A 191 -54.63 -19.61 -17.82
C ALA A 191 -54.35 -20.79 -18.76
N ASN A 192 -54.85 -20.67 -19.99
CA ASN A 192 -54.64 -21.70 -21.00
C ASN A 192 -54.94 -23.09 -20.46
N ASN A 193 -56.06 -23.20 -19.76
CA ASN A 193 -56.52 -24.46 -19.19
C ASN A 193 -55.51 -25.12 -18.25
N GLY A 194 -54.62 -24.32 -17.67
CA GLY A 194 -53.62 -24.87 -16.76
C GLY A 194 -52.57 -25.75 -17.42
N HIS A 195 -52.45 -25.65 -18.74
CA HIS A 195 -51.49 -26.47 -19.47
C HIS A 195 -50.01 -26.30 -19.10
N ASP A 196 -49.62 -25.11 -18.64
CA ASP A 196 -48.23 -24.90 -18.29
C ASP A 196 -47.94 -25.15 -16.81
N LEU A 197 -48.92 -25.65 -16.07
CA LEU A 197 -48.72 -25.81 -14.63
C LEU A 197 -47.43 -26.48 -14.15
N SER A 198 -47.09 -27.66 -14.67
CA SER A 198 -45.88 -28.32 -14.15
C SER A 198 -44.61 -27.52 -14.44
N LEU A 199 -44.50 -26.96 -15.63
CA LEU A 199 -43.30 -26.16 -15.94
C LEU A 199 -43.31 -24.88 -15.10
N ALA A 200 -44.49 -24.30 -14.91
CA ALA A 200 -44.59 -23.07 -14.13
C ALA A 200 -44.20 -23.28 -12.67
N LEU A 201 -44.61 -24.41 -12.08
CA LEU A 201 -44.24 -24.67 -10.68
C LEU A 201 -42.72 -24.80 -10.55
N TYR A 202 -42.11 -25.44 -11.54
CA TYR A 202 -40.65 -25.59 -11.53
C TYR A 202 -39.99 -24.20 -11.63
N VAL A 203 -40.43 -23.40 -12.59
CA VAL A 203 -39.88 -22.06 -12.77
C VAL A 203 -40.13 -21.19 -11.52
N PHE A 204 -41.32 -21.31 -10.96
CA PHE A 204 -41.65 -20.53 -9.77
C PHE A 204 -40.76 -20.94 -8.59
N ASP A 205 -40.54 -22.24 -8.42
CA ASP A 205 -39.67 -22.69 -7.33
C ASP A 205 -38.25 -22.15 -7.50
N GLU A 206 -37.76 -22.12 -8.75
CA GLU A 206 -36.42 -21.59 -9.02
C GLU A 206 -36.38 -20.10 -8.67
N TYR A 207 -37.47 -19.41 -8.97
CA TYR A 207 -37.59 -17.99 -8.66
C TYR A 207 -37.53 -17.79 -7.13
N LEU A 208 -38.23 -18.63 -6.37
CA LEU A 208 -38.19 -18.51 -4.91
C LEU A 208 -36.76 -18.73 -4.39
N GLN A 209 -36.03 -19.66 -4.99
CA GLN A 209 -34.66 -19.90 -4.54
C GLN A 209 -33.80 -18.65 -4.66
N LYS A 210 -34.09 -17.83 -5.66
CA LYS A 210 -33.32 -16.61 -5.89
C LYS A 210 -33.80 -15.40 -5.10
N THR A 211 -35.06 -15.41 -4.69
CA THR A 211 -35.59 -14.23 -4.03
C THR A 211 -35.98 -14.33 -2.56
N VAL A 212 -36.18 -15.53 -2.04
CA VAL A 212 -36.54 -15.64 -0.64
C VAL A 212 -35.38 -15.11 0.21
N ALA B 1 50.18 -39.83 25.39
CA ALA B 1 48.90 -39.09 25.14
C ALA B 1 48.18 -39.63 23.90
N ASP B 2 47.10 -40.35 24.13
CA ASP B 2 46.33 -40.89 23.02
C ASP B 2 45.48 -39.80 22.39
N THR B 3 45.49 -39.74 21.07
CA THR B 3 44.69 -38.75 20.36
C THR B 3 43.96 -39.46 19.24
N CYS B 4 42.94 -38.83 18.70
CA CYS B 4 42.20 -39.43 17.60
C CYS B 4 43.13 -39.51 16.38
N TYR B 5 43.94 -38.48 16.17
CA TYR B 5 44.85 -38.46 15.03
C TYR B 5 45.84 -39.64 15.10
N ASN B 6 46.39 -39.89 16.29
CA ASN B 6 47.32 -41.01 16.43
C ASN B 6 46.62 -42.34 16.22
N ASP B 7 45.36 -42.46 16.66
CA ASP B 7 44.61 -43.71 16.45
C ASP B 7 44.44 -43.94 14.95
N VAL B 8 44.16 -42.86 14.22
CA VAL B 8 43.99 -42.99 12.77
C VAL B 8 45.30 -43.42 12.10
N ALA B 9 46.39 -42.79 12.47
CA ALA B 9 47.70 -43.12 11.90
C ALA B 9 48.02 -44.60 12.12
N LEU B 10 47.75 -45.10 13.32
CA LEU B 10 48.02 -46.50 13.63
C LEU B 10 47.08 -47.45 12.87
N ASP B 11 45.77 -47.25 13.00
CA ASP B 11 44.80 -48.12 12.35
C ASP B 11 44.74 -48.04 10.83
N CYS B 12 45.12 -46.91 10.25
CA CYS B 12 45.09 -46.78 8.79
C CYS B 12 46.39 -47.27 8.16
N GLY B 13 47.19 -47.98 8.96
CA GLY B 13 48.43 -48.53 8.45
C GLY B 13 48.16 -49.87 7.78
N ILE B 14 48.92 -50.17 6.72
CA ILE B 14 48.73 -51.44 6.00
C ILE B 14 48.82 -52.64 6.93
N THR B 15 49.46 -52.45 8.07
CA THR B 15 49.63 -53.51 9.07
C THR B 15 48.30 -53.85 9.74
N SER B 16 47.46 -52.83 9.93
CA SER B 16 46.17 -53.02 10.58
C SER B 16 45.09 -53.66 9.71
N ASN B 17 44.09 -54.25 10.37
CA ASN B 17 42.98 -54.90 9.70
C ASN B 17 41.68 -54.51 10.39
N SER B 18 41.73 -53.39 11.12
CA SER B 18 40.58 -52.88 11.84
C SER B 18 40.67 -51.36 11.93
N LEU B 19 39.63 -50.74 12.46
CA LEU B 19 39.61 -49.29 12.61
C LEU B 19 38.80 -48.96 13.86
N ALA B 20 39.37 -49.26 15.03
CA ALA B 20 38.70 -49.02 16.29
C ALA B 20 38.50 -47.54 16.63
N LEU B 21 39.57 -46.77 16.51
CA LEU B 21 39.56 -45.33 16.78
C LEU B 21 38.88 -44.97 18.12
N PRO B 22 39.35 -45.58 19.22
CA PRO B 22 38.75 -45.30 20.53
C PRO B 22 38.77 -43.83 20.96
N ARG B 23 39.77 -43.06 20.53
CA ARG B 23 39.84 -41.66 20.91
C ARG B 23 39.08 -40.71 19.99
N CYS B 24 38.47 -41.25 18.95
CA CYS B 24 37.71 -40.40 18.03
C CYS B 24 36.26 -40.41 18.49
N ASN B 25 35.99 -39.70 19.56
CA ASN B 25 34.65 -39.59 20.11
C ASN B 25 34.57 -38.17 20.63
N ALA B 26 33.45 -37.80 21.25
CA ALA B 26 33.29 -36.43 21.72
C ALA B 26 33.71 -36.22 23.17
N VAL B 27 34.41 -37.19 23.77
CA VAL B 27 34.83 -37.07 25.16
C VAL B 27 36.05 -36.17 25.33
N TYR B 28 35.96 -35.18 26.21
CA TYR B 28 37.10 -34.32 26.50
C TYR B 28 37.01 -33.90 27.97
N GLY B 29 38.09 -33.35 28.51
CA GLY B 29 38.09 -32.98 29.92
C GLY B 29 37.87 -34.23 30.77
N GLU B 30 38.21 -35.40 30.24
CA GLU B 30 37.98 -36.66 30.98
C GLU B 30 36.54 -36.83 31.49
N TYR B 31 35.59 -36.34 30.71
CA TYR B 31 34.18 -36.44 31.07
C TYR B 31 33.82 -37.90 31.26
N GLY B 32 33.24 -38.24 32.41
CA GLY B 32 32.87 -39.63 32.65
C GLY B 32 33.97 -40.49 33.27
N SER B 33 35.23 -40.01 33.26
CA SER B 33 36.35 -40.78 33.82
C SER B 33 36.56 -40.59 35.31
N HIS B 34 36.40 -39.36 35.78
CA HIS B 34 36.59 -39.07 37.21
C HIS B 34 35.27 -38.52 37.74
N GLY B 35 35.00 -38.77 39.02
CA GLY B 35 33.79 -38.26 39.62
C GLY B 35 32.48 -38.88 39.17
N ASN B 36 31.39 -38.29 39.62
CA ASN B 36 30.06 -38.79 39.32
C ASN B 36 29.24 -37.86 38.44
N VAL B 37 29.87 -36.85 37.85
CA VAL B 37 29.08 -35.91 37.06
C VAL B 37 28.34 -36.56 35.90
N ALA B 38 29.00 -37.45 35.15
CA ALA B 38 28.34 -38.07 34.00
C ALA B 38 27.15 -38.94 34.40
N THR B 39 27.30 -39.75 35.43
CA THR B 39 26.18 -40.58 35.84
C THR B 39 25.10 -39.74 36.51
N GLU B 40 25.47 -38.69 37.23
CA GLU B 40 24.45 -37.84 37.87
C GLU B 40 23.60 -37.13 36.80
N LEU B 41 24.22 -36.73 35.70
CA LEU B 41 23.46 -36.06 34.64
C LEU B 41 22.44 -37.04 34.06
N GLN B 42 22.83 -38.29 33.89
CA GLN B 42 21.90 -39.30 33.37
C GLN B 42 20.75 -39.48 34.37
N ALA B 43 21.06 -39.56 35.66
CA ALA B 43 20.02 -39.72 36.67
C ALA B 43 19.12 -38.48 36.74
N TYR B 44 19.65 -37.33 36.34
CA TYR B 44 18.86 -36.09 36.35
C TYR B 44 17.81 -36.13 35.24
N ALA B 45 18.16 -36.73 34.09
CA ALA B 45 17.18 -36.87 33.01
C ALA B 45 16.07 -37.79 33.51
N LYS B 46 16.46 -38.84 34.23
CA LYS B 46 15.50 -39.80 34.76
C LYS B 46 14.56 -39.15 35.77
N LEU B 47 15.08 -38.26 36.61
CA LEU B 47 14.25 -37.58 37.59
C LEU B 47 13.22 -36.67 36.86
N HIS B 48 13.67 -35.96 35.83
CA HIS B 48 12.73 -35.12 35.09
C HIS B 48 11.67 -35.96 34.41
N LEU B 49 12.07 -37.11 33.89
CA LEU B 49 11.12 -37.98 33.19
C LEU B 49 10.03 -38.45 34.16
N GLU B 50 10.44 -38.92 35.32
CA GLU B 50 9.49 -39.38 36.33
C GLU B 50 8.58 -38.24 36.78
N ARG B 51 9.17 -37.08 37.05
CA ARG B 51 8.34 -35.96 37.49
C ARG B 51 7.40 -35.48 36.39
N SER B 52 7.80 -35.56 35.11
CA SER B 52 6.90 -35.10 34.06
C SER B 52 5.60 -35.89 34.13
N TYR B 53 5.71 -37.21 34.33
CA TYR B 53 4.49 -38.02 34.42
C TYR B 53 3.74 -37.82 35.75
N ASP B 54 4.45 -37.54 36.84
CA ASP B 54 3.75 -37.26 38.11
C ASP B 54 2.90 -35.99 37.92
N TYR B 55 3.50 -34.96 37.34
CA TYR B 55 2.78 -33.69 37.10
C TYR B 55 1.61 -33.90 36.14
N LEU B 56 1.79 -34.78 35.16
CA LEU B 56 0.72 -35.05 34.21
C LEU B 56 -0.47 -35.66 34.95
N LEU B 57 -0.23 -36.55 35.90
CA LEU B 57 -1.32 -37.16 36.66
C LEU B 57 -2.02 -36.12 37.54
N SER B 58 -1.26 -35.17 38.10
CA SER B 58 -1.88 -34.11 38.89
C SER B 58 -2.75 -33.24 37.97
N ALA B 59 -2.25 -32.96 36.77
CA ALA B 59 -3.03 -32.14 35.84
C ALA B 59 -4.35 -32.85 35.52
N ALA B 60 -4.29 -34.17 35.35
CA ALA B 60 -5.48 -34.96 35.06
C ALA B 60 -6.44 -34.91 36.25
N TYR B 61 -5.92 -35.15 37.45
CA TYR B 61 -6.77 -35.12 38.64
C TYR B 61 -7.55 -33.81 38.78
N PHE B 62 -6.87 -32.69 38.57
CA PHE B 62 -7.56 -31.40 38.70
C PHE B 62 -8.50 -31.08 37.55
N ASN B 63 -8.52 -31.96 36.55
CA ASN B 63 -9.42 -31.77 35.43
C ASN B 63 -10.59 -32.78 35.50
N ASN B 64 -10.77 -33.48 36.62
CA ASN B 64 -11.92 -34.38 36.72
C ASN B 64 -13.14 -33.49 37.01
N TYR B 65 -14.36 -34.01 36.80
CA TYR B 65 -15.54 -33.15 36.96
C TYR B 65 -15.84 -32.64 38.37
N GLN B 66 -15.36 -33.34 39.38
CA GLN B 66 -15.60 -32.91 40.77
C GLN B 66 -14.65 -31.80 41.21
N THR B 67 -13.36 -31.95 40.87
CA THR B 67 -12.38 -30.92 41.24
C THR B 67 -12.55 -29.75 40.29
N ASN B 68 -12.49 -30.06 38.99
CA ASN B 68 -12.71 -29.08 37.93
C ASN B 68 -12.00 -27.74 38.17
N ARG B 69 -10.69 -27.79 38.40
CA ARG B 69 -9.89 -26.59 38.62
C ARG B 69 -9.00 -26.40 37.40
N ALA B 70 -9.50 -25.72 36.38
CA ALA B 70 -8.74 -25.52 35.15
C ALA B 70 -7.40 -24.80 35.36
N GLY B 71 -7.35 -23.90 36.34
CA GLY B 71 -6.12 -23.18 36.63
C GLY B 71 -5.07 -24.09 37.24
N PHE B 72 -5.46 -24.89 38.22
CA PHE B 72 -4.51 -25.83 38.83
C PHE B 72 -4.07 -26.85 37.80
N SER B 73 -5.01 -27.30 36.96
CA SER B 73 -4.68 -28.28 35.95
C SER B 73 -3.66 -27.71 34.96
N LYS B 74 -3.86 -26.46 34.57
CA LYS B 74 -2.95 -25.79 33.63
C LYS B 74 -1.54 -25.64 34.24
N LEU B 75 -1.50 -25.33 35.54
CA LEU B 75 -0.23 -25.18 36.24
C LEU B 75 0.56 -26.49 36.16
N PHE B 76 -0.09 -27.61 36.46
CA PHE B 76 0.58 -28.89 36.42
C PHE B 76 0.92 -29.37 35.02
N LYS B 77 0.06 -29.02 34.06
CA LYS B 77 0.33 -29.42 32.69
C LYS B 77 1.59 -28.71 32.18
N LYS B 78 1.75 -27.45 32.57
CA LYS B 78 2.93 -26.70 32.18
C LYS B 78 4.19 -27.31 32.83
N LEU B 79 4.11 -27.65 34.11
CA LEU B 79 5.24 -28.29 34.79
C LEU B 79 5.58 -29.62 34.12
N SER B 80 4.55 -30.37 33.71
CA SER B 80 4.77 -31.65 33.04
C SER B 80 5.45 -31.46 31.68
N ASP B 81 4.92 -30.54 30.87
CA ASP B 81 5.49 -30.29 29.55
C ASP B 81 6.95 -29.81 29.66
N GLU B 82 7.22 -28.95 30.63
CA GLU B 82 8.60 -28.47 30.80
C GLU B 82 9.54 -29.58 31.21
N ALA B 83 9.10 -30.44 32.13
CA ALA B 83 9.95 -31.54 32.59
C ALA B 83 10.17 -32.56 31.45
N TRP B 84 9.17 -32.76 30.59
CA TRP B 84 9.31 -33.68 29.47
C TRP B 84 10.35 -33.12 28.50
N SER B 85 10.23 -31.84 28.20
CA SER B 85 11.16 -31.19 27.30
C SER B 85 12.60 -31.22 27.86
N LYS B 86 12.74 -31.02 29.17
CA LYS B 86 14.08 -31.06 29.79
C LYS B 86 14.65 -32.47 29.76
N THR B 87 13.80 -33.47 29.85
CA THR B 87 14.28 -34.85 29.80
C THR B 87 15.01 -35.07 28.49
N ILE B 88 14.39 -34.65 27.38
CA ILE B 88 15.01 -34.83 26.08
C ILE B 88 16.26 -33.98 25.94
N ASP B 89 16.21 -32.76 26.44
CA ASP B 89 17.38 -31.88 26.38
C ASP B 89 18.58 -32.47 27.14
N ILE B 90 18.34 -33.04 28.32
CA ILE B 90 19.44 -33.62 29.09
C ILE B 90 20.01 -34.85 28.37
N ILE B 91 19.13 -35.69 27.81
CA ILE B 91 19.59 -36.86 27.07
C ILE B 91 20.49 -36.40 25.93
N LYS B 92 20.09 -35.34 25.23
CA LYS B 92 20.91 -34.84 24.13
C LYS B 92 22.24 -34.28 24.64
N HIS B 93 22.24 -33.68 25.83
CA HIS B 93 23.49 -33.14 26.37
C HIS B 93 24.46 -34.27 26.75
N VAL B 94 23.90 -35.33 27.34
CA VAL B 94 24.69 -36.51 27.73
C VAL B 94 25.41 -37.06 26.48
N THR B 95 24.68 -37.17 25.37
CA THR B 95 25.30 -37.70 24.15
C THR B 95 26.21 -36.67 23.48
N LYS B 96 25.89 -35.39 23.62
CA LYS B 96 26.75 -34.36 23.05
C LYS B 96 28.15 -34.45 23.66
N ARG B 97 28.22 -34.77 24.96
CA ARG B 97 29.50 -34.89 25.66
C ARG B 97 30.17 -36.26 25.50
N GLY B 98 29.65 -37.07 24.58
CA GLY B 98 30.28 -38.36 24.31
C GLY B 98 29.91 -39.54 25.18
N ASP B 99 28.86 -39.41 25.97
CA ASP B 99 28.43 -40.48 26.86
C ASP B 99 27.19 -41.12 26.25
N LYS B 100 26.59 -42.06 26.96
CA LYS B 100 25.36 -42.66 26.47
C LYS B 100 24.39 -42.71 27.62
N MET B 101 23.12 -42.51 27.31
CA MET B 101 22.08 -42.47 28.32
C MET B 101 21.76 -43.87 28.84
N ASN B 102 21.63 -43.99 30.15
CA ASN B 102 21.27 -45.27 30.78
C ASN B 102 20.03 -44.92 31.61
N PHE B 103 18.87 -45.44 31.24
CA PHE B 103 17.65 -45.09 31.96
C PHE B 103 17.48 -45.71 33.34
N ASP B 104 18.43 -46.53 33.76
CA ASP B 104 18.33 -47.14 35.08
C ASP B 104 19.44 -46.61 35.99
N GLN B 105 20.03 -45.49 35.62
CA GLN B 105 21.11 -44.91 36.42
C GLN B 105 20.55 -44.23 37.66
N HIS B 106 21.14 -44.50 38.81
CA HIS B 106 20.67 -43.89 40.05
C HIS B 106 21.60 -42.77 40.48
N SER B 107 21.05 -41.84 41.24
CA SER B 107 21.81 -40.72 41.77
C SER B 107 22.46 -41.16 43.08
N THR B 108 23.57 -40.54 43.44
CA THR B 108 24.23 -40.87 44.70
C THR B 108 23.67 -39.95 45.78
N MET B 109 23.05 -38.85 45.35
CA MET B 109 22.50 -37.91 46.32
C MET B 109 21.44 -38.61 47.15
N LYS B 110 21.70 -38.67 48.45
CA LYS B 110 20.80 -39.31 49.39
C LYS B 110 19.49 -38.54 49.49
N THR B 111 18.47 -39.08 48.81
CA THR B 111 17.15 -38.47 48.79
C THR B 111 16.12 -39.44 49.34
N GLU B 112 15.36 -38.99 50.33
CA GLU B 112 14.33 -39.82 50.96
C GLU B 112 13.36 -40.36 49.91
N ARG B 113 12.64 -41.42 50.29
CA ARG B 113 11.67 -42.04 49.39
C ARG B 113 10.26 -41.67 49.79
N LYS B 114 9.59 -40.90 48.92
CA LYS B 114 8.22 -40.47 49.17
C LYS B 114 7.41 -40.53 47.89
N ASN B 115 6.48 -41.49 47.81
CA ASN B 115 5.65 -41.65 46.63
C ASN B 115 4.86 -40.38 46.33
N TYR B 116 4.69 -40.09 45.04
CA TYR B 116 3.96 -38.91 44.61
C TYR B 116 2.50 -39.34 44.42
N THR B 117 1.58 -38.71 45.13
CA THR B 117 0.16 -39.04 44.97
C THR B 117 -0.49 -37.87 44.26
N ALA B 118 -1.29 -38.16 43.24
CA ALA B 118 -1.96 -37.11 42.47
C ALA B 118 -3.27 -36.61 43.08
N GLU B 119 -3.93 -37.44 43.88
CA GLU B 119 -5.21 -37.04 44.49
C GLU B 119 -4.96 -36.20 45.74
N ASN B 120 -4.99 -34.88 45.60
CA ASN B 120 -4.73 -33.98 46.74
C ASN B 120 -5.67 -32.79 46.70
N HIS B 121 -5.85 -32.16 47.85
CA HIS B 121 -6.63 -30.92 47.87
C HIS B 121 -5.64 -29.86 47.36
N GLU B 122 -6.12 -28.66 47.06
CA GLU B 122 -5.28 -27.61 46.50
C GLU B 122 -4.00 -27.25 47.23
N LEU B 123 -4.08 -27.02 48.55
CA LEU B 123 -2.87 -26.68 49.30
C LEU B 123 -1.87 -27.83 49.27
N GLU B 124 -2.33 -29.06 49.48
CA GLU B 124 -1.44 -30.22 49.44
C GLU B 124 -0.73 -30.35 48.10
N ALA B 125 -1.49 -30.15 47.02
CA ALA B 125 -0.91 -30.28 45.67
C ALA B 125 0.17 -29.23 45.42
N LEU B 126 -0.08 -27.98 45.83
CA LEU B 126 0.92 -26.93 45.64
C LEU B 126 2.15 -27.19 46.51
N ALA B 127 1.93 -27.70 47.72
CA ALA B 127 3.03 -28.01 48.64
C ALA B 127 3.92 -29.08 48.03
N LYS B 128 3.32 -30.10 47.43
CA LYS B 128 4.09 -31.17 46.81
C LYS B 128 4.82 -30.63 45.58
N ALA B 129 4.17 -29.77 44.81
CA ALA B 129 4.83 -29.20 43.63
C ALA B 129 6.04 -28.39 44.09
N LEU B 130 5.87 -27.62 45.16
CA LEU B 130 6.96 -26.81 45.69
C LEU B 130 8.12 -27.73 46.12
N ASP B 131 7.82 -28.78 46.89
CA ASP B 131 8.87 -29.71 47.33
C ASP B 131 9.59 -30.39 46.17
N THR B 132 8.85 -30.83 45.16
CA THR B 132 9.50 -31.50 44.04
C THR B 132 10.34 -30.53 43.21
N GLN B 133 9.94 -29.27 43.11
CA GLN B 133 10.75 -28.31 42.36
C GLN B 133 12.02 -27.99 43.18
N LYS B 134 11.90 -27.89 44.50
CA LYS B 134 13.09 -27.66 45.32
C LYS B 134 14.05 -28.84 45.18
N GLU B 135 13.51 -30.05 45.07
CA GLU B 135 14.36 -31.23 44.90
C GLU B 135 15.08 -31.15 43.55
N LEU B 136 14.37 -30.77 42.49
CA LEU B 136 15.03 -30.63 41.18
C LEU B 136 16.13 -29.57 41.26
N ALA B 137 15.85 -28.49 41.97
CA ALA B 137 16.81 -27.39 42.09
C ALA B 137 18.04 -27.80 42.90
N GLU B 138 17.83 -28.50 44.01
CA GLU B 138 18.96 -28.92 44.83
C GLU B 138 19.77 -30.00 44.14
N ARG B 139 19.12 -30.79 43.28
CA ARG B 139 19.86 -31.82 42.55
C ARG B 139 20.78 -31.08 41.56
N ALA B 140 20.30 -29.99 40.95
CA ALA B 140 21.17 -29.25 40.04
C ALA B 140 22.36 -28.67 40.82
N PHE B 141 22.13 -28.18 42.04
CA PHE B 141 23.22 -27.64 42.85
C PHE B 141 24.24 -28.73 43.13
N TYR B 142 23.76 -29.93 43.40
CA TYR B 142 24.62 -31.08 43.69
C TYR B 142 25.51 -31.45 42.49
N ILE B 143 24.91 -31.55 41.31
CA ILE B 143 25.67 -31.90 40.11
C ILE B 143 26.69 -30.79 39.80
N HIS B 144 26.28 -29.55 40.00
CA HIS B 144 27.15 -28.40 39.76
C HIS B 144 28.38 -28.48 40.69
N ARG B 145 28.14 -28.79 41.95
CA ARG B 145 29.22 -28.91 42.93
C ARG B 145 30.15 -30.11 42.56
N GLU B 146 29.54 -31.19 42.10
CA GLU B 146 30.31 -32.37 41.71
C GLU B 146 31.20 -32.02 40.51
N ALA B 147 30.72 -31.15 39.62
CA ALA B 147 31.48 -30.78 38.43
C ALA B 147 32.61 -29.79 38.66
N THR B 148 32.52 -28.98 39.71
CA THR B 148 33.50 -27.92 39.87
C THR B 148 34.12 -27.78 41.24
N ARG B 149 33.86 -28.72 42.14
CA ARG B 149 34.37 -28.53 43.47
C ARG B 149 34.67 -29.77 44.28
N ASN B 150 33.84 -30.80 44.16
CA ASN B 150 34.02 -31.98 44.99
C ASN B 150 35.17 -32.92 44.71
N SER B 151 35.58 -33.01 43.45
CA SER B 151 36.66 -33.93 43.10
C SER B 151 37.87 -33.18 42.57
N GLN B 152 39.01 -33.43 43.20
CA GLN B 152 40.26 -32.79 42.82
C GLN B 152 40.61 -32.98 41.35
N HIS B 153 40.29 -34.14 40.79
CA HIS B 153 40.66 -34.41 39.41
C HIS B 153 39.58 -34.12 38.37
N LEU B 154 38.46 -33.58 38.81
CA LEU B 154 37.39 -33.28 37.87
C LEU B 154 37.03 -31.80 37.92
N HIS B 155 37.12 -31.13 36.78
CA HIS B 155 36.70 -29.74 36.69
C HIS B 155 36.00 -29.63 35.34
N ASP B 156 34.67 -29.55 35.35
CA ASP B 156 33.94 -29.46 34.09
C ASP B 156 33.00 -28.26 34.09
N PRO B 157 33.53 -27.10 33.67
CA PRO B 157 32.71 -25.89 33.63
C PRO B 157 31.68 -25.89 32.52
N GLU B 158 31.78 -26.84 31.58
CA GLU B 158 30.78 -26.90 30.50
C GLU B 158 29.48 -27.39 31.14
N ILE B 159 29.57 -28.43 31.97
CA ILE B 159 28.38 -28.93 32.66
C ILE B 159 27.88 -27.85 33.64
N ALA B 160 28.79 -27.17 34.33
CA ALA B 160 28.38 -26.12 35.25
C ALA B 160 27.60 -25.00 34.55
N GLN B 161 28.12 -24.51 33.43
CA GLN B 161 27.45 -23.42 32.70
C GLN B 161 26.12 -23.91 32.12
N TYR B 162 26.08 -25.16 31.65
CA TYR B 162 24.84 -25.73 31.12
C TYR B 162 23.77 -25.73 32.22
N LEU B 163 24.12 -26.18 33.42
CA LEU B 163 23.17 -26.19 34.53
C LEU B 163 22.76 -24.76 34.91
N GLU B 164 23.73 -23.86 34.97
CA GLU B 164 23.45 -22.48 35.33
C GLU B 164 22.46 -21.82 34.38
N GLU B 165 22.69 -22.00 33.08
CA GLU B 165 21.86 -21.40 32.06
C GLU B 165 20.49 -22.06 31.82
N GLU B 166 20.47 -23.37 31.77
CA GLU B 166 19.23 -24.08 31.45
C GLU B 166 18.37 -24.53 32.61
N PHE B 167 18.91 -24.56 33.82
CA PHE B 167 18.12 -25.04 34.94
C PHE B 167 18.06 -24.09 36.15
N ILE B 168 19.24 -23.77 36.65
CA ILE B 168 19.39 -22.97 37.85
C ILE B 168 18.69 -21.60 37.88
N GLU B 169 18.83 -20.81 36.82
CA GLU B 169 18.19 -19.50 36.81
C GLU B 169 16.69 -19.61 36.95
N ASP B 170 16.08 -20.47 36.14
CA ASP B 170 14.63 -20.61 36.18
C ASP B 170 14.06 -21.29 37.41
N HIS B 171 14.83 -22.16 38.06
CA HIS B 171 14.34 -22.83 39.27
C HIS B 171 13.95 -21.80 40.33
N ALA B 172 14.76 -20.76 40.50
CA ALA B 172 14.46 -19.77 41.53
C ALA B 172 13.10 -19.10 41.31
N GLU B 173 12.79 -18.80 40.05
CA GLU B 173 11.52 -18.17 39.72
C GLU B 173 10.34 -19.10 40.00
N LYS B 174 10.46 -20.36 39.59
CA LYS B 174 9.38 -21.32 39.80
C LYS B 174 9.12 -21.58 41.27
N ILE B 175 10.20 -21.72 42.04
CA ILE B 175 10.07 -21.99 43.46
C ILE B 175 9.46 -20.80 44.17
N ARG B 176 9.88 -19.59 43.80
CA ARG B 176 9.30 -18.40 44.44
C ARG B 176 7.82 -18.29 44.10
N THR B 177 7.46 -18.60 42.86
CA THR B 177 6.05 -18.54 42.45
C THR B 177 5.20 -19.54 43.24
N LEU B 178 5.66 -20.78 43.32
CA LEU B 178 4.92 -21.81 44.06
C LEU B 178 4.86 -21.50 45.56
N ALA B 179 5.95 -20.97 46.13
CA ALA B 179 5.94 -20.63 47.55
C ALA B 179 4.89 -19.54 47.79
N GLY B 180 4.81 -18.59 46.86
CA GLY B 180 3.82 -17.52 46.99
C GLY B 180 2.41 -18.10 46.95
N HIS B 181 2.17 -19.07 46.07
CA HIS B 181 0.83 -19.69 45.98
C HIS B 181 0.47 -20.35 47.31
N THR B 182 1.42 -21.04 47.95
CA THR B 182 1.09 -21.69 49.21
C THR B 182 0.79 -20.65 50.28
N SER B 183 1.48 -19.51 50.25
CA SER B 183 1.20 -18.45 51.24
C SER B 183 -0.21 -17.91 51.03
N ASP B 184 -0.61 -17.72 49.78
CA ASP B 184 -1.95 -17.22 49.52
C ASP B 184 -3.01 -18.17 50.05
N LEU B 185 -2.85 -19.47 49.77
CA LEU B 185 -3.81 -20.46 50.24
C LEU B 185 -3.83 -20.55 51.76
N LYS B 186 -2.66 -20.47 52.37
CA LYS B 186 -2.57 -20.52 53.82
C LYS B 186 -3.42 -19.38 54.42
N LYS B 187 -3.33 -18.19 53.83
CA LYS B 187 -4.12 -17.07 54.35
C LYS B 187 -5.62 -17.27 54.14
N PHE B 188 -6.02 -17.83 53.00
CA PHE B 188 -7.43 -18.07 52.73
C PHE B 188 -7.98 -19.04 53.79
N ILE B 189 -7.14 -19.99 54.18
CA ILE B 189 -7.55 -20.99 55.15
C ILE B 189 -7.62 -20.45 56.59
N THR B 190 -6.69 -19.59 56.95
CA THR B 190 -6.64 -19.08 58.32
C THR B 190 -7.36 -17.78 58.64
N ALA B 191 -7.37 -16.81 57.72
CA ALA B 191 -8.02 -15.54 58.02
C ALA B 191 -9.52 -15.68 58.18
N ASN B 192 -10.08 -14.90 59.12
CA ASN B 192 -11.52 -14.91 59.38
C ASN B 192 -12.07 -16.32 59.50
N ASN B 193 -11.35 -17.14 60.25
CA ASN B 193 -11.74 -18.53 60.50
C ASN B 193 -11.93 -19.35 59.24
N GLY B 194 -11.26 -18.96 58.15
CA GLY B 194 -11.38 -19.71 56.91
C GLY B 194 -12.74 -19.61 56.24
N HIS B 195 -13.55 -18.63 56.64
CA HIS B 195 -14.89 -18.48 56.08
C HIS B 195 -14.98 -18.24 54.57
N ASP B 196 -13.97 -17.61 53.98
CA ASP B 196 -14.02 -17.34 52.55
C ASP B 196 -13.35 -18.43 51.72
N LEU B 197 -12.93 -19.51 52.34
CA LEU B 197 -12.20 -20.54 51.60
C LEU B 197 -12.76 -21.01 50.26
N SER B 198 -14.03 -21.41 50.20
CA SER B 198 -14.53 -21.90 48.92
C SER B 198 -14.54 -20.84 47.83
N LEU B 199 -14.93 -19.61 48.18
CA LEU B 199 -14.93 -18.56 47.16
C LEU B 199 -13.49 -18.21 46.79
N ALA B 200 -12.59 -18.23 47.77
CA ALA B 200 -11.19 -17.90 47.50
C ALA B 200 -10.53 -18.92 46.57
N LEU B 201 -10.83 -20.21 46.76
CA LEU B 201 -10.24 -21.24 45.89
C LEU B 201 -10.72 -21.03 44.46
N TYR B 202 -11.98 -20.66 44.30
CA TYR B 202 -12.53 -20.42 42.97
C TYR B 202 -11.82 -19.21 42.34
N VAL B 203 -11.73 -18.12 43.09
CA VAL B 203 -11.06 -16.92 42.59
C VAL B 203 -9.57 -17.19 42.29
N PHE B 204 -8.93 -17.94 43.17
CA PHE B 204 -7.52 -18.27 42.97
C PHE B 204 -7.33 -19.11 41.71
N ASP B 205 -8.21 -20.09 41.50
CA ASP B 205 -8.11 -20.91 40.29
C ASP B 205 -8.28 -20.06 39.03
N GLU B 206 -9.19 -19.09 39.07
CA GLU B 206 -9.40 -18.21 37.91
C GLU B 206 -8.14 -17.39 37.68
N TYR B 207 -7.50 -16.96 38.77
CA TYR B 207 -6.26 -16.20 38.69
C TYR B 207 -5.16 -17.05 38.03
N LEU B 208 -5.06 -18.34 38.40
CA LEU B 208 -4.06 -19.20 37.78
C LEU B 208 -4.31 -19.35 36.29
N GLN B 209 -5.59 -19.41 35.89
CA GLN B 209 -5.89 -19.55 34.47
C GLN B 209 -5.34 -18.37 33.67
N LYS B 210 -5.31 -17.20 34.29
CA LYS B 210 -4.82 -16.00 33.62
C LYS B 210 -3.33 -15.79 33.70
N THR B 211 -2.67 -16.39 34.70
CA THR B 211 -1.26 -16.13 34.88
C THR B 211 -0.28 -17.27 34.66
N VAL B 212 -0.74 -18.51 34.69
CA VAL B 212 0.18 -19.61 34.48
C VAL B 212 0.75 -19.51 33.05
N ALA C 1 -27.59 -32.52 -54.04
CA ALA C 1 -26.83 -32.15 -52.82
C ALA C 1 -27.78 -31.90 -51.65
N ASP C 2 -27.82 -32.83 -50.71
CA ASP C 2 -28.67 -32.69 -49.54
C ASP C 2 -28.04 -31.72 -48.55
N THR C 3 -28.85 -30.80 -48.04
CA THR C 3 -28.37 -29.83 -47.07
C THR C 3 -29.37 -29.79 -45.93
N CYS C 4 -28.94 -29.25 -44.80
CA CYS C 4 -29.84 -29.14 -43.66
C CYS C 4 -30.97 -28.16 -44.03
N TYR C 5 -30.64 -27.09 -44.72
CA TYR C 5 -31.64 -26.10 -45.12
C TYR C 5 -32.73 -26.74 -46.00
N ASN C 6 -32.31 -27.55 -46.97
CA ASN C 6 -33.28 -28.21 -47.83
C ASN C 6 -34.14 -29.20 -47.03
N ASP C 7 -33.55 -29.90 -46.07
CA ASP C 7 -34.32 -30.83 -45.24
C ASP C 7 -35.40 -30.06 -44.47
N VAL C 8 -35.03 -28.88 -43.96
CA VAL C 8 -35.99 -28.07 -43.23
C VAL C 8 -37.13 -27.61 -44.14
N ALA C 9 -36.79 -27.13 -45.33
CA ALA C 9 -37.80 -26.66 -46.29
C ALA C 9 -38.79 -27.77 -46.60
N LEU C 10 -38.29 -28.99 -46.81
CA LEU C 10 -39.15 -30.12 -47.12
C LEU C 10 -40.01 -30.54 -45.92
N ASP C 11 -39.38 -30.81 -44.79
CA ASP C 11 -40.11 -31.24 -43.60
C ASP C 11 -41.01 -30.21 -42.94
N CYS C 12 -40.71 -28.93 -43.10
CA CYS C 12 -41.55 -27.90 -42.50
C CYS C 12 -42.70 -27.50 -43.42
N GLY C 13 -42.94 -28.33 -44.43
CA GLY C 13 -44.03 -28.07 -45.35
C GLY C 13 -45.31 -28.65 -44.79
N ILE C 14 -46.45 -28.00 -45.04
CA ILE C 14 -47.73 -28.47 -44.54
C ILE C 14 -48.01 -29.92 -44.93
N THR C 15 -47.34 -30.37 -45.99
CA THR C 15 -47.49 -31.73 -46.49
C THR C 15 -46.88 -32.75 -45.53
N SER C 16 -45.79 -32.36 -44.87
CA SER C 16 -45.10 -33.25 -43.93
C SER C 16 -45.78 -33.40 -42.58
N ASN C 17 -45.45 -34.50 -41.90
CA ASN C 17 -45.99 -34.80 -40.59
C ASN C 17 -44.86 -35.30 -39.69
N SER C 18 -43.63 -34.98 -40.07
CA SER C 18 -42.46 -35.37 -39.32
C SER C 18 -41.36 -34.32 -39.49
N LEU C 19 -40.26 -34.49 -38.79
CA LEU C 19 -39.15 -33.55 -38.88
C LEU C 19 -37.86 -34.34 -38.66
N ALA C 20 -37.50 -35.18 -39.63
CA ALA C 20 -36.30 -36.01 -39.53
C ALA C 20 -34.99 -35.21 -39.55
N LEU C 21 -34.86 -34.32 -40.51
CA LEU C 21 -33.67 -33.48 -40.66
C LEU C 21 -32.36 -34.26 -40.60
N PRO C 22 -32.22 -35.30 -41.43
CA PRO C 22 -30.99 -36.10 -41.42
C PRO C 22 -29.70 -35.34 -41.68
N ARG C 23 -29.74 -34.25 -42.45
CA ARG C 23 -28.54 -33.48 -42.73
C ARG C 23 -28.23 -32.41 -41.70
N CYS C 24 -29.09 -32.26 -40.70
CA CYS C 24 -28.85 -31.24 -39.68
C CYS C 24 -28.11 -31.91 -38.52
N ASN C 25 -26.83 -32.18 -38.74
CA ASN C 25 -25.99 -32.79 -37.73
C ASN C 25 -24.63 -32.14 -37.93
N ALA C 26 -23.63 -32.56 -37.16
CA ALA C 26 -22.32 -31.94 -37.26
C ALA C 26 -21.37 -32.63 -38.23
N VAL C 27 -21.88 -33.53 -39.06
CA VAL C 27 -21.04 -34.25 -40.00
C VAL C 27 -20.68 -33.41 -41.23
N TYR C 28 -19.39 -33.31 -41.54
CA TYR C 28 -18.95 -32.60 -42.75
C TYR C 28 -17.69 -33.28 -43.25
N GLY C 29 -17.29 -32.98 -44.49
CA GLY C 29 -16.12 -33.63 -45.06
C GLY C 29 -16.39 -35.14 -45.15
N GLU C 30 -17.65 -35.53 -45.20
CA GLU C 30 -17.99 -36.97 -45.23
C GLU C 30 -17.33 -37.79 -44.10
N TYR C 31 -17.19 -37.17 -42.94
CA TYR C 31 -16.59 -37.83 -41.78
C TYR C 31 -17.39 -39.10 -41.47
N GLY C 32 -16.71 -40.23 -41.39
CA GLY C 32 -17.40 -41.46 -41.09
C GLY C 32 -17.95 -42.21 -42.30
N SER C 33 -18.01 -41.55 -43.47
CA SER C 33 -18.53 -42.17 -44.69
C SER C 33 -17.51 -42.96 -45.49
N HIS C 34 -16.29 -42.44 -45.59
CA HIS C 34 -15.23 -43.12 -46.33
C HIS C 34 -14.10 -43.41 -45.36
N GLY C 35 -13.37 -44.49 -45.61
CA GLY C 35 -12.24 -44.83 -44.76
C GLY C 35 -12.56 -45.30 -43.35
N ASN C 36 -11.51 -45.45 -42.55
CA ASN C 36 -11.65 -45.94 -41.19
C ASN C 36 -11.31 -44.91 -40.13
N VAL C 37 -11.17 -43.65 -40.51
CA VAL C 37 -10.79 -42.65 -39.52
C VAL C 37 -11.76 -42.55 -38.35
N ALA C 38 -13.06 -42.53 -38.62
CA ALA C 38 -14.03 -42.38 -37.54
C ALA C 38 -14.00 -43.56 -36.57
N THR C 39 -13.96 -44.79 -37.08
CA THR C 39 -13.93 -45.92 -36.19
C THR C 39 -12.58 -46.03 -35.48
N GLU C 40 -11.49 -45.67 -36.17
CA GLU C 40 -10.18 -45.73 -35.52
C GLU C 40 -10.10 -44.73 -34.35
N LEU C 41 -10.73 -43.56 -34.48
CA LEU C 41 -10.69 -42.59 -33.40
C LEU C 41 -11.43 -43.17 -32.19
N GLN C 42 -12.55 -43.85 -32.44
CA GLN C 42 -13.28 -44.47 -31.33
C GLN C 42 -12.42 -45.53 -30.66
N ALA C 43 -11.75 -46.36 -31.46
CA ALA C 43 -10.88 -47.40 -30.89
C ALA C 43 -9.69 -46.79 -30.15
N TYR C 44 -9.31 -45.56 -30.52
CA TYR C 44 -8.18 -44.89 -29.86
C TYR C 44 -8.61 -44.45 -28.45
N ALA C 45 -9.87 -44.05 -28.29
CA ALA C 45 -10.36 -43.68 -26.96
C ALA C 45 -10.34 -44.94 -26.10
N LYS C 46 -10.73 -46.06 -26.70
CA LYS C 46 -10.76 -47.33 -25.99
C LYS C 46 -9.37 -47.77 -25.56
N LEU C 47 -8.37 -47.55 -26.41
CA LEU C 47 -6.99 -47.92 -26.06
C LEU C 47 -6.52 -47.07 -24.88
N HIS C 48 -6.82 -45.77 -24.89
CA HIS C 48 -6.40 -44.91 -23.78
C HIS C 48 -7.11 -45.33 -22.50
N LEU C 49 -8.37 -45.71 -22.61
CA LEU C 49 -9.14 -46.12 -21.43
C LEU C 49 -8.50 -47.35 -20.79
N GLU C 50 -8.21 -48.36 -21.62
CA GLU C 50 -7.59 -49.58 -21.12
C GLU C 50 -6.23 -49.28 -20.52
N ARG C 51 -5.41 -48.49 -21.22
CA ARG C 51 -4.10 -48.19 -20.67
C ARG C 51 -4.18 -47.36 -19.40
N SER C 52 -5.18 -46.48 -19.26
CA SER C 52 -5.25 -45.70 -18.03
C SER C 52 -5.37 -46.62 -16.83
N TYR C 53 -6.17 -47.67 -16.95
CA TYR C 53 -6.31 -48.62 -15.84
C TYR C 53 -5.09 -49.53 -15.69
N ASP C 54 -4.40 -49.87 -16.79
CA ASP C 54 -3.17 -50.67 -16.66
C ASP C 54 -2.14 -49.85 -15.86
N TYR C 55 -1.98 -48.58 -16.22
CA TYR C 55 -1.03 -47.71 -15.52
C TYR C 55 -1.43 -47.53 -14.05
N LEU C 56 -2.72 -47.46 -13.79
CA LEU C 56 -3.19 -47.31 -12.43
C LEU C 56 -2.77 -48.52 -11.59
N LEU C 57 -2.87 -49.72 -12.17
CA LEU C 57 -2.46 -50.92 -11.44
C LEU C 57 -0.95 -50.93 -11.20
N SER C 58 -0.17 -50.43 -12.16
CA SER C 58 1.29 -50.36 -11.94
C SER C 58 1.57 -49.35 -10.83
N ALA C 59 0.85 -48.23 -10.81
CA ALA C 59 1.05 -47.23 -9.75
C ALA C 59 0.76 -47.87 -8.39
N ALA C 60 -0.29 -48.68 -8.32
CA ALA C 60 -0.66 -49.36 -7.08
C ALA C 60 0.43 -50.34 -6.68
N TYR C 61 0.89 -51.16 -7.62
CA TYR C 61 1.92 -52.13 -7.31
C TYR C 61 3.18 -51.49 -6.72
N PHE C 62 3.62 -50.38 -7.30
CA PHE C 62 4.82 -49.72 -6.78
C PHE C 62 4.59 -48.97 -5.47
N ASN C 63 3.34 -48.95 -5.02
CA ASN C 63 3.04 -48.31 -3.74
C ASN C 63 2.73 -49.37 -2.66
N ASN C 64 3.03 -50.65 -2.93
CA ASN C 64 2.81 -51.65 -1.86
C ASN C 64 4.00 -51.51 -0.90
N TYR C 65 3.89 -52.05 0.32
CA TYR C 65 4.95 -51.83 1.30
C TYR C 65 6.31 -52.46 1.01
N GLN C 66 6.34 -53.51 0.19
CA GLN C 66 7.59 -54.17 -0.17
C GLN C 66 8.34 -53.43 -1.26
N THR C 67 7.63 -52.99 -2.30
CA THR C 67 8.29 -52.25 -3.38
C THR C 67 8.54 -50.83 -2.90
N ASN C 68 7.48 -50.19 -2.42
CA ASN C 68 7.56 -48.85 -1.84
C ASN C 68 8.42 -47.88 -2.65
N ARG C 69 8.13 -47.75 -3.94
CA ARG C 69 8.86 -46.82 -4.81
C ARG C 69 7.93 -45.67 -5.15
N ALA C 70 7.90 -44.64 -4.31
CA ALA C 70 7.02 -43.50 -4.52
C ALA C 70 7.25 -42.78 -5.87
N GLY C 71 8.49 -42.78 -6.34
CA GLY C 71 8.80 -42.14 -7.61
C GLY C 71 8.23 -42.92 -8.78
N PHE C 72 8.41 -44.24 -8.78
CA PHE C 72 7.86 -45.07 -9.85
C PHE C 72 6.33 -45.01 -9.80
N SER C 73 5.79 -45.02 -8.59
CA SER C 73 4.33 -44.97 -8.45
C SER C 73 3.77 -43.66 -9.02
N LYS C 74 4.46 -42.55 -8.73
CA LYS C 74 4.05 -41.24 -9.22
C LYS C 74 4.12 -41.18 -10.75
N LEU C 75 5.14 -41.80 -11.32
CA LEU C 75 5.31 -41.83 -12.78
C LEU C 75 4.10 -42.51 -13.42
N PHE C 76 3.72 -43.68 -12.89
CA PHE C 76 2.58 -44.40 -13.44
C PHE C 76 1.24 -43.73 -13.16
N LYS C 77 1.12 -43.07 -12.01
CA LYS C 77 -0.12 -42.39 -11.69
C LYS C 77 -0.33 -41.24 -12.68
N LYS C 78 0.75 -40.56 -13.04
CA LYS C 78 0.65 -39.46 -14.00
C LYS C 78 0.25 -40.01 -15.38
N LEU C 79 0.86 -41.12 -15.80
CA LEU C 79 0.50 -41.73 -17.08
C LEU C 79 -0.98 -42.15 -17.07
N SER C 80 -1.43 -42.68 -15.94
CA SER C 80 -2.83 -43.10 -15.81
C SER C 80 -3.78 -41.90 -15.90
N ASP C 81 -3.50 -40.85 -15.13
CA ASP C 81 -4.35 -39.66 -15.14
C ASP C 81 -4.39 -39.03 -16.54
N GLU C 82 -3.25 -38.98 -17.22
CA GLU C 82 -3.23 -38.40 -18.57
C GLU C 82 -4.04 -39.23 -19.55
N ALA C 83 -3.92 -40.56 -19.47
CA ALA C 83 -4.66 -41.42 -20.39
C ALA C 83 -6.17 -41.35 -20.10
N TRP C 84 -6.54 -41.18 -18.83
CA TRP C 84 -7.97 -41.07 -18.47
C TRP C 84 -8.51 -39.77 -19.06
N SER C 85 -7.77 -38.69 -18.89
CA SER C 85 -8.18 -37.40 -19.40
C SER C 85 -8.29 -37.43 -20.95
N LYS C 86 -7.36 -38.11 -21.61
CA LYS C 86 -7.40 -38.20 -23.07
C LYS C 86 -8.59 -39.04 -23.54
N THR C 87 -8.96 -40.04 -22.75
CA THR C 87 -10.11 -40.88 -23.11
C THR C 87 -11.34 -39.98 -23.25
N ILE C 88 -11.55 -39.12 -22.26
CA ILE C 88 -12.72 -38.24 -22.29
C ILE C 88 -12.61 -37.22 -23.43
N ASP C 89 -11.41 -36.70 -23.64
CA ASP C 89 -11.19 -35.74 -24.71
C ASP C 89 -11.49 -36.35 -26.09
N ILE C 90 -11.06 -37.58 -26.32
CA ILE C 90 -11.32 -38.23 -27.61
C ILE C 90 -12.81 -38.49 -27.79
N ILE C 91 -13.48 -38.95 -26.73
CA ILE C 91 -14.92 -39.19 -26.80
C ILE C 91 -15.62 -37.88 -27.20
N LYS C 92 -15.20 -36.77 -26.60
CA LYS C 92 -15.81 -35.48 -26.93
C LYS C 92 -15.50 -35.09 -28.38
N HIS C 93 -14.32 -35.44 -28.88
CA HIS C 93 -13.99 -35.09 -30.26
C HIS C 93 -14.83 -35.91 -31.25
N VAL C 94 -15.01 -37.19 -30.94
CA VAL C 94 -15.84 -38.08 -31.76
C VAL C 94 -17.25 -37.48 -31.90
N THR C 95 -17.82 -37.02 -30.79
CA THR C 95 -19.16 -36.43 -30.85
C THR C 95 -19.17 -35.04 -31.46
N LYS C 96 -18.08 -34.29 -31.28
CA LYS C 96 -17.98 -32.97 -31.87
C LYS C 96 -18.09 -33.08 -33.40
N ARG C 97 -17.50 -34.14 -33.97
CA ARG C 97 -17.53 -34.35 -35.41
C ARG C 97 -18.80 -35.07 -35.90
N GLY C 98 -19.80 -35.19 -35.03
CA GLY C 98 -21.08 -35.77 -35.45
C GLY C 98 -21.23 -37.27 -35.42
N ASP C 99 -20.30 -37.95 -34.75
CA ASP C 99 -20.35 -39.41 -34.69
C ASP C 99 -20.79 -39.77 -33.27
N LYS C 100 -20.81 -41.06 -32.96
CA LYS C 100 -21.17 -41.48 -31.61
C LYS C 100 -20.15 -42.51 -31.18
N MET C 101 -19.82 -42.48 -29.90
CA MET C 101 -18.83 -43.37 -29.35
C MET C 101 -19.36 -44.80 -29.20
N ASN C 102 -18.57 -45.78 -29.60
CA ASN C 102 -18.94 -47.19 -29.47
C ASN C 102 -17.78 -47.79 -28.68
N PHE C 103 -18.02 -48.21 -27.44
CA PHE C 103 -16.93 -48.74 -26.62
C PHE C 103 -16.43 -50.13 -26.99
N ASP C 104 -17.03 -50.75 -28.00
CA ASP C 104 -16.57 -52.07 -28.41
C ASP C 104 -15.96 -52.02 -29.80
N GLN C 105 -15.60 -50.81 -30.26
CA GLN C 105 -15.01 -50.67 -31.58
C GLN C 105 -13.57 -51.13 -31.58
N HIS C 106 -13.21 -51.92 -32.58
CA HIS C 106 -11.83 -52.42 -32.66
C HIS C 106 -11.06 -51.68 -33.74
N SER C 107 -9.74 -51.64 -33.57
CA SER C 107 -8.87 -50.99 -34.53
C SER C 107 -8.53 -52.00 -35.62
N THR C 108 -8.20 -51.52 -36.81
CA THR C 108 -7.83 -52.42 -37.90
C THR C 108 -6.32 -52.60 -37.85
N MET C 109 -5.63 -51.69 -37.17
CA MET C 109 -4.18 -51.79 -37.08
C MET C 109 -3.80 -53.10 -36.41
N LYS C 110 -3.09 -53.93 -37.16
CA LYS C 110 -2.65 -55.23 -36.69
C LYS C 110 -1.65 -55.08 -35.55
N THR C 111 -2.14 -55.27 -34.34
CA THR C 111 -1.31 -55.15 -33.14
C THR C 111 -1.32 -56.47 -32.36
N GLU C 112 -0.13 -56.99 -32.09
CA GLU C 112 0.02 -58.24 -31.36
C GLU C 112 -0.74 -58.19 -30.03
N ARG C 113 -1.01 -59.37 -29.47
CA ARG C 113 -1.73 -59.47 -28.21
C ARG C 113 -0.77 -59.82 -27.07
N LYS C 114 -0.58 -58.88 -26.16
CA LYS C 114 0.31 -59.07 -25.02
C LYS C 114 -0.32 -58.48 -23.76
N ASN C 115 -0.74 -59.35 -22.85
CA ASN C 115 -1.36 -58.91 -21.60
C ASN C 115 -0.42 -57.99 -20.82
N TYR C 116 -1.00 -56.99 -20.16
CA TYR C 116 -0.22 -56.05 -19.37
C TYR C 116 -0.18 -56.59 -17.94
N THR C 117 1.00 -56.84 -17.41
CA THR C 117 1.10 -57.33 -16.03
C THR C 117 1.68 -56.20 -15.19
N ALA C 118 1.07 -55.94 -14.04
CA ALA C 118 1.51 -54.86 -13.17
C ALA C 118 2.66 -55.23 -12.23
N GLU C 119 2.80 -56.51 -11.91
CA GLU C 119 3.87 -56.94 -10.99
C GLU C 119 5.19 -57.10 -11.76
N ASN C 120 6.03 -56.07 -11.72
CA ASN C 120 7.30 -56.11 -12.45
C ASN C 120 8.40 -55.47 -11.64
N HIS C 121 9.65 -55.81 -11.95
CA HIS C 121 10.76 -55.14 -11.29
C HIS C 121 10.87 -53.81 -12.04
N GLU C 122 11.67 -52.87 -11.53
CA GLU C 122 11.78 -51.55 -12.12
C GLU C 122 12.11 -51.45 -13.60
N LEU C 123 13.14 -52.16 -14.07
CA LEU C 123 13.48 -52.10 -15.49
C LEU C 123 12.35 -52.66 -16.35
N GLU C 124 11.76 -53.78 -15.95
CA GLU C 124 10.65 -54.37 -16.71
C GLU C 124 9.48 -53.40 -16.81
N ALA C 125 9.15 -52.74 -15.71
CA ALA C 125 8.02 -51.81 -15.69
C ALA C 125 8.26 -50.63 -16.63
N LEU C 126 9.46 -50.06 -16.61
CA LEU C 126 9.78 -48.94 -17.50
C LEU C 126 9.76 -49.39 -18.96
N ALA C 127 10.27 -50.60 -19.21
CA ALA C 127 10.29 -51.14 -20.57
C ALA C 127 8.87 -51.28 -21.11
N LYS C 128 7.97 -51.77 -20.27
CA LYS C 128 6.58 -51.93 -20.69
C LYS C 128 5.94 -50.57 -20.89
N ALA C 129 6.24 -49.61 -20.01
CA ALA C 129 5.68 -48.27 -20.17
C ALA C 129 6.16 -47.69 -21.52
N LEU C 130 7.44 -47.88 -21.81
CA LEU C 130 8.01 -47.37 -23.06
C LEU C 130 7.28 -48.01 -24.25
N ASP C 131 7.14 -49.34 -24.24
CA ASP C 131 6.45 -50.03 -25.33
C ASP C 131 5.00 -49.57 -25.51
N THR C 132 4.26 -49.42 -24.41
CA THR C 132 2.87 -49.00 -24.53
C THR C 132 2.75 -47.56 -25.02
N GLN C 133 3.70 -46.69 -24.66
CA GLN C 133 3.64 -45.31 -25.15
C GLN C 133 3.99 -45.29 -26.64
N LYS C 134 4.95 -46.12 -27.07
CA LYS C 134 5.27 -46.19 -28.50
C LYS C 134 4.05 -46.70 -29.27
N GLU C 135 3.31 -47.63 -28.67
CA GLU C 135 2.11 -48.15 -29.33
C GLU C 135 1.07 -47.03 -29.47
N LEU C 136 0.88 -46.23 -28.41
CA LEU C 136 -0.07 -45.12 -28.51
C LEU C 136 0.37 -44.14 -29.59
N ALA C 137 1.68 -43.90 -29.65
CA ALA C 137 2.23 -42.95 -30.63
C ALA C 137 2.08 -43.47 -32.06
N GLU C 138 2.37 -44.75 -32.28
CA GLU C 138 2.26 -45.29 -33.63
C GLU C 138 0.80 -45.42 -34.05
N ARG C 139 -0.10 -45.58 -33.08
CA ARG C 139 -1.52 -45.65 -33.42
C ARG C 139 -1.93 -44.25 -33.90
N ALA C 140 -1.41 -43.19 -33.27
CA ALA C 140 -1.75 -41.84 -33.74
C ALA C 140 -1.21 -41.64 -35.15
N PHE C 141 -0.01 -42.15 -35.44
CA PHE C 141 0.57 -42.02 -36.79
C PHE C 141 -0.35 -42.73 -37.81
N TYR C 142 -0.86 -43.88 -37.41
CA TYR C 142 -1.75 -44.67 -38.27
C TYR C 142 -3.06 -43.92 -38.59
N ILE C 143 -3.70 -43.37 -37.56
CA ILE C 143 -4.95 -42.64 -37.78
C ILE C 143 -4.70 -41.40 -38.64
N HIS C 144 -3.57 -40.75 -38.38
CA HIS C 144 -3.19 -39.55 -39.13
C HIS C 144 -3.04 -39.91 -40.62
N ARG C 145 -2.37 -41.02 -40.89
CA ARG C 145 -2.16 -41.47 -42.27
C ARG C 145 -3.51 -41.86 -42.93
N GLU C 146 -4.38 -42.47 -42.14
CA GLU C 146 -5.69 -42.87 -42.65
C GLU C 146 -6.51 -41.61 -43.00
N ALA C 147 -6.31 -40.53 -42.24
CA ALA C 147 -7.06 -39.30 -42.48
C ALA C 147 -6.57 -38.45 -43.64
N THR C 148 -5.30 -38.59 -44.02
CA THR C 148 -4.77 -37.69 -45.03
C THR C 148 -3.98 -38.33 -46.13
N ARG C 149 -3.97 -39.65 -46.21
CA ARG C 149 -3.14 -40.26 -47.23
C ARG C 149 -3.57 -41.61 -47.76
N ASN C 150 -4.13 -42.46 -46.92
CA ASN C 150 -4.47 -43.81 -47.36
C ASN C 150 -5.66 -44.00 -48.26
N SER C 151 -6.67 -43.14 -48.14
CA SER C 151 -7.87 -43.30 -48.95
C SER C 151 -8.07 -42.11 -49.88
N GLN C 152 -8.18 -42.41 -51.17
CA GLN C 152 -8.37 -41.39 -52.19
C GLN C 152 -9.56 -40.48 -51.92
N HIS C 153 -10.63 -41.02 -51.36
CA HIS C 153 -11.82 -40.21 -51.13
C HIS C 153 -11.96 -39.61 -49.75
N LEU C 154 -10.95 -39.78 -48.91
CA LEU C 154 -11.01 -39.22 -47.58
C LEU C 154 -9.83 -38.29 -47.33
N HIS C 155 -10.12 -37.05 -46.97
CA HIS C 155 -9.07 -36.10 -46.61
C HIS C 155 -9.65 -35.32 -45.44
N ASP C 156 -9.17 -35.60 -44.23
CA ASP C 156 -9.69 -34.90 -43.06
C ASP C 156 -8.56 -34.27 -42.25
N PRO C 157 -8.18 -33.05 -42.62
CA PRO C 157 -7.11 -32.35 -41.90
C PRO C 157 -7.51 -31.88 -40.51
N GLU C 158 -8.80 -31.92 -40.19
CA GLU C 158 -9.22 -31.52 -38.85
C GLU C 158 -8.76 -32.61 -37.89
N ILE C 159 -8.98 -33.87 -38.25
CA ILE C 159 -8.51 -34.98 -37.43
C ILE C 159 -6.97 -34.97 -37.39
N ALA C 160 -6.35 -34.71 -38.54
CA ALA C 160 -4.88 -34.67 -38.58
C ALA C 160 -4.29 -33.61 -37.62
N GLN C 161 -4.84 -32.40 -37.67
CA GLN C 161 -4.34 -31.31 -36.81
C GLN C 161 -4.65 -31.61 -35.34
N TYR C 162 -5.81 -32.20 -35.07
CA TYR C 162 -6.16 -32.57 -33.69
C TYR C 162 -5.11 -33.56 -33.14
N LEU C 163 -4.77 -34.58 -33.94
CA LEU C 163 -3.76 -35.55 -33.49
C LEU C 163 -2.41 -34.89 -33.34
N GLU C 164 -2.03 -34.04 -34.29
CA GLU C 164 -0.74 -33.35 -34.23
C GLU C 164 -0.59 -32.52 -32.97
N GLU C 165 -1.62 -31.74 -32.67
CA GLU C 165 -1.60 -30.85 -31.51
C GLU C 165 -1.79 -31.51 -30.14
N GLU C 166 -2.74 -32.42 -30.05
CA GLU C 166 -3.05 -33.03 -28.76
C GLU C 166 -2.36 -34.32 -28.40
N PHE C 167 -1.77 -34.99 -29.38
CA PHE C 167 -1.13 -36.28 -29.09
C PHE C 167 0.32 -36.39 -29.55
N ILE C 168 0.51 -36.20 -30.85
CA ILE C 168 1.80 -36.38 -31.49
C ILE C 168 2.99 -35.60 -30.92
N GLU C 169 2.81 -34.30 -30.66
CA GLU C 169 3.93 -33.52 -30.13
C GLU C 169 4.41 -34.07 -28.79
N ASP C 170 3.47 -34.31 -27.88
CA ASP C 170 3.85 -34.81 -26.57
C ASP C 170 4.34 -36.24 -26.50
N HIS C 171 3.91 -37.08 -27.43
CA HIS C 171 4.37 -38.47 -27.42
C HIS C 171 5.90 -38.54 -27.54
N ALA C 172 6.49 -37.70 -28.38
CA ALA C 172 7.94 -37.74 -28.57
C ALA C 172 8.68 -37.46 -27.26
N GLU C 173 8.18 -36.49 -26.50
CA GLU C 173 8.81 -36.15 -25.21
C GLU C 173 8.70 -37.30 -24.22
N LYS C 174 7.51 -37.89 -24.11
CA LYS C 174 7.31 -39.00 -23.16
C LYS C 174 8.16 -40.21 -23.50
N ILE C 175 8.22 -40.54 -24.79
CA ILE C 175 8.99 -41.70 -25.22
C ILE C 175 10.47 -41.46 -24.99
N ARG C 176 10.95 -40.25 -25.28
CA ARG C 176 12.37 -39.96 -25.06
C ARG C 176 12.69 -40.04 -23.56
N THR C 177 11.79 -39.55 -22.73
CA THR C 177 12.00 -39.58 -21.28
C THR C 177 12.08 -41.03 -20.76
N LEU C 178 11.12 -41.85 -21.17
CA LEU C 178 11.10 -43.25 -20.75
C LEU C 178 12.30 -44.03 -21.31
N ALA C 179 12.69 -43.74 -22.55
CA ALA C 179 13.85 -44.44 -23.12
C ALA C 179 15.09 -44.08 -22.30
N GLY C 180 15.20 -42.81 -21.89
CA GLY C 180 16.33 -42.39 -21.08
C GLY C 180 16.33 -43.13 -19.74
N HIS C 181 15.16 -43.30 -19.14
CA HIS C 181 15.09 -44.02 -17.85
C HIS C 181 15.59 -45.45 -18.02
N THR C 182 15.22 -46.13 -19.11
CA THR C 182 15.68 -47.50 -19.28
C THR C 182 17.19 -47.54 -19.48
N SER C 183 17.75 -46.53 -20.15
CA SER C 183 19.22 -46.48 -20.33
C SER C 183 19.90 -46.32 -18.98
N ASP C 184 19.36 -45.47 -18.13
CA ASP C 184 19.96 -45.27 -16.81
C ASP C 184 19.95 -46.56 -16.01
N LEU C 185 18.82 -47.27 -16.00
CA LEU C 185 18.73 -48.53 -15.25
C LEU C 185 19.66 -49.58 -15.83
N LYS C 186 19.73 -49.64 -17.16
CA LYS C 186 20.62 -50.60 -17.82
C LYS C 186 22.06 -50.39 -17.32
N LYS C 187 22.49 -49.14 -17.22
CA LYS C 187 23.84 -48.87 -16.75
C LYS C 187 24.04 -49.25 -15.29
N PHE C 188 23.04 -49.01 -14.45
CA PHE C 188 23.14 -49.37 -13.03
C PHE C 188 23.30 -50.88 -12.90
N ILE C 189 22.64 -51.61 -13.79
CA ILE C 189 22.68 -53.07 -13.76
C ILE C 189 24.00 -53.63 -14.29
N THR C 190 24.55 -53.01 -15.32
CA THR C 190 25.76 -53.54 -15.93
C THR C 190 27.11 -53.00 -15.45
N ALA C 191 27.20 -51.72 -15.12
CA ALA C 191 28.48 -51.17 -14.70
C ALA C 191 28.97 -51.75 -13.38
N ASN C 192 30.28 -51.95 -13.27
CA ASN C 192 30.89 -52.48 -12.06
C ASN C 192 30.15 -53.70 -11.54
N ASN C 193 29.84 -54.60 -12.46
CA ASN C 193 29.15 -55.85 -12.14
C ASN C 193 27.82 -55.66 -11.43
N GLY C 194 27.20 -54.50 -11.63
CA GLY C 194 25.90 -54.25 -11.00
C GLY C 194 25.96 -54.10 -9.49
N HIS C 195 27.16 -53.86 -8.95
CA HIS C 195 27.32 -53.72 -7.50
C HIS C 195 26.54 -52.58 -6.83
N ASP C 196 26.30 -51.49 -7.54
CA ASP C 196 25.57 -50.38 -6.94
C ASP C 196 24.07 -50.43 -7.18
N LEU C 197 23.58 -51.52 -7.77
CA LEU C 197 22.16 -51.58 -8.11
C LEU C 197 21.14 -51.19 -7.04
N SER C 198 21.22 -51.74 -5.83
CA SER C 198 20.21 -51.39 -4.84
C SER C 198 20.25 -49.91 -4.45
N LEU C 199 21.45 -49.36 -4.28
CA LEU C 199 21.54 -47.94 -3.91
C LEU C 199 21.09 -47.09 -5.10
N ALA C 200 21.43 -47.53 -6.32
CA ALA C 200 21.05 -46.76 -7.50
C ALA C 200 19.54 -46.73 -7.70
N LEU C 201 18.85 -47.84 -7.45
CA LEU C 201 17.39 -47.84 -7.60
C LEU C 201 16.75 -46.89 -6.60
N TYR C 202 17.31 -46.83 -5.40
CA TYR C 202 16.79 -45.93 -4.37
C TYR C 202 17.01 -44.47 -4.82
N VAL C 203 18.23 -44.16 -5.26
CA VAL C 203 18.54 -42.81 -5.72
C VAL C 203 17.70 -42.44 -6.95
N PHE C 204 17.53 -43.39 -7.86
CA PHE C 204 16.74 -43.14 -9.06
C PHE C 204 15.28 -42.87 -8.69
N ASP C 205 14.73 -43.65 -7.76
CA ASP C 205 13.35 -43.42 -7.34
C ASP C 205 13.19 -42.03 -6.72
N GLU C 206 14.18 -41.59 -5.94
CA GLU C 206 14.12 -40.26 -5.33
C GLU C 206 14.15 -39.20 -6.43
N TYR C 207 14.95 -39.45 -7.46
CA TYR C 207 15.05 -38.54 -8.61
C TYR C 207 13.68 -38.44 -9.31
N LEU C 208 13.00 -39.58 -9.49
CA LEU C 208 11.68 -39.54 -10.13
C LEU C 208 10.70 -38.73 -9.29
N GLN C 209 10.78 -38.83 -7.97
CA GLN C 209 9.87 -38.07 -7.12
C GLN C 209 10.02 -36.58 -7.35
N LYS C 210 11.23 -36.14 -7.68
CA LYS C 210 11.47 -34.72 -7.91
C LYS C 210 11.20 -34.25 -9.33
N THR C 211 11.24 -35.16 -10.29
CA THR C 211 11.09 -34.74 -11.66
C THR C 211 9.85 -35.17 -12.43
N VAL C 212 9.14 -36.19 -11.96
CA VAL C 212 7.94 -36.59 -12.69
C VAL C 212 6.92 -35.46 -12.63
N ALA D 1 13.87 -35.10 57.66
CA ALA D 1 13.82 -34.10 56.55
C ALA D 1 12.48 -33.37 56.53
N ASP D 2 12.49 -32.11 56.95
CA ASP D 2 11.26 -31.32 56.95
C ASP D 2 10.95 -30.85 55.54
N THR D 3 9.70 -30.99 55.14
CA THR D 3 9.29 -30.55 53.82
C THR D 3 8.00 -29.75 53.99
N CYS D 4 7.64 -28.99 52.97
CA CYS D 4 6.42 -28.20 53.03
C CYS D 4 5.23 -29.17 53.06
N TYR D 5 5.31 -30.24 52.27
CA TYR D 5 4.24 -31.23 52.22
C TYR D 5 3.98 -31.85 53.60
N ASN D 6 5.06 -32.21 54.29
CA ASN D 6 4.91 -32.80 55.63
C ASN D 6 4.33 -31.77 56.61
N ASP D 7 4.73 -30.50 56.49
CA ASP D 7 4.17 -29.47 57.37
C ASP D 7 2.66 -29.37 57.15
N VAL D 8 2.25 -29.45 55.88
CA VAL D 8 0.82 -29.36 55.58
C VAL D 8 0.07 -30.56 56.17
N ALA D 9 0.61 -31.76 55.99
CA ALA D 9 -0.02 -32.97 56.52
C ALA D 9 -0.21 -32.86 58.03
N LEU D 10 0.80 -32.37 58.73
CA LEU D 10 0.72 -32.22 60.17
C LEU D 10 -0.27 -31.13 60.59
N ASP D 11 -0.09 -29.92 60.07
CA ASP D 11 -0.98 -28.81 60.43
C ASP D 11 -2.42 -28.90 59.96
N CYS D 12 -2.66 -29.61 58.87
CA CYS D 12 -4.03 -29.73 58.37
C CYS D 12 -4.76 -30.90 59.03
N GLY D 13 -4.18 -31.42 60.11
CA GLY D 13 -4.81 -32.51 60.83
C GLY D 13 -5.82 -31.94 61.82
N ILE D 14 -6.92 -32.67 62.04
CA ILE D 14 -7.95 -32.22 62.96
C ILE D 14 -7.38 -31.90 64.35
N THR D 15 -6.22 -32.47 64.65
CA THR D 15 -5.56 -32.26 65.92
C THR D 15 -5.00 -30.84 66.04
N SER D 16 -4.56 -30.28 64.92
CA SER D 16 -3.99 -28.94 64.89
C SER D 16 -5.01 -27.82 64.97
N ASN D 17 -4.55 -26.65 65.39
CA ASN D 17 -5.38 -25.46 65.51
C ASN D 17 -4.61 -24.26 64.97
N SER D 18 -3.61 -24.55 64.13
CA SER D 18 -2.80 -23.51 63.52
C SER D 18 -2.29 -24.00 62.17
N LEU D 19 -1.61 -23.13 61.43
CA LEU D 19 -1.08 -23.48 60.14
C LEU D 19 0.21 -22.70 59.92
N ALA D 20 1.25 -23.07 60.66
CA ALA D 20 2.53 -22.38 60.58
C ALA D 20 3.26 -22.56 59.24
N LEU D 21 3.36 -23.81 58.80
CA LEU D 21 4.02 -24.15 57.53
C LEU D 21 5.39 -23.48 57.36
N PRO D 22 6.29 -23.68 58.34
CA PRO D 22 7.62 -23.08 58.24
C PRO D 22 8.44 -23.46 57.01
N ARG D 23 8.23 -24.66 56.47
CA ARG D 23 8.99 -25.07 55.29
C ARG D 23 8.35 -24.66 53.96
N CYS D 24 7.19 -24.02 54.02
CA CYS D 24 6.54 -23.60 52.78
C CYS D 24 6.97 -22.16 52.50
N ASN D 25 8.20 -22.01 52.05
CA ASN D 25 8.73 -20.71 51.71
C ASN D 25 9.63 -20.96 50.51
N ALA D 26 10.31 -19.94 50.01
CA ALA D 26 11.13 -20.11 48.83
C ALA D 26 12.60 -20.45 49.13
N VAL D 27 12.90 -20.81 50.37
CA VAL D 27 14.28 -21.13 50.74
C VAL D 27 14.69 -22.54 50.29
N TYR D 28 15.81 -22.64 49.58
CA TYR D 28 16.33 -23.95 49.19
C TYR D 28 17.86 -23.84 49.14
N GLY D 29 18.54 -24.98 49.09
CA GLY D 29 20.00 -24.97 49.10
C GLY D 29 20.47 -24.35 50.42
N GLU D 30 19.65 -24.40 51.45
CA GLU D 30 20.02 -23.79 52.74
C GLU D 30 20.45 -22.32 52.63
N TYR D 31 19.82 -21.59 51.70
CA TYR D 31 20.14 -20.19 51.50
C TYR D 31 19.92 -19.44 52.81
N GLY D 32 20.92 -18.69 53.25
CA GLY D 32 20.77 -17.95 54.48
C GLY D 32 21.15 -18.72 55.75
N SER D 33 21.28 -20.05 55.67
CA SER D 33 21.62 -20.88 56.83
C SER D 33 23.11 -21.01 57.10
N HIS D 34 23.90 -21.15 56.04
CA HIS D 34 25.34 -21.29 56.19
C HIS D 34 25.99 -20.13 55.45
N GLY D 35 27.15 -19.69 55.94
CA GLY D 35 27.87 -18.61 55.28
C GLY D 35 27.26 -17.23 55.37
N ASN D 36 27.85 -16.31 54.63
CA ASN D 36 27.42 -14.92 54.65
C ASN D 36 26.81 -14.45 53.32
N VAL D 37 26.52 -15.38 52.41
CA VAL D 37 26.00 -14.94 51.13
C VAL D 37 24.71 -14.14 51.23
N ALA D 38 23.75 -14.61 52.03
CA ALA D 38 22.47 -13.91 52.12
C ALA D 38 22.62 -12.50 52.69
N THR D 39 23.39 -12.34 53.76
CA THR D 39 23.55 -11.01 54.32
C THR D 39 24.41 -10.13 53.41
N GLU D 40 25.39 -10.71 52.73
CA GLU D 40 26.23 -9.92 51.82
C GLU D 40 25.38 -9.38 50.65
N LEU D 41 24.44 -10.17 50.17
CA LEU D 41 23.60 -9.70 49.06
C LEU D 41 22.76 -8.51 49.52
N GLN D 42 22.25 -8.57 50.76
CA GLN D 42 21.49 -7.44 51.29
C GLN D 42 22.38 -6.21 51.40
N ALA D 43 23.61 -6.39 51.89
CA ALA D 43 24.52 -5.25 52.01
C ALA D 43 24.93 -4.72 50.62
N TYR D 44 24.85 -5.56 49.59
CA TYR D 44 25.20 -5.14 48.23
C TYR D 44 24.10 -4.21 47.69
N ALA D 45 22.84 -4.48 48.06
CA ALA D 45 21.75 -3.60 47.63
C ALA D 45 21.98 -2.24 48.29
N LYS D 46 22.38 -2.27 49.55
CA LYS D 46 22.63 -1.05 50.31
C LYS D 46 23.78 -0.24 49.71
N LEU D 47 24.83 -0.92 49.25
CA LEU D 47 25.95 -0.21 48.64
C LEU D 47 25.49 0.47 47.34
N HIS D 48 24.69 -0.23 46.52
CA HIS D 48 24.20 0.37 45.29
C HIS D 48 23.31 1.57 45.59
N LEU D 49 22.49 1.45 46.63
CA LEU D 49 21.59 2.53 47.00
C LEU D 49 22.37 3.79 47.37
N GLU D 50 23.38 3.62 48.23
CA GLU D 50 24.22 4.73 48.64
C GLU D 50 24.95 5.33 47.45
N ARG D 51 25.53 4.49 46.62
CA ARG D 51 26.24 5.01 45.46
C ARG D 51 25.31 5.70 44.47
N SER D 52 24.07 5.22 44.33
CA SER D 52 23.17 5.88 43.38
C SER D 52 23.01 7.35 43.76
N TYR D 53 22.85 7.62 45.05
CA TYR D 53 22.71 9.01 45.50
C TYR D 53 24.03 9.78 45.44
N ASP D 54 25.17 9.12 45.66
CA ASP D 54 26.46 9.82 45.53
C ASP D 54 26.61 10.28 44.06
N TYR D 55 26.33 9.38 43.13
CA TYR D 55 26.45 9.71 41.70
C TYR D 55 25.46 10.81 41.32
N LEU D 56 24.28 10.79 41.93
CA LEU D 56 23.29 11.81 41.63
C LEU D 56 23.82 13.19 42.04
N LEU D 57 24.50 13.26 43.18
CA LEU D 57 25.05 14.54 43.64
C LEU D 57 26.17 15.00 42.71
N SER D 58 26.98 14.07 42.19
CA SER D 58 28.03 14.45 41.24
C SER D 58 27.37 14.97 39.96
N ALA D 59 26.29 14.32 39.52
CA ALA D 59 25.60 14.77 38.31
C ALA D 59 25.10 16.20 38.52
N ALA D 60 24.58 16.48 39.70
CA ALA D 60 24.08 17.82 40.03
C ALA D 60 25.22 18.82 40.02
N TYR D 61 26.33 18.48 40.69
CA TYR D 61 27.46 19.39 40.74
C TYR D 61 27.95 19.79 39.35
N PHE D 62 28.06 18.82 38.43
CA PHE D 62 28.53 19.15 37.09
C PHE D 62 27.50 19.87 36.24
N ASN D 63 26.30 20.05 36.78
CA ASN D 63 25.27 20.77 36.06
C ASN D 63 25.04 22.16 36.69
N ASN D 64 25.95 22.61 37.57
CA ASN D 64 25.79 23.97 38.11
C ASN D 64 26.29 24.93 37.03
N TYR D 65 25.95 26.22 37.11
CA TYR D 65 26.32 27.13 36.01
C TYR D 65 27.81 27.40 35.82
N GLN D 66 28.61 27.22 36.86
CA GLN D 66 30.06 27.45 36.77
C GLN D 66 30.78 26.27 36.13
N THR D 67 30.43 25.05 36.53
CA THR D 67 31.06 23.86 35.95
C THR D 67 30.47 23.63 34.58
N ASN D 68 29.13 23.56 34.53
CA ASN D 68 28.38 23.41 33.30
C ASN D 68 28.99 22.39 32.33
N ARG D 69 29.20 21.17 32.80
CA ARG D 69 29.75 20.09 31.96
C ARG D 69 28.63 19.08 31.74
N ALA D 70 27.83 19.30 30.69
CA ALA D 70 26.71 18.41 30.41
C ALA D 70 27.11 16.95 30.17
N GLY D 71 28.30 16.75 29.61
CA GLY D 71 28.78 15.40 29.36
C GLY D 71 29.13 14.68 30.65
N PHE D 72 29.85 15.36 31.55
CA PHE D 72 30.19 14.74 32.83
C PHE D 72 28.92 14.51 33.64
N SER D 73 27.99 15.46 33.56
CA SER D 73 26.75 15.32 34.31
C SER D 73 25.96 14.11 33.81
N LYS D 74 25.92 13.92 32.50
CA LYS D 74 25.21 12.79 31.89
C LYS D 74 25.85 11.46 32.30
N LEU D 75 27.18 11.45 32.37
CA LEU D 75 27.91 10.24 32.77
C LEU D 75 27.48 9.82 34.18
N PHE D 76 27.46 10.78 35.10
CA PHE D 76 27.08 10.47 36.47
C PHE D 76 25.60 10.17 36.64
N LYS D 77 24.77 10.82 35.84
CA LYS D 77 23.34 10.56 35.92
C LYS D 77 23.06 9.10 35.49
N LYS D 78 23.78 8.65 34.47
CA LYS D 78 23.61 7.28 34.01
C LYS D 78 24.08 6.29 35.09
N LEU D 79 25.22 6.57 35.72
CA LEU D 79 25.72 5.71 36.80
C LEU D 79 24.69 5.68 37.95
N SER D 80 24.10 6.83 38.25
CA SER D 80 23.11 6.92 39.32
C SER D 80 21.85 6.10 38.99
N ASP D 81 21.32 6.29 37.78
CA ASP D 81 20.12 5.56 37.36
C ASP D 81 20.37 4.06 37.37
N GLU D 82 21.54 3.64 36.90
CA GLU D 82 21.85 2.21 36.87
C GLU D 82 21.95 1.62 38.28
N ALA D 83 22.60 2.36 39.19
CA ALA D 83 22.73 1.88 40.57
C ALA D 83 21.37 1.84 41.27
N TRP D 84 20.49 2.79 40.95
CA TRP D 84 19.15 2.80 41.56
C TRP D 84 18.38 1.57 41.08
N SER D 85 18.44 1.33 39.78
CA SER D 85 17.76 0.18 39.20
C SER D 85 18.30 -1.14 39.78
N LYS D 86 19.61 -1.23 39.98
CA LYS D 86 20.21 -2.44 40.54
C LYS D 86 19.80 -2.63 42.00
N THR D 87 19.61 -1.53 42.72
CA THR D 87 19.20 -1.61 44.12
C THR D 87 17.87 -2.38 44.19
N ILE D 88 16.92 -1.99 43.34
CA ILE D 88 15.62 -2.63 43.34
C ILE D 88 15.73 -4.08 42.87
N ASP D 89 16.55 -4.32 41.86
CA ASP D 89 16.73 -5.68 41.35
C ASP D 89 17.30 -6.60 42.44
N ILE D 90 18.28 -6.13 43.19
CA ILE D 90 18.87 -6.97 44.24
C ILE D 90 17.86 -7.24 45.35
N ILE D 91 17.09 -6.22 45.73
CA ILE D 91 16.06 -6.40 46.76
C ILE D 91 15.10 -7.49 46.29
N LYS D 92 14.70 -7.45 45.03
CA LYS D 92 13.80 -8.47 44.50
C LYS D 92 14.46 -9.84 44.49
N HIS D 93 15.76 -9.91 44.24
CA HIS D 93 16.43 -11.21 44.23
C HIS D 93 16.49 -11.80 45.64
N VAL D 94 16.78 -10.93 46.62
CA VAL D 94 16.83 -11.34 48.03
C VAL D 94 15.48 -11.99 48.42
N THR D 95 14.37 -11.35 48.04
CA THR D 95 13.06 -11.91 48.38
C THR D 95 12.71 -13.11 47.52
N LYS D 96 13.19 -13.13 46.28
CA LYS D 96 12.92 -14.28 45.41
C LYS D 96 13.50 -15.56 46.06
N ARG D 97 14.66 -15.42 46.70
CA ARG D 97 15.31 -16.56 47.35
C ARG D 97 14.80 -16.85 48.76
N GLY D 98 13.69 -16.21 49.14
CA GLY D 98 13.08 -16.49 50.43
C GLY D 98 13.59 -15.75 51.65
N ASP D 99 14.38 -14.71 51.43
CA ASP D 99 14.93 -13.94 52.53
C ASP D 99 14.18 -12.62 52.62
N LYS D 100 14.59 -11.74 53.50
CA LYS D 100 13.95 -10.44 53.58
C LYS D 100 15.04 -9.40 53.65
N MET D 101 14.79 -8.27 53.02
CA MET D 101 15.76 -7.19 52.97
C MET D 101 15.87 -6.46 54.30
N ASN D 102 17.10 -6.19 54.72
CA ASN D 102 17.37 -5.45 55.95
C ASN D 102 18.25 -4.29 55.50
N PHE D 103 17.74 -3.07 55.56
CA PHE D 103 18.52 -1.93 55.09
C PHE D 103 19.67 -1.48 55.97
N ASP D 104 19.87 -2.14 57.10
CA ASP D 104 20.97 -1.78 57.97
C ASP D 104 22.00 -2.91 58.03
N GLN D 105 21.95 -3.82 57.07
CA GLN D 105 22.89 -4.93 57.05
C GLN D 105 24.26 -4.46 56.58
N HIS D 106 25.30 -4.86 57.29
CA HIS D 106 26.64 -4.48 56.91
C HIS D 106 27.38 -5.63 56.26
N SER D 107 28.36 -5.30 55.44
CA SER D 107 29.18 -6.28 54.75
C SER D 107 30.32 -6.67 55.68
N THR D 108 30.86 -7.87 55.51
CA THR D 108 31.98 -8.31 56.33
C THR D 108 33.26 -7.93 55.60
N MET D 109 33.15 -7.68 54.29
CA MET D 109 34.32 -7.32 53.52
C MET D 109 34.93 -6.04 54.08
N LYS D 110 36.16 -6.17 54.55
CA LYS D 110 36.89 -5.05 55.13
C LYS D 110 37.17 -3.99 54.08
N THR D 111 36.38 -2.93 54.11
CA THR D 111 36.51 -1.82 53.18
C THR D 111 36.76 -0.53 53.92
N GLU D 112 37.84 0.16 53.55
CA GLU D 112 38.21 1.42 54.19
C GLU D 112 37.05 2.41 54.14
N ARG D 113 37.12 3.42 55.02
CA ARG D 113 36.08 4.44 55.09
C ARG D 113 36.55 5.74 54.45
N LYS D 114 35.92 6.10 53.33
CA LYS D 114 36.27 7.31 52.61
C LYS D 114 35.00 8.00 52.11
N ASN D 115 34.67 9.14 52.71
CA ASN D 115 33.49 9.89 52.32
C ASN D 115 33.53 10.26 50.85
N TYR D 116 32.37 10.25 50.21
CA TYR D 116 32.26 10.60 48.80
C TYR D 116 31.96 12.10 48.73
N THR D 117 32.81 12.88 48.08
CA THR D 117 32.55 14.31 47.95
C THR D 117 32.18 14.58 46.49
N ALA D 118 31.12 15.33 46.27
CA ALA D 118 30.65 15.62 44.92
C ALA D 118 31.36 16.80 44.25
N GLU D 119 31.91 17.73 45.03
CA GLU D 119 32.59 18.89 44.46
C GLU D 119 34.02 18.53 44.07
N ASN D 120 34.25 18.20 42.81
CA ASN D 120 35.58 17.80 42.35
C ASN D 120 35.87 18.37 40.98
N HIS D 121 37.15 18.48 40.63
CA HIS D 121 37.48 18.90 39.28
C HIS D 121 37.30 17.61 38.44
N GLU D 122 37.34 17.74 37.12
CA GLU D 122 37.08 16.60 36.24
C GLU D 122 37.90 15.33 36.46
N LEU D 123 39.22 15.46 36.57
CA LEU D 123 40.05 14.26 36.78
C LEU D 123 39.72 13.60 38.13
N GLU D 124 39.58 14.40 39.18
CA GLU D 124 39.23 13.85 40.49
C GLU D 124 37.91 13.09 40.46
N ALA D 125 36.92 13.67 39.79
CA ALA D 125 35.59 13.05 39.72
C ALA D 125 35.65 11.71 38.99
N LEU D 126 36.37 11.65 37.87
CA LEU D 126 36.48 10.39 37.13
C LEU D 126 37.27 9.35 37.95
N ALA D 127 38.30 9.81 38.67
CA ALA D 127 39.10 8.91 39.50
C ALA D 127 38.22 8.28 40.58
N LYS D 128 37.37 9.09 41.20
CA LYS D 128 36.49 8.58 42.24
C LYS D 128 35.46 7.64 41.64
N ALA D 129 34.94 7.97 40.45
CA ALA D 129 33.97 7.09 39.81
C ALA D 129 34.64 5.73 39.53
N LEU D 130 35.88 5.78 39.04
CA LEU D 130 36.62 4.56 38.74
C LEU D 130 36.79 3.74 40.02
N ASP D 131 37.24 4.37 41.11
CA ASP D 131 37.42 3.65 42.38
C ASP D 131 36.12 3.04 42.91
N THR D 132 35.03 3.79 42.85
CA THR D 132 33.77 3.24 43.36
C THR D 132 33.24 2.11 42.49
N GLN D 133 33.48 2.15 41.18
CA GLN D 133 33.04 1.06 40.32
C GLN D 133 33.90 -0.18 40.59
N LYS D 134 35.21 0.01 40.82
CA LYS D 134 36.08 -1.12 41.14
C LYS D 134 35.62 -1.74 42.47
N GLU D 135 35.19 -0.90 43.41
CA GLU D 135 34.71 -1.41 44.69
C GLU D 135 33.44 -2.24 44.48
N LEU D 136 32.52 -1.75 43.64
CA LEU D 136 31.30 -2.53 43.38
C LEU D 136 31.66 -3.86 42.72
N ALA D 137 32.64 -3.83 41.81
CA ALA D 137 33.07 -5.04 41.10
C ALA D 137 33.75 -6.03 42.04
N GLU D 138 34.62 -5.55 42.92
CA GLU D 138 35.30 -6.46 43.83
C GLU D 138 34.35 -7.00 44.89
N ARG D 139 33.31 -6.24 45.21
CA ARG D 139 32.33 -6.74 46.17
C ARG D 139 31.58 -7.90 45.50
N ALA D 140 31.29 -7.78 44.20
CA ALA D 140 30.63 -8.89 43.52
C ALA D 140 31.54 -10.12 43.52
N PHE D 141 32.84 -9.92 43.31
CA PHE D 141 33.79 -11.05 43.33
C PHE D 141 33.76 -11.72 44.71
N TYR D 142 33.69 -10.90 45.74
CA TYR D 142 33.67 -11.41 47.12
C TYR D 142 32.41 -12.25 47.40
N ILE D 143 31.24 -11.74 47.02
CA ILE D 143 30.01 -12.50 47.25
C ILE D 143 30.02 -13.80 46.43
N HIS D 144 30.54 -13.72 45.22
CA HIS D 144 30.62 -14.88 44.34
C HIS D 144 31.51 -15.95 45.00
N ARG D 145 32.64 -15.54 45.55
CA ARG D 145 33.55 -16.47 46.22
C ARG D 145 32.89 -17.06 47.49
N GLU D 146 32.15 -16.23 48.20
CA GLU D 146 31.45 -16.69 49.40
C GLU D 146 30.39 -17.73 49.02
N ALA D 147 29.77 -17.57 47.85
CA ALA D 147 28.74 -18.50 47.42
C ALA D 147 29.23 -19.83 46.88
N THR D 148 30.46 -19.88 46.38
CA THR D 148 30.91 -21.09 45.72
C THR D 148 32.27 -21.61 46.11
N ARG D 149 32.88 -21.03 47.13
CA ARG D 149 34.22 -21.47 47.44
C ARG D 149 34.67 -21.35 48.89
N ASN D 150 34.26 -20.29 49.58
CA ASN D 150 34.74 -20.08 50.93
C ASN D 150 34.22 -20.95 52.05
N SER D 151 33.00 -21.43 51.93
CA SER D 151 32.42 -22.24 52.99
C SER D 151 32.11 -23.65 52.50
N GLN D 152 32.67 -24.62 53.21
CA GLN D 152 32.48 -26.02 52.88
C GLN D 152 31.02 -26.44 52.77
N HIS D 153 30.17 -25.86 53.60
CA HIS D 153 28.75 -26.26 53.59
C HIS D 153 27.83 -25.39 52.76
N LEU D 154 28.39 -24.42 52.06
CA LEU D 154 27.56 -23.56 51.24
C LEU D 154 28.01 -23.60 49.79
N HIS D 155 27.09 -23.95 48.89
CA HIS D 155 27.38 -23.94 47.46
C HIS D 155 26.10 -23.41 46.83
N ASP D 156 26.12 -22.15 46.38
CA ASP D 156 24.94 -21.57 45.76
C ASP D 156 25.25 -21.01 44.38
N PRO D 157 25.17 -21.85 43.36
CA PRO D 157 25.45 -21.40 42.00
C PRO D 157 24.37 -20.50 41.42
N GLU D 158 23.21 -20.42 42.08
CA GLU D 158 22.15 -19.53 41.59
C GLU D 158 22.63 -18.10 41.84
N ILE D 159 23.14 -17.84 43.04
CA ILE D 159 23.67 -16.51 43.34
C ILE D 159 24.89 -16.23 42.45
N ALA D 160 25.74 -17.24 42.27
CA ALA D 160 26.92 -17.04 41.41
C ALA D 160 26.55 -16.65 39.98
N GLN D 161 25.60 -17.38 39.38
CA GLN D 161 25.18 -17.09 38.00
C GLN D 161 24.48 -15.73 37.93
N TYR D 162 23.69 -15.40 38.95
CA TYR D 162 23.01 -14.09 38.99
C TYR D 162 24.07 -12.98 38.97
N LEU D 163 25.11 -13.10 39.80
CA LEU D 163 26.16 -12.08 39.83
C LEU D 163 26.92 -12.04 38.49
N GLU D 164 27.22 -13.21 37.94
CA GLU D 164 27.94 -13.29 36.68
C GLU D 164 27.20 -12.58 35.56
N GLU D 165 25.91 -12.87 35.45
CA GLU D 165 25.07 -12.31 34.39
C GLU D 165 24.66 -10.85 34.55
N GLU D 166 24.26 -10.48 35.76
CA GLU D 166 23.74 -9.13 35.98
C GLU D 166 24.72 -8.08 36.46
N PHE D 167 25.89 -8.49 36.94
CA PHE D 167 26.84 -7.52 37.45
C PHE D 167 28.25 -7.61 36.87
N ILE D 168 28.83 -8.79 37.04
CA ILE D 168 30.20 -9.04 36.64
C ILE D 168 30.59 -8.74 35.20
N GLU D 169 29.79 -9.18 34.23
CA GLU D 169 30.14 -8.92 32.83
C GLU D 169 30.22 -7.43 32.54
N ASP D 170 29.22 -6.68 32.96
CA ASP D 170 29.21 -5.24 32.70
C ASP D 170 30.20 -4.41 33.49
N HIS D 171 30.59 -4.87 34.67
CA HIS D 171 31.57 -4.11 35.46
C HIS D 171 32.87 -3.93 34.69
N ALA D 172 33.32 -4.97 33.99
CA ALA D 172 34.58 -4.87 33.25
C ALA D 172 34.53 -3.77 32.20
N GLU D 173 33.40 -3.66 31.50
CA GLU D 173 33.25 -2.62 30.48
C GLU D 173 33.26 -1.22 31.09
N LYS D 174 32.51 -1.03 32.18
CA LYS D 174 32.45 0.28 32.82
C LYS D 174 33.79 0.72 33.36
N ILE D 175 34.50 -0.21 34.00
CA ILE D 175 35.80 0.10 34.58
C ILE D 175 36.81 0.44 33.48
N ARG D 176 36.78 -0.33 32.39
CA ARG D 176 37.71 -0.05 31.29
C ARG D 176 37.40 1.33 30.69
N THR D 177 36.12 1.65 30.56
CA THR D 177 35.74 2.95 30.00
C THR D 177 36.22 4.11 30.88
N LEU D 178 35.97 4.00 32.19
CA LEU D 178 36.40 5.04 33.12
C LEU D 178 37.91 5.15 33.20
N ALA D 179 38.61 4.01 33.17
CA ALA D 179 40.07 4.04 33.21
C ALA D 179 40.58 4.77 31.98
N GLY D 180 39.96 4.52 30.83
CA GLY D 180 40.36 5.20 29.60
C GLY D 180 40.16 6.71 29.73
N HIS D 181 39.04 7.12 30.33
CA HIS D 181 38.79 8.56 30.50
C HIS D 181 39.88 9.20 31.36
N THR D 182 40.30 8.53 32.43
CA THR D 182 41.35 9.13 33.26
C THR D 182 42.66 9.22 32.49
N SER D 183 42.94 8.24 31.62
CA SER D 183 44.18 8.31 30.83
C SER D 183 44.12 9.50 29.87
N ASP D 184 42.97 9.73 29.26
CA ASP D 184 42.84 10.85 28.35
C ASP D 184 43.08 12.17 29.08
N LEU D 185 42.46 12.34 30.26
CA LEU D 185 42.63 13.59 31.01
C LEU D 185 44.07 13.75 31.48
N LYS D 186 44.69 12.65 31.91
CA LYS D 186 46.08 12.70 32.34
C LYS D 186 46.95 13.26 31.21
N LYS D 187 46.71 12.82 29.98
CA LYS D 187 47.50 13.30 28.85
C LYS D 187 47.25 14.78 28.56
N PHE D 188 45.99 15.21 28.68
CA PHE D 188 45.66 16.63 28.43
C PHE D 188 46.40 17.50 29.45
N ILE D 189 46.54 16.98 30.66
CA ILE D 189 47.20 17.72 31.73
C ILE D 189 48.72 17.75 31.58
N THR D 190 49.30 16.66 31.13
CA THR D 190 50.75 16.59 31.04
C THR D 190 51.42 16.96 29.71
N ALA D 191 50.79 16.64 28.59
CA ALA D 191 51.43 16.95 27.30
C ALA D 191 51.54 18.44 27.05
N ASN D 192 52.64 18.84 26.41
CA ASN D 192 52.88 20.25 26.07
C ASN D 192 52.60 21.16 27.26
N ASN D 193 53.12 20.76 28.41
CA ASN D 193 52.97 21.53 29.65
C ASN D 193 51.53 21.82 30.03
N GLY D 194 50.60 20.98 29.57
CA GLY D 194 49.20 21.20 29.92
C GLY D 194 48.57 22.42 29.28
N HIS D 195 49.22 22.97 28.25
CA HIS D 195 48.71 24.16 27.59
C HIS D 195 47.33 24.07 26.95
N ASP D 196 46.93 22.88 26.50
CA ASP D 196 45.64 22.73 25.86
C ASP D 196 44.53 22.32 26.83
N LEU D 197 44.84 22.26 28.13
CA LEU D 197 43.86 21.76 29.09
C LEU D 197 42.44 22.32 29.01
N SER D 198 42.26 23.64 29.01
CA SER D 198 40.89 24.15 29.00
C SER D 198 40.13 23.77 27.73
N LEU D 199 40.79 23.85 26.58
CA LEU D 199 40.11 23.48 25.33
C LEU D 199 39.85 21.97 25.32
N ALA D 200 40.80 21.20 25.85
CA ALA D 200 40.64 19.75 25.87
C ALA D 200 39.47 19.31 26.76
N LEU D 201 39.30 19.96 27.92
CA LEU D 201 38.18 19.60 28.80
C LEU D 201 36.85 19.88 28.12
N TYR D 202 36.80 20.98 27.37
CA TYR D 202 35.58 21.33 26.65
C TYR D 202 35.31 20.27 25.56
N VAL D 203 36.33 19.95 24.78
CA VAL D 203 36.18 18.95 23.72
C VAL D 203 35.83 17.57 24.32
N PHE D 204 36.48 17.22 25.43
CA PHE D 204 36.21 15.94 26.07
C PHE D 204 34.76 15.88 26.58
N ASP D 205 34.29 16.98 27.18
CA ASP D 205 32.90 16.99 27.65
C ASP D 205 31.92 16.82 26.50
N GLU D 206 32.21 17.45 25.35
CA GLU D 206 31.34 17.31 24.18
C GLU D 206 31.35 15.85 23.71
N TYR D 207 32.52 15.23 23.79
CA TYR D 207 32.67 13.82 23.40
C TYR D 207 31.80 12.94 24.33
N LEU D 208 31.81 13.22 25.64
CA LEU D 208 30.99 12.45 26.56
C LEU D 208 29.50 12.60 26.24
N GLN D 209 29.09 13.81 25.85
CA GLN D 209 27.69 14.02 25.51
C GLN D 209 27.25 13.11 24.37
N LYS D 210 28.16 12.81 23.46
CA LYS D 210 27.84 11.97 22.31
C LYS D 210 27.99 10.48 22.57
N THR D 211 28.80 10.11 23.55
CA THR D 211 29.04 8.69 23.76
C THR D 211 28.53 8.04 25.03
N VAL D 212 28.23 8.82 26.06
CA VAL D 212 27.72 8.20 27.27
C VAL D 212 26.38 7.52 26.98
N ALA E 1 -61.23 30.62 8.06
CA ALA E 1 -59.94 29.90 8.25
C ALA E 1 -58.75 30.83 8.06
N ASP E 2 -58.10 31.19 9.16
CA ASP E 2 -56.94 32.08 9.09
C ASP E 2 -55.72 31.29 8.63
N THR E 3 -54.99 31.86 7.68
CA THR E 3 -53.79 31.21 7.18
C THR E 3 -52.68 32.25 7.15
N CYS E 4 -51.44 31.80 7.05
CA CYS E 4 -50.33 32.71 7.00
C CYS E 4 -50.42 33.51 5.68
N TYR E 5 -50.79 32.84 4.60
CA TYR E 5 -50.91 33.50 3.30
C TYR E 5 -51.94 34.64 3.36
N ASN E 6 -53.09 34.38 3.97
CA ASN E 6 -54.10 35.43 4.08
C ASN E 6 -53.62 36.58 4.96
N ASP E 7 -52.87 36.28 6.02
CA ASP E 7 -52.34 37.36 6.87
C ASP E 7 -51.40 38.24 6.05
N VAL E 8 -50.59 37.60 5.20
CA VAL E 8 -49.66 38.37 4.37
C VAL E 8 -50.42 39.26 3.38
N ALA E 9 -51.44 38.71 2.73
CA ALA E 9 -52.23 39.46 1.76
C ALA E 9 -52.84 40.69 2.43
N LEU E 10 -53.38 40.52 3.63
CA LEU E 10 -53.98 41.63 4.36
C LEU E 10 -52.95 42.67 4.81
N ASP E 11 -51.92 42.23 5.53
CA ASP E 11 -50.90 43.15 6.03
C ASP E 11 -50.00 43.79 4.99
N CYS E 12 -49.81 43.13 3.85
CA CYS E 12 -48.95 43.71 2.82
C CYS E 12 -49.74 44.63 1.89
N GLY E 13 -50.95 44.99 2.32
CA GLY E 13 -51.76 45.89 1.53
C GLY E 13 -51.38 47.33 1.85
N ILE E 14 -51.46 48.21 0.86
CA ILE E 14 -51.11 49.62 1.05
C ILE E 14 -51.89 50.25 2.21
N THR E 15 -53.02 49.64 2.54
CA THR E 15 -53.87 50.11 3.62
C THR E 15 -53.23 49.89 4.99
N SER E 16 -52.47 48.79 5.11
CA SER E 16 -51.82 48.44 6.37
C SER E 16 -50.56 49.25 6.67
N ASN E 17 -50.20 49.28 7.96
CA ASN E 17 -49.03 50.01 8.42
C ASN E 17 -48.30 49.14 9.44
N SER E 18 -48.56 47.84 9.39
CA SER E 18 -47.93 46.89 10.28
C SER E 18 -47.81 45.53 9.58
N LEU E 19 -47.17 44.58 10.23
CA LEU E 19 -47.01 43.25 9.67
C LEU E 19 -47.00 42.24 10.81
N ALA E 20 -48.15 42.05 11.43
CA ALA E 20 -48.27 41.14 12.57
C ALA E 20 -48.07 39.66 12.21
N LEU E 21 -48.75 39.22 11.16
CA LEU E 21 -48.65 37.83 10.69
C LEU E 21 -48.79 36.79 11.81
N PRO E 22 -49.88 36.86 12.58
CA PRO E 22 -50.08 35.92 13.68
C PRO E 22 -50.11 34.43 13.27
N ARG E 23 -50.56 34.13 12.06
CA ARG E 23 -50.61 32.74 11.62
C ARG E 23 -49.32 32.24 10.98
N CYS E 24 -48.33 33.10 10.86
CA CYS E 24 -47.06 32.68 10.25
C CYS E 24 -46.13 32.25 11.39
N ASN E 25 -46.41 31.08 11.93
CA ASN E 25 -45.59 30.53 13.00
C ASN E 25 -45.59 29.03 12.74
N ALA E 26 -44.96 28.26 13.61
CA ALA E 26 -44.88 26.81 13.38
C ALA E 26 -46.00 26.01 14.05
N VAL E 27 -47.04 26.68 14.51
CA VAL E 27 -48.14 25.98 15.18
C VAL E 27 -49.09 25.31 14.18
N TYR E 28 -49.35 24.02 14.39
CA TYR E 28 -50.32 23.31 13.54
C TYR E 28 -50.98 22.24 14.39
N GLY E 29 -52.08 21.68 13.91
CA GLY E 29 -52.81 20.68 14.69
C GLY E 29 -53.31 21.34 15.98
N GLU E 30 -53.47 22.66 15.97
CA GLU E 30 -53.89 23.37 17.20
C GLU E 30 -53.03 23.06 18.44
N TYR E 31 -51.74 22.84 18.20
CA TYR E 31 -50.80 22.55 19.29
C TYR E 31 -50.86 23.68 20.30
N GLY E 32 -51.07 23.34 21.56
CA GLY E 32 -51.12 24.38 22.59
C GLY E 32 -52.51 25.00 22.80
N SER E 33 -53.44 24.79 21.88
CA SER E 33 -54.79 25.35 21.99
C SER E 33 -55.78 24.51 22.80
N HIS E 34 -55.71 23.20 22.63
CA HIS E 34 -56.60 22.31 23.37
C HIS E 34 -55.74 21.38 24.22
N GLY E 35 -56.27 20.96 25.36
CA GLY E 35 -55.53 20.04 26.21
C GLY E 35 -54.32 20.59 26.91
N ASN E 36 -53.58 19.69 27.56
CA ASN E 36 -52.41 20.06 28.33
C ASN E 36 -51.11 19.55 27.74
N VAL E 37 -51.13 19.05 26.52
CA VAL E 37 -49.89 18.49 25.98
C VAL E 37 -48.75 19.49 25.90
N ALA E 38 -49.02 20.71 25.43
CA ALA E 38 -47.94 21.69 25.31
C ALA E 38 -47.33 22.07 26.65
N THR E 39 -48.16 22.31 27.66
CA THR E 39 -47.60 22.67 28.96
C THR E 39 -46.94 21.47 29.63
N GLU E 40 -47.50 20.27 29.42
CA GLU E 40 -46.88 19.08 30.01
C GLU E 40 -45.48 18.83 29.43
N LEU E 41 -45.31 19.10 28.14
CA LEU E 41 -44.00 18.90 27.53
C LEU E 41 -42.99 19.87 28.17
N GLN E 42 -43.42 21.11 28.42
CA GLN E 42 -42.53 22.06 29.06
C GLN E 42 -42.17 21.58 30.46
N ALA E 43 -43.16 21.09 31.21
CA ALA E 43 -42.89 20.60 32.56
C ALA E 43 -42.00 19.35 32.53
N TYR E 44 -42.02 18.62 31.42
CA TYR E 44 -41.19 17.41 31.28
C TYR E 44 -39.72 17.82 31.12
N ALA E 45 -39.46 18.94 30.44
CA ALA E 45 -38.09 19.41 30.29
C ALA E 45 -37.60 19.81 31.70
N LYS E 46 -38.49 20.44 32.46
CA LYS E 46 -38.16 20.88 33.80
C LYS E 46 -37.85 19.69 34.72
N LEU E 47 -38.61 18.60 34.58
CA LEU E 47 -38.35 17.42 35.41
C LEU E 47 -36.98 16.83 35.06
N HIS E 48 -36.65 16.76 33.76
CA HIS E 48 -35.34 16.22 33.39
C HIS E 48 -34.23 17.13 33.91
N LEU E 49 -34.44 18.43 33.87
CA LEU E 49 -33.43 19.37 34.33
C LEU E 49 -33.15 19.15 35.82
N GLU E 50 -34.21 19.07 36.61
CA GLU E 50 -34.07 18.86 38.05
C GLU E 50 -33.40 17.52 38.32
N ARG E 51 -33.84 16.46 37.64
CA ARG E 51 -33.23 15.16 37.87
C ARG E 51 -31.77 15.12 37.42
N SER E 52 -31.41 15.86 36.36
CA SER E 52 -30.01 15.82 35.92
C SER E 52 -29.11 16.28 37.07
N TYR E 53 -29.52 17.33 37.77
CA TYR E 53 -28.71 17.81 38.89
C TYR E 53 -28.81 16.90 40.12
N ASP E 54 -29.95 16.24 40.34
CA ASP E 54 -30.04 15.29 41.46
C ASP E 54 -29.04 14.14 41.21
N TYR E 55 -29.03 13.62 39.99
CA TYR E 55 -28.12 12.52 39.64
C TYR E 55 -26.67 12.98 39.74
N LEU E 56 -26.41 14.23 39.38
CA LEU E 56 -25.05 14.76 39.46
C LEU E 56 -24.57 14.74 40.91
N LEU E 57 -25.45 15.11 41.84
CA LEU E 57 -25.08 15.11 43.25
C LEU E 57 -24.84 13.69 43.76
N SER E 58 -25.62 12.72 43.28
CA SER E 58 -25.38 11.33 43.67
C SER E 58 -24.03 10.87 43.12
N ALA E 59 -23.71 11.27 41.88
CA ALA E 59 -22.43 10.89 41.29
C ALA E 59 -21.29 11.45 42.15
N ALA E 60 -21.45 12.69 42.62
CA ALA E 60 -20.44 13.33 43.45
C ALA E 60 -20.31 12.59 44.78
N TYR E 61 -21.44 12.30 45.42
CA TYR E 61 -21.40 11.59 46.70
C TYR E 61 -20.66 10.26 46.61
N PHE E 62 -20.90 9.48 45.56
CA PHE E 62 -20.22 8.20 45.43
C PHE E 62 -18.76 8.33 45.02
N ASN E 63 -18.32 9.55 44.75
CA ASN E 63 -16.92 9.78 44.41
C ASN E 63 -16.18 10.45 45.58
N ASN E 64 -16.77 10.50 46.77
CA ASN E 64 -16.03 11.06 47.91
C ASN E 64 -15.05 9.97 48.38
N TYR E 65 -14.03 10.32 49.16
CA TYR E 65 -13.01 9.32 49.51
C TYR E 65 -13.47 8.17 50.41
N GLN E 66 -14.54 8.37 51.16
CA GLN E 66 -15.05 7.31 52.04
C GLN E 66 -15.89 6.29 51.29
N THR E 67 -16.77 6.77 50.41
CA THR E 67 -17.61 5.85 49.63
C THR E 67 -16.76 5.26 48.52
N ASN E 68 -16.13 6.14 47.75
CA ASN E 68 -15.22 5.76 46.70
C ASN E 68 -15.72 4.59 45.84
N ARG E 69 -16.92 4.73 45.28
CA ARG E 69 -17.51 3.70 44.41
C ARG E 69 -17.52 4.26 43.00
N ALA E 70 -16.43 4.06 42.26
CA ALA E 70 -16.34 4.58 40.90
C ALA E 70 -17.43 4.06 39.96
N GLY E 71 -17.88 2.83 40.18
CA GLY E 71 -18.93 2.25 39.35
C GLY E 71 -20.27 2.92 39.61
N PHE E 72 -20.62 3.10 40.88
CA PHE E 72 -21.88 3.76 41.21
C PHE E 72 -21.83 5.21 40.73
N SER E 73 -20.68 5.85 40.90
CA SER E 73 -20.53 7.23 40.48
C SER E 73 -20.73 7.36 38.96
N LYS E 74 -20.14 6.43 38.21
CA LYS E 74 -20.26 6.43 36.75
C LYS E 74 -21.72 6.21 36.32
N LEU E 75 -22.43 5.35 37.04
CA LEU E 75 -23.84 5.08 36.73
C LEU E 75 -24.64 6.37 36.85
N PHE E 76 -24.45 7.10 37.96
CA PHE E 76 -25.19 8.34 38.15
C PHE E 76 -24.75 9.46 37.23
N LYS E 77 -23.47 9.49 36.88
CA LYS E 77 -22.98 10.52 35.99
C LYS E 77 -23.62 10.33 34.60
N LYS E 78 -23.78 9.08 34.20
CA LYS E 78 -24.39 8.79 32.90
C LYS E 78 -25.88 9.21 32.93
N LEU E 79 -26.58 8.89 34.02
CA LEU E 79 -27.98 9.30 34.15
C LEU E 79 -28.10 10.83 34.12
N SER E 80 -27.15 11.51 34.78
CA SER E 80 -27.15 12.98 34.80
C SER E 80 -26.93 13.55 33.40
N ASP E 81 -25.90 13.05 32.71
CA ASP E 81 -25.59 13.55 31.36
C ASP E 81 -26.76 13.30 30.41
N GLU E 82 -27.39 12.14 30.51
CA GLU E 82 -28.53 11.85 29.63
C GLU E 82 -29.71 12.77 29.91
N ALA E 83 -29.99 13.02 31.19
CA ALA E 83 -31.11 13.88 31.54
C ALA E 83 -30.82 15.34 31.12
N TRP E 84 -29.56 15.76 31.19
CA TRP E 84 -29.20 17.12 30.77
C TRP E 84 -29.41 17.24 29.26
N SER E 85 -28.94 16.25 28.53
CA SER E 85 -29.10 16.24 27.08
C SER E 85 -30.59 16.23 26.69
N LYS E 86 -31.40 15.47 27.41
CA LYS E 86 -32.84 15.41 27.11
C LYS E 86 -33.52 16.74 27.41
N THR E 87 -33.04 17.44 28.43
CA THR E 87 -33.62 18.73 28.79
C THR E 87 -33.51 19.65 27.57
N ILE E 88 -32.34 19.72 26.97
CA ILE E 88 -32.13 20.59 25.82
C ILE E 88 -32.95 20.11 24.62
N ASP E 89 -33.00 18.79 24.42
CA ASP E 89 -33.77 18.24 23.31
C ASP E 89 -35.27 18.58 23.44
N ILE E 90 -35.82 18.48 24.64
CA ILE E 90 -37.24 18.80 24.82
C ILE E 90 -37.49 20.29 24.60
N ILE E 91 -36.60 21.13 25.10
CA ILE E 91 -36.74 22.57 24.89
C ILE E 91 -36.78 22.85 23.39
N LYS E 92 -35.90 22.20 22.64
CA LYS E 92 -35.87 22.40 21.19
C LYS E 92 -37.15 21.88 20.54
N HIS E 93 -37.72 20.80 21.07
CA HIS E 93 -38.96 20.27 20.48
C HIS E 93 -40.13 21.22 20.73
N VAL E 94 -40.18 21.77 21.95
CA VAL E 94 -41.22 22.74 22.33
C VAL E 94 -41.20 23.92 21.33
N THR E 95 -40.01 24.43 21.03
CA THR E 95 -39.92 25.56 20.09
C THR E 95 -40.12 25.12 18.65
N LYS E 96 -39.74 23.89 18.33
CA LYS E 96 -39.95 23.39 16.97
C LYS E 96 -41.45 23.40 16.65
N ARG E 97 -42.28 23.07 17.65
CA ARG E 97 -43.73 23.04 17.46
C ARG E 97 -44.41 24.41 17.63
N GLY E 98 -43.61 25.47 17.67
CA GLY E 98 -44.18 26.81 17.75
C GLY E 98 -44.55 27.37 19.09
N ASP E 99 -44.10 26.72 20.15
CA ASP E 99 -44.43 27.17 21.50
C ASP E 99 -43.17 27.82 22.09
N LYS E 100 -43.22 28.22 23.35
CA LYS E 100 -42.04 28.78 23.98
C LYS E 100 -41.90 28.13 25.33
N MET E 101 -40.66 27.90 25.73
CA MET E 101 -40.37 27.24 26.98
C MET E 101 -40.61 28.16 28.18
N ASN E 102 -41.26 27.63 29.21
CA ASN E 102 -41.52 28.38 30.43
C ASN E 102 -40.92 27.50 31.53
N PHE E 103 -39.84 27.94 32.17
CA PHE E 103 -39.20 27.12 33.19
C PHE E 103 -39.92 26.98 34.51
N ASP E 104 -41.06 27.65 34.65
CA ASP E 104 -41.82 27.53 35.89
C ASP E 104 -43.14 26.81 35.66
N GLN E 105 -43.24 26.10 34.53
CA GLN E 105 -44.47 25.39 34.22
C GLN E 105 -44.59 24.12 35.06
N HIS E 106 -45.76 23.91 35.65
CA HIS E 106 -45.97 22.73 36.45
C HIS E 106 -46.79 21.70 35.72
N SER E 107 -46.62 20.44 36.10
CA SER E 107 -47.35 19.33 35.51
C SER E 107 -48.68 19.20 36.26
N THR E 108 -49.69 18.65 35.59
CA THR E 108 -50.98 18.45 36.25
C THR E 108 -50.97 17.06 36.87
N MET E 109 -50.06 16.21 36.40
CA MET E 109 -50.00 14.86 36.92
C MET E 109 -49.70 14.90 38.41
N LYS E 110 -50.65 14.39 39.19
CA LYS E 110 -50.55 14.35 40.63
C LYS E 110 -49.41 13.44 41.07
N THR E 111 -48.29 14.07 41.42
CA THR E 111 -47.10 13.35 41.86
C THR E 111 -46.72 13.79 43.27
N GLU E 112 -46.59 12.80 44.17
CA GLU E 112 -46.22 13.07 45.55
C GLU E 112 -44.94 13.89 45.64
N ARG E 113 -44.72 14.52 46.79
CA ARG E 113 -43.54 15.34 47.01
C ARG E 113 -42.54 14.61 47.90
N LYS E 114 -41.39 14.25 47.31
CA LYS E 114 -40.35 13.54 48.04
C LYS E 114 -38.98 14.09 47.64
N ASN E 115 -38.34 14.80 48.57
CA ASN E 115 -37.02 15.38 48.31
C ASN E 115 -36.02 14.30 47.93
N TYR E 116 -35.11 14.63 47.01
CA TYR E 116 -34.09 13.70 46.57
C TYR E 116 -32.86 13.93 47.45
N THR E 117 -32.40 12.91 48.16
CA THR E 117 -31.21 13.06 48.99
C THR E 117 -30.10 12.27 48.33
N ALA E 118 -28.92 12.88 48.22
CA ALA E 118 -27.79 12.23 47.57
C ALA E 118 -26.98 11.31 48.48
N GLU E 119 -27.01 11.56 49.79
CA GLU E 119 -26.24 10.72 50.73
C GLU E 119 -27.02 9.44 51.04
N ASN E 120 -26.69 8.36 50.36
CA ASN E 120 -27.40 7.09 50.56
C ASN E 120 -26.43 5.93 50.51
N HIS E 121 -26.82 4.80 51.09
CA HIS E 121 -26.00 3.61 50.96
C HIS E 121 -26.35 3.07 49.56
N GLU E 122 -25.61 2.10 49.06
CA GLU E 122 -25.80 1.58 47.72
C GLU E 122 -27.21 1.11 47.34
N LEU E 123 -27.83 0.28 48.17
CA LEU E 123 -29.18 -0.18 47.85
C LEU E 123 -30.17 0.99 47.81
N GLU E 124 -30.10 1.88 48.78
CA GLU E 124 -30.99 3.05 48.81
C GLU E 124 -30.84 3.89 47.55
N ALA E 125 -29.60 4.12 47.14
CA ALA E 125 -29.34 4.95 45.96
C ALA E 125 -29.91 4.33 44.69
N LEU E 126 -29.74 3.02 44.52
CA LEU E 126 -30.28 2.35 43.34
C LEU E 126 -31.81 2.34 43.38
N ALA E 127 -32.38 2.18 44.58
CA ALA E 127 -33.83 2.19 44.72
C ALA E 127 -34.40 3.54 44.31
N LYS E 128 -33.74 4.61 44.73
CA LYS E 128 -34.19 5.95 44.37
C LYS E 128 -34.02 6.18 42.88
N ALA E 129 -32.92 5.69 42.31
CA ALA E 129 -32.71 5.86 40.86
C ALA E 129 -33.83 5.12 40.12
N LEU E 130 -34.16 3.92 40.58
CA LEU E 130 -35.22 3.13 39.95
C LEU E 130 -36.54 3.91 40.03
N ASP E 131 -36.90 4.41 41.21
CA ASP E 131 -38.14 5.18 41.37
C ASP E 131 -38.19 6.42 40.49
N THR E 132 -37.10 7.18 40.43
CA THR E 132 -37.12 8.38 39.60
C THR E 132 -37.19 8.06 38.12
N GLN E 133 -36.60 6.94 37.68
CA GLN E 133 -36.69 6.58 36.27
C GLN E 133 -38.13 6.12 35.97
N LYS E 134 -38.75 5.39 36.88
CA LYS E 134 -40.15 4.98 36.67
C LYS E 134 -41.04 6.23 36.59
N GLU E 135 -40.73 7.24 37.40
CA GLU E 135 -41.52 8.48 37.36
C GLU E 135 -41.34 9.16 36.00
N LEU E 136 -40.12 9.21 35.48
CA LEU E 136 -39.90 9.82 34.16
C LEU E 136 -40.67 9.03 33.10
N ALA E 137 -40.66 7.70 33.23
CA ALA E 137 -41.34 6.84 32.26
C ALA E 137 -42.85 7.01 32.32
N GLU E 138 -43.42 7.05 33.53
CA GLU E 138 -44.86 7.21 33.66
C GLU E 138 -45.31 8.60 33.24
N ARG E 139 -44.43 9.58 33.39
CA ARG E 139 -44.78 10.93 32.96
C ARG E 139 -44.87 10.90 31.42
N ALA E 140 -43.96 10.17 30.76
CA ALA E 140 -44.05 10.09 29.30
C ALA E 140 -45.36 9.40 28.90
N PHE E 141 -45.77 8.37 29.63
CA PHE E 141 -47.02 7.66 29.33
C PHE E 141 -48.20 8.65 29.45
N TYR E 142 -48.14 9.48 30.48
CA TYR E 142 -49.19 10.48 30.73
C TYR E 142 -49.30 11.51 29.59
N ILE E 143 -48.16 12.06 29.17
CA ILE E 143 -48.18 13.04 28.08
C ILE E 143 -48.67 12.39 26.79
N HIS E 144 -48.23 11.14 26.57
CA HIS E 144 -48.63 10.40 25.37
C HIS E 144 -50.16 10.22 25.36
N ARG E 145 -50.72 9.86 26.51
CA ARG E 145 -52.17 9.67 26.62
C ARG E 145 -52.92 11.01 26.43
N GLU E 146 -52.33 12.08 26.96
CA GLU E 146 -52.93 13.40 26.81
C GLU E 146 -52.93 13.82 25.32
N ALA E 147 -51.91 13.40 24.58
CA ALA E 147 -51.80 13.75 23.18
C ALA E 147 -52.69 12.95 22.23
N THR E 148 -53.08 11.75 22.61
CA THR E 148 -53.80 10.91 21.68
C THR E 148 -55.04 10.23 22.21
N ARG E 149 -55.48 10.58 23.40
CA ARG E 149 -56.61 9.86 23.94
C ARG E 149 -57.50 10.59 24.93
N ASN E 150 -56.92 11.43 25.77
CA ASN E 150 -57.72 12.09 26.81
C ASN E 150 -58.65 13.21 26.41
N SER E 151 -58.31 13.94 25.36
CA SER E 151 -59.14 15.08 24.95
C SER E 151 -59.70 14.87 23.56
N GLN E 152 -61.03 14.95 23.47
CA GLN E 152 -61.73 14.77 22.22
C GLN E 152 -61.24 15.68 21.10
N HIS E 153 -60.83 16.90 21.44
CA HIS E 153 -60.40 17.84 20.41
C HIS E 153 -58.91 17.92 20.17
N LEU E 154 -58.16 17.07 20.84
CA LEU E 154 -56.71 17.09 20.66
C LEU E 154 -56.21 15.73 20.20
N HIS E 155 -55.53 15.70 19.05
CA HIS E 155 -54.93 14.47 18.57
C HIS E 155 -53.59 14.90 17.99
N ASP E 156 -52.50 14.62 18.70
CA ASP E 156 -51.18 15.03 18.21
C ASP E 156 -50.23 13.84 18.16
N PRO E 157 -50.24 13.12 17.04
CA PRO E 157 -49.36 11.96 16.90
C PRO E 157 -47.90 12.32 16.72
N GLU E 158 -47.61 13.60 16.46
CA GLU E 158 -46.21 14.02 16.32
C GLU E 158 -45.58 13.94 17.71
N ILE E 159 -46.28 14.47 18.71
CA ILE E 159 -45.78 14.39 20.09
C ILE E 159 -45.73 12.92 20.52
N ALA E 160 -46.75 12.15 20.16
CA ALA E 160 -46.78 10.73 20.54
C ALA E 160 -45.57 9.97 19.97
N GLN E 161 -45.28 10.15 18.68
CA GLN E 161 -44.16 9.44 18.05
C GLN E 161 -42.83 9.95 18.62
N TYR E 162 -42.73 11.25 18.90
CA TYR E 162 -41.51 11.80 19.50
C TYR E 162 -41.25 11.11 20.86
N LEU E 163 -42.28 11.00 21.69
CA LEU E 163 -42.13 10.34 22.98
C LEU E 163 -41.78 8.86 22.80
N GLU E 164 -42.46 8.19 21.87
CA GLU E 164 -42.21 6.77 21.62
C GLU E 164 -40.76 6.51 21.23
N GLU E 165 -40.27 7.32 20.29
CA GLU E 165 -38.92 7.14 19.77
C GLU E 165 -37.78 7.61 20.69
N GLU E 166 -37.94 8.78 21.28
CA GLU E 166 -36.87 9.35 22.09
C GLU E 166 -36.88 9.07 23.57
N PHE E 167 -38.00 8.61 24.11
CA PHE E 167 -38.06 8.36 25.54
C PHE E 167 -38.53 6.98 25.95
N ILE E 168 -39.72 6.63 25.48
CA ILE E 168 -40.38 5.39 25.86
C ILE E 168 -39.61 4.09 25.61
N GLU E 169 -39.01 3.92 24.45
CA GLU E 169 -38.27 2.69 24.18
C GLU E 169 -37.13 2.49 25.16
N ASP E 170 -36.33 3.52 25.36
CA ASP E 170 -35.19 3.41 26.26
C ASP E 170 -35.52 3.34 27.74
N HIS E 171 -36.65 3.90 28.16
CA HIS E 171 -37.02 3.83 29.57
C HIS E 171 -37.14 2.38 30.04
N ALA E 172 -37.72 1.51 29.21
CA ALA E 172 -37.90 0.12 29.61
C ALA E 172 -36.56 -0.55 29.90
N GLU E 173 -35.56 -0.27 29.07
CA GLU E 173 -34.23 -0.86 29.27
C GLU E 173 -33.58 -0.36 30.55
N LYS E 174 -33.65 0.94 30.79
CA LYS E 174 -33.04 1.51 31.99
C LYS E 174 -33.69 1.01 33.27
N ILE E 175 -35.02 0.93 33.25
CA ILE E 175 -35.75 0.48 34.43
C ILE E 175 -35.45 -0.99 34.69
N ARG E 176 -35.40 -1.80 33.64
CA ARG E 176 -35.10 -3.22 33.84
C ARG E 176 -33.68 -3.38 34.39
N THR E 177 -32.74 -2.58 33.89
CA THR E 177 -31.35 -2.66 34.37
C THR E 177 -31.26 -2.29 35.85
N LEU E 178 -31.88 -1.19 36.23
CA LEU E 178 -31.85 -0.76 37.63
C LEU E 178 -32.59 -1.74 38.54
N ALA E 179 -33.70 -2.29 38.07
CA ALA E 179 -34.44 -3.27 38.89
C ALA E 179 -33.53 -4.49 39.13
N GLY E 180 -32.81 -4.89 38.09
CA GLY E 180 -31.90 -6.02 38.23
C GLY E 180 -30.81 -5.71 39.27
N HIS E 181 -30.29 -4.50 39.25
CA HIS E 181 -29.25 -4.13 40.23
C HIS E 181 -29.80 -4.23 41.65
N THR E 182 -31.04 -3.78 41.88
CA THR E 182 -31.56 -3.87 43.24
C THR E 182 -31.76 -5.32 43.65
N SER E 183 -32.12 -6.19 42.71
CA SER E 183 -32.28 -7.62 43.03
C SER E 183 -30.93 -8.21 43.43
N ASP E 184 -29.88 -7.85 42.70
CA ASP E 184 -28.56 -8.36 43.03
C ASP E 184 -28.14 -7.94 44.43
N LEU E 185 -28.33 -6.66 44.77
CA LEU E 185 -27.95 -6.17 46.09
C LEU E 185 -28.79 -6.82 47.19
N LYS E 186 -30.08 -6.98 46.92
CA LYS E 186 -30.97 -7.63 47.87
C LYS E 186 -30.43 -9.02 48.23
N LYS E 187 -29.98 -9.76 47.22
CA LYS E 187 -29.45 -11.10 47.48
C LYS E 187 -28.15 -11.06 48.27
N PHE E 188 -27.28 -10.10 47.97
CA PHE E 188 -26.01 -9.97 48.70
C PHE E 188 -26.30 -9.71 50.18
N ILE E 189 -27.36 -8.96 50.43
CA ILE E 189 -27.73 -8.60 51.80
C ILE E 189 -28.38 -9.74 52.56
N THR E 190 -29.20 -10.53 51.87
CA THR E 190 -29.92 -11.60 52.55
C THR E 190 -29.31 -13.00 52.56
N ALA E 191 -28.64 -13.40 51.49
CA ALA E 191 -28.07 -14.75 51.45
C ALA E 191 -26.95 -14.94 52.48
N ASN E 192 -26.90 -16.14 53.06
CA ASN E 192 -25.87 -16.48 54.03
C ASN E 192 -25.71 -15.39 55.10
N ASN E 193 -26.85 -14.93 55.59
CA ASN E 193 -26.89 -13.90 56.63
C ASN E 193 -26.16 -12.61 56.26
N GLY E 194 -26.04 -12.34 54.96
CA GLY E 194 -25.37 -11.13 54.52
C GLY E 194 -23.88 -11.10 54.79
N HIS E 195 -23.28 -12.26 55.05
CA HIS E 195 -21.85 -12.33 55.34
C HIS E 195 -20.91 -11.84 54.25
N ASP E 196 -21.30 -11.97 52.99
CA ASP E 196 -20.42 -11.53 51.91
C ASP E 196 -20.67 -10.09 51.48
N LEU E 197 -21.53 -9.37 52.17
CA LEU E 197 -21.88 -8.02 51.74
C LEU E 197 -20.76 -7.07 51.36
N SER E 198 -19.74 -6.89 52.21
CA SER E 198 -18.70 -5.93 51.86
C SER E 198 -17.92 -6.34 50.61
N LEU E 199 -17.60 -7.63 50.49
CA LEU E 199 -16.87 -8.07 49.30
C LEU E 199 -17.79 -7.97 48.07
N ALA E 200 -19.06 -8.29 48.26
CA ALA E 200 -20.00 -8.23 47.14
C ALA E 200 -20.19 -6.80 46.62
N LEU E 201 -20.25 -5.81 47.51
CA LEU E 201 -20.41 -4.42 47.07
C LEU E 201 -19.20 -3.99 46.26
N TYR E 202 -18.02 -4.44 46.69
CA TYR E 202 -16.79 -4.11 45.97
C TYR E 202 -16.83 -4.75 44.57
N VAL E 203 -17.15 -6.04 44.52
CA VAL E 203 -17.22 -6.75 43.24
C VAL E 203 -18.31 -6.14 42.34
N PHE E 204 -19.45 -5.80 42.93
CA PHE E 204 -20.54 -5.21 42.16
C PHE E 204 -20.13 -3.85 41.59
N ASP E 205 -19.44 -3.04 42.40
CA ASP E 205 -18.99 -1.74 41.90
C ASP E 205 -18.01 -1.91 40.73
N GLU E 206 -17.13 -2.91 40.81
CA GLU E 206 -16.18 -3.16 39.73
C GLU E 206 -16.95 -3.58 38.47
N TYR E 207 -18.01 -4.36 38.67
CA TYR E 207 -18.86 -4.80 37.56
C TYR E 207 -19.52 -3.57 36.89
N LEU E 208 -20.01 -2.63 37.70
CA LEU E 208 -20.62 -1.43 37.13
C LEU E 208 -19.60 -0.64 36.31
N GLN E 209 -18.36 -0.58 36.78
CA GLN E 209 -17.33 0.16 36.04
C GLN E 209 -17.16 -0.41 34.63
N LYS E 210 -17.33 -1.71 34.48
CA LYS E 210 -17.17 -2.36 33.19
C LYS E 210 -18.41 -2.35 32.31
N THR E 211 -19.59 -2.21 32.92
CA THR E 211 -20.80 -2.29 32.13
C THR E 211 -21.65 -1.06 31.97
N VAL E 212 -21.50 -0.06 32.83
CA VAL E 212 -22.30 1.14 32.68
C VAL E 212 -21.95 1.82 31.36
N ALA F 1 47.60 49.30 -6.64
CA ALA F 1 46.35 48.52 -6.38
C ALA F 1 46.51 47.60 -5.17
N ASP F 2 45.87 47.98 -4.07
CA ASP F 2 45.93 47.18 -2.87
C ASP F 2 45.03 45.97 -2.99
N THR F 3 45.54 44.80 -2.61
CA THR F 3 44.74 43.58 -2.68
C THR F 3 44.94 42.85 -1.36
N CYS F 4 44.04 41.91 -1.07
CA CYS F 4 44.15 41.16 0.16
C CYS F 4 45.43 40.30 0.08
N TYR F 5 45.71 39.74 -1.09
CA TYR F 5 46.90 38.91 -1.26
C TYR F 5 48.18 39.71 -0.96
N ASN F 6 48.26 40.93 -1.47
CA ASN F 6 49.44 41.75 -1.22
C ASN F 6 49.54 42.12 0.26
N ASP F 7 48.41 42.35 0.93
CA ASP F 7 48.45 42.66 2.37
C ASP F 7 49.01 41.45 3.12
N VAL F 8 48.61 40.25 2.72
CA VAL F 8 49.10 39.05 3.37
C VAL F 8 50.61 38.90 3.17
N ALA F 9 51.07 39.09 1.94
CA ALA F 9 52.50 38.98 1.62
C ALA F 9 53.32 39.94 2.48
N LEU F 10 52.84 41.17 2.61
CA LEU F 10 53.53 42.16 3.42
C LEU F 10 53.51 41.83 4.91
N ASP F 11 52.32 41.64 5.47
CA ASP F 11 52.18 41.34 6.90
C ASP F 11 52.71 39.99 7.37
N CYS F 12 52.75 39.01 6.49
CA CYS F 12 53.25 37.69 6.89
C CYS F 12 54.77 37.61 6.71
N GLY F 13 55.41 38.75 6.53
CA GLY F 13 56.85 38.79 6.39
C GLY F 13 57.49 38.83 7.76
N ILE F 14 58.66 38.20 7.91
CA ILE F 14 59.36 38.17 9.19
C ILE F 14 59.59 39.57 9.75
N THR F 15 59.55 40.56 8.86
CA THR F 15 59.75 41.96 9.24
C THR F 15 58.56 42.50 10.04
N SER F 16 57.36 42.01 9.71
CA SER F 16 56.14 42.46 10.38
C SER F 16 55.92 41.86 11.75
N ASN F 17 55.10 42.55 12.56
CA ASN F 17 54.77 42.11 13.90
C ASN F 17 53.28 42.31 14.13
N SER F 18 52.54 42.38 13.03
CA SER F 18 51.09 42.57 13.08
C SER F 18 50.46 41.91 11.85
N LEU F 19 49.13 41.90 11.81
CA LEU F 19 48.42 41.31 10.69
C LEU F 19 47.13 42.09 10.48
N ALA F 20 47.25 43.32 10.02
CA ALA F 20 46.09 44.19 9.81
C ALA F 20 45.15 43.72 8.70
N LEU F 21 45.72 43.40 7.54
CA LEU F 21 44.96 42.93 6.38
C LEU F 21 43.72 43.78 6.07
N PRO F 22 43.92 45.10 5.90
CA PRO F 22 42.79 45.98 5.60
C PRO F 22 41.99 45.65 4.35
N ARG F 23 42.62 45.05 3.34
CA ARG F 23 41.92 44.71 2.12
C ARG F 23 41.26 43.33 2.15
N CYS F 24 41.43 42.60 3.24
CA CYS F 24 40.82 41.29 3.33
C CYS F 24 39.46 41.44 4.02
N ASN F 25 38.50 41.97 3.28
CA ASN F 25 37.16 42.17 3.80
C ASN F 25 36.25 41.90 2.62
N ALA F 26 34.95 42.07 2.78
CA ALA F 26 34.02 41.78 1.69
C ALA F 26 33.68 42.99 0.81
N VAL F 27 34.44 44.08 0.96
CA VAL F 27 34.16 45.28 0.17
C VAL F 27 34.68 45.18 -1.26
N TYR F 28 33.81 45.43 -2.24
CA TYR F 28 34.24 45.44 -3.64
C TYR F 28 33.38 46.48 -4.38
N GLY F 29 33.80 46.86 -5.58
CA GLY F 29 33.06 47.87 -6.32
C GLY F 29 33.09 49.18 -5.53
N GLU F 30 34.09 49.34 -4.67
CA GLU F 30 34.17 50.56 -3.84
C GLU F 30 32.87 50.85 -3.05
N TYR F 31 32.20 49.79 -2.62
CA TYR F 31 30.97 49.92 -1.84
C TYR F 31 31.26 50.75 -0.60
N GLY F 32 30.48 51.80 -0.38
CA GLY F 32 30.69 52.63 0.79
C GLY F 32 31.71 53.76 0.60
N SER F 33 32.50 53.72 -0.46
CA SER F 33 33.52 54.75 -0.72
C SER F 33 33.01 55.98 -1.47
N HIS F 34 32.14 55.76 -2.45
CA HIS F 34 31.59 56.85 -3.23
C HIS F 34 30.09 56.83 -3.07
N GLY F 35 29.46 58.00 -3.13
CA GLY F 35 28.02 58.08 -3.02
C GLY F 35 27.42 57.79 -1.66
N ASN F 36 26.10 57.71 -1.62
CA ASN F 36 25.38 57.48 -0.39
C ASN F 36 24.67 56.13 -0.33
N VAL F 37 24.96 55.23 -1.25
CA VAL F 37 24.24 53.97 -1.25
C VAL F 37 24.40 53.18 0.05
N ALA F 38 25.61 53.08 0.57
CA ALA F 38 25.83 52.30 1.79
C ALA F 38 25.09 52.87 2.99
N THR F 39 25.16 54.19 3.18
CA THR F 39 24.45 54.77 4.32
C THR F 39 22.95 54.74 4.09
N GLU F 40 22.50 54.91 2.85
CA GLU F 40 21.05 54.87 2.59
C GLU F 40 20.49 53.47 2.88
N LEU F 41 21.25 52.42 2.59
CA LEU F 41 20.77 51.07 2.86
C LEU F 41 20.61 50.90 4.38
N GLN F 42 21.55 51.43 5.15
CA GLN F 42 21.45 51.32 6.61
C GLN F 42 20.20 52.09 7.09
N ALA F 43 19.97 53.27 6.55
CA ALA F 43 18.80 54.06 6.95
C ALA F 43 17.50 53.36 6.50
N TYR F 44 17.58 52.53 5.47
CA TYR F 44 16.39 51.81 4.97
C TYR F 44 16.02 50.70 5.97
N ALA F 45 17.02 50.07 6.60
CA ALA F 45 16.75 49.06 7.61
C ALA F 45 16.05 49.77 8.78
N LYS F 46 16.53 50.95 9.11
CA LYS F 46 15.97 51.72 10.21
C LYS F 46 14.52 52.12 9.94
N LEU F 47 14.22 52.49 8.69
CA LEU F 47 12.85 52.86 8.34
C LEU F 47 11.93 51.63 8.49
N HIS F 48 12.38 50.47 8.04
CA HIS F 48 11.55 49.27 8.17
C HIS F 48 11.35 48.93 9.64
N LEU F 49 12.39 49.11 10.45
CA LEU F 49 12.30 48.80 11.87
C LEU F 49 11.24 49.67 12.54
N GLU F 50 11.30 50.98 12.28
CA GLU F 50 10.34 51.90 12.84
C GLU F 50 8.93 51.58 12.36
N ARG F 51 8.77 51.34 11.07
CA ARG F 51 7.44 51.03 10.56
C ARG F 51 6.91 49.70 11.09
N SER F 52 7.80 48.72 11.33
CA SER F 52 7.29 47.44 11.85
C SER F 52 6.57 47.68 13.17
N TYR F 53 7.14 48.51 14.03
CA TYR F 53 6.49 48.80 15.31
C TYR F 53 5.27 49.72 15.16
N ASP F 54 5.27 50.63 14.19
CA ASP F 54 4.08 51.46 13.95
C ASP F 54 2.90 50.54 13.55
N TYR F 55 3.17 49.63 12.62
CA TYR F 55 2.14 48.69 12.17
C TYR F 55 1.67 47.79 13.31
N LEU F 56 2.60 47.40 14.18
CA LEU F 56 2.25 46.55 15.31
C LEU F 56 1.25 47.29 16.21
N LEU F 57 1.46 48.58 16.43
CA LEU F 57 0.55 49.36 17.27
C LEU F 57 -0.83 49.48 16.60
N SER F 58 -0.86 49.62 15.28
CA SER F 58 -2.15 49.69 14.58
C SER F 58 -2.85 48.33 14.72
N ALA F 59 -2.10 47.23 14.61
CA ALA F 59 -2.70 45.91 14.75
C ALA F 59 -3.33 45.78 16.15
N ALA F 60 -2.62 46.29 17.15
CA ALA F 60 -3.12 46.23 18.53
C ALA F 60 -4.39 47.08 18.66
N TYR F 61 -4.35 48.30 18.15
CA TYR F 61 -5.52 49.17 18.24
C TYR F 61 -6.78 48.52 17.64
N PHE F 62 -6.65 47.89 16.48
CA PHE F 62 -7.81 47.27 15.87
C PHE F 62 -8.24 45.98 16.54
N ASN F 63 -7.48 45.55 17.53
CA ASN F 63 -7.83 44.35 18.28
C ASN F 63 -8.35 44.72 19.68
N ASN F 64 -8.64 46.00 19.94
CA ASN F 64 -9.20 46.34 21.25
C ASN F 64 -10.69 45.96 21.19
N TYR F 65 -11.37 45.84 22.34
CA TYR F 65 -12.75 45.35 22.32
C TYR F 65 -13.79 46.26 21.66
N GLN F 66 -13.51 47.56 21.57
CA GLN F 66 -14.44 48.49 20.94
C GLN F 66 -14.34 48.47 19.42
N THR F 67 -13.11 48.47 18.91
CA THR F 67 -12.92 48.43 17.45
C THR F 67 -13.19 47.01 16.98
N ASN F 68 -12.49 46.06 17.59
CA ASN F 68 -12.67 44.65 17.32
C ASN F 68 -12.78 44.31 15.83
N ARG F 69 -11.80 44.74 15.05
CA ARG F 69 -11.78 44.46 13.60
C ARG F 69 -10.64 43.48 13.35
N ALA F 70 -10.94 42.18 13.46
CA ALA F 70 -9.92 41.15 13.27
C ALA F 70 -9.25 41.19 11.89
N GLY F 71 -10.00 41.60 10.87
CA GLY F 71 -9.45 41.69 9.53
C GLY F 71 -8.44 42.82 9.41
N PHE F 72 -8.80 43.99 9.92
CA PHE F 72 -7.87 45.13 9.89
C PHE F 72 -6.65 44.83 10.74
N SER F 73 -6.88 44.18 11.88
CA SER F 73 -5.77 43.84 12.75
C SER F 73 -4.80 42.88 12.06
N LYS F 74 -5.34 41.89 11.36
CA LYS F 74 -4.54 40.91 10.64
C LYS F 74 -3.73 41.59 9.51
N LEU F 75 -4.35 42.56 8.85
CA LEU F 75 -3.68 43.29 7.77
C LEU F 75 -2.43 43.99 8.33
N PHE F 76 -2.59 44.69 9.44
CA PHE F 76 -1.47 45.40 10.04
C PHE F 76 -0.43 44.48 10.66
N LYS F 77 -0.87 43.35 11.20
CA LYS F 77 0.06 42.41 11.80
C LYS F 77 0.97 41.85 10.70
N LYS F 78 0.39 41.59 9.53
CA LYS F 78 1.17 41.06 8.41
C LYS F 78 2.18 42.13 7.94
N LEU F 79 1.75 43.38 7.83
CA LEU F 79 2.66 44.45 7.44
C LEU F 79 3.80 44.58 8.47
N SER F 80 3.46 44.44 9.74
CA SER F 80 4.48 44.52 10.81
C SER F 80 5.48 43.38 10.71
N ASP F 81 4.98 42.15 10.58
CA ASP F 81 5.87 40.99 10.49
C ASP F 81 6.77 41.08 9.27
N GLU F 82 6.23 41.53 8.15
CA GLU F 82 7.05 41.67 6.93
C GLU F 82 8.13 42.72 7.10
N ALA F 83 7.79 43.86 7.71
CA ALA F 83 8.77 44.92 7.90
C ALA F 83 9.85 44.49 8.90
N TRP F 84 9.48 43.68 9.90
CA TRP F 84 10.45 43.20 10.88
C TRP F 84 11.43 42.26 10.17
N SER F 85 10.88 41.35 9.38
CA SER F 85 11.70 40.41 8.65
C SER F 85 12.65 41.14 7.66
N LYS F 86 12.15 42.19 7.01
CA LYS F 86 12.99 42.95 6.07
C LYS F 86 14.08 43.71 6.80
N THR F 87 13.81 44.15 8.02
CA THR F 87 14.82 44.86 8.81
C THR F 87 16.04 43.96 8.97
N ILE F 88 15.79 42.71 9.37
CA ILE F 88 16.89 41.78 9.57
C ILE F 88 17.59 41.44 8.26
N ASP F 89 16.80 41.27 7.20
CA ASP F 89 17.38 40.96 5.90
C ASP F 89 18.29 42.10 5.41
N ILE F 90 17.87 43.34 5.59
CA ILE F 90 18.72 44.47 5.14
C ILE F 90 19.99 44.56 5.98
N ILE F 91 19.88 44.35 7.28
CA ILE F 91 21.06 44.36 8.15
C ILE F 91 22.05 43.31 7.65
N LYS F 92 21.55 42.12 7.32
CA LYS F 92 22.42 41.07 6.82
C LYS F 92 23.03 41.45 5.46
N HIS F 93 22.29 42.17 4.63
CA HIS F 93 22.85 42.56 3.33
C HIS F 93 23.96 43.60 3.51
N VAL F 94 23.74 44.54 4.43
CA VAL F 94 24.73 45.57 4.73
C VAL F 94 26.06 44.89 5.14
N THR F 95 25.98 43.88 6.00
CA THR F 95 27.20 43.19 6.44
C THR F 95 27.75 42.26 5.36
N LYS F 96 26.87 41.70 4.53
CA LYS F 96 27.33 40.84 3.46
C LYS F 96 28.26 41.64 2.53
N ARG F 97 27.93 42.91 2.31
CA ARG F 97 28.72 43.77 1.43
C ARG F 97 29.92 44.43 2.13
N GLY F 98 30.23 43.96 3.34
CA GLY F 98 31.42 44.46 4.03
C GLY F 98 31.29 45.72 4.84
N ASP F 99 30.07 46.15 5.10
CA ASP F 99 29.85 47.38 5.85
C ASP F 99 29.36 46.97 7.25
N LYS F 100 29.01 47.94 8.08
CA LYS F 100 28.49 47.63 9.39
C LYS F 100 27.27 48.48 9.61
N MET F 101 26.28 47.90 10.28
CA MET F 101 25.03 48.58 10.53
C MET F 101 25.17 49.66 11.60
N ASN F 102 24.60 50.84 11.34
CA ASN F 102 24.61 51.94 12.30
C ASN F 102 23.13 52.28 12.48
N PHE F 103 22.57 52.03 13.66
CA PHE F 103 21.16 52.28 13.87
C PHE F 103 20.73 53.74 13.99
N ASP F 104 21.69 54.65 13.91
CA ASP F 104 21.35 56.07 14.00
C ASP F 104 21.63 56.77 12.68
N GLN F 105 21.77 55.99 11.60
CA GLN F 105 22.05 56.57 10.30
C GLN F 105 20.81 57.20 9.71
N HIS F 106 20.94 58.41 9.20
CA HIS F 106 19.80 59.09 8.61
C HIS F 106 19.87 59.07 7.09
N SER F 107 18.71 59.17 6.46
CA SER F 107 18.62 59.19 5.01
C SER F 107 18.81 60.64 4.55
N THR F 108 19.28 60.83 3.32
CA THR F 108 19.43 62.18 2.79
C THR F 108 18.15 62.55 2.07
N MET F 109 17.35 61.55 1.73
CA MET F 109 16.10 61.82 1.03
C MET F 109 15.22 62.70 1.90
N LYS F 110 14.93 63.89 1.37
CA LYS F 110 14.11 64.87 2.06
C LYS F 110 12.68 64.36 2.22
N THR F 111 12.37 63.89 3.41
CA THR F 111 11.06 63.35 3.72
C THR F 111 10.43 64.13 4.87
N GLU F 112 9.23 64.65 4.64
CA GLU F 112 8.51 65.41 5.65
C GLU F 112 8.39 64.63 6.96
N ARG F 113 8.13 65.36 8.04
CA ARG F 113 7.99 64.74 9.36
C ARG F 113 6.52 64.66 9.76
N LYS F 114 6.00 63.45 9.85
CA LYS F 114 4.61 63.22 10.23
C LYS F 114 4.51 62.02 11.16
N ASN F 115 4.22 62.29 12.43
CA ASN F 115 4.09 61.22 13.42
C ASN F 115 3.03 60.21 13.00
N TYR F 116 3.28 58.94 13.32
CA TYR F 116 2.35 57.87 12.99
C TYR F 116 1.44 57.69 14.20
N THR F 117 0.14 57.84 14.03
CA THR F 117 -0.78 57.63 15.15
C THR F 117 -1.55 56.34 14.87
N ALA F 118 -1.66 55.49 15.88
CA ALA F 118 -2.33 54.21 15.71
C ALA F 118 -3.85 54.27 15.90
N GLU F 119 -4.34 55.26 16.65
CA GLU F 119 -5.79 55.37 16.88
C GLU F 119 -6.46 56.07 15.70
N ASN F 120 -7.01 55.30 14.77
CA ASN F 120 -7.65 55.87 13.58
C ASN F 120 -8.91 55.11 13.23
N HIS F 121 -9.81 55.75 12.48
CA HIS F 121 -10.97 55.03 12.00
C HIS F 121 -10.45 54.23 10.80
N GLU F 122 -11.23 53.31 10.27
CA GLU F 122 -10.80 52.45 9.18
C GLU F 122 -10.22 53.11 7.94
N LEU F 123 -10.92 54.11 7.38
CA LEU F 123 -10.40 54.77 6.19
C LEU F 123 -9.08 55.48 6.48
N GLU F 124 -9.00 56.19 7.61
CA GLU F 124 -7.75 56.87 7.98
C GLU F 124 -6.59 55.89 8.10
N ALA F 125 -6.84 54.75 8.74
CA ALA F 125 -5.79 53.75 8.94
C ALA F 125 -5.28 53.20 7.61
N LEU F 126 -6.18 52.89 6.69
CA LEU F 126 -5.77 52.38 5.38
C LEU F 126 -5.02 53.45 4.59
N ALA F 127 -5.46 54.70 4.71
CA ALA F 127 -4.81 55.81 4.01
C ALA F 127 -3.38 55.96 4.50
N LYS F 128 -3.18 55.85 5.82
CA LYS F 128 -1.84 55.98 6.37
C LYS F 128 -0.99 54.77 5.95
N ALA F 129 -1.59 53.58 5.93
CA ALA F 129 -0.83 52.40 5.51
C ALA F 129 -0.39 52.60 4.05
N LEU F 130 -1.30 53.11 3.21
CA LEU F 130 -0.99 53.34 1.81
C LEU F 130 0.17 54.34 1.69
N ASP F 131 0.07 55.46 2.41
CA ASP F 131 1.14 56.46 2.37
C ASP F 131 2.49 55.92 2.83
N THR F 132 2.50 55.16 3.92
CA THR F 132 3.77 54.63 4.42
C THR F 132 4.37 53.58 3.47
N GLN F 133 3.52 52.81 2.79
CA GLN F 133 4.04 51.83 1.84
C GLN F 133 4.60 52.57 0.61
N LYS F 134 3.93 53.64 0.18
CA LYS F 134 4.46 54.41 -0.96
C LYS F 134 5.80 55.03 -0.58
N GLU F 135 5.94 55.44 0.69
CA GLU F 135 7.21 56.02 1.14
C GLU F 135 8.30 54.94 1.11
N LEU F 136 7.99 53.73 1.56
CA LEU F 136 8.99 52.65 1.51
C LEU F 136 9.37 52.37 0.06
N ALA F 137 8.38 52.40 -0.83
CA ALA F 137 8.62 52.12 -2.25
C ALA F 137 9.46 53.21 -2.91
N GLU F 138 9.15 54.47 -2.62
CA GLU F 138 9.91 55.56 -3.23
C GLU F 138 11.32 55.64 -2.65
N ARG F 139 11.49 55.19 -1.40
CA ARG F 139 12.83 55.18 -0.82
C ARG F 139 13.64 54.11 -1.58
N ALA F 140 13.03 52.98 -1.93
CA ALA F 140 13.76 51.98 -2.69
C ALA F 140 14.15 52.55 -4.05
N PHE F 141 13.25 53.31 -4.68
CA PHE F 141 13.55 53.92 -5.99
C PHE F 141 14.76 54.87 -5.84
N TYR F 142 14.78 55.61 -4.75
CA TYR F 142 15.86 56.55 -4.48
C TYR F 142 17.22 55.85 -4.31
N ILE F 143 17.26 54.80 -3.51
CA ILE F 143 18.51 54.06 -3.31
C ILE F 143 18.97 53.43 -4.62
N HIS F 144 18.01 52.91 -5.38
CA HIS F 144 18.30 52.28 -6.67
C HIS F 144 18.95 53.31 -7.60
N ARG F 145 18.39 54.51 -7.65
CA ARG F 145 18.92 55.58 -8.50
C ARG F 145 20.33 56.01 -8.02
N GLU F 146 20.50 56.04 -6.70
CA GLU F 146 21.80 56.41 -6.13
C GLU F 146 22.84 55.35 -6.51
N ALA F 147 22.43 54.09 -6.60
CA ALA F 147 23.36 53.02 -6.93
C ALA F 147 23.74 52.91 -8.40
N THR F 148 22.89 53.39 -9.30
CA THR F 148 23.14 53.16 -10.71
C THR F 148 23.02 54.36 -11.62
N ARG F 149 22.87 55.55 -11.05
CA ARG F 149 22.65 56.68 -11.92
C ARG F 149 23.11 58.04 -11.42
N ASN F 150 22.96 58.30 -10.12
CA ASN F 150 23.28 59.62 -9.61
C ASN F 150 24.73 60.03 -9.47
N SER F 151 25.62 59.07 -9.24
CA SER F 151 27.02 59.40 -9.05
C SER F 151 27.88 58.76 -10.14
N GLN F 152 28.64 59.60 -10.81
CA GLN F 152 29.53 59.17 -11.89
C GLN F 152 30.49 58.06 -11.47
N HIS F 153 30.95 58.09 -10.24
CA HIS F 153 31.92 57.10 -9.79
C HIS F 153 31.36 55.90 -9.05
N LEU F 154 30.04 55.83 -8.97
CA LEU F 154 29.44 54.71 -8.27
C LEU F 154 28.47 53.97 -9.20
N HIS F 155 28.70 52.67 -9.37
CA HIS F 155 27.79 51.84 -10.15
C HIS F 155 27.73 50.53 -9.39
N ASP F 156 26.62 50.28 -8.69
CA ASP F 156 26.50 49.04 -7.93
C ASP F 156 25.22 48.29 -8.30
N PRO F 157 25.30 47.46 -9.34
CA PRO F 157 24.13 46.70 -9.76
C PRO F 157 23.76 45.58 -8.81
N GLU F 158 24.62 45.26 -7.85
CA GLU F 158 24.29 44.21 -6.88
C GLU F 158 23.20 44.79 -5.97
N ILE F 159 23.40 46.02 -5.51
CA ILE F 159 22.37 46.67 -4.68
C ILE F 159 21.11 46.88 -5.52
N ALA F 160 21.27 47.29 -6.77
CA ALA F 160 20.10 47.51 -7.63
C ALA F 160 19.27 46.23 -7.80
N GLN F 161 19.92 45.11 -8.10
CA GLN F 161 19.20 43.85 -8.30
C GLN F 161 18.57 43.37 -6.97
N TYR F 162 19.29 43.57 -5.86
CA TYR F 162 18.75 43.21 -4.54
C TYR F 162 17.44 43.97 -4.29
N LEU F 163 17.45 45.28 -4.54
CA LEU F 163 16.24 46.08 -4.34
C LEU F 163 15.14 45.64 -5.31
N GLU F 164 15.50 45.40 -6.57
CA GLU F 164 14.52 44.99 -7.57
C GLU F 164 13.81 43.70 -7.17
N GLU F 165 14.60 42.71 -6.76
CA GLU F 165 14.08 41.40 -6.40
C GLU F 165 13.37 41.29 -5.04
N GLU F 166 13.94 41.90 -4.02
CA GLU F 166 13.40 41.78 -2.68
C GLU F 166 12.43 42.85 -2.21
N PHE F 167 12.39 43.98 -2.90
CA PHE F 167 11.51 45.06 -2.45
C PHE F 167 10.58 45.61 -3.52
N ILE F 168 11.17 46.07 -4.60
CA ILE F 168 10.45 46.73 -5.68
C ILE F 168 9.28 45.97 -6.31
N GLU F 169 9.47 44.70 -6.65
CA GLU F 169 8.39 43.94 -7.27
C GLU F 169 7.16 43.87 -6.36
N ASP F 170 7.39 43.52 -5.10
CA ASP F 170 6.27 43.38 -4.17
C ASP F 170 5.61 44.67 -3.73
N HIS F 171 6.35 45.78 -3.73
CA HIS F 171 5.76 47.05 -3.34
C HIS F 171 4.57 47.41 -4.24
N ALA F 172 4.69 47.17 -5.53
CA ALA F 172 3.61 47.51 -6.45
C ALA F 172 2.32 46.77 -6.09
N GLU F 173 2.44 45.50 -5.74
CA GLU F 173 1.27 44.70 -5.37
C GLU F 173 0.62 45.21 -4.08
N LYS F 174 1.44 45.50 -3.08
CA LYS F 174 0.91 45.98 -1.80
C LYS F 174 0.22 47.32 -1.93
N ILE F 175 0.84 48.22 -2.69
CA ILE F 175 0.28 49.56 -2.87
C ILE F 175 -1.03 49.47 -3.65
N ARG F 176 -1.06 48.64 -4.69
CA ARG F 176 -2.30 48.50 -5.46
C ARG F 176 -3.41 47.93 -4.56
N THR F 177 -3.07 46.95 -3.73
CA THR F 177 -4.06 46.35 -2.83
C THR F 177 -4.62 47.38 -1.85
N LEU F 178 -3.74 48.14 -1.21
CA LEU F 178 -4.18 49.16 -0.26
C LEU F 178 -4.95 50.27 -0.94
N ALA F 179 -4.55 50.67 -2.14
CA ALA F 179 -5.28 51.73 -2.85
C ALA F 179 -6.70 51.22 -3.15
N GLY F 180 -6.81 49.95 -3.52
CA GLY F 180 -8.13 49.38 -3.79
C GLY F 180 -8.99 49.40 -2.53
N HIS F 181 -8.39 49.09 -1.38
CA HIS F 181 -9.17 49.09 -0.12
C HIS F 181 -9.70 50.50 0.16
N THR F 182 -8.89 51.53 -0.07
CA THR F 182 -9.38 52.89 0.20
C THR F 182 -10.50 53.24 -0.76
N SER F 183 -10.44 52.77 -2.01
CA SER F 183 -11.53 53.04 -2.96
C SER F 183 -12.82 52.38 -2.50
N ASP F 184 -12.72 51.15 -2.01
CA ASP F 184 -13.91 50.45 -1.53
C ASP F 184 -14.55 51.21 -0.37
N LEU F 185 -13.74 51.65 0.59
CA LEU F 185 -14.27 52.37 1.76
C LEU F 185 -14.86 53.71 1.33
N LYS F 186 -14.19 54.39 0.41
CA LYS F 186 -14.69 55.67 -0.08
C LYS F 186 -16.12 55.49 -0.64
N LYS F 187 -16.33 54.41 -1.39
CA LYS F 187 -17.65 54.17 -1.96
C LYS F 187 -18.70 53.86 -0.88
N PHE F 188 -18.31 53.09 0.13
CA PHE F 188 -19.24 52.76 1.23
C PHE F 188 -19.67 54.04 1.92
N ILE F 189 -18.75 54.98 2.02
CA ILE F 189 -19.02 56.25 2.70
C ILE F 189 -19.88 57.18 1.88
N THR F 190 -19.67 57.23 0.57
CA THR F 190 -20.40 58.15 -0.28
C THR F 190 -21.68 57.68 -0.95
N ALA F 191 -21.74 56.42 -1.37
CA ALA F 191 -22.94 55.95 -2.05
C ALA F 191 -24.16 55.91 -1.14
N ASN F 192 -25.32 56.24 -1.71
CA ASN F 192 -26.58 56.23 -0.97
C ASN F 192 -26.45 56.93 0.37
N ASN F 193 -25.82 58.10 0.34
CA ASN F 193 -25.62 58.92 1.52
C ASN F 193 -24.90 58.22 2.66
N GLY F 194 -24.10 57.21 2.33
CA GLY F 194 -23.36 56.49 3.36
C GLY F 194 -24.23 55.66 4.30
N HIS F 195 -25.46 55.39 3.89
CA HIS F 195 -26.38 54.61 4.73
C HIS F 195 -25.96 53.19 5.09
N ASP F 196 -25.19 52.55 4.23
CA ASP F 196 -24.77 51.19 4.51
C ASP F 196 -23.42 51.11 5.21
N LEU F 197 -22.85 52.24 5.59
CA LEU F 197 -21.51 52.23 6.18
C LEU F 197 -21.21 51.22 7.30
N SER F 198 -22.04 51.15 8.34
CA SER F 198 -21.70 50.23 9.42
C SER F 198 -21.74 48.77 8.96
N LEU F 199 -22.73 48.40 8.16
CA LEU F 199 -22.79 47.01 7.70
C LEU F 199 -21.64 46.75 6.74
N ALA F 200 -21.31 47.75 5.91
CA ALA F 200 -20.21 47.58 4.95
C ALA F 200 -18.86 47.40 5.64
N LEU F 201 -18.61 48.15 6.72
CA LEU F 201 -17.33 47.99 7.43
C LEU F 201 -17.23 46.60 8.02
N TYR F 202 -18.34 46.07 8.52
CA TYR F 202 -18.36 44.73 9.08
C TYR F 202 -18.06 43.71 7.96
N VAL F 203 -18.76 43.83 6.85
CA VAL F 203 -18.56 42.92 5.72
C VAL F 203 -17.12 43.03 5.17
N PHE F 204 -16.63 44.27 5.09
CA PHE F 204 -15.28 44.48 4.58
C PHE F 204 -14.24 43.85 5.52
N ASP F 205 -14.44 44.00 6.83
CA ASP F 205 -13.50 43.39 7.78
C ASP F 205 -13.51 41.86 7.64
N GLU F 206 -14.69 41.28 7.42
CA GLU F 206 -14.77 39.82 7.25
C GLU F 206 -14.03 39.42 5.98
N TYR F 207 -14.14 40.24 4.95
CA TYR F 207 -13.45 40.01 3.68
C TYR F 207 -11.92 40.03 3.91
N LEU F 208 -11.44 41.00 4.70
CA LEU F 208 -10.00 41.06 4.98
C LEU F 208 -9.54 39.81 5.72
N GLN F 209 -10.36 39.29 6.63
CA GLN F 209 -9.98 38.09 7.36
C GLN F 209 -9.74 36.91 6.42
N LYS F 210 -10.47 36.88 5.32
CA LYS F 210 -10.34 35.80 4.35
C LYS F 210 -9.26 36.01 3.31
N THR F 211 -8.88 37.25 3.06
CA THR F 211 -7.94 37.51 2.00
C THR F 211 -6.56 38.03 2.36
N VAL F 212 -6.40 38.60 3.56
CA VAL F 212 -5.08 39.11 3.91
C VAL F 212 -4.10 37.93 3.99
N ALA G 1 15.52 50.94 -43.44
CA ALA G 1 15.52 49.92 -42.35
C ALA G 1 15.60 48.50 -42.93
N ASP G 2 16.76 47.88 -42.80
CA ASP G 2 16.95 46.53 -43.29
C ASP G 2 16.29 45.54 -42.34
N THR G 3 15.56 44.59 -42.89
CA THR G 3 14.91 43.57 -42.08
C THR G 3 15.19 42.22 -42.73
N CYS G 4 14.98 41.16 -41.97
CA CYS G 4 15.18 39.83 -42.52
C CYS G 4 14.14 39.59 -43.62
N TYR G 5 12.91 40.04 -43.38
CA TYR G 5 11.84 39.85 -44.36
C TYR G 5 12.18 40.52 -45.69
N ASN G 6 12.69 41.75 -45.63
CA ASN G 6 13.06 42.45 -46.85
C ASN G 6 14.23 41.74 -47.56
N ASP G 7 15.18 41.21 -46.80
CA ASP G 7 16.30 40.47 -47.40
C ASP G 7 15.76 39.26 -48.16
N VAL G 8 14.78 38.58 -47.56
CA VAL G 8 14.19 37.41 -48.22
C VAL G 8 13.49 37.82 -49.51
N ALA G 9 12.69 38.88 -49.46
CA ALA G 9 11.96 39.35 -50.63
C ALA G 9 12.92 39.66 -51.77
N LEU G 10 14.02 40.32 -51.46
CA LEU G 10 15.02 40.67 -52.47
C LEU G 10 15.74 39.43 -53.02
N ASP G 11 16.33 38.63 -52.13
CA ASP G 11 17.08 37.44 -52.56
C ASP G 11 16.27 36.32 -53.15
N CYS G 12 14.99 36.20 -52.79
CA CYS G 12 14.16 35.13 -53.34
C CYS G 12 13.51 35.55 -54.65
N GLY G 13 14.00 36.65 -55.23
CA GLY G 13 13.48 37.12 -56.50
C GLY G 13 14.19 36.39 -57.63
N ILE G 14 13.47 36.13 -58.72
CA ILE G 14 14.04 35.43 -59.87
C ILE G 14 15.32 36.11 -60.37
N THR G 15 15.46 37.39 -60.05
CA THR G 15 16.62 38.18 -60.45
C THR G 15 17.88 37.74 -59.70
N SER G 16 17.71 37.32 -58.45
CA SER G 16 18.83 36.90 -57.62
C SER G 16 19.36 35.50 -57.93
N ASN G 17 20.61 35.27 -57.53
CA ASN G 17 21.26 33.98 -57.74
C ASN G 17 22.01 33.61 -56.46
N SER G 18 21.61 34.21 -55.35
CA SER G 18 22.22 33.95 -54.06
C SER G 18 21.18 34.15 -52.97
N LEU G 19 21.56 33.85 -51.73
CA LEU G 19 20.65 34.00 -50.61
C LEU G 19 21.47 34.37 -49.37
N ALA G 20 22.01 35.59 -49.37
CA ALA G 20 22.86 36.05 -48.27
C ALA G 20 22.11 36.22 -46.94
N LEU G 21 20.97 36.91 -46.99
CA LEU G 21 20.14 37.16 -45.81
C LEU G 21 20.94 37.67 -44.60
N PRO G 22 21.69 38.76 -44.78
CA PRO G 22 22.49 39.31 -43.68
C PRO G 22 21.70 39.71 -42.44
N ARG G 23 20.44 40.11 -42.59
CA ARG G 23 19.64 40.50 -41.43
C ARG G 23 18.90 39.34 -40.76
N CYS G 24 19.03 38.15 -41.31
CA CYS G 24 18.35 37.01 -40.71
C CYS G 24 19.33 36.33 -39.75
N ASN G 25 19.54 36.96 -38.62
CA ASN G 25 20.43 36.43 -37.60
C ASN G 25 19.77 36.81 -36.29
N ALA G 26 20.41 36.51 -35.16
CA ALA G 26 19.79 36.79 -33.87
C ALA G 26 20.20 38.15 -33.28
N VAL G 27 20.82 39.00 -34.08
CA VAL G 27 21.25 40.30 -33.58
C VAL G 27 20.10 41.31 -33.49
N TYR G 28 19.94 41.93 -32.32
CA TYR G 28 18.93 42.97 -32.16
C TYR G 28 19.45 43.98 -31.14
N GLY G 29 18.82 45.14 -31.06
CA GLY G 29 19.30 46.19 -30.15
C GLY G 29 20.72 46.59 -30.57
N GLU G 30 21.06 46.39 -31.83
CA GLU G 30 22.42 46.71 -32.29
C GLU G 30 23.54 46.07 -31.44
N TYR G 31 23.27 44.87 -30.93
CA TYR G 31 24.24 44.16 -30.12
C TYR G 31 25.53 43.99 -30.92
N GLY G 32 26.65 44.41 -30.35
CA GLY G 32 27.92 44.26 -31.05
C GLY G 32 28.28 45.44 -31.97
N SER G 33 27.32 46.31 -32.28
CA SER G 33 27.56 47.45 -33.16
C SER G 33 28.10 48.70 -32.46
N HIS G 34 27.59 48.98 -31.27
CA HIS G 34 28.04 50.14 -30.51
C HIS G 34 28.61 49.65 -29.19
N GLY G 35 29.59 50.37 -28.66
CA GLY G 35 30.17 49.99 -27.39
C GLY G 35 31.02 48.74 -27.36
N ASN G 36 31.41 48.33 -26.16
CA ASN G 36 32.26 47.18 -25.97
C ASN G 36 31.57 46.02 -25.27
N VAL G 37 30.26 46.06 -25.13
CA VAL G 37 29.60 44.99 -24.40
C VAL G 37 29.82 43.61 -25.01
N ALA G 38 29.69 43.50 -26.33
CA ALA G 38 29.85 42.18 -26.96
C ALA G 38 31.25 41.61 -26.78
N THR G 39 32.28 42.43 -26.99
CA THR G 39 33.64 41.92 -26.83
C THR G 39 33.95 41.68 -25.36
N GLU G 40 33.42 42.51 -24.47
CA GLU G 40 33.68 42.30 -23.03
C GLU G 40 33.06 40.99 -22.56
N LEU G 41 31.89 40.62 -23.09
CA LEU G 41 31.27 39.36 -22.67
C LEU G 41 32.16 38.20 -23.12
N GLN G 42 32.73 38.29 -24.32
CA GLN G 42 33.62 37.23 -24.79
C GLN G 42 34.85 37.15 -23.88
N ALA G 43 35.41 38.30 -23.51
CA ALA G 43 36.59 38.29 -22.64
C ALA G 43 36.23 37.78 -21.24
N TYR G 44 34.96 37.90 -20.86
CA TYR G 44 34.52 37.43 -19.53
C TYR G 44 34.49 35.89 -19.53
N ALA G 45 34.13 35.28 -20.67
CA ALA G 45 34.15 33.82 -20.75
C ALA G 45 35.60 33.37 -20.62
N LYS G 46 36.50 34.11 -21.25
CA LYS G 46 37.92 33.80 -21.21
C LYS G 46 38.48 33.90 -19.79
N LEU G 47 38.05 34.91 -19.05
CA LEU G 47 38.51 35.07 -17.67
C LEU G 47 38.03 33.89 -16.81
N HIS G 48 36.78 33.48 -17.00
CA HIS G 48 36.29 32.33 -16.22
C HIS G 48 37.05 31.07 -16.59
N LEU G 49 37.35 30.91 -17.88
CA LEU G 49 38.07 29.73 -18.33
C LEU G 49 39.45 29.65 -17.67
N GLU G 50 40.17 30.76 -17.69
CA GLU G 50 41.50 30.80 -17.08
C GLU G 50 41.41 30.56 -15.59
N ARG G 51 40.46 31.21 -14.92
CA ARG G 51 40.33 31.00 -13.49
C ARG G 51 39.91 29.57 -13.15
N SER G 52 39.10 28.93 -13.99
CA SER G 52 38.68 27.57 -13.67
C SER G 52 39.92 26.68 -13.53
N TYR G 53 40.88 26.84 -14.44
CA TYR G 53 42.09 26.03 -14.37
C TYR G 53 43.03 26.49 -13.24
N ASP G 54 43.04 27.78 -12.90
CA ASP G 54 43.87 28.23 -11.77
C ASP G 54 43.33 27.56 -10.48
N TYR G 55 42.01 27.59 -10.31
CA TYR G 55 41.40 26.98 -9.13
C TYR G 55 41.63 25.47 -9.11
N LEU G 56 41.61 24.85 -10.28
CA LEU G 56 41.85 23.41 -10.35
C LEU G 56 43.25 23.09 -9.83
N LEU G 57 44.24 23.91 -10.18
CA LEU G 57 45.60 23.68 -9.72
C LEU G 57 45.70 23.88 -8.21
N SER G 58 44.97 24.86 -7.66
CA SER G 58 44.97 25.04 -6.20
C SER G 58 44.33 23.82 -5.55
N ALA G 59 43.26 23.30 -6.13
CA ALA G 59 42.60 22.13 -5.56
C ALA G 59 43.59 20.95 -5.53
N ALA G 60 44.38 20.82 -6.60
CA ALA G 60 45.37 19.75 -6.69
C ALA G 60 46.45 19.95 -5.62
N TYR G 61 46.97 21.17 -5.52
CA TYR G 61 48.01 21.43 -4.53
C TYR G 61 47.57 21.06 -3.11
N PHE G 62 46.34 21.43 -2.73
CA PHE G 62 45.88 21.10 -1.38
C PHE G 62 45.53 19.64 -1.18
N ASN G 63 45.62 18.86 -2.26
CA ASN G 63 45.37 17.44 -2.15
C ASN G 63 46.68 16.63 -2.26
N ASN G 64 47.84 17.30 -2.17
CA ASN G 64 49.09 16.54 -2.18
C ASN G 64 49.25 15.94 -0.78
N TYR G 65 50.11 14.93 -0.60
CA TYR G 65 50.20 14.27 0.70
C TYR G 65 50.73 15.09 1.86
N GLN G 66 51.51 16.14 1.57
CA GLN G 66 52.07 16.99 2.62
C GLN G 66 51.05 18.00 3.12
N THR G 67 50.32 18.65 2.21
CA THR G 67 49.31 19.62 2.61
C THR G 67 48.10 18.88 3.12
N ASN G 68 47.60 17.96 2.28
CA ASN G 68 46.49 17.10 2.63
C ASN G 68 45.34 17.82 3.34
N ARG G 69 44.84 18.89 2.72
CA ARG G 69 43.72 19.66 3.29
C ARG G 69 42.49 19.39 2.40
N ALA G 70 41.75 18.33 2.71
CA ALA G 70 40.59 17.98 1.90
C ALA G 70 39.52 19.09 1.83
N GLY G 71 39.40 19.88 2.89
CA GLY G 71 38.43 20.96 2.92
C GLY G 71 38.84 22.09 1.98
N PHE G 72 40.11 22.48 2.03
CA PHE G 72 40.59 23.54 1.14
C PHE G 72 40.53 23.05 -0.29
N SER G 73 40.87 21.79 -0.51
CA SER G 73 40.85 21.24 -1.85
C SER G 73 39.42 21.25 -2.41
N LYS G 74 38.45 20.88 -1.59
CA LYS G 74 37.04 20.86 -1.98
C LYS G 74 36.55 22.28 -2.32
N LEU G 75 37.00 23.26 -1.54
CA LEU G 75 36.63 24.66 -1.77
C LEU G 75 37.08 25.08 -3.17
N PHE G 76 38.34 24.80 -3.50
CA PHE G 76 38.85 25.19 -4.81
C PHE G 76 38.28 24.38 -5.95
N LYS G 77 37.97 23.12 -5.70
CA LYS G 77 37.39 22.28 -6.75
C LYS G 77 36.00 22.83 -7.11
N LYS G 78 35.26 23.27 -6.10
CA LYS G 78 33.93 23.84 -6.35
C LYS G 78 34.06 25.15 -7.15
N LEU G 79 35.01 26.00 -6.77
CA LEU G 79 35.23 27.24 -7.52
C LEU G 79 35.62 26.93 -8.97
N SER G 80 36.44 25.90 -9.16
CA SER G 80 36.86 25.50 -10.51
C SER G 80 35.67 25.00 -11.33
N ASP G 81 34.89 24.09 -10.77
CA ASP G 81 33.73 23.55 -11.47
C ASP G 81 32.72 24.65 -11.82
N GLU G 82 32.50 25.58 -10.90
CA GLU G 82 31.57 26.67 -11.19
C GLU G 82 32.08 27.57 -12.31
N ALA G 83 33.37 27.89 -12.29
CA ALA G 83 33.92 28.76 -13.32
C ALA G 83 33.92 28.05 -14.69
N TRP G 84 34.11 26.73 -14.70
CA TRP G 84 34.09 25.97 -15.95
C TRP G 84 32.67 26.01 -16.52
N SER G 85 31.69 25.76 -15.66
CA SER G 85 30.30 25.78 -16.07
C SER G 85 29.89 27.18 -16.59
N LYS G 86 30.37 28.23 -15.94
CA LYS G 86 30.05 29.60 -16.36
C LYS G 86 30.70 29.92 -17.71
N THR G 87 31.87 29.36 -17.95
CA THR G 87 32.56 29.59 -19.22
C THR G 87 31.63 29.14 -20.36
N ILE G 88 31.09 27.93 -20.23
CA ILE G 88 30.22 27.40 -21.26
C ILE G 88 28.92 28.20 -21.36
N ASP G 89 28.38 28.59 -20.22
CA ASP G 89 27.16 29.38 -20.21
C ASP G 89 27.35 30.73 -20.92
N ILE G 90 28.47 31.39 -20.69
CA ILE G 90 28.72 32.68 -21.33
C ILE G 90 28.91 32.51 -22.84
N ILE G 91 29.62 31.46 -23.24
CA ILE G 91 29.82 31.19 -24.67
C ILE G 91 28.45 31.01 -25.32
N LYS G 92 27.56 30.27 -24.66
CA LYS G 92 26.22 30.07 -25.21
C LYS G 92 25.43 31.38 -25.26
N HIS G 93 25.64 32.26 -24.29
CA HIS G 93 24.92 33.54 -24.31
C HIS G 93 25.41 34.43 -25.45
N VAL G 94 26.72 34.43 -25.67
CA VAL G 94 27.34 35.19 -26.76
C VAL G 94 26.70 34.77 -28.09
N THR G 95 26.57 33.46 -28.31
CA THR G 95 25.97 32.99 -29.56
C THR G 95 24.46 33.17 -29.58
N LYS G 96 23.82 33.11 -28.42
CA LYS G 96 22.37 33.33 -28.38
C LYS G 96 22.05 34.74 -28.90
N ARG G 97 22.92 35.71 -28.58
CA ARG G 97 22.71 37.09 -29.01
C ARG G 97 23.23 37.38 -30.42
N GLY G 98 23.58 36.33 -31.16
CA GLY G 98 24.00 36.51 -32.54
C GLY G 98 25.44 36.83 -32.82
N ASP G 99 26.29 36.67 -31.83
CA ASP G 99 27.71 36.98 -31.98
C ASP G 99 28.46 35.65 -32.07
N LYS G 100 29.78 35.71 -32.13
CA LYS G 100 30.56 34.48 -32.15
C LYS G 100 31.69 34.65 -31.16
N MET G 101 32.02 33.55 -30.49
CA MET G 101 33.05 33.57 -29.48
C MET G 101 34.45 33.65 -30.08
N ASN G 102 35.29 34.51 -29.52
CA ASN G 102 36.68 34.67 -29.97
C ASN G 102 37.49 34.42 -28.70
N PHE G 103 38.24 33.33 -28.64
CA PHE G 103 39.00 33.02 -27.44
C PHE G 103 40.24 33.87 -27.18
N ASP G 104 40.53 34.80 -28.08
CA ASP G 104 41.70 35.66 -27.88
C ASP G 104 41.25 37.10 -27.65
N GLN G 105 39.98 37.30 -27.31
CA GLN G 105 39.47 38.64 -27.09
C GLN G 105 39.93 39.17 -25.74
N HIS G 106 40.42 40.41 -25.73
CA HIS G 106 40.89 41.01 -24.49
C HIS G 106 39.88 42.02 -23.96
N SER G 107 39.92 42.22 -22.65
CA SER G 107 39.04 43.18 -22.00
C SER G 107 39.70 44.55 -22.06
N THR G 108 38.90 45.61 -22.02
CA THR G 108 39.46 46.96 -22.03
C THR G 108 39.67 47.39 -20.59
N MET G 109 39.01 46.70 -19.66
CA MET G 109 39.15 47.06 -18.26
C MET G 109 40.60 46.89 -17.84
N LYS G 110 41.18 48.02 -17.44
CA LYS G 110 42.58 48.05 -17.00
C LYS G 110 42.77 47.24 -15.73
N THR G 111 43.29 46.04 -15.89
CA THR G 111 43.52 45.13 -14.78
C THR G 111 45.01 44.78 -14.70
N GLU G 112 45.60 44.99 -13.53
CA GLU G 112 47.01 44.70 -13.31
C GLU G 112 47.32 43.24 -13.68
N ARG G 113 48.61 42.98 -13.90
CA ARG G 113 49.06 41.63 -14.26
C ARG G 113 49.72 40.95 -13.07
N LYS G 114 49.09 39.91 -12.56
CA LYS G 114 49.61 39.16 -11.42
C LYS G 114 49.39 37.67 -11.64
N ASN G 115 50.47 36.94 -11.88
CA ASN G 115 50.40 35.50 -12.09
C ASN G 115 49.75 34.79 -10.91
N TYR G 116 48.97 33.76 -11.20
CA TYR G 116 48.31 32.99 -10.15
C TYR G 116 49.23 31.83 -9.79
N THR G 117 49.64 31.74 -8.52
CA THR G 117 50.50 30.63 -8.11
C THR G 117 49.67 29.72 -7.23
N ALA G 118 49.73 28.41 -7.49
CA ALA G 118 48.94 27.45 -6.73
C ALA G 118 49.58 27.00 -5.42
N GLU G 119 50.90 27.09 -5.31
CA GLU G 119 51.60 26.66 -4.09
C GLU G 119 51.54 27.77 -3.05
N ASN G 120 50.58 27.70 -2.12
CA ASN G 120 50.43 28.75 -1.10
C ASN G 120 50.07 28.13 0.23
N HIS G 121 50.33 28.86 1.31
CA HIS G 121 49.88 28.39 2.62
C HIS G 121 48.39 28.75 2.65
N GLU G 122 47.66 28.26 3.64
CA GLU G 122 46.21 28.47 3.71
C GLU G 122 45.70 29.90 3.64
N LEU G 123 46.27 30.81 4.43
CA LEU G 123 45.82 32.20 4.40
C LEU G 123 46.09 32.82 3.02
N GLU G 124 47.27 32.60 2.48
CA GLU G 124 47.61 33.15 1.15
C GLU G 124 46.62 32.65 0.09
N ALA G 125 46.31 31.35 0.13
CA ALA G 125 45.40 30.78 -0.87
C ALA G 125 44.01 31.40 -0.78
N LEU G 126 43.48 31.56 0.44
CA LEU G 126 42.17 32.17 0.59
C LEU G 126 42.18 33.63 0.16
N ALA G 127 43.27 34.33 0.46
CA ALA G 127 43.41 35.74 0.07
C ALA G 127 43.38 35.87 -1.45
N LYS G 128 44.06 34.97 -2.13
CA LYS G 128 44.08 35.01 -3.60
C LYS G 128 42.71 34.65 -4.14
N ALA G 129 42.04 33.68 -3.52
CA ALA G 129 40.70 33.31 -3.98
C ALA G 129 39.77 34.52 -3.81
N LEU G 130 39.88 35.20 -2.68
CA LEU G 130 39.06 36.38 -2.42
C LEU G 130 39.33 37.45 -3.49
N ASP G 131 40.60 37.75 -3.76
CA ASP G 131 40.94 38.74 -4.77
C ASP G 131 40.43 38.37 -6.17
N THR G 132 40.59 37.11 -6.56
CA THR G 132 40.13 36.72 -7.90
C THR G 132 38.60 36.75 -8.01
N GLN G 133 37.89 36.46 -6.92
CA GLN G 133 36.43 36.52 -6.98
C GLN G 133 35.99 37.99 -7.04
N LYS G 134 36.68 38.87 -6.32
CA LYS G 134 36.34 40.29 -6.38
C LYS G 134 36.59 40.80 -7.80
N GLU G 135 37.65 40.30 -8.45
CA GLU G 135 37.94 40.71 -9.83
C GLU G 135 36.81 40.24 -10.75
N LEU G 136 36.34 39.00 -10.59
CA LEU G 136 35.24 38.51 -11.42
C LEU G 136 33.99 39.38 -11.19
N ALA G 137 33.76 39.74 -9.93
CA ALA G 137 32.58 40.54 -9.58
C ALA G 137 32.67 41.96 -10.15
N GLU G 138 33.84 42.58 -10.04
CA GLU G 138 33.99 43.93 -10.56
C GLU G 138 33.97 43.95 -12.09
N ARG G 139 34.38 42.85 -12.70
CA ARG G 139 34.33 42.79 -14.17
C ARG G 139 32.84 42.73 -14.55
N ALA G 140 32.01 42.01 -13.79
CA ALA G 140 30.58 41.98 -14.11
C ALA G 140 29.99 43.39 -13.95
N PHE G 141 30.42 44.13 -12.93
CA PHE G 141 29.92 45.50 -12.72
C PHE G 141 30.30 46.37 -13.93
N TYR G 142 31.51 46.17 -14.43
CA TYR G 142 32.01 46.92 -15.57
C TYR G 142 31.19 46.64 -16.85
N ILE G 143 30.94 45.38 -17.14
CA ILE G 143 30.17 45.03 -18.33
C ILE G 143 28.73 45.56 -18.20
N HIS G 144 28.19 45.47 -16.99
CA HIS G 144 26.84 45.93 -16.72
C HIS G 144 26.76 47.45 -16.99
N ARG G 145 27.75 48.19 -16.52
CA ARG G 145 27.80 49.64 -16.75
C ARG G 145 27.97 49.97 -18.24
N GLU G 146 28.77 49.16 -18.92
CA GLU G 146 28.98 49.36 -20.36
C GLU G 146 27.67 49.12 -21.11
N ALA G 147 26.85 48.19 -20.62
CA ALA G 147 25.59 47.87 -21.29
C ALA G 147 24.46 48.86 -21.05
N THR G 148 24.50 49.59 -19.96
CA THR G 148 23.36 50.43 -19.62
C THR G 148 23.67 51.85 -19.22
N ARG G 149 24.91 52.28 -19.35
CA ARG G 149 25.22 53.60 -18.88
C ARG G 149 26.36 54.34 -19.57
N ASN G 150 27.41 53.64 -19.95
CA ASN G 150 28.56 54.31 -20.52
C ASN G 150 28.48 54.85 -21.93
N SER G 151 27.67 54.24 -22.78
CA SER G 151 27.58 54.69 -24.16
C SER G 151 26.18 55.16 -24.48
N GLN G 152 26.10 56.40 -24.97
CA GLN G 152 24.83 57.01 -25.32
C GLN G 152 24.01 56.18 -26.31
N HIS G 153 24.67 55.51 -27.24
CA HIS G 153 23.94 54.74 -28.25
C HIS G 153 23.76 53.27 -27.95
N LEU G 154 24.18 52.83 -26.77
CA LEU G 154 24.02 51.43 -26.43
C LEU G 154 23.21 51.28 -25.15
N HIS G 155 22.11 50.54 -25.22
CA HIS G 155 21.32 50.25 -24.03
C HIS G 155 20.89 48.80 -24.20
N ASP G 156 21.52 47.90 -23.44
CA ASP G 156 21.17 46.49 -23.57
C ASP G 156 20.81 45.88 -22.21
N PRO G 157 19.53 46.01 -21.83
CA PRO G 157 19.09 45.47 -20.54
C PRO G 157 19.03 43.94 -20.51
N GLU G 158 19.15 43.30 -21.67
CA GLU G 158 19.13 41.83 -21.69
C GLU G 158 20.46 41.37 -21.08
N ILE G 159 21.56 41.98 -21.50
CA ILE G 159 22.86 41.65 -20.94
C ILE G 159 22.88 42.04 -19.46
N ALA G 160 22.32 43.21 -19.13
CA ALA G 160 22.29 43.64 -17.73
C ALA G 160 21.55 42.64 -16.83
N GLN G 161 20.36 42.20 -17.24
CA GLN G 161 19.58 41.27 -16.44
C GLN G 161 20.28 39.90 -16.37
N TYR G 162 20.91 39.49 -17.47
CA TYR G 162 21.65 38.22 -17.48
C TYR G 162 22.77 38.28 -16.41
N LEU G 163 23.53 39.37 -16.40
CA LEU G 163 24.60 39.51 -15.41
C LEU G 163 24.02 39.57 -13.99
N GLU G 164 22.94 40.32 -13.81
CA GLU G 164 22.32 40.46 -12.49
C GLU G 164 21.88 39.10 -11.94
N GLU G 165 21.21 38.33 -12.77
CA GLU G 165 20.68 37.03 -12.37
C GLU G 165 21.69 35.89 -12.24
N GLU G 166 22.59 35.78 -13.21
CA GLU G 166 23.53 34.67 -13.23
C GLU G 166 24.88 34.88 -12.59
N PHE G 167 25.26 36.13 -12.34
CA PHE G 167 26.57 36.39 -11.76
C PHE G 167 26.58 37.25 -10.51
N ILE G 168 26.03 38.44 -10.66
CA ILE G 168 26.04 39.45 -9.60
C ILE G 168 25.47 39.05 -8.24
N GLU G 169 24.29 38.41 -8.22
CA GLU G 169 23.71 38.02 -6.93
C GLU G 169 24.62 37.07 -6.17
N ASP G 170 25.10 36.04 -6.85
CA ASP G 170 25.95 35.06 -6.18
C ASP G 170 27.36 35.52 -5.82
N HIS G 171 27.90 36.49 -6.57
CA HIS G 171 29.24 36.99 -6.25
C HIS G 171 29.29 37.54 -4.83
N ALA G 172 28.25 38.26 -4.41
CA ALA G 172 28.26 38.85 -3.07
C ALA G 172 28.36 37.77 -1.98
N GLU G 173 27.66 36.67 -2.17
CA GLU G 173 27.70 35.57 -1.20
C GLU G 173 29.08 34.93 -1.14
N LYS G 174 29.67 34.66 -2.30
CA LYS G 174 30.99 34.02 -2.35
C LYS G 174 32.07 34.90 -1.74
N ILE G 175 32.02 36.19 -2.05
CA ILE G 175 33.02 37.12 -1.54
C ILE G 175 32.87 37.25 -0.03
N ARG G 176 31.64 37.34 0.46
CA ARG G 176 31.44 37.45 1.91
C ARG G 176 31.96 36.18 2.61
N THR G 177 31.70 35.03 2.01
CA THR G 177 32.15 33.76 2.59
C THR G 177 33.68 33.70 2.68
N LEU G 178 34.35 34.03 1.57
CA LEU G 178 35.81 34.01 1.54
C LEU G 178 36.41 35.06 2.46
N ALA G 179 35.79 36.25 2.54
CA ALA G 179 36.31 37.28 3.43
C ALA G 179 36.22 36.77 4.88
N GLY G 180 35.11 36.09 5.20
CA GLY G 180 34.96 35.55 6.54
C GLY G 180 36.04 34.52 6.84
N HIS G 181 36.37 33.67 5.85
CA HIS G 181 37.42 32.67 6.07
C HIS G 181 38.75 33.35 6.37
N THR G 182 39.09 34.43 5.66
CA THR G 182 40.36 35.09 5.93
C THR G 182 40.36 35.70 7.32
N SER G 183 39.21 36.20 7.78
CA SER G 183 39.14 36.77 9.14
C SER G 183 39.38 35.68 10.17
N ASP G 184 38.79 34.51 9.95
CA ASP G 184 38.98 33.41 10.90
C ASP G 184 40.45 33.01 10.98
N LEU G 185 41.12 32.88 9.83
CA LEU G 185 42.54 32.51 9.83
C LEU G 185 43.39 33.59 10.46
N LYS G 186 43.07 34.84 10.18
CA LYS G 186 43.82 35.95 10.76
C LYS G 186 43.79 35.85 12.29
N LYS G 187 42.61 35.53 12.85
CA LYS G 187 42.51 35.41 14.30
C LYS G 187 43.29 34.22 14.85
N PHE G 188 43.28 33.10 14.12
CA PHE G 188 44.03 31.92 14.57
C PHE G 188 45.52 32.26 14.63
N ILE G 189 45.95 33.08 13.68
CA ILE G 189 47.36 33.46 13.60
C ILE G 189 47.77 34.46 14.67
N THR G 190 46.89 35.41 14.98
CA THR G 190 47.24 36.45 15.94
C THR G 190 46.88 36.25 17.41
N ALA G 191 45.75 35.62 17.70
CA ALA G 191 45.35 35.44 19.08
C ALA G 191 46.30 34.51 19.84
N ASN G 192 46.53 34.84 21.12
CA ASN G 192 47.40 34.03 21.98
C ASN G 192 48.71 33.68 21.30
N ASN G 193 49.31 34.68 20.67
CA ASN G 193 50.58 34.53 19.97
C ASN G 193 50.58 33.46 18.90
N GLY G 194 49.41 33.15 18.35
CA GLY G 194 49.33 32.14 17.31
C GLY G 194 49.60 30.72 17.78
N HIS G 195 49.55 30.49 19.09
CA HIS G 195 49.82 29.17 19.64
C HIS G 195 48.92 28.02 19.18
N ASP G 196 47.67 28.33 18.85
CA ASP G 196 46.77 27.27 18.43
C ASP G 196 46.73 27.08 16.92
N LEU G 197 47.59 27.77 16.19
CA LEU G 197 47.53 27.70 14.73
C LEU G 197 47.44 26.33 14.07
N SER G 198 48.32 25.38 14.42
CA SER G 198 48.25 24.09 13.73
C SER G 198 46.94 23.36 14.02
N LEU G 199 46.48 23.37 15.27
CA LEU G 199 45.24 22.70 15.59
C LEU G 199 44.07 23.44 14.93
N ALA G 200 44.14 24.76 14.88
CA ALA G 200 43.07 25.54 14.27
C ALA G 200 42.95 25.29 12.78
N LEU G 201 44.09 25.15 12.08
CA LEU G 201 44.03 24.89 10.63
C LEU G 201 43.39 23.54 10.38
N TYR G 202 43.68 22.56 11.24
CA TYR G 202 43.10 21.24 11.10
C TYR G 202 41.57 21.32 11.33
N VAL G 203 41.17 21.98 12.41
CA VAL G 203 39.75 22.13 12.71
C VAL G 203 39.04 22.93 11.61
N PHE G 204 39.68 23.97 11.11
CA PHE G 204 39.09 24.79 10.07
C PHE G 204 38.92 23.98 8.79
N ASP G 205 39.92 23.16 8.43
CA ASP G 205 39.80 22.33 7.24
C ASP G 205 38.64 21.34 7.37
N GLU G 206 38.45 20.78 8.58
CA GLU G 206 37.35 19.85 8.80
C GLU G 206 36.02 20.58 8.64
N TYR G 207 35.99 21.82 9.10
CA TYR G 207 34.79 22.66 8.99
C TYR G 207 34.48 22.90 7.49
N LEU G 208 35.51 23.18 6.69
CA LEU G 208 35.27 23.40 5.25
C LEU G 208 34.72 22.12 4.60
N GLN G 209 35.19 20.96 5.03
CA GLN G 209 34.69 19.71 4.45
C GLN G 209 33.19 19.56 4.67
N LYS G 210 32.70 20.09 5.79
CA LYS G 210 31.27 19.99 6.10
C LYS G 210 30.42 21.10 5.51
N THR G 211 31.02 22.23 5.19
CA THR G 211 30.23 23.35 4.72
C THR G 211 30.40 23.82 3.29
N VAL G 212 31.50 23.47 2.64
CA VAL G 212 31.66 23.90 1.26
C VAL G 212 30.57 23.27 0.40
N ALA H 1 19.35 -21.77 -62.28
CA ALA H 1 18.59 -21.39 -61.06
C ALA H 1 18.62 -19.86 -60.85
N ASP H 2 17.49 -19.22 -61.12
CA ASP H 2 17.42 -17.77 -60.94
C ASP H 2 17.26 -17.45 -59.46
N THR H 3 18.03 -16.48 -58.99
CA THR H 3 17.94 -16.07 -57.60
C THR H 3 17.87 -14.54 -57.57
N CYS H 4 17.45 -13.99 -56.44
CA CYS H 4 17.37 -12.55 -56.32
C CYS H 4 18.80 -11.98 -56.38
N TYR H 5 19.75 -12.67 -55.74
CA TYR H 5 21.14 -12.21 -55.74
C TYR H 5 21.70 -12.14 -57.16
N ASN H 6 21.44 -13.16 -57.96
CA ASN H 6 21.93 -13.14 -59.34
C ASN H 6 21.26 -12.02 -60.15
N ASP H 7 19.97 -11.76 -59.90
CA ASP H 7 19.29 -10.67 -60.61
C ASP H 7 19.96 -9.35 -60.27
N VAL H 8 20.33 -9.17 -59.00
CA VAL H 8 20.98 -7.95 -58.58
C VAL H 8 22.35 -7.80 -59.26
N ALA H 9 23.13 -8.88 -59.27
CA ALA H 9 24.46 -8.85 -59.89
C ALA H 9 24.35 -8.45 -61.37
N LEU H 10 23.37 -9.00 -62.06
CA LEU H 10 23.18 -8.68 -63.47
C LEU H 10 22.71 -7.24 -63.69
N ASP H 11 21.60 -6.87 -63.04
CA ASP H 11 21.05 -5.52 -63.20
C ASP H 11 21.88 -4.38 -62.63
N CYS H 12 22.69 -4.65 -61.62
CA CYS H 12 23.51 -3.59 -61.04
C CYS H 12 24.84 -3.44 -61.77
N GLY H 13 24.91 -4.05 -62.96
CA GLY H 13 26.12 -3.96 -63.75
C GLY H 13 26.07 -2.68 -64.59
N ILE H 14 27.22 -2.06 -64.83
CA ILE H 14 27.28 -0.82 -65.62
C ILE H 14 26.62 -1.00 -66.98
N THR H 15 26.53 -2.24 -67.42
CA THR H 15 25.93 -2.56 -68.72
C THR H 15 24.42 -2.33 -68.71
N SER H 16 23.79 -2.59 -67.56
CA SER H 16 22.34 -2.44 -67.41
C SER H 16 21.87 -1.00 -67.27
N ASN H 17 20.60 -0.79 -67.58
CA ASN H 17 19.97 0.53 -67.50
C ASN H 17 18.59 0.37 -66.87
N SER H 18 18.41 -0.72 -66.15
CA SER H 18 17.15 -1.01 -65.48
C SER H 18 17.42 -1.84 -64.23
N LEU H 19 16.38 -2.10 -63.46
CA LEU H 19 16.51 -2.89 -62.25
C LEU H 19 15.21 -3.65 -62.04
N ALA H 20 14.96 -4.64 -62.89
CA ALA H 20 13.73 -5.43 -62.81
C ALA H 20 13.62 -6.31 -61.57
N LEU H 21 14.69 -7.05 -61.29
CA LEU H 21 14.75 -7.95 -60.12
C LEU H 21 13.50 -8.83 -59.97
N PRO H 22 13.16 -9.59 -61.02
CA PRO H 22 11.98 -10.46 -60.95
C PRO H 22 11.99 -11.51 -59.84
N ARG H 23 13.18 -11.97 -59.43
CA ARG H 23 13.24 -12.98 -58.37
C ARG H 23 13.29 -12.39 -56.97
N CYS H 24 13.31 -11.06 -56.86
CA CYS H 24 13.35 -10.45 -55.54
C CYS H 24 11.91 -10.15 -55.11
N ASN H 25 11.21 -11.20 -54.73
CA ASN H 25 9.83 -11.08 -54.28
C ASN H 25 9.70 -12.12 -53.19
N ALA H 26 8.51 -12.27 -52.63
CA ALA H 26 8.34 -13.22 -51.52
C ALA H 26 7.88 -14.61 -51.97
N VAL H 27 7.96 -14.90 -53.26
CA VAL H 27 7.53 -16.21 -53.77
C VAL H 27 8.57 -17.30 -53.53
N TYR H 28 8.15 -18.41 -52.92
CA TYR H 28 9.05 -19.54 -52.72
C TYR H 28 8.21 -20.82 -52.77
N GLY H 29 8.87 -21.96 -52.91
CA GLY H 29 8.14 -23.21 -53.03
C GLY H 29 7.28 -23.17 -54.29
N GLU H 30 7.66 -22.36 -55.26
CA GLU H 30 6.86 -22.21 -56.49
C GLU H 30 5.37 -21.89 -56.22
N TYR H 31 5.12 -21.11 -55.18
CA TYR H 31 3.76 -20.72 -54.82
C TYR H 31 3.13 -20.02 -56.02
N GLY H 32 1.96 -20.47 -56.44
CA GLY H 32 1.30 -19.83 -57.56
C GLY H 32 1.69 -20.37 -58.94
N SER H 33 2.79 -21.14 -59.02
CA SER H 33 3.26 -21.69 -60.30
C SER H 33 2.62 -23.01 -60.69
N HIS H 34 2.42 -23.90 -59.72
CA HIS H 34 1.81 -25.19 -59.99
C HIS H 34 0.53 -25.29 -59.16
N GLY H 35 -0.45 -26.02 -59.67
CA GLY H 35 -1.69 -26.20 -58.95
C GLY H 35 -2.59 -24.99 -58.82
N ASN H 36 -3.64 -25.13 -58.02
CA ASN H 36 -4.62 -24.09 -57.83
C ASN H 36 -4.63 -23.50 -56.43
N VAL H 37 -3.62 -23.81 -55.62
CA VAL H 37 -3.66 -23.31 -54.25
C VAL H 37 -3.71 -21.78 -54.16
N ALA H 38 -2.90 -21.09 -54.95
CA ALA H 38 -2.88 -19.62 -54.86
C ALA H 38 -4.21 -19.00 -55.26
N THR H 39 -4.80 -19.46 -56.35
CA THR H 39 -6.08 -18.88 -56.76
C THR H 39 -7.19 -19.31 -55.82
N GLU H 40 -7.13 -20.53 -55.29
CA GLU H 40 -8.17 -20.98 -54.35
C GLU H 40 -8.14 -20.14 -53.07
N LEU H 41 -6.95 -19.75 -52.61
CA LEU H 41 -6.86 -18.95 -51.40
C LEU H 41 -7.52 -17.58 -51.66
N GLN H 42 -7.30 -17.02 -52.84
CA GLN H 42 -7.94 -15.75 -53.18
C GLN H 42 -9.46 -15.90 -53.20
N ALA H 43 -9.94 -17.00 -53.79
CA ALA H 43 -11.39 -17.23 -53.85
C ALA H 43 -11.95 -17.48 -52.44
N TYR H 44 -11.11 -17.96 -51.52
CA TYR H 44 -11.56 -18.22 -50.15
C TYR H 44 -11.77 -16.88 -49.42
N ALA H 45 -10.94 -15.88 -49.72
CA ALA H 45 -11.14 -14.56 -49.11
C ALA H 45 -12.47 -14.01 -49.62
N LYS H 46 -12.73 -14.23 -50.90
CA LYS H 46 -13.97 -13.76 -51.53
C LYS H 46 -15.19 -14.43 -50.91
N LEU H 47 -15.09 -15.72 -50.61
CA LEU H 47 -16.23 -16.43 -50.00
C LEU H 47 -16.49 -15.86 -48.60
N HIS H 48 -15.44 -15.60 -47.83
CA HIS H 48 -15.64 -15.05 -46.49
C HIS H 48 -16.25 -13.65 -46.59
N LEU H 49 -15.81 -12.88 -47.58
CA LEU H 49 -16.32 -11.51 -47.74
C LEU H 49 -17.83 -11.55 -48.01
N GLU H 50 -18.24 -12.40 -48.95
CA GLU H 50 -19.64 -12.53 -49.29
C GLU H 50 -20.45 -13.02 -48.09
N ARG H 51 -19.94 -14.04 -47.40
CA ARG H 51 -20.68 -14.54 -46.25
C ARG H 51 -20.74 -13.52 -45.11
N SER H 52 -19.70 -12.69 -44.95
CA SER H 52 -19.76 -11.71 -43.86
C SER H 52 -20.97 -10.81 -44.05
N TYR H 53 -21.22 -10.39 -45.29
CA TYR H 53 -22.38 -9.53 -45.54
C TYR H 53 -23.71 -10.31 -45.49
N ASP H 54 -23.71 -11.60 -45.88
CA ASP H 54 -24.94 -12.39 -45.75
C ASP H 54 -25.32 -12.48 -44.26
N TYR H 55 -24.33 -12.79 -43.42
CA TYR H 55 -24.58 -12.90 -41.98
C TYR H 55 -25.02 -11.56 -41.40
N LEU H 56 -24.46 -10.48 -41.91
CA LEU H 56 -24.82 -9.15 -41.43
C LEU H 56 -26.31 -8.89 -41.70
N LEU H 57 -26.80 -9.30 -42.88
CA LEU H 57 -28.21 -9.11 -43.21
C LEU H 57 -29.10 -9.98 -42.31
N SER H 58 -28.65 -11.19 -41.97
CA SER H 58 -29.43 -12.03 -41.06
C SER H 58 -29.47 -11.37 -39.68
N ALA H 59 -28.34 -10.80 -39.24
CA ALA H 59 -28.31 -10.13 -37.94
C ALA H 59 -29.31 -8.97 -37.94
N ALA H 60 -29.38 -8.25 -39.05
CA ALA H 60 -30.32 -7.12 -39.17
C ALA H 60 -31.75 -7.64 -39.12
N TYR H 61 -32.05 -8.66 -39.90
CA TYR H 61 -33.40 -9.20 -39.93
C TYR H 61 -33.89 -9.60 -38.53
N PHE H 62 -33.05 -10.28 -37.76
CA PHE H 62 -33.47 -10.69 -36.42
C PHE H 62 -33.52 -9.56 -35.41
N ASN H 63 -33.11 -8.37 -35.85
CA ASN H 63 -33.19 -7.20 -34.97
C ASN H 63 -34.32 -6.26 -35.41
N ASN H 64 -35.22 -6.72 -36.29
CA ASN H 64 -36.36 -5.85 -36.66
C ASN H 64 -37.36 -5.95 -35.50
N TYR H 65 -38.31 -5.03 -35.39
CA TYR H 65 -39.22 -5.04 -34.23
C TYR H 65 -40.17 -6.22 -34.12
N GLN H 66 -40.48 -6.88 -35.23
CA GLN H 66 -41.38 -8.03 -35.21
C GLN H 66 -40.68 -9.31 -34.77
N THR H 67 -39.48 -9.54 -35.29
CA THR H 67 -38.72 -10.74 -34.90
C THR H 67 -38.13 -10.50 -33.53
N ASN H 68 -37.41 -9.39 -33.41
CA ASN H 68 -36.82 -8.97 -32.15
C ASN H 68 -36.16 -10.10 -31.34
N ARG H 69 -35.25 -10.82 -31.99
CA ARG H 69 -34.52 -11.92 -31.33
C ARG H 69 -33.08 -11.47 -31.13
N ALA H 70 -32.81 -10.80 -30.02
CA ALA H 70 -31.45 -10.28 -29.76
C ALA H 70 -30.38 -11.37 -29.73
N GLY H 71 -30.75 -12.57 -29.29
CA GLY H 71 -29.80 -13.68 -29.23
C GLY H 71 -29.44 -14.16 -30.63
N PHE H 72 -30.45 -14.34 -31.48
CA PHE H 72 -30.18 -14.78 -32.86
C PHE H 72 -29.40 -13.70 -33.59
N SER H 73 -29.76 -12.44 -33.34
CA SER H 73 -29.08 -11.34 -34.00
C SER H 73 -27.60 -11.31 -33.60
N LYS H 74 -27.32 -11.52 -32.31
CA LYS H 74 -25.96 -11.53 -31.80
C LYS H 74 -25.15 -12.69 -32.41
N LEU H 75 -25.80 -13.83 -32.59
CA LEU H 75 -25.15 -14.99 -33.17
C LEU H 75 -24.67 -14.66 -34.59
N PHE H 76 -25.55 -14.07 -35.38
CA PHE H 76 -25.19 -13.72 -36.75
C PHE H 76 -24.20 -12.57 -36.85
N LYS H 77 -24.29 -11.63 -35.91
CA LYS H 77 -23.37 -10.50 -35.93
C LYS H 77 -21.95 -11.02 -35.66
N LYS H 78 -21.84 -11.99 -34.76
CA LYS H 78 -20.53 -12.56 -34.45
C LYS H 78 -19.99 -13.31 -35.68
N LEU H 79 -20.83 -14.09 -36.35
CA LEU H 79 -20.40 -14.80 -37.56
C LEU H 79 -19.96 -13.80 -38.62
N SER H 80 -20.69 -12.68 -38.74
CA SER H 80 -20.34 -11.64 -39.71
C SER H 80 -19.00 -11.00 -39.40
N ASP H 81 -18.81 -10.59 -38.14
CA ASP H 81 -17.56 -9.96 -37.73
C ASP H 81 -16.37 -10.91 -37.92
N GLU H 82 -16.56 -12.18 -37.59
CA GLU H 82 -15.46 -13.15 -37.78
C GLU H 82 -15.12 -13.33 -39.24
N ALA H 83 -16.12 -13.43 -40.11
CA ALA H 83 -15.88 -13.62 -41.53
C ALA H 83 -15.22 -12.37 -42.14
N TRP H 84 -15.58 -11.18 -41.64
CA TRP H 84 -14.99 -9.94 -42.14
C TRP H 84 -13.49 -9.93 -41.76
N SER H 85 -13.22 -10.26 -40.50
CA SER H 85 -11.85 -10.30 -40.02
C SER H 85 -11.01 -11.33 -40.80
N LYS H 86 -11.60 -12.49 -41.10
CA LYS H 86 -10.89 -13.52 -41.85
C LYS H 86 -10.62 -13.09 -43.28
N THR H 87 -11.53 -12.30 -43.84
CA THR H 87 -11.35 -11.81 -45.21
C THR H 87 -10.04 -11.03 -45.27
N ILE H 88 -9.86 -10.12 -44.32
CA ILE H 88 -8.65 -9.30 -44.30
C ILE H 88 -7.41 -10.15 -44.03
N ASP H 89 -7.54 -11.11 -43.12
CA ASP H 89 -6.42 -11.98 -42.79
C ASP H 89 -5.97 -12.80 -44.01
N ILE H 90 -6.93 -13.33 -44.78
CA ILE H 90 -6.56 -14.12 -45.96
C ILE H 90 -5.90 -13.23 -47.02
N ILE H 91 -6.44 -12.02 -47.21
CA ILE H 91 -5.84 -11.10 -48.18
C ILE H 91 -4.38 -10.83 -47.78
N LYS H 92 -4.14 -10.64 -46.50
CA LYS H 92 -2.77 -10.41 -46.03
C LYS H 92 -1.90 -11.64 -46.23
N HIS H 93 -2.48 -12.83 -46.09
CA HIS H 93 -1.68 -14.05 -46.29
C HIS H 93 -1.30 -14.22 -47.76
N VAL H 94 -2.25 -13.93 -48.65
CA VAL H 94 -2.03 -13.99 -50.09
C VAL H 94 -0.82 -13.10 -50.46
N THR H 95 -0.80 -11.88 -49.92
CA THR H 95 0.31 -10.97 -50.24
C THR H 95 1.58 -11.34 -49.50
N LYS H 96 1.45 -11.93 -48.32
CA LYS H 96 2.64 -12.36 -47.57
C LYS H 96 3.41 -13.40 -48.41
N ARG H 97 2.67 -14.26 -49.11
CA ARG H 97 3.29 -15.30 -49.93
C ARG H 97 3.70 -14.81 -51.33
N GLY H 98 3.66 -13.50 -51.55
CA GLY H 98 4.12 -12.96 -52.82
C GLY H 98 3.14 -12.89 -53.97
N ASP H 99 1.87 -13.09 -53.69
CA ASP H 99 0.85 -13.08 -54.73
C ASP H 99 0.08 -11.76 -54.59
N LYS H 100 -0.96 -11.59 -55.39
CA LYS H 100 -1.78 -10.38 -55.28
C LYS H 100 -3.22 -10.82 -55.29
N MET H 101 -4.03 -10.13 -54.51
CA MET H 101 -5.44 -10.45 -54.40
C MET H 101 -6.22 -10.03 -55.64
N ASN H 102 -7.08 -10.92 -56.12
CA ASN H 102 -7.95 -10.64 -57.26
C ASN H 102 -9.36 -10.89 -56.73
N PHE H 103 -10.17 -9.85 -56.61
CA PHE H 103 -11.51 -10.03 -56.06
C PHE H 103 -12.53 -10.71 -56.97
N ASP H 104 -12.13 -11.06 -58.18
CA ASP H 104 -13.05 -11.73 -59.08
C ASP H 104 -12.59 -13.16 -59.34
N GLN H 105 -11.71 -13.68 -58.50
CA GLN H 105 -11.21 -15.03 -58.68
C GLN H 105 -12.25 -16.06 -58.26
N HIS H 106 -12.47 -17.06 -59.09
CA HIS H 106 -13.44 -18.09 -58.76
C HIS H 106 -12.77 -19.36 -58.31
N SER H 107 -13.49 -20.15 -57.52
CA SER H 107 -12.98 -21.42 -57.03
C SER H 107 -13.27 -22.48 -58.07
N THR H 108 -12.48 -23.55 -58.09
CA THR H 108 -12.72 -24.64 -59.03
C THR H 108 -13.64 -25.65 -58.35
N MET H 109 -13.71 -25.59 -57.03
CA MET H 109 -14.55 -26.52 -56.30
C MET H 109 -15.99 -26.36 -56.74
N LYS H 110 -16.53 -27.43 -57.31
CA LYS H 110 -17.89 -27.46 -57.81
C LYS H 110 -18.88 -27.32 -56.65
N THR H 111 -19.40 -26.11 -56.51
CA THR H 111 -20.37 -25.80 -55.45
C THR H 111 -21.66 -25.31 -56.06
N GLU H 112 -22.77 -25.95 -55.68
CA GLU H 112 -24.09 -25.57 -56.18
C GLU H 112 -24.37 -24.10 -55.94
N ARG H 113 -25.33 -23.57 -56.69
CA ARG H 113 -25.71 -22.15 -56.57
C ARG H 113 -27.02 -22.02 -55.80
N LYS H 114 -26.95 -21.44 -54.60
CA LYS H 114 -28.12 -21.23 -53.77
C LYS H 114 -28.05 -19.87 -53.11
N ASN H 115 -28.92 -18.96 -53.54
CA ASN H 115 -28.96 -17.61 -52.98
C ASN H 115 -29.21 -17.64 -51.48
N TYR H 116 -28.56 -16.72 -50.76
CA TYR H 116 -28.73 -16.64 -49.32
C TYR H 116 -29.86 -15.66 -49.04
N THR H 117 -30.91 -16.09 -48.36
CA THR H 117 -32.02 -15.18 -48.04
C THR H 117 -31.96 -14.93 -46.55
N ALA H 118 -32.08 -13.66 -46.16
CA ALA H 118 -32.01 -13.28 -44.74
C ALA H 118 -33.33 -13.41 -43.99
N GLU H 119 -34.45 -13.33 -44.70
CA GLU H 119 -35.77 -13.43 -44.04
C GLU H 119 -36.13 -14.90 -43.81
N ASN H 120 -35.87 -15.40 -42.61
CA ASN H 120 -36.15 -16.81 -42.30
C ASN H 120 -36.70 -16.95 -40.90
N HIS H 121 -37.38 -18.05 -40.63
CA HIS H 121 -37.83 -18.30 -39.27
C HIS H 121 -36.57 -18.86 -38.58
N GLU H 122 -36.60 -19.00 -37.26
CA GLU H 122 -35.43 -19.44 -36.50
C GLU H 122 -34.75 -20.73 -36.93
N LEU H 123 -35.52 -21.80 -37.12
CA LEU H 123 -34.91 -23.07 -37.53
C LEU H 123 -34.27 -22.94 -38.92
N GLU H 124 -34.97 -22.31 -39.86
CA GLU H 124 -34.41 -22.11 -41.20
C GLU H 124 -33.10 -21.35 -41.16
N ALA H 125 -33.06 -20.28 -40.36
CA ALA H 125 -31.86 -19.44 -40.27
C ALA H 125 -30.67 -20.24 -39.71
N LEU H 126 -30.90 -21.03 -38.67
CA LEU H 126 -29.82 -21.82 -38.10
C LEU H 126 -29.36 -22.89 -39.09
N ALA H 127 -30.32 -23.48 -39.81
CA ALA H 127 -29.98 -24.51 -40.81
C ALA H 127 -29.09 -23.93 -41.89
N LYS H 128 -29.41 -22.72 -42.34
CA LYS H 128 -28.61 -22.08 -43.38
C LYS H 128 -27.24 -21.71 -42.82
N ALA H 129 -27.19 -21.25 -41.56
CA ALA H 129 -25.90 -20.92 -40.97
C ALA H 129 -25.05 -22.19 -40.89
N LEU H 130 -25.66 -23.30 -40.49
CA LEU H 130 -24.94 -24.56 -40.39
C LEU H 130 -24.40 -24.95 -41.77
N ASP H 131 -25.24 -24.90 -42.80
CA ASP H 131 -24.80 -25.26 -44.17
C ASP H 131 -23.67 -24.36 -44.67
N THR H 132 -23.77 -23.06 -44.45
CA THR H 132 -22.72 -22.17 -44.93
C THR H 132 -21.41 -22.36 -44.16
N GLN H 133 -21.47 -22.72 -42.88
CA GLN H 133 -20.24 -22.96 -42.14
C GLN H 133 -19.62 -24.29 -42.61
N LYS H 134 -20.46 -25.30 -42.91
CA LYS H 134 -19.91 -26.56 -43.42
C LYS H 134 -19.25 -26.30 -44.79
N GLU H 135 -19.83 -25.40 -45.57
CA GLU H 135 -19.24 -25.09 -46.88
C GLU H 135 -17.88 -24.40 -46.67
N LEU H 136 -17.78 -23.48 -45.72
CA LEU H 136 -16.49 -22.82 -45.46
C LEU H 136 -15.47 -23.87 -45.00
N ALA H 137 -15.93 -24.81 -44.17
CA ALA H 137 -15.04 -25.85 -43.65
C ALA H 137 -14.57 -26.81 -44.74
N GLU H 138 -15.48 -27.23 -45.60
CA GLU H 138 -15.10 -28.15 -46.67
C GLU H 138 -14.24 -27.46 -47.72
N ARG H 139 -14.40 -26.14 -47.87
CA ARG H 139 -13.56 -25.41 -48.82
C ARG H 139 -12.13 -25.42 -48.23
N ALA H 140 -12.00 -25.27 -46.91
CA ALA H 140 -10.66 -25.31 -46.32
C ALA H 140 -10.04 -26.70 -46.54
N PHE H 141 -10.85 -27.75 -46.41
CA PHE H 141 -10.34 -29.12 -46.62
C PHE H 141 -9.84 -29.26 -48.06
N TYR H 142 -10.58 -28.68 -48.99
CA TYR H 142 -10.24 -28.72 -50.41
C TYR H 142 -8.91 -28.01 -50.70
N ILE H 143 -8.73 -26.81 -50.18
CA ILE H 143 -7.49 -26.07 -50.41
C ILE H 143 -6.31 -26.81 -49.76
N HIS H 144 -6.55 -27.36 -48.58
CA HIS H 144 -5.54 -28.11 -47.86
C HIS H 144 -5.07 -29.31 -48.70
N ARG H 145 -6.04 -30.02 -49.28
CA ARG H 145 -5.73 -31.19 -50.12
C ARG H 145 -4.98 -30.75 -51.40
N GLU H 146 -5.38 -29.61 -51.95
CA GLU H 146 -4.72 -29.09 -53.14
C GLU H 146 -3.27 -28.72 -52.83
N ALA H 147 -3.02 -28.25 -51.60
CA ALA H 147 -1.67 -27.86 -51.21
C ALA H 147 -0.72 -29.00 -50.86
N THR H 148 -1.26 -30.14 -50.46
CA THR H 148 -0.38 -31.20 -49.99
C THR H 148 -0.64 -32.58 -50.54
N ARG H 149 -1.50 -32.71 -51.53
CA ARG H 149 -1.82 -34.03 -51.98
C ARG H 149 -2.25 -34.19 -53.43
N ASN H 150 -3.00 -33.24 -53.96
CA ASN H 150 -3.53 -33.39 -55.31
C ASN H 150 -2.59 -33.23 -56.48
N SER H 151 -1.56 -32.41 -56.34
CA SER H 151 -0.64 -32.18 -57.44
C SER H 151 0.76 -32.66 -57.11
N GLN H 152 1.28 -33.52 -57.97
CA GLN H 152 2.61 -34.08 -57.79
C GLN H 152 3.70 -33.03 -57.63
N HIS H 153 3.58 -31.90 -58.32
CA HIS H 153 4.61 -30.89 -58.26
C HIS H 153 4.37 -29.76 -57.26
N LEU H 154 3.31 -29.87 -56.50
CA LEU H 154 3.03 -28.82 -55.51
C LEU H 154 2.94 -29.41 -54.11
N HIS H 155 3.77 -28.89 -53.21
CA HIS H 155 3.71 -29.31 -51.82
C HIS H 155 3.92 -28.03 -51.03
N ASP H 156 2.86 -27.50 -50.44
CA ASP H 156 2.99 -26.26 -49.67
C ASP H 156 2.43 -26.42 -48.26
N PRO H 157 3.28 -26.88 -47.34
CA PRO H 157 2.84 -27.07 -45.96
C PRO H 157 2.64 -25.78 -45.20
N GLU H 158 3.09 -24.66 -45.76
CA GLU H 158 2.89 -23.37 -45.09
C GLU H 158 1.40 -23.05 -45.19
N ILE H 159 0.84 -23.23 -46.38
CA ILE H 159 -0.60 -23.00 -46.57
C ILE H 159 -1.38 -24.03 -45.74
N ALA H 160 -0.93 -25.28 -45.74
CA ALA H 160 -1.61 -26.31 -44.95
C ALA H 160 -1.67 -25.98 -43.46
N GLN H 161 -0.53 -25.57 -42.89
CA GLN H 161 -0.49 -25.24 -41.46
C GLN H 161 -1.31 -23.99 -41.17
N TYR H 162 -1.28 -23.02 -42.08
CA TYR H 162 -2.07 -21.80 -41.92
C TYR H 162 -3.56 -22.17 -41.84
N LEU H 163 -4.03 -23.02 -42.76
CA LEU H 163 -5.43 -23.44 -42.73
C LEU H 163 -5.74 -24.24 -41.46
N GLU H 164 -4.84 -25.14 -41.08
CA GLU H 164 -5.04 -25.96 -39.89
C GLU H 164 -5.21 -25.10 -38.64
N GLU H 165 -4.31 -24.13 -38.48
CA GLU H 165 -4.31 -23.27 -37.30
C GLU H 165 -5.38 -22.19 -37.26
N GLU H 166 -5.60 -21.50 -38.37
CA GLU H 166 -6.53 -20.39 -38.39
C GLU H 166 -7.95 -20.67 -38.81
N PHE H 167 -8.20 -21.82 -39.42
CA PHE H 167 -9.55 -22.11 -39.87
C PHE H 167 -10.12 -23.44 -39.42
N ILE H 168 -9.41 -24.50 -39.76
CA ILE H 168 -9.84 -25.86 -39.51
C ILE H 168 -10.19 -26.23 -38.06
N GLU H 169 -9.35 -25.87 -37.10
CA GLU H 169 -9.65 -26.21 -35.71
C GLU H 169 -10.97 -25.60 -35.25
N ASP H 170 -11.14 -24.31 -35.51
CA ASP H 170 -12.36 -23.63 -35.07
C ASP H 170 -13.63 -24.00 -35.82
N HIS H 171 -13.51 -24.41 -37.08
CA HIS H 171 -14.70 -24.79 -37.83
C HIS H 171 -15.45 -25.93 -37.14
N ALA H 172 -14.73 -26.91 -36.61
CA ALA H 172 -15.38 -28.04 -35.96
C ALA H 172 -16.24 -27.59 -34.77
N GLU H 173 -15.73 -26.64 -33.99
CA GLU H 173 -16.48 -26.13 -32.84
C GLU H 173 -17.74 -25.39 -33.28
N LYS H 174 -17.61 -24.52 -34.28
CA LYS H 174 -18.77 -23.75 -34.75
C LYS H 174 -19.85 -24.65 -35.33
N ILE H 175 -19.43 -25.63 -36.13
CA ILE H 175 -20.39 -26.52 -36.75
C ILE H 175 -21.09 -27.36 -35.70
N ARG H 176 -20.34 -27.86 -34.72
CA ARG H 176 -20.97 -28.65 -33.66
C ARG H 176 -21.97 -27.79 -32.88
N THR H 177 -21.61 -26.55 -32.61
CA THR H 177 -22.51 -25.64 -31.88
C THR H 177 -23.80 -25.40 -32.65
N LEU H 178 -23.68 -25.07 -33.93
CA LEU H 178 -24.86 -24.82 -34.76
C LEU H 178 -25.70 -26.08 -34.94
N ALA H 179 -25.06 -27.24 -35.09
CA ALA H 179 -25.81 -28.49 -35.25
C ALA H 179 -26.63 -28.73 -33.96
N GLY H 180 -26.01 -28.44 -32.81
CA GLY H 180 -26.71 -28.62 -31.55
C GLY H 180 -27.92 -27.69 -31.47
N HIS H 181 -27.78 -26.45 -31.95
CA HIS H 181 -28.90 -25.51 -31.91
C HIS H 181 -30.06 -26.04 -32.77
N THR H 182 -29.76 -26.61 -33.94
CA THR H 182 -30.86 -27.12 -34.76
C THR H 182 -31.53 -28.30 -34.09
N SER H 183 -30.77 -29.13 -33.37
CA SER H 183 -31.37 -30.27 -32.65
C SER H 183 -32.32 -29.75 -31.57
N ASP H 184 -31.89 -28.72 -30.85
CA ASP H 184 -32.75 -28.17 -29.80
C ASP H 184 -34.07 -27.64 -30.38
N LEU H 185 -33.99 -26.89 -31.48
CA LEU H 185 -35.20 -26.34 -32.10
C LEU H 185 -36.08 -27.46 -32.64
N LYS H 186 -35.47 -28.47 -33.24
CA LYS H 186 -36.23 -29.60 -33.76
C LYS H 186 -37.07 -30.22 -32.64
N LYS H 187 -36.47 -30.38 -31.46
CA LYS H 187 -37.22 -30.96 -30.34
C LYS H 187 -38.34 -30.07 -29.86
N PHE H 188 -38.11 -28.75 -29.83
CA PHE H 188 -39.15 -27.81 -29.39
C PHE H 188 -40.34 -27.90 -30.34
N ILE H 189 -40.04 -28.13 -31.61
CA ILE H 189 -41.08 -28.21 -32.63
C ILE H 189 -41.86 -29.52 -32.59
N THR H 190 -41.18 -30.62 -32.32
CA THR H 190 -41.83 -31.92 -32.33
C THR H 190 -42.37 -32.47 -31.03
N ALA H 191 -41.71 -32.23 -29.91
CA ALA H 191 -42.19 -32.79 -28.65
C ALA H 191 -43.54 -32.19 -28.22
N ASN H 192 -44.38 -33.03 -27.63
CA ASN H 192 -45.69 -32.59 -27.14
C ASN H 192 -46.43 -31.77 -28.18
N ASN H 193 -46.42 -32.27 -29.41
CA ASN H 193 -47.09 -31.62 -30.52
C ASN H 193 -46.67 -30.19 -30.77
N GLY H 194 -45.45 -29.84 -30.35
CA GLY H 194 -44.96 -28.48 -30.56
C GLY H 194 -45.67 -27.42 -29.73
N HIS H 195 -46.39 -27.84 -28.70
CA HIS H 195 -47.12 -26.89 -27.86
C HIS H 195 -46.31 -25.83 -27.14
N ASP H 196 -45.06 -26.12 -26.81
CA ASP H 196 -44.25 -25.13 -26.11
C ASP H 196 -43.40 -24.27 -27.04
N LEU H 197 -43.61 -24.41 -28.35
CA LEU H 197 -42.75 -23.68 -29.29
C LEU H 197 -42.53 -22.18 -29.05
N SER H 198 -43.58 -21.40 -28.86
CA SER H 198 -43.34 -19.96 -28.70
C SER H 198 -42.56 -19.64 -27.43
N LEU H 199 -42.87 -20.31 -26.33
CA LEU H 199 -42.13 -20.05 -25.09
C LEU H 199 -40.69 -20.57 -25.25
N ALA H 200 -40.53 -21.69 -25.93
CA ALA H 200 -39.19 -22.26 -26.11
C ALA H 200 -38.30 -21.35 -26.97
N LEU H 201 -38.86 -20.74 -28.02
CA LEU H 201 -38.05 -19.85 -28.86
C LEU H 201 -37.59 -18.64 -28.05
N TYR H 202 -38.47 -18.15 -27.18
CA TYR H 202 -38.11 -17.01 -26.32
C TYR H 202 -36.99 -17.43 -25.36
N VAL H 203 -37.16 -18.56 -24.70
CA VAL H 203 -36.15 -19.05 -23.77
C VAL H 203 -34.82 -19.34 -24.49
N PHE H 204 -34.91 -19.92 -25.68
CA PHE H 204 -33.71 -20.24 -26.45
C PHE H 204 -32.99 -18.96 -26.86
N ASP H 205 -33.74 -17.94 -27.29
CA ASP H 205 -33.10 -16.67 -27.66
C ASP H 205 -32.39 -16.05 -26.46
N GLU H 206 -32.99 -16.14 -25.26
CA GLU H 206 -32.37 -15.59 -24.06
C GLU H 206 -31.08 -16.37 -23.77
N TYR H 207 -31.11 -17.67 -24.01
CA TYR H 207 -29.94 -18.52 -23.81
C TYR H 207 -28.81 -18.08 -24.78
N LEU H 208 -29.16 -17.80 -26.03
CA LEU H 208 -28.14 -17.36 -26.99
C LEU H 208 -27.52 -16.04 -26.54
N GLN H 209 -28.34 -15.14 -25.97
CA GLN H 209 -27.79 -13.87 -25.52
C GLN H 209 -26.71 -14.06 -24.47
N LYS H 210 -26.85 -15.11 -23.66
CA LYS H 210 -25.88 -15.39 -22.60
C LYS H 210 -24.68 -16.20 -23.05
N THR H 211 -24.82 -16.96 -24.12
CA THR H 211 -23.74 -17.84 -24.52
C THR H 211 -23.00 -17.55 -25.82
N VAL H 212 -23.59 -16.78 -26.72
CA VAL H 212 -22.90 -16.50 -27.97
C VAL H 212 -21.62 -15.70 -27.66
N ALA I 1 7.70 -59.54 -33.51
CA ALA I 1 7.72 -58.10 -33.08
C ALA I 1 8.64 -57.89 -31.88
N ASP I 2 9.79 -57.30 -32.12
CA ASP I 2 10.74 -57.04 -31.05
C ASP I 2 10.26 -55.84 -30.23
N THR I 3 10.31 -55.99 -28.91
CA THR I 3 9.92 -54.89 -28.02
C THR I 3 10.99 -54.76 -26.96
N CYS I 4 11.00 -53.63 -26.27
CA CYS I 4 11.98 -53.42 -25.21
C CYS I 4 11.68 -54.42 -24.09
N TYR I 5 10.41 -54.64 -23.79
CA TYR I 5 10.03 -55.57 -22.73
C TYR I 5 10.54 -56.99 -23.03
N ASN I 6 10.38 -57.44 -24.26
CA ASN I 6 10.87 -58.77 -24.62
C ASN I 6 12.39 -58.84 -24.54
N ASP I 7 13.08 -57.76 -24.92
CA ASP I 7 14.55 -57.75 -24.81
C ASP I 7 14.95 -57.90 -23.35
N VAL I 8 14.23 -57.23 -22.46
CA VAL I 8 14.55 -57.32 -21.03
C VAL I 8 14.33 -58.74 -20.51
N ALA I 9 13.20 -59.34 -20.89
CA ALA I 9 12.87 -60.70 -20.45
C ALA I 9 13.97 -61.67 -20.88
N LEU I 10 14.43 -61.53 -22.11
CA LEU I 10 15.48 -62.40 -22.63
C LEU I 10 16.84 -62.16 -21.94
N ASP I 11 17.31 -60.92 -21.95
CA ASP I 11 18.59 -60.58 -21.36
C ASP I 11 18.68 -60.69 -19.84
N CYS I 12 17.56 -60.53 -19.14
CA CYS I 12 17.59 -60.62 -17.68
C CYS I 12 17.42 -62.06 -17.21
N GLY I 13 17.56 -63.00 -18.15
CA GLY I 13 17.44 -64.41 -17.81
C GLY I 13 18.79 -64.91 -17.30
N ILE I 14 18.77 -65.84 -16.35
CA ILE I 14 20.01 -66.40 -15.78
C ILE I 14 20.93 -66.95 -16.87
N THR I 15 20.35 -67.26 -18.03
CA THR I 15 21.10 -67.80 -19.16
C THR I 15 22.00 -66.73 -19.78
N SER I 16 21.54 -65.49 -19.77
CA SER I 16 22.29 -64.38 -20.36
C SER I 16 23.45 -63.88 -19.51
N ASN I 17 24.39 -63.22 -20.17
CA ASN I 17 25.56 -62.66 -19.52
C ASN I 17 25.83 -61.26 -20.06
N SER I 18 24.78 -60.66 -20.63
CA SER I 18 24.86 -59.32 -21.19
C SER I 18 23.49 -58.65 -21.09
N LEU I 19 23.44 -57.38 -21.47
CA LEU I 19 22.18 -56.64 -21.42
C LEU I 19 22.19 -55.62 -22.55
N ALA I 20 22.08 -56.13 -23.79
CA ALA I 20 22.11 -55.26 -24.97
C ALA I 20 20.90 -54.33 -25.08
N LEU I 21 19.70 -54.89 -24.93
CA LEU I 21 18.45 -54.13 -25.01
C LEU I 21 18.38 -53.21 -26.23
N PRO I 22 18.58 -53.77 -27.45
CA PRO I 22 18.52 -52.96 -28.65
C PRO I 22 17.21 -52.20 -28.90
N ARG I 23 16.08 -52.75 -28.43
CA ARG I 23 14.81 -52.07 -28.63
C ARG I 23 14.46 -51.07 -27.54
N CYS I 24 15.31 -50.93 -26.53
CA CYS I 24 15.03 -49.98 -25.47
C CYS I 24 15.72 -48.66 -25.82
N ASN I 25 15.15 -47.95 -26.78
CA ASN I 25 15.69 -46.68 -27.20
C ASN I 25 14.46 -45.84 -27.53
N ALA I 26 14.65 -44.63 -28.01
CA ALA I 26 13.51 -43.76 -28.28
C ALA I 26 13.00 -43.84 -29.72
N VAL I 27 13.44 -44.84 -30.48
CA VAL I 27 13.02 -44.97 -31.87
C VAL I 27 11.62 -45.56 -32.00
N TYR I 28 10.74 -44.88 -32.74
CA TYR I 28 9.40 -45.42 -33.00
C TYR I 28 8.96 -44.94 -34.38
N GLY I 29 7.91 -45.54 -34.92
CA GLY I 29 7.47 -45.18 -36.26
C GLY I 29 8.58 -45.51 -37.25
N GLU I 30 9.47 -46.43 -36.91
CA GLU I 30 10.60 -46.76 -37.78
C GLU I 30 11.43 -45.53 -38.21
N TYR I 31 11.55 -44.57 -37.31
CA TYR I 31 12.32 -43.35 -37.59
C TYR I 31 13.74 -43.74 -37.95
N GLY I 32 14.22 -43.26 -39.08
CA GLY I 32 15.59 -43.59 -39.49
C GLY I 32 15.73 -44.88 -40.29
N SER I 33 14.69 -45.74 -40.30
CA SER I 33 14.74 -47.01 -41.03
C SER I 33 14.34 -46.91 -42.50
N HIS I 34 13.33 -46.11 -42.79
CA HIS I 34 12.87 -45.95 -44.17
C HIS I 34 13.01 -44.48 -44.54
N GLY I 35 13.27 -44.21 -45.82
CA GLY I 35 13.38 -42.84 -46.26
C GLY I 35 14.61 -42.07 -45.81
N ASN I 36 14.60 -40.78 -46.10
CA ASN I 36 15.72 -39.91 -45.78
C ASN I 36 15.40 -38.87 -44.73
N VAL I 37 14.27 -38.98 -44.05
CA VAL I 37 13.92 -37.95 -43.09
C VAL I 37 14.95 -37.77 -41.99
N ALA I 38 15.44 -38.86 -41.40
CA ALA I 38 16.40 -38.75 -40.31
C ALA I 38 17.70 -38.09 -40.74
N THR I 39 18.25 -38.49 -41.88
CA THR I 39 19.50 -37.88 -42.32
C THR I 39 19.26 -36.45 -42.78
N GLU I 40 18.11 -36.17 -43.39
CA GLU I 40 17.83 -34.80 -43.83
C GLU I 40 17.73 -33.85 -42.63
N LEU I 41 17.17 -34.32 -41.52
CA LEU I 41 17.06 -33.47 -40.34
C LEU I 41 18.45 -33.13 -39.83
N GLN I 42 19.36 -34.12 -39.84
CA GLN I 42 20.73 -33.86 -39.41
C GLN I 42 21.39 -32.84 -40.34
N ALA I 43 21.19 -32.98 -41.65
CA ALA I 43 21.77 -32.03 -42.60
C ALA I 43 21.15 -30.64 -42.44
N TYR I 44 19.92 -30.58 -41.92
CA TYR I 44 19.24 -29.30 -41.73
C TYR I 44 19.89 -28.55 -40.55
N ALA I 45 20.33 -29.28 -39.53
CA ALA I 45 21.02 -28.66 -38.40
C ALA I 45 22.33 -28.08 -38.95
N LYS I 46 22.98 -28.84 -39.82
CA LYS I 46 24.25 -28.41 -40.41
C LYS I 46 24.08 -27.15 -41.26
N LEU I 47 22.98 -27.07 -42.00
CA LEU I 47 22.73 -25.88 -42.83
C LEU I 47 22.53 -24.67 -41.92
N HIS I 48 21.77 -24.81 -40.83
CA HIS I 48 21.56 -23.69 -39.93
C HIS I 48 22.88 -23.27 -39.29
N LEU I 49 23.72 -24.25 -38.95
CA LEU I 49 25.00 -23.94 -38.32
C LEU I 49 25.87 -23.11 -39.26
N GLU I 50 25.98 -23.54 -40.51
CA GLU I 50 26.77 -22.82 -41.50
C GLU I 50 26.20 -21.43 -41.73
N ARG I 51 24.89 -21.33 -41.89
CA ARG I 51 24.29 -20.01 -42.11
C ARG I 51 24.44 -19.11 -40.90
N SER I 52 24.41 -19.66 -39.68
CA SER I 52 24.56 -18.78 -38.51
C SER I 52 25.89 -18.04 -38.59
N TYR I 53 26.95 -18.74 -38.98
CA TYR I 53 28.25 -18.09 -39.09
C TYR I 53 28.35 -17.17 -40.32
N ASP I 54 27.66 -17.51 -41.42
CA ASP I 54 27.65 -16.61 -42.59
C ASP I 54 27.00 -15.27 -42.18
N TYR I 55 25.86 -15.36 -41.50
CA TYR I 55 25.16 -14.16 -41.05
C TYR I 55 26.00 -13.37 -40.06
N LEU I 56 26.75 -14.08 -39.21
CA LEU I 56 27.60 -13.41 -38.23
C LEU I 56 28.65 -12.56 -38.96
N LEU I 57 29.23 -13.10 -40.04
CA LEU I 57 30.23 -12.36 -40.79
C LEU I 57 29.60 -11.14 -41.48
N SER I 58 28.37 -11.26 -41.96
CA SER I 58 27.70 -10.11 -42.56
C SER I 58 27.46 -9.05 -41.48
N ALA I 59 27.06 -9.48 -40.28
CA ALA I 59 26.83 -8.53 -39.20
C ALA I 59 28.13 -7.78 -38.89
N ALA I 60 29.25 -8.51 -38.90
CA ALA I 60 30.55 -7.90 -38.63
C ALA I 60 30.90 -6.89 -39.74
N TYR I 61 30.73 -7.31 -40.99
CA TYR I 61 31.05 -6.41 -42.10
C TYR I 61 30.29 -5.08 -42.02
N PHE I 62 28.99 -5.14 -41.71
CA PHE I 62 28.22 -3.91 -41.61
C PHE I 62 28.51 -3.09 -40.38
N ASN I 63 29.36 -3.62 -39.50
CA ASN I 63 29.74 -2.88 -38.30
C ASN I 63 31.19 -2.37 -38.43
N ASN I 64 31.79 -2.41 -39.63
CA ASN I 64 33.13 -1.85 -39.76
C ASN I 64 32.96 -0.33 -39.85
N TYR I 65 34.02 0.45 -39.63
CA TYR I 65 33.86 1.91 -39.59
C TYR I 65 33.46 2.60 -40.89
N GLN I 66 33.73 1.97 -42.02
CA GLN I 66 33.38 2.55 -43.32
C GLN I 66 31.91 2.33 -43.66
N THR I 67 31.42 1.11 -43.44
CA THR I 67 30.01 0.81 -43.73
C THR I 67 29.17 1.41 -42.62
N ASN I 68 29.51 1.05 -41.39
CA ASN I 68 28.86 1.59 -40.20
C ASN I 68 27.34 1.65 -40.31
N ARG I 69 26.71 0.52 -40.63
CA ARG I 69 25.24 0.45 -40.75
C ARG I 69 24.74 -0.38 -39.57
N ALA I 70 24.49 0.26 -38.44
CA ALA I 70 24.03 -0.46 -37.25
C ALA I 70 22.73 -1.23 -37.45
N GLY I 71 21.84 -0.71 -38.31
CA GLY I 71 20.57 -1.38 -38.58
C GLY I 71 20.79 -2.67 -39.37
N PHE I 72 21.60 -2.60 -40.42
CA PHE I 72 21.89 -3.79 -41.21
C PHE I 72 22.63 -4.81 -40.35
N SER I 73 23.55 -4.32 -39.53
CA SER I 73 24.32 -5.21 -38.68
C SER I 73 23.40 -5.94 -37.69
N LYS I 74 22.45 -5.21 -37.12
CA LYS I 74 21.50 -5.78 -36.17
C LYS I 74 20.61 -6.83 -36.85
N LEU I 75 20.22 -6.56 -38.09
CA LEU I 75 19.39 -7.50 -38.86
C LEU I 75 20.13 -8.84 -39.01
N PHE I 76 21.40 -8.77 -39.41
CA PHE I 76 22.17 -9.99 -39.59
C PHE I 76 22.53 -10.68 -38.29
N LYS I 77 22.74 -9.91 -37.23
CA LYS I 77 23.07 -10.49 -35.94
C LYS I 77 21.86 -11.31 -35.44
N LYS I 78 20.66 -10.78 -35.67
CA LYS I 78 19.45 -11.49 -35.26
C LYS I 78 19.30 -12.79 -36.07
N LEU I 79 19.53 -12.72 -37.38
CA LEU I 79 19.45 -13.92 -38.22
C LEU I 79 20.49 -14.95 -37.74
N SER I 80 21.68 -14.48 -37.37
CA SER I 80 22.73 -15.38 -36.89
C SER I 80 22.34 -16.05 -35.58
N ASP I 81 21.88 -15.24 -34.62
CA ASP I 81 21.48 -15.78 -33.31
C ASP I 81 20.33 -16.78 -33.46
N GLU I 82 19.37 -16.48 -34.33
CA GLU I 82 18.25 -17.41 -34.52
C GLU I 82 18.72 -18.72 -35.15
N ALA I 83 19.60 -18.64 -36.13
CA ALA I 83 20.09 -19.85 -36.78
C ALA I 83 20.95 -20.70 -35.81
N TRP I 84 21.68 -20.03 -34.92
CA TRP I 84 22.51 -20.75 -33.95
C TRP I 84 21.58 -21.49 -32.98
N SER I 85 20.56 -20.78 -32.50
CA SER I 85 19.60 -21.39 -31.59
C SER I 85 18.87 -22.58 -32.25
N LYS I 86 18.52 -22.44 -33.53
CA LYS I 86 17.84 -23.52 -34.23
C LYS I 86 18.76 -24.72 -34.44
N THR I 87 20.05 -24.47 -34.60
CA THR I 87 21.01 -25.56 -34.77
C THR I 87 20.93 -26.46 -33.54
N ILE I 88 20.97 -25.86 -32.36
CA ILE I 88 20.93 -26.64 -31.13
C ILE I 88 19.58 -27.33 -30.97
N ASP I 89 18.51 -26.63 -31.30
CA ASP I 89 17.17 -27.21 -31.20
C ASP I 89 17.02 -28.44 -32.10
N ILE I 90 17.53 -28.37 -33.33
CA ILE I 90 17.42 -29.51 -34.25
C ILE I 90 18.26 -30.68 -33.74
N ILE I 91 19.46 -30.40 -33.24
CA ILE I 91 20.30 -31.46 -32.70
C ILE I 91 19.55 -32.16 -31.57
N LYS I 92 18.90 -31.39 -30.71
CA LYS I 92 18.14 -31.99 -29.61
C LYS I 92 16.94 -32.79 -30.14
N HIS I 93 16.33 -32.35 -31.24
CA HIS I 93 15.19 -33.11 -31.77
C HIS I 93 15.66 -34.44 -32.37
N VAL I 94 16.79 -34.41 -33.06
CA VAL I 94 17.40 -35.62 -33.65
C VAL I 94 17.61 -36.66 -32.54
N THR I 95 18.16 -36.23 -31.41
CA THR I 95 18.40 -37.18 -30.32
C THR I 95 17.12 -37.54 -29.57
N LYS I 96 16.16 -36.62 -29.52
CA LYS I 96 14.89 -36.92 -28.88
C LYS I 96 14.22 -38.12 -29.59
N ARG I 97 14.35 -38.16 -30.92
CA ARG I 97 13.75 -39.23 -31.70
C ARG I 97 14.62 -40.50 -31.79
N GLY I 98 15.66 -40.57 -30.96
CA GLY I 98 16.47 -41.78 -30.90
C GLY I 98 17.60 -41.93 -31.90
N ASP I 99 17.95 -40.85 -32.58
CA ASP I 99 19.02 -40.90 -33.58
C ASP I 99 20.24 -40.21 -32.98
N LYS I 100 21.29 -40.07 -33.76
CA LYS I 100 22.47 -39.36 -33.26
C LYS I 100 22.89 -38.40 -34.35
N MET I 101 23.38 -37.25 -33.93
CA MET I 101 23.79 -36.21 -34.84
C MET I 101 25.11 -36.54 -35.52
N ASN I 102 25.18 -36.34 -36.83
CA ASN I 102 26.41 -36.56 -37.61
C ASN I 102 26.65 -35.22 -38.29
N PHE I 103 27.71 -34.52 -37.91
CA PHE I 103 27.97 -33.20 -38.50
C PHE I 103 28.48 -33.19 -39.93
N ASP I 104 28.67 -34.36 -40.51
CA ASP I 104 29.14 -34.41 -41.91
C ASP I 104 28.05 -34.98 -42.81
N GLN I 105 26.81 -35.00 -42.33
CA GLN I 105 25.72 -35.55 -43.11
C GLN I 105 25.31 -34.57 -44.21
N HIS I 106 25.15 -35.07 -45.42
CA HIS I 106 24.76 -34.22 -46.53
C HIS I 106 23.30 -34.42 -46.89
N SER I 107 22.70 -33.39 -47.48
CA SER I 107 21.32 -33.44 -47.89
C SER I 107 21.27 -34.05 -49.29
N THR I 108 20.14 -34.65 -49.65
CA THR I 108 20.00 -35.22 -50.98
C THR I 108 19.40 -34.15 -51.88
N MET I 109 18.78 -33.14 -51.28
CA MET I 109 18.17 -32.08 -52.06
C MET I 109 19.24 -31.40 -52.90
N LYS I 110 19.06 -31.50 -54.22
CA LYS I 110 19.98 -30.91 -55.18
C LYS I 110 19.97 -29.39 -55.08
N THR I 111 21.00 -28.86 -54.42
CA THR I 111 21.13 -27.43 -54.22
C THR I 111 22.44 -26.94 -54.82
N GLU I 112 22.35 -25.94 -55.70
CA GLU I 112 23.53 -25.38 -56.35
C GLU I 112 24.56 -24.94 -55.32
N ARG I 113 25.81 -24.79 -55.79
CA ARG I 113 26.90 -24.37 -54.91
C ARG I 113 27.25 -22.91 -55.17
N LYS I 114 27.00 -22.07 -54.16
CA LYS I 114 27.29 -20.65 -54.26
C LYS I 114 27.86 -20.14 -52.93
N ASN I 115 29.15 -19.82 -52.93
CA ASN I 115 29.81 -19.33 -51.73
C ASN I 115 29.12 -18.07 -51.20
N TYR I 116 29.07 -17.94 -49.88
CA TYR I 116 28.46 -16.79 -49.24
C TYR I 116 29.56 -15.76 -49.01
N THR I 117 29.43 -14.56 -49.57
CA THR I 117 30.44 -13.52 -49.36
C THR I 117 29.81 -12.46 -48.46
N ALA I 118 30.54 -12.04 -47.45
CA ALA I 118 30.03 -11.06 -46.50
C ALA I 118 30.21 -9.61 -46.94
N GLU I 119 31.19 -9.34 -47.80
CA GLU I 119 31.43 -7.96 -48.26
C GLU I 119 30.48 -7.62 -49.40
N ASN I 120 29.38 -6.95 -49.08
CA ASN I 120 28.38 -6.60 -50.10
C ASN I 120 27.82 -5.22 -49.84
N HIS I 121 27.27 -4.60 -50.88
CA HIS I 121 26.60 -3.33 -50.68
C HIS I 121 25.23 -3.73 -50.10
N GLU I 122 24.46 -2.76 -49.62
CA GLU I 122 23.17 -3.04 -48.97
C GLU I 122 22.17 -3.88 -49.75
N LEU I 123 21.90 -3.53 -51.00
CA LEU I 123 20.94 -4.32 -51.79
C LEU I 123 21.43 -5.76 -51.98
N GLU I 124 22.71 -5.92 -52.32
CA GLU I 124 23.27 -7.26 -52.50
C GLU I 124 23.13 -8.11 -51.23
N ALA I 125 23.42 -7.49 -50.09
CA ALA I 125 23.35 -8.22 -48.82
C ALA I 125 21.93 -8.68 -48.51
N LEU I 126 20.95 -7.80 -48.72
CA LEU I 126 19.56 -8.18 -48.46
C LEU I 126 19.10 -9.25 -49.44
N ALA I 127 19.56 -9.16 -50.69
CA ALA I 127 19.19 -10.14 -51.71
C ALA I 127 19.72 -11.52 -51.32
N LYS I 128 20.95 -11.57 -50.82
CA LYS I 128 21.54 -12.83 -50.41
C LYS I 128 20.81 -13.35 -49.17
N ALA I 129 20.46 -12.46 -48.24
CA ALA I 129 19.74 -12.91 -47.04
C ALA I 129 18.39 -13.51 -47.48
N LEU I 130 17.72 -12.83 -48.42
CA LEU I 130 16.44 -13.32 -48.91
C LEU I 130 16.60 -14.72 -49.54
N ASP I 131 17.60 -14.88 -50.42
CA ASP I 131 17.85 -16.17 -51.05
C ASP I 131 18.16 -17.28 -50.03
N THR I 132 19.00 -16.99 -49.05
CA THR I 132 19.34 -18.02 -48.07
C THR I 132 18.16 -18.38 -47.18
N GLN I 133 17.28 -17.42 -46.89
CA GLN I 133 16.10 -17.75 -46.08
C GLN I 133 15.12 -18.57 -46.92
N LYS I 134 14.99 -18.26 -48.21
CA LYS I 134 14.12 -19.08 -49.08
C LYS I 134 14.68 -20.51 -49.16
N GLU I 135 16.00 -20.64 -49.17
CA GLU I 135 16.60 -21.97 -49.22
C GLU I 135 16.30 -22.72 -47.92
N LEU I 136 16.39 -22.06 -46.78
CA LEU I 136 16.07 -22.72 -45.51
C LEU I 136 14.58 -23.14 -45.52
N ALA I 137 13.73 -22.28 -46.06
CA ALA I 137 12.29 -22.57 -46.09
C ALA I 137 11.97 -23.72 -47.03
N GLU I 138 12.58 -23.74 -48.21
CA GLU I 138 12.31 -24.82 -49.15
C GLU I 138 12.90 -26.14 -48.68
N ARG I 139 13.98 -26.07 -47.89
CA ARG I 139 14.55 -27.30 -47.35
C ARG I 139 13.54 -27.85 -46.33
N ALA I 140 12.89 -26.99 -45.56
CA ALA I 140 11.89 -27.49 -44.61
C ALA I 140 10.73 -28.13 -45.38
N PHE I 141 10.33 -27.54 -46.51
CA PHE I 141 9.24 -28.11 -47.33
C PHE I 141 9.65 -29.50 -47.81
N TYR I 142 10.90 -29.64 -48.21
CA TYR I 142 11.44 -30.90 -48.70
C TYR I 142 11.41 -31.99 -47.63
N ILE I 143 11.90 -31.68 -46.43
CA ILE I 143 11.91 -32.66 -45.35
C ILE I 143 10.48 -33.03 -44.96
N HIS I 144 9.59 -32.05 -44.96
CA HIS I 144 8.19 -32.26 -44.63
C HIS I 144 7.57 -33.25 -45.64
N ARG I 145 7.86 -33.04 -46.92
CA ARG I 145 7.34 -33.92 -47.97
C ARG I 145 7.93 -35.33 -47.84
N GLU I 146 9.21 -35.40 -47.48
CA GLU I 146 9.86 -36.69 -47.31
C GLU I 146 9.22 -37.45 -46.13
N ALA I 147 8.79 -36.72 -45.11
CA ALA I 147 8.19 -37.33 -43.94
C ALA I 147 6.74 -37.80 -44.10
N THR I 148 6.01 -37.20 -45.02
CA THR I 148 4.59 -37.50 -45.11
C THR I 148 4.05 -37.79 -46.49
N ARG I 149 4.91 -37.92 -47.48
CA ARG I 149 4.38 -38.10 -48.81
C ARG I 149 5.24 -38.86 -49.81
N ASN I 150 6.56 -38.67 -49.75
CA ASN I 150 7.41 -39.29 -50.75
C ASN I 150 7.67 -40.78 -50.67
N SER I 151 7.65 -41.34 -49.47
CA SER I 151 7.93 -42.76 -49.33
C SER I 151 6.72 -43.52 -48.78
N GLN I 152 6.31 -44.54 -49.52
CA GLN I 152 5.16 -45.36 -49.14
C GLN I 152 5.27 -45.94 -47.73
N HIS I 153 6.48 -46.29 -47.31
CA HIS I 153 6.63 -46.91 -46.00
C HIS I 153 7.02 -45.98 -44.87
N LEU I 154 7.07 -44.69 -45.15
CA LEU I 154 7.42 -43.73 -44.11
C LEU I 154 6.32 -42.69 -43.94
N HIS I 155 5.80 -42.58 -42.73
CA HIS I 155 4.82 -41.55 -42.42
C HIS I 155 5.19 -41.07 -41.03
N ASP I 156 5.77 -39.87 -40.94
CA ASP I 156 6.17 -39.36 -39.64
C ASP I 156 5.61 -37.96 -39.41
N PRO I 157 4.38 -37.90 -38.87
CA PRO I 157 3.74 -36.61 -38.62
C PRO I 157 4.35 -35.86 -37.44
N GLU I 158 5.19 -36.53 -36.65
CA GLU I 158 5.84 -35.83 -35.53
C GLU I 158 6.85 -34.87 -36.14
N ILE I 159 7.64 -35.35 -37.10
CA ILE I 159 8.61 -34.48 -37.77
C ILE I 159 7.85 -33.40 -38.56
N ALA I 160 6.75 -33.77 -39.21
CA ALA I 160 5.97 -32.79 -39.96
C ALA I 160 5.46 -31.65 -39.07
N GLN I 161 4.87 -32.00 -37.93
CA GLN I 161 4.33 -30.97 -37.01
C GLN I 161 5.46 -30.14 -36.40
N TYR I 162 6.60 -30.78 -36.11
CA TYR I 162 7.75 -30.05 -35.57
C TYR I 162 8.19 -28.98 -36.60
N LEU I 163 8.31 -29.36 -37.86
CA LEU I 163 8.70 -28.41 -38.89
C LEU I 163 7.64 -27.31 -39.06
N GLU I 164 6.37 -27.70 -39.06
CA GLU I 164 5.29 -26.74 -39.21
C GLU I 164 5.31 -25.68 -38.12
N GLU I 165 5.44 -26.13 -36.88
CA GLU I 165 5.44 -25.24 -35.73
C GLU I 165 6.70 -24.41 -35.49
N GLU I 166 7.85 -25.05 -35.61
CA GLU I 166 9.11 -24.37 -35.31
C GLU I 166 9.84 -23.70 -36.45
N PHE I 167 9.49 -24.02 -37.68
CA PHE I 167 10.20 -23.43 -38.81
C PHE I 167 9.31 -22.77 -39.87
N ILE I 168 8.40 -23.57 -40.40
CA ILE I 168 7.55 -23.15 -41.49
C ILE I 168 6.71 -21.88 -41.29
N GLU I 169 6.05 -21.75 -40.15
CA GLU I 169 5.23 -20.55 -39.92
C GLU I 169 6.07 -19.29 -39.97
N ASP I 170 7.19 -19.29 -39.25
CA ASP I 170 8.03 -18.11 -39.20
C ASP I 170 8.81 -17.79 -40.47
N HIS I 171 9.11 -18.79 -41.28
CA HIS I 171 9.83 -18.54 -42.53
C HIS I 171 9.05 -17.57 -43.42
N ALA I 172 7.74 -17.74 -43.50
CA ALA I 172 6.95 -16.87 -44.37
C ALA I 172 7.07 -15.40 -43.96
N GLU I 173 7.06 -15.14 -42.66
CA GLU I 173 7.19 -13.77 -42.17
C GLU I 173 8.56 -13.18 -42.49
N LYS I 174 9.62 -13.96 -42.25
CA LYS I 174 10.97 -13.46 -42.52
C LYS I 174 11.20 -13.19 -43.99
N ILE I 175 10.73 -14.09 -44.85
CA ILE I 175 10.91 -13.92 -46.28
C ILE I 175 10.12 -12.72 -46.78
N ARG I 176 8.90 -12.54 -46.28
CA ARG I 176 8.11 -11.39 -46.70
C ARG I 176 8.79 -10.09 -46.27
N THR I 177 9.34 -10.08 -45.06
CA THR I 177 10.03 -8.89 -44.54
C THR I 177 11.25 -8.55 -45.40
N LEU I 178 12.08 -9.54 -45.68
CA LEU I 178 13.27 -9.32 -46.50
C LEU I 178 12.92 -8.93 -47.93
N ALA I 179 11.87 -9.54 -48.49
CA ALA I 179 11.46 -9.19 -49.85
C ALA I 179 11.03 -7.72 -49.87
N GLY I 180 10.32 -7.29 -48.82
CA GLY I 180 9.89 -5.90 -48.74
C GLY I 180 11.10 -4.98 -48.68
N HIS I 181 12.13 -5.36 -47.92
CA HIS I 181 13.33 -4.51 -47.83
C HIS I 181 13.97 -4.36 -49.21
N THR I 182 14.05 -5.43 -49.99
CA THR I 182 14.67 -5.30 -51.31
C THR I 182 13.84 -4.40 -52.21
N SER I 183 12.50 -4.45 -52.07
CA SER I 183 11.65 -3.57 -52.89
C SER I 183 11.91 -2.12 -52.52
N ASP I 184 12.04 -1.83 -51.22
CA ASP I 184 12.30 -0.45 -50.81
C ASP I 184 13.62 0.05 -51.39
N LEU I 185 14.67 -0.76 -51.30
CA LEU I 185 15.98 -0.35 -51.83
C LEU I 185 15.94 -0.18 -53.34
N LYS I 186 15.23 -1.08 -54.01
CA LYS I 186 15.11 -0.99 -55.46
C LYS I 186 14.50 0.36 -55.84
N LYS I 187 13.48 0.81 -55.11
CA LYS I 187 12.87 2.09 -55.41
C LYS I 187 13.80 3.26 -55.14
N PHE I 188 14.58 3.18 -54.06
CA PHE I 188 15.53 4.26 -53.73
C PHE I 188 16.54 4.40 -54.86
N ILE I 189 16.91 3.26 -55.44
CA ILE I 189 17.90 3.24 -56.51
C ILE I 189 17.36 3.73 -57.84
N THR I 190 16.11 3.41 -58.14
CA THR I 190 15.55 3.78 -59.43
C THR I 190 14.75 5.08 -59.53
N ALA I 191 14.01 5.44 -58.50
CA ALA I 191 13.20 6.66 -58.58
C ALA I 191 14.06 7.92 -58.66
N ASN I 192 13.59 8.90 -59.44
CA ASN I 192 14.29 10.16 -59.59
C ASN I 192 15.77 9.97 -59.87
N ASN I 193 16.06 9.04 -60.77
CA ASN I 193 17.43 8.74 -61.17
C ASN I 193 18.34 8.33 -60.02
N GLY I 194 17.76 7.81 -58.94
CA GLY I 194 18.56 7.39 -57.80
C GLY I 194 19.22 8.53 -57.04
N HIS I 195 18.75 9.75 -57.25
CA HIS I 195 19.34 10.92 -56.58
C HIS I 195 19.30 10.93 -55.06
N ASP I 196 18.30 10.29 -54.46
CA ASP I 196 18.20 10.28 -53.01
C ASP I 196 18.87 9.07 -52.36
N LEU I 197 19.55 8.26 -53.16
CA LEU I 197 20.13 7.03 -52.62
C LEU I 197 20.93 7.10 -51.31
N SER I 198 21.90 8.01 -51.21
CA SER I 198 22.70 8.03 -49.98
C SER I 198 21.86 8.42 -48.77
N LEU I 199 20.97 9.41 -48.91
CA LEU I 199 20.15 9.80 -47.78
C LEU I 199 19.15 8.68 -47.45
N ALA I 200 18.64 8.02 -48.49
CA ALA I 200 17.68 6.93 -48.27
C ALA I 200 18.31 5.75 -47.54
N LEU I 201 19.56 5.40 -47.88
CA LEU I 201 20.21 4.28 -47.18
C LEU I 201 20.40 4.61 -45.71
N TYR I 202 20.72 5.87 -45.42
CA TYR I 202 20.89 6.29 -44.03
C TYR I 202 19.54 6.19 -43.30
N VAL I 203 18.50 6.74 -43.91
CA VAL I 203 17.17 6.68 -43.30
C VAL I 203 16.69 5.23 -43.14
N PHE I 204 16.94 4.42 -44.15
CA PHE I 204 16.53 3.01 -44.09
C PHE I 204 17.27 2.28 -42.98
N ASP I 205 18.57 2.54 -42.83
CA ASP I 205 19.32 1.90 -41.76
C ASP I 205 18.78 2.30 -40.38
N GLU I 206 18.39 3.57 -40.24
CA GLU I 206 17.84 4.03 -38.96
C GLU I 206 16.51 3.32 -38.70
N TYR I 207 15.74 3.11 -39.76
CA TYR I 207 14.46 2.40 -39.68
C TYR I 207 14.71 0.95 -39.21
N LEU I 208 15.73 0.29 -39.76
CA LEU I 208 16.03 -1.07 -39.33
C LEU I 208 16.41 -1.11 -37.85
N GLN I 209 17.13 -0.10 -37.38
CA GLN I 209 17.51 -0.08 -35.97
C GLN I 209 16.29 -0.07 -35.07
N LYS I 210 15.21 0.54 -35.52
CA LYS I 210 13.99 0.62 -34.73
C LYS I 210 13.06 -0.56 -34.89
N THR I 211 13.16 -1.27 -36.00
CA THR I 211 12.22 -2.36 -36.24
C THR I 211 12.73 -3.78 -36.23
N VAL I 212 14.03 -3.99 -36.40
CA VAL I 212 14.52 -5.35 -36.40
C VAL I 212 14.28 -5.97 -35.02
N ALA J 1 3.30 68.65 0.42
CA ALA J 1 3.27 67.21 0.04
C ALA J 1 1.88 66.61 0.27
N ASP J 2 1.17 66.36 -0.83
CA ASP J 2 -0.16 65.78 -0.74
C ASP J 2 -0.05 64.29 -0.47
N THR J 3 -0.85 63.80 0.48
CA THR J 3 -0.84 62.39 0.80
C THR J 3 -2.29 61.93 0.88
N CYS J 4 -2.50 60.63 0.82
CA CYS J 4 -3.85 60.10 0.90
C CYS J 4 -4.39 60.39 2.31
N TYR J 5 -3.54 60.25 3.33
CA TYR J 5 -3.97 60.50 4.70
C TYR J 5 -4.44 61.95 4.87
N ASN J 6 -3.70 62.90 4.32
CA ASN J 6 -4.10 64.30 4.43
C ASN J 6 -5.40 64.55 3.68
N ASP J 7 -5.60 63.90 2.53
CA ASP J 7 -6.85 64.06 1.78
C ASP J 7 -8.01 63.57 2.63
N VAL J 8 -7.81 62.46 3.33
CA VAL J 8 -8.87 61.92 4.18
C VAL J 8 -9.19 62.88 5.33
N ALA J 9 -8.16 63.40 5.98
CA ALA J 9 -8.34 64.33 7.10
C ALA J 9 -9.15 65.55 6.64
N LEU J 10 -8.82 66.08 5.48
CA LEU J 10 -9.54 67.23 4.95
C LEU J 10 -10.99 66.91 4.56
N ASP J 11 -11.18 65.91 3.71
CA ASP J 11 -12.51 65.53 3.25
C ASP J 11 -13.44 64.92 4.30
N CYS J 12 -12.89 64.29 5.32
CA CYS J 12 -13.72 63.68 6.35
C CYS J 12 -14.07 64.70 7.44
N GLY J 13 -13.81 65.98 7.16
CA GLY J 13 -14.13 67.01 8.12
C GLY J 13 -15.58 67.42 7.96
N ILE J 14 -16.24 67.79 9.06
CA ILE J 14 -17.64 68.19 9.03
C ILE J 14 -17.88 69.32 8.02
N THR J 15 -16.81 70.05 7.69
CA THR J 15 -16.88 71.16 6.75
C THR J 15 -17.11 70.67 5.32
N SER J 16 -16.55 69.51 5.01
CA SER J 16 -16.67 68.93 3.67
C SER J 16 -18.01 68.28 3.38
N ASN J 17 -18.31 68.16 2.09
CA ASN J 17 -19.55 67.54 1.63
C ASN J 17 -19.25 66.62 0.45
N SER J 18 -17.98 66.22 0.36
CA SER J 18 -17.53 65.33 -0.70
C SER J 18 -16.37 64.48 -0.19
N LEU J 19 -15.92 63.54 -1.01
CA LEU J 19 -14.80 62.68 -0.63
C LEU J 19 -14.02 62.34 -1.90
N ALA J 20 -13.33 63.32 -2.45
CA ALA J 20 -12.56 63.14 -3.67
C ALA J 20 -11.36 62.19 -3.52
N LEU J 21 -10.55 62.43 -2.50
CA LEU J 21 -9.37 61.62 -2.22
C LEU J 21 -8.49 61.37 -3.44
N PRO J 22 -8.07 62.46 -4.12
CA PRO J 22 -7.23 62.31 -5.31
C PRO J 22 -5.91 61.57 -5.10
N ARG J 23 -5.33 61.65 -3.90
CA ARG J 23 -4.07 60.95 -3.65
C ARG J 23 -4.22 59.52 -3.17
N CYS J 24 -5.47 59.06 -3.01
CA CYS J 24 -5.67 57.69 -2.57
C CYS J 24 -5.85 56.82 -3.81
N ASN J 25 -4.74 56.56 -4.50
CA ASN J 25 -4.75 55.73 -5.68
C ASN J 25 -3.44 54.97 -5.62
N ALA J 26 -3.14 54.16 -6.63
CA ALA J 26 -1.92 53.37 -6.59
C ALA J 26 -0.72 54.03 -7.26
N VAL J 27 -0.82 55.32 -7.56
CA VAL J 27 0.29 56.02 -8.22
C VAL J 27 1.42 56.38 -7.25
N TYR J 28 2.65 56.01 -7.59
CA TYR J 28 3.80 56.39 -6.77
C TYR J 28 5.00 56.55 -7.71
N GLY J 29 6.07 57.17 -7.21
CA GLY J 29 7.22 57.42 -8.06
C GLY J 29 6.81 58.33 -9.21
N GLU J 30 5.75 59.11 -9.02
CA GLU J 30 5.26 59.98 -10.10
C GLU J 30 5.01 59.25 -11.44
N TYR J 31 4.57 57.99 -11.34
CA TYR J 31 4.28 57.19 -12.51
C TYR J 31 3.26 57.92 -13.37
N GLY J 32 3.56 58.11 -14.65
CA GLY J 32 2.62 58.79 -15.52
C GLY J 32 2.75 60.31 -15.54
N SER J 33 3.46 60.89 -14.59
CA SER J 33 3.64 62.36 -14.51
C SER J 33 4.79 62.90 -15.36
N HIS J 34 5.90 62.19 -15.36
CA HIS J 34 7.07 62.63 -16.13
C HIS J 34 7.38 61.54 -17.15
N GLY J 35 7.92 61.94 -18.30
CA GLY J 35 8.29 60.97 -19.32
C GLY J 35 7.15 60.28 -20.04
N ASN J 36 7.51 59.29 -20.85
CA ASN J 36 6.55 58.56 -21.65
C ASN J 36 6.40 57.11 -21.24
N VAL J 37 6.93 56.72 -20.10
CA VAL J 37 6.84 55.32 -19.72
C VAL J 37 5.41 54.80 -19.62
N ALA J 38 4.52 55.56 -18.97
CA ALA J 38 3.15 55.09 -18.81
C ALA J 38 2.43 54.92 -20.14
N THR J 39 2.55 55.89 -21.04
CA THR J 39 1.87 55.75 -22.32
C THR J 39 2.54 54.69 -23.18
N GLU J 40 3.86 54.56 -23.08
CA GLU J 40 4.54 53.52 -23.87
C GLU J 40 4.11 52.12 -23.44
N LEU J 41 3.88 51.93 -22.14
CA LEU J 41 3.45 50.62 -21.67
C LEU J 41 2.06 50.30 -22.25
N GLN J 42 1.19 51.29 -22.30
CA GLN J 42 -0.14 51.09 -22.89
C GLN J 42 0.00 50.72 -24.36
N ALA J 43 0.86 51.43 -25.08
CA ALA J 43 1.06 51.15 -26.50
C ALA J 43 1.70 49.76 -26.71
N TYR J 44 2.43 49.28 -25.69
CA TYR J 44 3.07 47.96 -25.79
C TYR J 44 2.00 46.87 -25.69
N ALA J 45 0.96 47.10 -24.89
CA ALA J 45 -0.14 46.13 -24.79
C ALA J 45 -0.82 46.08 -26.16
N LYS J 46 -0.98 47.25 -26.77
CA LYS J 46 -1.63 47.34 -28.07
C LYS J 46 -0.82 46.63 -29.16
N LEU J 47 0.51 46.74 -29.09
CA LEU J 47 1.35 46.05 -30.08
C LEU J 47 1.20 44.53 -29.91
N HIS J 48 1.20 44.04 -28.68
CA HIS J 48 1.03 42.60 -28.47
C HIS J 48 -0.33 42.14 -28.96
N LEU J 49 -1.35 42.97 -28.73
CA LEU J 49 -2.71 42.60 -29.15
C LEU J 49 -2.76 42.45 -30.67
N GLU J 50 -2.23 43.42 -31.39
CA GLU J 50 -2.21 43.38 -32.84
C GLU J 50 -1.41 42.20 -33.33
N ARG J 51 -0.23 41.98 -32.76
CA ARG J 51 0.58 40.85 -33.21
C ARG J 51 -0.08 39.51 -32.87
N SER J 52 -0.82 39.41 -31.76
CA SER J 52 -1.45 38.13 -31.45
C SER J 52 -2.37 37.73 -32.59
N TYR J 53 -3.13 38.68 -33.12
CA TYR J 53 -4.04 38.36 -34.23
C TYR J 53 -3.29 38.17 -35.55
N ASP J 54 -2.17 38.86 -35.77
CA ASP J 54 -1.38 38.63 -36.99
C ASP J 54 -0.87 37.17 -36.97
N TYR J 55 -0.33 36.76 -35.83
CA TYR J 55 0.19 35.39 -35.70
C TYR J 55 -0.94 34.36 -35.85
N LEU J 56 -2.12 34.70 -35.34
CA LEU J 56 -3.26 33.79 -35.46
C LEU J 56 -3.58 33.57 -36.94
N LEU J 57 -3.54 34.62 -37.75
CA LEU J 57 -3.83 34.49 -39.17
C LEU J 57 -2.75 33.66 -39.87
N SER J 58 -1.49 33.80 -39.46
CA SER J 58 -0.44 32.97 -40.04
C SER J 58 -0.67 31.51 -39.65
N ALA J 59 -1.08 31.26 -38.41
CA ALA J 59 -1.34 29.88 -37.98
C ALA J 59 -2.46 29.29 -38.84
N ALA J 60 -3.48 30.10 -39.13
CA ALA J 60 -4.60 29.64 -39.96
C ALA J 60 -4.12 29.34 -41.37
N TYR J 61 -3.35 30.26 -41.95
CA TYR J 61 -2.86 30.06 -43.31
C TYR J 61 -2.08 28.74 -43.45
N PHE J 62 -1.20 28.44 -42.50
CA PHE J 62 -0.43 27.21 -42.59
C PHE J 62 -1.23 25.96 -42.28
N ASN J 63 -2.48 26.14 -41.90
CA ASN J 63 -3.35 25.00 -41.63
C ASN J 63 -4.39 24.83 -42.76
N ASN J 64 -4.22 25.53 -43.89
CA ASN J 64 -5.16 25.30 -45.00
C ASN J 64 -4.73 23.99 -45.68
N TYR J 65 -5.60 23.38 -46.48
CA TYR J 65 -5.27 22.07 -47.04
C TYR J 65 -4.11 22.02 -48.03
N GLN J 66 -3.81 23.14 -48.68
CA GLN J 66 -2.71 23.18 -49.64
C GLN J 66 -1.35 23.32 -48.96
N THR J 67 -1.26 24.20 -47.97
CA THR J 67 0.00 24.38 -47.25
C THR J 67 0.17 23.21 -46.30
N ASN J 68 -0.85 22.99 -45.47
CA ASN J 68 -0.89 21.87 -44.54
C ASN J 68 0.44 21.62 -43.81
N ARG J 69 0.95 22.67 -43.15
CA ARG J 69 2.20 22.56 -42.38
C ARG J 69 1.84 22.65 -40.90
N ALA J 70 1.51 21.52 -40.28
CA ALA J 70 1.11 21.51 -38.87
C ALA J 70 2.18 22.08 -37.93
N GLY J 71 3.45 21.90 -38.27
CA GLY J 71 4.53 22.42 -37.44
C GLY J 71 4.60 23.93 -37.51
N PHE J 72 4.52 24.49 -38.72
CA PHE J 72 4.55 25.94 -38.86
C PHE J 72 3.30 26.55 -38.21
N SER J 73 2.18 25.87 -38.38
CA SER J 73 0.94 26.37 -37.80
C SER J 73 1.03 26.40 -36.26
N LYS J 74 1.61 25.34 -35.68
CA LYS J 74 1.77 25.26 -34.24
C LYS J 74 2.71 26.35 -33.72
N LEU J 75 3.76 26.65 -34.49
CA LEU J 75 4.72 27.69 -34.12
C LEU J 75 3.99 29.04 -34.00
N PHE J 76 3.18 29.36 -35.02
CA PHE J 76 2.46 30.63 -34.99
C PHE J 76 1.34 30.67 -33.97
N LYS J 77 0.71 29.53 -33.73
CA LYS J 77 -0.36 29.49 -32.73
C LYS J 77 0.23 29.78 -31.35
N LYS J 78 1.41 29.24 -31.09
CA LYS J 78 2.06 29.48 -29.80
C LYS J 78 2.43 30.97 -29.67
N LEU J 79 2.98 31.56 -30.73
CA LEU J 79 3.32 32.99 -30.70
C LEU J 79 2.05 33.82 -30.46
N SER J 80 0.95 33.41 -31.09
CA SER J 80 -0.33 34.13 -30.92
C SER J 80 -0.84 34.04 -29.48
N ASP J 81 -0.87 32.81 -28.94
CA ASP J 81 -1.34 32.61 -27.58
C ASP J 81 -0.47 33.38 -26.57
N GLU J 82 0.83 33.37 -26.78
CA GLU J 82 1.71 34.09 -25.86
C GLU J 82 1.49 35.60 -25.92
N ALA J 83 1.32 36.14 -27.13
CA ALA J 83 1.09 37.57 -27.28
C ALA J 83 -0.28 37.97 -26.70
N TRP J 84 -1.27 37.09 -26.81
CA TRP J 84 -2.60 37.38 -26.25
C TRP J 84 -2.49 37.43 -24.73
N SER J 85 -1.80 36.45 -24.16
CA SER J 85 -1.62 36.39 -22.72
C SER J 85 -0.84 37.61 -22.22
N LYS J 86 0.18 38.04 -22.96
CA LYS J 86 0.96 39.22 -22.56
C LYS J 86 0.13 40.50 -22.64
N THR J 87 -0.80 40.55 -23.60
CA THR J 87 -1.65 41.73 -23.74
C THR J 87 -2.41 41.93 -22.42
N ILE J 88 -3.00 40.85 -21.91
CA ILE J 88 -3.77 40.95 -20.67
C ILE J 88 -2.86 41.27 -19.49
N ASP J 89 -1.69 40.65 -19.45
CA ASP J 89 -0.75 40.90 -18.38
C ASP J 89 -0.30 42.38 -18.34
N ILE J 90 -0.03 42.96 -19.50
CA ILE J 90 0.38 44.37 -19.53
C ILE J 90 -0.76 45.28 -19.10
N ILE J 91 -1.98 44.99 -19.56
CA ILE J 91 -3.13 45.78 -19.15
C ILE J 91 -3.25 45.75 -17.62
N LYS J 92 -3.08 44.58 -17.04
CA LYS J 92 -3.15 44.46 -15.58
C LYS J 92 -2.00 45.23 -14.91
N HIS J 93 -0.83 45.26 -15.53
CA HIS J 93 0.28 46.00 -14.92
C HIS J 93 0.02 47.51 -14.95
N VAL J 94 -0.52 47.97 -16.07
CA VAL J 94 -0.87 49.39 -16.24
C VAL J 94 -1.81 49.82 -15.11
N THR J 95 -2.83 48.99 -14.84
CA THR J 95 -3.78 49.34 -13.77
C THR J 95 -3.19 49.12 -12.38
N LYS J 96 -2.30 48.14 -12.25
CA LYS J 96 -1.66 47.91 -10.95
C LYS J 96 -0.90 49.17 -10.52
N ARG J 97 -0.28 49.86 -11.49
CA ARG J 97 0.48 51.08 -11.20
C ARG J 97 -0.38 52.34 -11.14
N GLY J 98 -1.70 52.17 -11.11
CA GLY J 98 -2.58 53.32 -10.96
C GLY J 98 -2.98 54.09 -12.19
N ASP J 99 -2.72 53.53 -13.36
CA ASP J 99 -3.05 54.21 -14.61
C ASP J 99 -4.28 53.51 -15.20
N LYS J 100 -4.69 53.92 -16.39
CA LYS J 100 -5.80 53.26 -17.04
C LYS J 100 -5.41 52.99 -18.47
N MET J 101 -5.86 51.86 -18.99
CA MET J 101 -5.53 51.45 -20.33
C MET J 101 -6.29 52.26 -21.38
N ASN J 102 -5.58 52.71 -22.41
CA ASN J 102 -6.20 53.45 -23.51
C ASN J 102 -5.81 52.65 -24.75
N PHE J 103 -6.78 52.02 -25.41
CA PHE J 103 -6.46 51.19 -26.57
C PHE J 103 -6.09 51.93 -27.85
N ASP J 104 -6.10 53.26 -27.81
CA ASP J 104 -5.72 54.01 -28.99
C ASP J 104 -4.42 54.78 -28.75
N GLN J 105 -3.67 54.38 -27.72
CA GLN J 105 -2.42 55.05 -27.40
C GLN J 105 -1.34 54.65 -28.39
N HIS J 106 -0.61 55.64 -28.90
CA HIS J 106 0.46 55.35 -29.85
C HIS J 106 1.81 55.47 -29.19
N SER J 107 2.79 54.75 -29.75
CA SER J 107 4.14 54.78 -29.24
C SER J 107 4.86 55.96 -29.89
N THR J 108 5.89 56.49 -29.23
CA THR J 108 6.66 57.58 -29.80
C THR J 108 7.81 56.98 -30.58
N MET J 109 8.14 55.72 -30.31
CA MET J 109 9.24 55.07 -31.00
C MET J 109 8.94 55.04 -32.49
N LYS J 110 9.80 55.71 -33.25
CA LYS J 110 9.67 55.79 -34.70
C LYS J 110 9.85 54.43 -35.34
N THR J 111 8.73 53.81 -35.69
CA THR J 111 8.72 52.50 -36.31
C THR J 111 8.07 52.55 -37.68
N GLU J 112 8.78 52.08 -38.69
CA GLU J 112 8.26 52.07 -40.06
C GLU J 112 6.92 51.37 -40.14
N ARG J 113 6.18 51.64 -41.21
CA ARG J 113 4.86 51.05 -41.41
C ARG J 113 4.94 49.94 -42.46
N LYS J 114 4.72 48.71 -42.03
CA LYS J 114 4.76 47.55 -42.92
C LYS J 114 3.63 46.59 -42.56
N ASN J 115 2.63 46.50 -43.43
CA ASN J 115 1.50 45.61 -43.20
C ASN J 115 1.96 44.16 -43.04
N TYR J 116 1.30 43.42 -42.16
CA TYR J 116 1.62 42.03 -41.93
C TYR J 116 0.75 41.19 -42.86
N THR J 117 1.36 40.40 -43.73
CA THR J 117 0.56 39.55 -44.63
C THR J 117 0.75 38.11 -44.17
N ALA J 118 -0.35 37.38 -44.07
CA ALA J 118 -0.31 36.00 -43.59
C ALA J 118 0.02 34.97 -44.68
N GLU J 119 -0.28 35.29 -45.94
CA GLU J 119 -0.01 34.35 -47.04
C GLU J 119 1.46 34.43 -47.45
N ASN J 120 2.30 33.54 -46.94
CA ASN J 120 3.72 33.56 -47.24
C ASN J 120 4.26 32.15 -47.41
N HIS J 121 5.38 32.02 -48.10
CA HIS J 121 6.01 30.71 -48.19
C HIS J 121 6.76 30.57 -46.86
N GLU J 122 7.26 29.39 -46.55
CA GLU J 122 7.91 29.13 -45.27
C GLU J 122 9.04 30.07 -44.85
N LEU J 123 10.01 30.32 -45.72
CA LEU J 123 11.11 31.22 -45.36
C LEU J 123 10.59 32.64 -45.09
N GLU J 124 9.70 33.13 -45.96
CA GLU J 124 9.14 34.48 -45.76
C GLU J 124 8.42 34.59 -44.41
N ALA J 125 7.64 33.57 -44.07
CA ALA J 125 6.87 33.59 -42.83
C ALA J 125 7.80 33.62 -41.61
N LEU J 126 8.86 32.81 -41.62
CA LEU J 126 9.79 32.81 -40.50
C LEU J 126 10.55 34.13 -40.42
N ALA J 127 10.88 34.70 -41.57
CA ALA J 127 11.59 35.99 -41.61
C ALA J 127 10.73 37.07 -40.98
N LYS J 128 9.44 37.07 -41.30
CA LYS J 128 8.53 38.06 -40.74
C LYS J 128 8.36 37.83 -39.25
N ALA J 129 8.28 36.56 -38.83
CA ALA J 129 8.14 36.28 -37.40
C ALA J 129 9.39 36.80 -36.68
N LEU J 130 10.56 36.55 -37.26
CA LEU J 130 11.80 37.01 -36.67
C LEU J 130 11.80 38.54 -36.53
N ASP J 131 11.45 39.25 -37.61
CA ASP J 131 11.39 40.71 -37.57
C ASP J 131 10.40 41.24 -36.53
N THR J 132 9.22 40.66 -36.46
CA THR J 132 8.24 41.14 -35.49
C THR J 132 8.66 40.86 -34.05
N GLN J 133 9.36 39.75 -33.82
CA GLN J 133 9.83 39.48 -32.45
C GLN J 133 10.96 40.45 -32.11
N LYS J 134 11.84 40.76 -33.06
CA LYS J 134 12.90 41.74 -32.80
C LYS J 134 12.28 43.10 -32.49
N GLU J 135 11.18 43.42 -33.17
CA GLU J 135 10.51 44.71 -32.92
C GLU J 135 9.93 44.70 -31.50
N LEU J 136 9.32 43.60 -31.09
CA LEU J 136 8.78 43.54 -29.71
C LEU J 136 9.92 43.68 -28.70
N ALA J 137 11.06 43.05 -29.00
CA ALA J 137 12.21 43.09 -28.11
C ALA J 137 12.82 44.49 -28.03
N GLU J 138 12.96 45.16 -29.17
CA GLU J 138 13.54 46.49 -29.16
C GLU J 138 12.59 47.50 -28.54
N ARG J 139 11.29 47.24 -28.63
CA ARG J 139 10.33 48.15 -27.99
C ARG J 139 10.51 48.00 -26.47
N ALA J 140 10.74 46.78 -25.98
CA ALA J 140 10.97 46.62 -24.55
C ALA J 140 12.24 47.37 -24.14
N PHE J 141 13.28 47.31 -24.97
CA PHE J 141 14.53 48.02 -24.66
C PHE J 141 14.25 49.53 -24.56
N TYR J 142 13.43 50.02 -25.47
CA TYR J 142 13.07 51.44 -25.52
C TYR J 142 12.32 51.88 -24.25
N ILE J 143 11.31 51.11 -23.84
CA ILE J 143 10.56 51.46 -22.64
C ILE J 143 11.46 51.39 -21.41
N HIS J 144 12.33 50.39 -21.38
CA HIS J 144 13.26 50.21 -20.27
C HIS J 144 14.17 51.45 -20.16
N ARG J 145 14.68 51.91 -21.30
CA ARG J 145 15.55 53.09 -21.32
C ARG J 145 14.78 54.36 -20.90
N GLU J 146 13.52 54.45 -21.33
CA GLU J 146 12.69 55.58 -20.96
C GLU J 146 12.44 55.58 -19.45
N ALA J 147 12.35 54.40 -18.85
CA ALA J 147 12.10 54.30 -17.42
C ALA J 147 13.30 54.56 -16.52
N THR J 148 14.50 54.36 -17.02
CA THR J 148 15.66 54.44 -16.15
C THR J 148 16.83 55.26 -16.66
N ARG J 149 16.65 55.97 -17.77
CA ARG J 149 17.79 56.66 -18.30
C ARG J 149 17.52 57.92 -19.11
N ASN J 150 16.45 57.93 -19.89
CA ASN J 150 16.20 59.08 -20.75
C ASN J 150 15.72 60.38 -20.15
N SER J 151 15.00 60.30 -19.05
CA SER J 151 14.46 61.51 -18.44
C SER J 151 15.03 61.72 -17.04
N GLN J 152 15.61 62.89 -16.84
CA GLN J 152 16.21 63.25 -15.57
C GLN J 152 15.26 63.12 -14.38
N HIS J 153 13.99 63.41 -14.60
CA HIS J 153 13.03 63.36 -13.49
C HIS J 153 12.24 62.07 -13.36
N LEU J 154 12.55 61.09 -14.19
CA LEU J 154 11.83 59.84 -14.12
C LEU J 154 12.80 58.68 -13.88
N HIS J 155 12.56 57.93 -12.80
CA HIS J 155 13.36 56.75 -12.54
C HIS J 155 12.37 55.72 -12.00
N ASP J 156 12.02 54.74 -12.83
CA ASP J 156 11.05 53.73 -12.39
C ASP J 156 11.61 52.33 -12.57
N PRO J 157 12.32 51.83 -11.56
CA PRO J 157 12.90 50.50 -11.64
C PRO J 157 11.87 49.38 -11.52
N GLU J 158 10.64 49.71 -11.13
CA GLU J 158 9.60 48.69 -11.03
C GLU J 158 9.25 48.29 -12.47
N ILE J 159 9.06 49.29 -13.34
CA ILE J 159 8.78 48.99 -14.75
C ILE J 159 9.99 48.30 -15.38
N ALA J 160 11.21 48.76 -15.04
CA ALA J 160 12.41 48.13 -15.59
C ALA J 160 12.51 46.65 -15.22
N GLN J 161 12.31 46.32 -13.94
CA GLN J 161 12.40 44.93 -13.49
C GLN J 161 11.26 44.09 -14.10
N TYR J 162 10.08 44.68 -14.23
CA TYR J 162 8.95 43.98 -14.84
C TYR J 162 9.32 43.59 -16.28
N LEU J 163 9.87 44.54 -17.04
CA LEU J 163 10.26 44.25 -18.42
C LEU J 163 11.39 43.21 -18.46
N GLU J 164 12.36 43.36 -17.57
CA GLU J 164 13.48 42.41 -17.53
C GLU J 164 13.03 41.00 -17.28
N GLU J 165 12.16 40.82 -16.29
CA GLU J 165 11.67 39.50 -15.92
C GLU J 165 10.63 38.87 -16.83
N GLU J 166 9.65 39.65 -17.26
CA GLU J 166 8.56 39.11 -18.07
C GLU J 166 8.70 39.17 -19.57
N PHE J 167 9.63 39.99 -20.07
CA PHE J 167 9.76 40.11 -21.52
C PHE J 167 11.16 39.90 -22.07
N ILE J 168 12.09 40.70 -21.56
CA ILE J 168 13.45 40.72 -22.03
C ILE J 168 14.22 39.39 -22.02
N GLU J 169 14.16 38.64 -20.93
CA GLU J 169 14.88 37.36 -20.88
C GLU J 169 14.41 36.42 -21.97
N ASP J 170 13.10 36.25 -22.10
CA ASP J 170 12.57 35.33 -23.09
C ASP J 170 12.69 35.76 -24.54
N HIS J 171 12.72 37.07 -24.79
CA HIS J 171 12.87 37.55 -26.17
C HIS J 171 14.14 37.00 -26.81
N ALA J 172 15.24 36.98 -26.06
CA ALA J 172 16.51 36.51 -26.62
C ALA J 172 16.41 35.06 -27.09
N GLU J 173 15.73 34.23 -26.31
CA GLU J 173 15.57 32.82 -26.69
C GLU J 173 14.72 32.67 -27.95
N LYS J 174 13.60 33.40 -28.01
CA LYS J 174 12.71 33.30 -29.17
C LYS J 174 13.38 33.78 -30.45
N ILE J 175 14.11 34.89 -30.34
CA ILE J 175 14.78 35.45 -31.50
C ILE J 175 15.88 34.52 -31.97
N ARG J 176 16.63 33.95 -31.05
CA ARG J 176 17.69 33.02 -31.44
C ARG J 176 17.09 31.79 -32.12
N THR J 177 15.97 31.30 -31.59
CA THR J 177 15.31 30.13 -32.19
C THR J 177 14.84 30.41 -33.61
N LEU J 178 14.16 31.54 -33.80
CA LEU J 178 13.68 31.91 -35.13
C LEU J 178 14.82 32.20 -36.10
N ALA J 179 15.90 32.83 -35.61
CA ALA J 179 17.04 33.09 -36.49
C ALA J 179 17.63 31.76 -36.96
N GLY J 180 17.70 30.79 -36.04
CA GLY J 180 18.21 29.48 -36.40
C GLY J 180 17.33 28.82 -37.46
N HIS J 181 16.02 28.95 -37.33
CA HIS J 181 15.11 28.36 -38.34
C HIS J 181 15.36 28.97 -39.71
N THR J 182 15.57 30.29 -39.79
CA THR J 182 15.81 30.89 -41.10
C THR J 182 17.13 30.40 -41.67
N SER J 183 18.14 30.17 -40.82
CA SER J 183 19.42 29.66 -41.32
C SER J 183 19.24 28.26 -41.90
N ASP J 184 18.46 27.43 -41.21
CA ASP J 184 18.22 26.08 -41.70
C ASP J 184 17.54 26.11 -43.07
N LEU J 185 16.50 26.94 -43.22
CA LEU J 185 15.79 27.02 -44.50
C LEU J 185 16.70 27.58 -45.59
N LYS J 186 17.50 28.58 -45.24
CA LYS J 186 18.43 29.15 -46.21
C LYS J 186 19.34 28.05 -46.78
N LYS J 187 19.83 27.18 -45.92
CA LYS J 187 20.71 26.11 -46.39
C LYS J 187 19.97 25.10 -47.26
N PHE J 188 18.72 24.78 -46.91
CA PHE J 188 17.93 23.84 -47.72
C PHE J 188 17.74 24.40 -49.12
N ILE J 189 17.59 25.72 -49.19
CA ILE J 189 17.37 26.40 -50.46
C ILE J 189 18.62 26.50 -51.31
N THR J 190 19.77 26.74 -50.67
CA THR J 190 21.00 26.93 -51.43
C THR J 190 21.91 25.73 -51.66
N ALA J 191 22.00 24.82 -50.70
CA ALA J 191 22.89 23.67 -50.89
C ALA J 191 22.42 22.74 -52.02
N ASN J 192 23.39 22.18 -52.75
CA ASN J 192 23.10 21.26 -53.84
C ASN J 192 22.01 21.79 -54.76
N ASN J 193 22.13 23.06 -55.11
CA ASN J 193 21.18 23.73 -55.99
C ASN J 193 19.73 23.68 -55.51
N GLY J 194 19.54 23.53 -54.20
CA GLY J 194 18.19 23.49 -53.67
C GLY J 194 17.40 22.24 -54.05
N HIS J 195 18.09 21.20 -54.50
CA HIS J 195 17.42 19.97 -54.90
C HIS J 195 16.60 19.23 -53.84
N ASP J 196 17.00 19.35 -52.57
CA ASP J 196 16.27 18.67 -51.52
C ASP J 196 15.18 19.53 -50.89
N LEU J 197 14.94 20.72 -51.43
CA LEU J 197 13.97 21.62 -50.79
C LEU J 197 12.61 21.05 -50.37
N SER J 198 11.90 20.37 -51.27
CA SER J 198 10.58 19.90 -50.88
C SER J 198 10.64 18.86 -49.76
N LEU J 199 11.60 17.93 -49.83
CA LEU J 199 11.70 16.94 -48.77
C LEU J 199 12.17 17.61 -47.48
N ALA J 200 13.05 18.59 -47.60
CA ALA J 200 13.55 19.29 -46.41
C ALA J 200 12.45 20.07 -45.70
N LEU J 201 11.56 20.72 -46.46
CA LEU J 201 10.47 21.48 -45.82
C LEU J 201 9.56 20.52 -45.06
N TYR J 202 9.32 19.35 -45.63
CA TYR J 202 8.49 18.35 -44.97
C TYR J 202 9.16 17.88 -43.67
N VAL J 203 10.44 17.54 -43.76
CA VAL J 203 11.19 17.09 -42.59
C VAL J 203 11.26 18.21 -41.53
N PHE J 204 11.49 19.43 -41.99
CA PHE J 204 11.58 20.56 -41.06
C PHE J 204 10.24 20.78 -40.36
N ASP J 205 9.14 20.70 -41.10
CA ASP J 205 7.82 20.86 -40.47
C ASP J 205 7.58 19.79 -39.42
N GLU J 206 8.00 18.55 -39.69
CA GLU J 206 7.83 17.47 -38.72
C GLU J 206 8.66 17.76 -37.48
N TYR J 207 9.84 18.33 -37.69
CA TYR J 207 10.73 18.70 -36.58
C TYR J 207 10.05 19.78 -35.72
N LEU J 208 9.41 20.77 -36.36
CA LEU J 208 8.71 21.80 -35.59
C LEU J 208 7.59 21.21 -34.76
N GLN J 209 6.89 20.21 -35.31
CA GLN J 209 5.80 19.59 -34.56
C GLN J 209 6.29 18.98 -33.26
N LYS J 210 7.53 18.49 -33.27
CA LYS J 210 8.11 17.85 -32.09
C LYS J 210 8.78 18.81 -31.12
N THR J 211 9.19 19.98 -31.61
CA THR J 211 9.92 20.89 -30.75
C THR J 211 9.29 22.20 -30.36
N VAL J 212 8.28 22.66 -31.10
CA VAL J 212 7.66 23.92 -30.73
C VAL J 212 7.00 23.77 -29.36
N ALA K 1 45.75 1.32 51.41
CA ALA K 1 44.97 1.00 50.18
C ALA K 1 45.14 2.09 49.13
N ASP K 2 45.90 1.77 48.07
CA ASP K 2 46.10 2.72 47.00
C ASP K 2 44.88 2.77 46.10
N THR K 3 44.45 3.98 45.76
CA THR K 3 43.30 4.14 44.88
C THR K 3 43.68 5.17 43.83
N CYS K 4 42.90 5.21 42.75
CA CYS K 4 43.17 6.17 41.70
C CYS K 4 42.91 7.58 42.27
N TYR K 5 41.86 7.72 43.07
CA TYR K 5 41.53 9.03 43.65
C TYR K 5 42.68 9.55 44.52
N ASN K 6 43.25 8.68 45.35
CA ASN K 6 44.37 9.10 46.19
C ASN K 6 45.59 9.47 45.34
N ASP K 7 45.83 8.74 44.25
CA ASP K 7 46.96 9.06 43.38
C ASP K 7 46.76 10.45 42.79
N VAL K 8 45.52 10.77 42.41
CA VAL K 8 45.24 12.08 41.85
C VAL K 8 45.47 13.18 42.89
N ALA K 9 44.97 12.97 44.10
CA ALA K 9 45.13 13.95 45.17
C ALA K 9 46.61 14.24 45.41
N LEU K 10 47.42 13.19 45.44
CA LEU K 10 48.86 13.36 45.66
C LEU K 10 49.55 14.06 44.49
N ASP K 11 49.40 13.51 43.29
CA ASP K 11 50.04 14.08 42.10
C ASP K 11 49.54 15.45 41.65
N CYS K 12 48.29 15.78 41.95
CA CYS K 12 47.76 17.07 41.54
C CYS K 12 48.07 18.15 42.57
N GLY K 13 48.97 17.83 43.50
CA GLY K 13 49.35 18.79 44.52
C GLY K 13 50.44 19.69 43.97
N ILE K 14 50.45 20.96 44.39
CA ILE K 14 51.46 21.92 43.92
C ILE K 14 52.88 21.41 44.16
N THR K 15 53.01 20.48 45.09
CA THR K 15 54.30 19.90 45.43
C THR K 15 54.82 18.99 44.31
N SER K 16 53.90 18.32 43.62
CA SER K 16 54.26 17.40 42.55
C SER K 16 54.63 18.09 41.23
N ASN K 17 55.36 17.34 40.41
CA ASN K 17 55.81 17.84 39.11
C ASN K 17 55.62 16.73 38.07
N SER K 18 54.75 15.77 38.41
CA SER K 18 54.46 14.64 37.53
C SER K 18 53.03 14.18 37.75
N LEU K 19 52.58 13.23 36.96
CA LEU K 19 51.23 12.71 37.09
C LEU K 19 51.26 11.24 36.69
N ALA K 20 51.88 10.40 37.52
CA ALA K 20 52.01 8.98 37.22
C ALA K 20 50.68 8.21 37.25
N LEU K 21 49.90 8.42 38.31
CA LEU K 21 48.60 7.77 38.48
C LEU K 21 48.63 6.27 38.21
N PRO K 22 49.52 5.54 38.91
CA PRO K 22 49.61 4.08 38.71
C PRO K 22 48.33 3.30 38.97
N ARG K 23 47.48 3.77 39.87
CA ARG K 23 46.23 3.06 40.15
C ARG K 23 45.07 3.45 39.24
N CYS K 24 45.29 4.38 38.34
CA CYS K 24 44.22 4.78 37.44
C CYS K 24 44.35 3.96 36.16
N ASN K 25 43.97 2.70 36.25
CA ASN K 25 44.01 1.79 35.11
C ASN K 25 42.80 0.91 35.29
N ALA K 26 42.61 -0.07 34.42
CA ALA K 26 41.43 -0.92 34.50
C ALA K 26 41.63 -2.20 35.30
N VAL K 27 42.73 -2.29 36.05
CA VAL K 27 43.01 -3.49 36.84
C VAL K 27 42.20 -3.54 38.13
N TYR K 28 41.50 -4.65 38.35
CA TYR K 28 40.76 -4.83 39.61
C TYR K 28 40.76 -6.32 39.93
N GLY K 29 40.40 -6.67 41.16
CA GLY K 29 40.43 -8.06 41.57
C GLY K 29 41.86 -8.57 41.49
N GLU K 30 42.84 -7.68 41.57
CA GLU K 30 44.25 -8.08 41.46
C GLU K 30 44.55 -8.90 40.19
N TYR K 31 43.86 -8.59 39.11
CA TYR K 31 44.06 -9.28 37.84
C TYR K 31 45.53 -9.17 37.44
N GLY K 32 46.17 -10.29 37.16
CA GLY K 32 47.56 -10.24 36.76
C GLY K 32 48.57 -10.28 37.91
N SER K 33 48.11 -10.05 39.15
CA SER K 33 49.00 -10.05 40.31
C SER K 33 49.23 -11.42 40.94
N HIS K 34 48.19 -12.23 41.01
CA HIS K 34 48.32 -13.56 41.59
C HIS K 34 47.94 -14.57 40.52
N GLY K 35 48.53 -15.75 40.57
CA GLY K 35 48.21 -16.79 39.61
C GLY K 35 48.67 -16.57 38.19
N ASN K 36 48.23 -17.45 37.30
CA ASN K 36 48.63 -17.42 35.91
C ASN K 36 47.48 -17.08 34.97
N VAL K 37 46.35 -16.63 35.48
CA VAL K 37 45.23 -16.37 34.60
C VAL K 37 45.53 -15.33 33.51
N ALA K 38 46.17 -14.23 33.88
CA ALA K 38 46.44 -13.18 32.90
C ALA K 38 47.37 -13.65 31.79
N THR K 39 48.45 -14.34 32.15
CA THR K 39 49.37 -14.81 31.12
C THR K 39 48.74 -15.95 30.31
N GLU K 40 47.94 -16.79 30.96
CA GLU K 40 47.29 -17.89 30.21
C GLU K 40 46.31 -17.34 29.17
N LEU K 41 45.62 -16.24 29.50
CA LEU K 41 44.67 -15.68 28.54
C LEU K 41 45.45 -15.16 27.33
N GLN K 42 46.61 -14.55 27.56
CA GLN K 42 47.43 -14.07 26.44
C GLN K 42 47.88 -15.25 25.59
N ALA K 43 48.31 -16.33 26.23
CA ALA K 43 48.76 -17.52 25.48
C ALA K 43 47.59 -18.16 24.74
N TYR K 44 46.37 -17.96 25.22
CA TYR K 44 45.17 -18.52 24.58
C TYR K 44 44.90 -17.77 23.26
N ALA K 45 45.17 -16.46 23.25
CA ALA K 45 44.98 -15.69 22.01
C ALA K 45 46.01 -16.22 21.00
N LYS K 46 47.21 -16.49 21.48
CA LYS K 46 48.28 -16.99 20.63
C LYS K 46 47.94 -18.37 20.04
N LEU K 47 47.33 -19.23 20.85
CA LEU K 47 46.94 -20.56 20.35
C LEU K 47 45.88 -20.41 19.26
N HIS K 48 44.90 -19.53 19.46
CA HIS K 48 43.87 -19.34 18.43
C HIS K 48 44.49 -18.77 17.15
N LEU K 49 45.46 -17.87 17.32
CA LEU K 49 46.10 -17.26 16.15
C LEU K 49 46.81 -18.33 15.32
N GLU K 50 47.59 -19.17 15.99
CA GLU K 50 48.32 -20.24 15.31
C GLU K 50 47.35 -21.21 14.65
N ARG K 51 46.30 -21.61 15.38
CA ARG K 51 45.35 -22.54 14.79
C ARG K 51 44.58 -21.92 13.63
N SER K 52 44.31 -20.61 13.67
CA SER K 52 43.56 -20.02 12.56
C SER K 52 44.34 -20.22 11.27
N TYR K 53 45.66 -20.03 11.31
CA TYR K 53 46.46 -20.24 10.11
C TYR K 53 46.64 -21.72 9.76
N ASP K 54 46.68 -22.61 10.76
CA ASP K 54 46.77 -24.06 10.45
C ASP K 54 45.48 -24.45 9.68
N TYR K 55 44.33 -24.03 10.18
CA TYR K 55 43.06 -24.35 9.53
C TYR K 55 42.99 -23.73 8.12
N LEU K 56 43.55 -22.54 7.98
CA LEU K 56 43.54 -21.90 6.67
C LEU K 56 44.33 -22.74 5.67
N LEU K 57 45.46 -23.32 6.09
CA LEU K 57 46.25 -24.16 5.19
C LEU K 57 45.49 -25.45 4.85
N SER K 58 44.75 -26.00 5.80
CA SER K 58 43.95 -27.20 5.50
C SER K 58 42.85 -26.82 4.50
N ALA K 59 42.24 -25.65 4.67
CA ALA K 59 41.19 -25.22 3.73
C ALA K 59 41.80 -25.10 2.33
N ALA K 60 43.01 -24.58 2.24
CA ALA K 60 43.69 -24.44 0.94
C ALA K 60 43.98 -25.81 0.34
N TYR K 61 44.53 -26.71 1.15
CA TYR K 61 44.84 -28.05 0.65
C TYR K 61 43.61 -28.74 0.05
N PHE K 62 42.48 -28.66 0.73
CA PHE K 62 41.28 -29.31 0.21
C PHE K 62 40.66 -28.60 -0.97
N ASN K 63 41.21 -27.46 -1.33
CA ASN K 63 40.72 -26.73 -2.49
C ASN K 63 41.70 -26.85 -3.67
N ASN K 64 42.68 -27.75 -3.59
CA ASN K 64 43.59 -27.91 -4.74
C ASN K 64 42.81 -28.76 -5.77
N TYR K 65 43.24 -28.77 -7.03
CA TYR K 65 42.46 -29.48 -8.06
C TYR K 65 42.36 -30.99 -7.93
N GLN K 66 43.31 -31.61 -7.25
CA GLN K 66 43.30 -33.07 -7.07
C GLN K 66 42.36 -33.50 -5.95
N THR K 67 42.40 -32.80 -4.82
CA THR K 67 41.52 -33.14 -3.71
C THR K 67 40.13 -32.62 -4.03
N ASN K 68 40.06 -31.33 -4.35
CA ASN K 68 38.83 -30.68 -4.76
C ASN K 68 37.61 -31.06 -3.90
N ARG K 69 37.73 -30.89 -2.58
CA ARG K 69 36.63 -31.20 -1.66
C ARG K 69 36.11 -29.87 -1.11
N ALA K 70 35.17 -29.26 -1.82
CA ALA K 70 34.63 -27.96 -1.40
C ALA K 70 34.01 -27.98 0.00
N GLY K 71 33.43 -29.11 0.38
CA GLY K 71 32.81 -29.23 1.69
C GLY K 71 33.85 -29.25 2.80
N PHE K 72 34.91 -30.04 2.61
CA PHE K 72 35.98 -30.09 3.61
C PHE K 72 36.68 -28.74 3.68
N SER K 73 36.87 -28.12 2.53
CA SER K 73 37.52 -26.82 2.49
C SER K 73 36.70 -25.77 3.25
N LYS K 74 35.38 -25.80 3.06
CA LYS K 74 34.49 -24.87 3.73
C LYS K 74 34.51 -25.09 5.25
N LEU K 75 34.58 -26.34 5.67
CA LEU K 75 34.64 -26.68 7.09
C LEU K 75 35.88 -26.03 7.72
N PHE K 76 37.03 -26.20 7.08
CA PHE K 76 38.26 -25.62 7.63
C PHE K 76 38.31 -24.11 7.53
N LYS K 77 37.72 -23.56 6.48
CA LYS K 77 37.71 -22.11 6.33
C LYS K 77 36.89 -21.49 7.47
N LYS K 78 35.80 -22.14 7.83
CA LYS K 78 34.97 -21.65 8.93
C LYS K 78 35.74 -21.73 10.25
N LEU K 79 36.42 -22.85 10.49
CA LEU K 79 37.23 -22.99 11.71
C LEU K 79 38.31 -21.91 11.75
N SER K 80 38.92 -21.62 10.60
CA SER K 80 39.96 -20.59 10.51
C SER K 80 39.41 -19.20 10.82
N ASP K 81 38.29 -18.85 10.17
CA ASP K 81 37.68 -17.54 10.39
C ASP K 81 37.25 -17.37 11.85
N GLU K 82 36.70 -18.42 12.45
CA GLU K 82 36.28 -18.32 13.84
C GLU K 82 37.48 -18.14 14.78
N ALA K 83 38.56 -18.87 14.53
CA ALA K 83 39.74 -18.76 15.37
C ALA K 83 40.40 -17.38 15.21
N TRP K 84 40.35 -16.82 14.00
CA TRP K 84 40.93 -15.49 13.76
C TRP K 84 40.10 -14.46 14.55
N SER K 85 38.80 -14.56 14.44
CA SER K 85 37.92 -13.65 15.15
C SER K 85 38.11 -13.76 16.68
N LYS K 86 38.29 -14.96 17.18
CA LYS K 86 38.50 -15.16 18.62
C LYS K 86 39.84 -14.60 19.06
N THR K 87 40.84 -14.65 18.19
CA THR K 87 42.15 -14.10 18.52
C THR K 87 41.98 -12.61 18.86
N ILE K 88 41.28 -11.89 18.00
CA ILE K 88 41.08 -10.47 18.23
C ILE K 88 40.23 -10.21 19.47
N ASP K 89 39.20 -11.03 19.65
CA ASP K 89 38.34 -10.87 20.83
C ASP K 89 39.13 -11.08 22.12
N ILE K 90 39.99 -12.09 22.17
CA ILE K 90 40.78 -12.33 23.40
C ILE K 90 41.76 -11.18 23.64
N ILE K 91 42.40 -10.69 22.59
CA ILE K 91 43.32 -9.56 22.73
C ILE K 91 42.56 -8.38 23.33
N LYS K 92 41.35 -8.12 22.85
CA LYS K 92 40.55 -7.03 23.38
C LYS K 92 40.16 -7.28 24.84
N HIS K 93 39.92 -8.54 25.20
CA HIS K 93 39.55 -8.82 26.59
C HIS K 93 40.75 -8.60 27.53
N VAL K 94 41.93 -9.02 27.08
CA VAL K 94 43.17 -8.84 27.84
C VAL K 94 43.35 -7.34 28.15
N THR K 95 43.16 -6.48 27.15
CA THR K 95 43.32 -5.04 27.37
C THR K 95 42.14 -4.44 28.15
N LYS K 96 40.95 -5.02 27.98
CA LYS K 96 39.80 -4.52 28.74
C LYS K 96 40.07 -4.67 30.24
N ARG K 97 40.73 -5.77 30.62
CA ARG K 97 41.04 -6.02 32.03
C ARG K 97 42.32 -5.33 32.52
N GLY K 98 42.84 -4.40 31.72
CA GLY K 98 44.01 -3.63 32.15
C GLY K 98 45.38 -4.22 31.92
N ASP K 99 45.47 -5.27 31.14
CA ASP K 99 46.76 -5.92 30.89
C ASP K 99 47.19 -5.54 29.47
N LYS K 100 48.29 -6.11 29.01
CA LYS K 100 48.73 -5.83 27.65
C LYS K 100 49.09 -7.16 27.02
N MET K 101 48.81 -7.28 25.74
CA MET K 101 49.06 -8.50 25.01
C MET K 101 50.54 -8.69 24.72
N ASN K 102 51.03 -9.91 24.95
CA ASN K 102 52.43 -10.25 24.67
C ASN K 102 52.32 -11.46 23.73
N PHE K 103 52.71 -11.30 22.46
CA PHE K 103 52.58 -12.40 21.52
C PHE K 103 53.57 -13.54 21.67
N ASP K 104 54.48 -13.45 22.63
CA ASP K 104 55.43 -14.53 22.85
C ASP K 104 55.18 -15.21 24.19
N GLN K 105 53.99 -14.99 24.76
CA GLN K 105 53.67 -15.59 26.05
C GLN K 105 53.37 -17.07 25.90
N HIS K 106 53.95 -17.89 26.75
CA HIS K 106 53.70 -19.33 26.68
C HIS K 106 52.76 -19.77 27.78
N SER K 107 52.08 -20.88 27.53
CA SER K 107 51.15 -21.44 28.49
C SER K 107 51.94 -22.35 29.42
N THR K 108 51.45 -22.56 30.64
CA THR K 108 52.13 -23.44 31.58
C THR K 108 51.54 -24.84 31.40
N MET K 109 50.36 -24.91 30.79
CA MET K 109 49.73 -26.20 30.59
C MET K 109 50.62 -27.08 29.74
N LYS K 110 51.05 -28.19 30.33
CA LYS K 110 51.93 -29.14 29.67
C LYS K 110 51.22 -29.80 28.49
N THR K 111 51.53 -29.32 27.30
CA THR K 111 50.95 -29.83 26.07
C THR K 111 52.03 -30.36 25.14
N GLU K 112 51.88 -31.61 24.72
CA GLU K 112 52.84 -32.25 23.84
C GLU K 112 53.07 -31.41 22.58
N ARG K 113 54.19 -31.68 21.90
CA ARG K 113 54.53 -30.95 20.68
C ARG K 113 54.28 -31.81 19.46
N LYS K 114 53.30 -31.40 18.65
CA LYS K 114 52.95 -32.14 17.44
C LYS K 114 52.65 -31.16 16.31
N ASN K 115 53.55 -31.10 15.32
CA ASN K 115 53.37 -30.20 14.19
C ASN K 115 52.06 -30.47 13.46
N TYR K 116 51.43 -29.41 12.98
CA TYR K 116 50.18 -29.53 12.25
C TYR K 116 50.52 -29.65 10.77
N THR K 117 50.11 -30.73 10.12
CA THR K 117 50.39 -30.89 8.69
C THR K 117 49.07 -30.74 7.97
N ALA K 118 49.06 -29.95 6.90
CA ALA K 118 47.83 -29.71 6.14
C ALA K 118 47.52 -30.76 5.08
N GLU K 119 48.55 -31.47 4.60
CA GLU K 119 48.32 -32.49 3.56
C GLU K 119 47.87 -33.79 4.21
N ASN K 120 46.56 -34.04 4.24
CA ASN K 120 46.03 -35.24 4.87
C ASN K 120 44.87 -35.80 4.06
N HIS K 121 44.57 -37.08 4.24
CA HIS K 121 43.40 -37.64 3.60
C HIS K 121 42.24 -37.19 4.50
N GLU K 122 41.00 -37.37 4.05
CA GLU K 122 39.83 -36.90 4.78
C GLU K 122 39.70 -37.32 6.25
N LEU K 123 39.85 -38.60 6.53
CA LEU K 123 39.73 -39.05 7.92
C LEU K 123 40.84 -38.44 8.80
N GLU K 124 42.07 -38.43 8.30
CA GLU K 124 43.18 -37.84 9.06
C GLU K 124 42.92 -36.37 9.37
N ALA K 125 42.42 -35.63 8.37
CA ALA K 125 42.17 -34.20 8.55
C ALA K 125 41.10 -33.95 9.61
N LEU K 126 40.02 -34.72 9.58
CA LEU K 126 38.95 -34.55 10.57
C LEU K 126 39.46 -34.94 11.96
N ALA K 127 40.28 -35.99 12.02
CA ALA K 127 40.84 -36.44 13.30
C ALA K 127 41.70 -35.34 13.92
N LYS K 128 42.50 -34.69 13.10
CA LYS K 128 43.36 -33.61 13.59
C LYS K 128 42.50 -32.41 13.99
N ALA K 129 41.46 -32.12 13.23
CA ALA K 129 40.58 -31.01 13.60
C ALA K 129 39.94 -31.31 14.96
N LEU K 130 39.49 -32.55 15.13
CA LEU K 130 38.87 -32.95 16.40
C LEU K 130 39.87 -32.78 17.55
N ASP K 131 41.09 -33.28 17.38
CA ASP K 131 42.11 -33.15 18.42
C ASP K 131 42.44 -31.69 18.76
N THR K 132 42.59 -30.85 17.74
CA THR K 132 42.92 -29.45 18.01
C THR K 132 41.76 -28.71 18.68
N GLN K 133 40.51 -29.08 18.37
CA GLN K 133 39.38 -28.42 19.02
C GLN K 133 39.30 -28.90 20.48
N LYS K 134 39.59 -30.18 20.73
CA LYS K 134 39.58 -30.67 22.11
C LYS K 134 40.68 -29.95 22.91
N GLU K 135 41.82 -29.68 22.26
CA GLU K 135 42.90 -28.97 22.93
C GLU K 135 42.45 -27.55 23.27
N LEU K 136 41.78 -26.87 22.34
CA LEU K 136 41.30 -25.51 22.63
C LEU K 136 40.29 -25.56 23.79
N ALA K 137 39.45 -26.58 23.80
CA ALA K 137 38.44 -26.73 24.84
C ALA K 137 39.06 -27.02 26.21
N GLU K 138 40.03 -27.91 26.25
CA GLU K 138 40.67 -28.24 27.52
C GLU K 138 41.53 -27.09 28.02
N ARG K 139 42.04 -26.27 27.11
CA ARG K 139 42.82 -25.11 27.54
C ARG K 139 41.84 -24.14 28.22
N ALA K 140 40.61 -24.00 27.69
CA ALA K 140 39.65 -23.12 28.34
C ALA K 140 39.31 -23.66 29.73
N PHE K 141 39.19 -24.98 29.86
CA PHE K 141 38.90 -25.58 31.18
C PHE K 141 40.02 -25.25 32.15
N TYR K 142 41.25 -25.31 31.66
CA TYR K 142 42.43 -25.03 32.47
C TYR K 142 42.45 -23.57 32.97
N ILE K 143 42.22 -22.63 32.07
CA ILE K 143 42.22 -21.22 32.46
C ILE K 143 41.08 -20.94 33.44
N HIS K 144 39.94 -21.57 33.20
CA HIS K 144 38.77 -21.42 34.06
C HIS K 144 39.11 -21.90 35.48
N ARG K 145 39.77 -23.06 35.57
CA ARG K 145 40.16 -23.61 36.86
C ARG K 145 41.20 -22.71 37.55
N GLU K 146 42.11 -22.17 36.77
CA GLU K 146 43.13 -21.27 37.31
C GLU K 146 42.46 -20.00 37.87
N ALA K 147 41.38 -19.56 37.23
CA ALA K 147 40.69 -18.35 37.68
C ALA K 147 39.81 -18.51 38.90
N THR K 148 39.33 -19.72 39.16
CA THR K 148 38.36 -19.88 40.24
C THR K 148 38.60 -21.01 41.20
N ARG K 149 39.76 -21.65 41.12
CA ARG K 149 39.95 -22.79 41.98
C ARG K 149 41.37 -23.13 42.38
N ASN K 150 42.32 -22.96 41.47
CA ASN K 150 43.69 -23.36 41.78
C ASN K 150 44.51 -22.53 42.72
N SER K 151 44.25 -21.23 42.79
CA SER K 151 45.03 -20.36 43.65
C SER K 151 44.17 -19.74 44.73
N GLN K 152 44.58 -19.93 45.97
CA GLN K 152 43.88 -19.41 47.13
C GLN K 152 43.64 -17.90 47.06
N HIS K 153 44.60 -17.16 46.50
CA HIS K 153 44.46 -15.71 46.47
C HIS K 153 43.90 -15.14 45.18
N LEU K 154 43.50 -15.99 44.26
CA LEU K 154 42.94 -15.51 43.00
C LEU K 154 41.54 -16.06 42.79
N HIS K 155 40.58 -15.15 42.62
CA HIS K 155 39.21 -15.56 42.30
C HIS K 155 38.73 -14.55 41.28
N ASP K 156 38.65 -14.94 40.02
CA ASP K 156 38.22 -14.02 38.98
C ASP K 156 37.05 -14.59 38.18
N PRO K 157 35.84 -14.38 38.66
CA PRO K 157 34.65 -14.90 37.97
C PRO K 157 34.34 -14.15 36.68
N GLU K 158 34.98 -13.01 36.45
CA GLU K 158 34.75 -12.28 35.19
C GLU K 158 35.40 -13.10 34.08
N ILE K 159 36.62 -13.56 34.31
CA ILE K 159 37.29 -14.40 33.31
C ILE K 159 36.53 -15.72 33.17
N ALA K 160 36.07 -16.27 34.29
CA ALA K 160 35.32 -17.54 34.22
C ALA K 160 34.05 -17.41 33.37
N GLN K 161 33.26 -16.36 33.61
CA GLN K 161 32.01 -16.17 32.86
C GLN K 161 32.32 -15.87 31.39
N TYR K 162 33.38 -15.12 31.13
CA TYR K 162 33.78 -14.81 29.75
C TYR K 162 34.08 -16.13 29.02
N LEU K 163 34.86 -17.02 29.64
CA LEU K 163 35.17 -18.30 29.02
C LEU K 163 33.91 -19.15 28.84
N GLU K 164 33.06 -19.18 29.87
CA GLU K 164 31.83 -19.96 29.81
C GLU K 164 30.95 -19.53 28.65
N GLU K 165 30.75 -18.23 28.51
CA GLU K 165 29.89 -17.68 27.47
C GLU K 165 30.44 -17.66 26.06
N GLU K 166 31.70 -17.27 25.91
CA GLU K 166 32.29 -17.13 24.59
C GLU K 166 33.04 -18.31 24.02
N PHE K 167 33.40 -19.27 24.87
CA PHE K 167 34.17 -20.41 24.37
C PHE K 167 33.61 -21.77 24.72
N ILE K 168 33.44 -22.01 26.01
CA ILE K 168 33.00 -23.29 26.53
C ILE K 168 31.70 -23.87 25.99
N GLU K 169 30.64 -23.07 25.90
CA GLU K 169 29.37 -23.60 25.39
C GLU K 169 29.52 -24.11 23.96
N ASP K 170 30.12 -23.31 23.10
CA ASP K 170 30.27 -23.70 21.71
C ASP K 170 31.26 -24.82 21.43
N HIS K 171 32.28 -24.96 22.27
CA HIS K 171 33.25 -26.04 22.07
C HIS K 171 32.57 -27.41 22.06
N ALA K 172 31.62 -27.62 22.97
CA ALA K 172 30.95 -28.91 23.04
C ALA K 172 30.24 -29.26 21.74
N GLU K 173 29.60 -28.27 21.13
CA GLU K 173 28.90 -28.50 19.86
C GLU K 173 29.88 -28.83 18.73
N LYS K 174 30.97 -28.08 18.65
CA LYS K 174 31.95 -28.32 17.58
C LYS K 174 32.61 -29.67 17.70
N ILE K 175 32.97 -30.04 18.93
CA ILE K 175 33.63 -31.32 19.17
C ILE K 175 32.67 -32.47 18.86
N ARG K 176 31.41 -32.34 19.27
CA ARG K 176 30.45 -33.40 18.99
C ARG K 176 30.25 -33.54 17.47
N THR K 177 30.20 -32.41 16.77
CA THR K 177 30.02 -32.44 15.31
C THR K 177 31.20 -33.14 14.63
N LEU K 178 32.42 -32.76 14.99
CA LEU K 178 33.61 -33.36 14.40
C LEU K 178 33.73 -34.84 14.77
N ALA K 179 33.38 -35.20 16.01
CA ALA K 179 33.45 -36.61 16.41
C ALA K 179 32.47 -37.41 15.55
N GLY K 180 31.30 -36.85 15.30
CA GLY K 180 30.31 -37.52 14.47
C GLY K 180 30.84 -37.72 13.05
N HIS K 181 31.54 -36.71 12.50
CA HIS K 181 32.10 -36.84 11.16
C HIS K 181 33.10 -37.99 11.11
N THR K 182 33.95 -38.12 12.13
CA THR K 182 34.93 -39.21 12.10
C THR K 182 34.23 -40.56 12.18
N SER K 183 33.13 -40.64 12.93
CA SER K 183 32.39 -41.91 13.02
C SER K 183 31.80 -42.28 11.65
N ASP K 184 31.28 -41.28 10.95
CA ASP K 184 30.70 -41.55 9.63
C ASP K 184 31.78 -42.06 8.67
N LEU K 185 32.95 -41.42 8.66
CA LEU K 185 34.03 -41.85 7.76
C LEU K 185 34.53 -43.24 8.15
N LYS K 186 34.64 -43.49 9.45
CA LYS K 186 35.09 -44.80 9.92
C LYS K 186 34.16 -45.89 9.35
N LYS K 187 32.86 -45.65 9.37
CA LYS K 187 31.92 -46.64 8.85
C LYS K 187 32.05 -46.82 7.34
N PHE K 188 32.27 -45.73 6.61
CA PHE K 188 32.43 -45.81 5.15
C PHE K 188 33.65 -46.68 4.82
N ILE K 189 34.67 -46.55 5.66
CA ILE K 189 35.90 -47.29 5.46
C ILE K 189 35.79 -48.77 5.82
N THR K 190 35.06 -49.08 6.87
CA THR K 190 34.96 -50.46 7.33
C THR K 190 33.81 -51.31 6.83
N ALA K 191 32.63 -50.72 6.65
CA ALA K 191 31.48 -51.52 6.21
C ALA K 191 31.65 -52.07 4.79
N ASN K 192 31.17 -53.28 4.57
CA ASN K 192 31.24 -53.92 3.26
C ASN K 192 32.63 -53.81 2.65
N ASN K 193 33.63 -54.09 3.48
CA ASN K 193 35.02 -54.05 3.05
C ASN K 193 35.46 -52.71 2.48
N GLY K 194 34.78 -51.64 2.85
CA GLY K 194 35.16 -50.31 2.34
C GLY K 194 34.88 -50.11 0.87
N HIS K 195 34.05 -50.96 0.28
CA HIS K 195 33.74 -50.86 -1.14
C HIS K 195 33.08 -49.56 -1.61
N ASP K 196 32.32 -48.91 -0.76
CA ASP K 196 31.67 -47.68 -1.16
C ASP K 196 32.47 -46.43 -0.83
N LEU K 197 33.69 -46.59 -0.35
CA LEU K 197 34.47 -45.43 0.08
C LEU K 197 34.55 -44.23 -0.86
N SER K 198 34.90 -44.41 -2.13
CA SER K 198 35.03 -43.24 -2.99
C SER K 198 33.69 -42.53 -3.20
N LEU K 199 32.61 -43.28 -3.39
CA LEU K 199 31.31 -42.64 -3.58
C LEU K 199 30.88 -41.98 -2.26
N ALA K 200 31.17 -42.64 -1.14
CA ALA K 200 30.79 -42.08 0.16
C ALA K 200 31.51 -40.76 0.46
N LEU K 201 32.79 -40.68 0.12
CA LEU K 201 33.54 -39.43 0.37
C LEU K 201 32.94 -38.29 -0.46
N TYR K 202 32.54 -38.60 -1.68
CA TYR K 202 31.93 -37.59 -2.55
C TYR K 202 30.59 -37.14 -1.93
N VAL K 203 29.76 -38.11 -1.55
CA VAL K 203 28.47 -37.78 -0.95
C VAL K 203 28.65 -37.02 0.37
N PHE K 204 29.62 -37.44 1.17
CA PHE K 204 29.88 -36.78 2.44
C PHE K 204 30.34 -35.33 2.22
N ASP K 205 31.21 -35.12 1.23
CA ASP K 205 31.66 -33.76 0.95
C ASP K 205 30.49 -32.87 0.52
N GLU K 206 29.56 -33.43 -0.27
CA GLU K 206 28.40 -32.66 -0.71
C GLU K 206 27.54 -32.31 0.51
N TYR K 207 27.44 -33.24 1.44
CA TYR K 207 26.69 -33.04 2.69
C TYR K 207 27.33 -31.89 3.49
N LEU K 208 28.66 -31.87 3.58
CA LEU K 208 29.33 -30.79 4.30
C LEU K 208 29.04 -29.44 3.64
N GLN K 209 28.99 -29.40 2.32
CA GLN K 209 28.72 -28.14 1.63
C GLN K 209 27.37 -27.57 2.04
N LYS K 210 26.41 -28.45 2.33
CA LYS K 210 25.08 -28.02 2.72
C LYS K 210 24.91 -27.73 4.19
N THR K 211 25.76 -28.31 5.03
CA THR K 211 25.57 -28.15 6.46
C THR K 211 26.60 -27.37 7.25
N VAL K 212 27.80 -27.19 6.71
CA VAL K 212 28.79 -26.44 7.47
C VAL K 212 28.31 -24.99 7.63
N ALA L 1 -65.82 -18.09 9.19
CA ALA L 1 -64.55 -17.36 8.94
C ALA L 1 -63.92 -17.78 7.61
N ASP L 2 -64.00 -16.91 6.62
CA ASP L 2 -63.43 -17.21 5.32
C ASP L 2 -61.93 -17.02 5.37
N THR L 3 -61.20 -17.98 4.82
CA THR L 3 -59.74 -17.89 4.77
C THR L 3 -59.30 -18.24 3.36
N CYS L 4 -58.06 -17.89 3.04
CA CYS L 4 -57.56 -18.20 1.71
C CYS L 4 -57.44 -19.72 1.59
N TYR L 5 -57.01 -20.39 2.66
CA TYR L 5 -56.86 -21.84 2.64
C TYR L 5 -58.21 -22.52 2.34
N ASN L 6 -59.27 -22.06 3.00
CA ASN L 6 -60.58 -22.65 2.76
C ASN L 6 -61.06 -22.38 1.33
N ASP L 7 -60.75 -21.21 0.79
CA ASP L 7 -61.13 -20.90 -0.60
C ASP L 7 -60.43 -21.88 -1.53
N VAL L 8 -59.17 -22.16 -1.26
CA VAL L 8 -58.42 -23.09 -2.10
C VAL L 8 -59.02 -24.50 -2.02
N ALA L 9 -59.32 -24.96 -0.82
CA ALA L 9 -59.90 -26.29 -0.62
C ALA L 9 -61.20 -26.43 -1.42
N LEU L 10 -62.03 -25.40 -1.36
CA LEU L 10 -63.30 -25.42 -2.09
C LEU L 10 -63.11 -25.37 -3.61
N ASP L 11 -62.39 -24.36 -4.09
CA ASP L 11 -62.18 -24.21 -5.54
C ASP L 11 -61.30 -25.26 -6.21
N CYS L 12 -60.40 -25.89 -5.46
CA CYS L 12 -59.54 -26.90 -6.05
C CYS L 12 -60.21 -28.28 -6.01
N GLY L 13 -61.50 -28.29 -5.72
CA GLY L 13 -62.23 -29.55 -5.69
C GLY L 13 -62.68 -29.91 -7.09
N ILE L 14 -62.73 -31.20 -7.40
CA ILE L 14 -63.14 -31.67 -8.73
C ILE L 14 -64.51 -31.11 -9.12
N THR L 15 -65.29 -30.71 -8.12
CA THR L 15 -66.62 -30.16 -8.34
C THR L 15 -66.55 -28.77 -8.98
N SER L 16 -65.52 -28.01 -8.62
CA SER L 16 -65.35 -26.65 -9.13
C SER L 16 -64.82 -26.57 -10.56
N ASN L 17 -65.07 -25.44 -11.19
CA ASN L 17 -64.63 -25.19 -12.56
C ASN L 17 -64.07 -23.76 -12.64
N SER L 18 -63.70 -23.23 -11.49
CA SER L 18 -63.14 -21.88 -11.41
C SER L 18 -62.17 -21.82 -10.24
N LEU L 19 -61.50 -20.67 -10.09
CA LEU L 19 -60.55 -20.49 -9.00
C LEU L 19 -60.57 -19.01 -8.61
N ALA L 20 -61.68 -18.58 -8.00
CA ALA L 20 -61.82 -17.18 -7.60
C ALA L 20 -60.87 -16.73 -6.49
N LEU L 21 -60.80 -17.53 -5.42
CA LEU L 21 -59.93 -17.24 -4.28
C LEU L 21 -60.04 -15.81 -3.78
N PRO L 22 -61.27 -15.36 -3.46
CA PRO L 22 -61.46 -13.98 -2.97
C PRO L 22 -60.67 -13.62 -1.70
N ARG L 23 -60.40 -14.58 -0.83
CA ARG L 23 -59.66 -14.29 0.38
C ARG L 23 -58.15 -14.38 0.23
N CYS L 24 -57.67 -14.75 -0.95
CA CYS L 24 -56.24 -14.84 -1.16
C CYS L 24 -55.75 -13.51 -1.73
N ASN L 25 -55.69 -12.51 -0.86
CA ASN L 25 -55.22 -11.19 -1.24
C ASN L 25 -54.47 -10.69 -0.04
N ALA L 26 -53.98 -9.46 -0.07
CA ALA L 26 -53.19 -8.94 1.03
C ALA L 26 -54.00 -8.17 2.07
N VAL L 27 -55.33 -8.26 2.01
CA VAL L 27 -56.18 -7.54 2.96
C VAL L 27 -56.25 -8.22 4.33
N TYR L 28 -55.96 -7.47 5.39
CA TYR L 28 -56.09 -8.01 6.75
C TYR L 28 -56.50 -6.86 7.67
N GLY L 29 -56.94 -7.19 8.88
CA GLY L 29 -57.42 -6.16 9.78
C GLY L 29 -58.62 -5.45 9.17
N GLU L 30 -59.32 -6.13 8.27
CA GLU L 30 -60.47 -5.50 7.59
C GLU L 30 -60.14 -4.14 6.93
N TYR L 31 -58.91 -4.02 6.42
CA TYR L 31 -58.48 -2.79 5.78
C TYR L 31 -59.43 -2.48 4.62
N GLY L 32 -59.97 -1.28 4.60
CA GLY L 32 -60.88 -0.91 3.52
C GLY L 32 -62.34 -1.26 3.77
N SER L 33 -62.63 -2.10 4.76
CA SER L 33 -64.01 -2.51 5.07
C SER L 33 -64.75 -1.58 6.01
N HIS L 34 -64.06 -1.06 7.01
CA HIS L 34 -64.69 -0.14 7.97
C HIS L 34 -63.94 1.16 7.91
N GLY L 35 -64.64 2.27 8.16
CA GLY L 35 -63.99 3.57 8.17
C GLY L 35 -63.55 4.11 6.83
N ASN L 36 -62.82 5.22 6.88
CA ASN L 36 -62.35 5.90 5.69
C ASN L 36 -60.85 5.87 5.51
N VAL L 37 -60.14 5.05 6.30
CA VAL L 37 -58.69 5.07 6.19
C VAL L 37 -58.18 4.72 4.81
N ALA L 38 -58.74 3.68 4.18
CA ALA L 38 -58.25 3.27 2.86
C ALA L 38 -58.47 4.34 1.80
N THR L 39 -59.65 4.94 1.77
CA THR L 39 -59.89 5.98 0.76
C THR L 39 -59.10 7.25 1.10
N GLU L 40 -58.94 7.55 2.37
CA GLU L 40 -58.17 8.75 2.73
C GLU L 40 -56.70 8.60 2.31
N LEU L 41 -56.14 7.39 2.42
CA LEU L 41 -54.76 7.19 2.02
C LEU L 41 -54.63 7.43 0.51
N GLN L 42 -55.61 6.97 -0.26
CA GLN L 42 -55.59 7.21 -1.71
C GLN L 42 -55.66 8.71 -1.99
N ALA L 43 -56.54 9.42 -1.29
CA ALA L 43 -56.66 10.86 -1.50
C ALA L 43 -55.38 11.59 -1.05
N TYR L 44 -54.62 10.99 -0.13
CA TYR L 44 -53.39 11.61 0.35
C TYR L 44 -52.32 11.51 -0.75
N ALA L 45 -52.31 10.43 -1.52
CA ALA L 45 -51.37 10.30 -2.63
C ALA L 45 -51.72 11.39 -3.65
N LYS L 46 -53.00 11.59 -3.87
CA LYS L 46 -53.48 12.59 -4.81
C LYS L 46 -53.08 14.01 -4.39
N LEU L 47 -53.17 14.28 -3.09
CA LEU L 47 -52.77 15.61 -2.59
C LEU L 47 -51.27 15.83 -2.82
N HIS L 48 -50.45 14.82 -2.55
CA HIS L 48 -49.02 14.97 -2.77
C HIS L 48 -48.73 15.16 -4.25
N LEU L 49 -49.45 14.46 -5.10
CA LEU L 49 -49.24 14.57 -6.55
C LEU L 49 -49.51 16.00 -7.01
N GLU L 50 -50.65 16.54 -6.60
CA GLU L 50 -51.03 17.89 -6.97
C GLU L 50 -50.02 18.89 -6.43
N ARG L 51 -49.64 18.74 -5.17
CA ARG L 51 -48.68 19.69 -4.60
C ARG L 51 -47.30 19.56 -5.26
N SER L 52 -46.91 18.36 -5.69
CA SER L 52 -45.59 18.24 -6.32
C SER L 52 -45.53 19.14 -7.54
N TYR L 53 -46.60 19.16 -8.33
CA TYR L 53 -46.61 20.02 -9.51
C TYR L 53 -46.80 21.50 -9.17
N ASP L 54 -47.51 21.82 -8.08
CA ASP L 54 -47.62 23.24 -7.66
C ASP L 54 -46.22 23.75 -7.29
N TYR L 55 -45.49 22.96 -6.51
CA TYR L 55 -44.14 23.34 -6.09
C TYR L 55 -43.21 23.45 -7.30
N LEU L 56 -43.40 22.57 -8.27
CA LEU L 56 -42.57 22.61 -9.47
C LEU L 56 -42.78 23.94 -10.21
N LEU L 57 -44.02 24.42 -10.28
CA LEU L 57 -44.30 25.69 -10.94
C LEU L 57 -43.68 26.86 -10.15
N SER L 58 -43.69 26.79 -8.82
CA SER L 58 -43.05 27.84 -8.03
C SER L 58 -41.54 27.81 -8.29
N ALA L 59 -40.96 26.61 -8.38
CA ALA L 59 -39.52 26.52 -8.63
C ALA L 59 -39.20 27.16 -9.99
N ALA L 60 -40.06 26.93 -10.97
CA ALA L 60 -39.88 27.51 -12.30
C ALA L 60 -39.98 29.03 -12.23
N TYR L 61 -41.02 29.53 -11.56
CA TYR L 61 -41.21 30.97 -11.47
C TYR L 61 -39.98 31.67 -10.87
N PHE L 62 -39.41 31.10 -9.79
CA PHE L 62 -38.25 31.74 -9.18
C PHE L 62 -36.96 31.57 -9.97
N ASN L 63 -37.05 30.83 -11.08
CA ASN L 63 -35.88 30.64 -11.93
C ASN L 63 -36.05 31.44 -13.24
N ASN L 64 -37.03 32.35 -13.31
CA ASN L 64 -37.14 33.17 -14.52
C ASN L 64 -36.07 34.27 -14.41
N TYR L 65 -35.72 34.93 -15.51
CA TYR L 65 -34.61 35.90 -15.44
C TYR L 65 -34.83 37.14 -14.60
N GLN L 66 -36.09 37.53 -14.37
CA GLN L 66 -36.40 38.71 -13.57
C GLN L 66 -36.32 38.42 -12.07
N THR L 67 -36.88 37.29 -11.65
CA THR L 67 -36.84 36.91 -10.22
C THR L 67 -35.45 36.40 -9.92
N ASN L 68 -35.01 35.42 -10.70
CA ASN L 68 -33.68 34.85 -10.60
C ASN L 68 -33.22 34.60 -9.15
N ARG L 69 -34.04 33.86 -8.40
CA ARG L 69 -33.70 33.51 -7.00
C ARG L 69 -33.38 32.02 -6.96
N ALA L 70 -32.13 31.68 -7.20
CA ALA L 70 -31.73 30.27 -7.22
C ALA L 70 -31.99 29.53 -5.90
N GLY L 71 -31.90 30.24 -4.78
CA GLY L 71 -32.15 29.64 -3.48
C GLY L 71 -33.63 29.32 -3.30
N PHE L 72 -34.51 30.25 -3.65
CA PHE L 72 -35.94 30.00 -3.53
C PHE L 72 -36.34 28.90 -4.51
N SER L 73 -35.75 28.92 -5.69
CA SER L 73 -36.07 27.92 -6.69
C SER L 73 -35.67 26.52 -6.19
N LYS L 74 -34.50 26.43 -5.58
CA LYS L 74 -33.99 25.16 -5.06
C LYS L 74 -34.90 24.65 -3.92
N LEU L 75 -35.38 25.57 -3.09
CA LEU L 75 -36.27 25.20 -1.99
C LEU L 75 -37.54 24.54 -2.54
N PHE L 76 -38.14 25.16 -3.54
CA PHE L 76 -39.35 24.59 -4.13
C PHE L 76 -39.12 23.33 -4.94
N LYS L 77 -37.96 23.24 -5.58
CA LYS L 77 -37.66 22.04 -6.35
C LYS L 77 -37.52 20.85 -5.41
N LYS L 78 -36.93 21.08 -4.24
CA LYS L 78 -36.79 20.02 -3.26
C LYS L 78 -38.18 19.59 -2.74
N LEU L 79 -39.03 20.56 -2.44
CA LEU L 79 -40.40 20.24 -1.98
C LEU L 79 -41.14 19.44 -3.06
N SER L 80 -40.95 19.83 -4.32
CA SER L 80 -41.59 19.14 -5.44
C SER L 80 -41.10 17.69 -5.57
N ASP L 81 -39.77 17.51 -5.56
CA ASP L 81 -39.19 16.18 -5.67
C ASP L 81 -39.64 15.29 -4.51
N GLU L 82 -39.68 15.83 -3.30
CA GLU L 82 -40.11 15.03 -2.15
C GLU L 82 -41.57 14.63 -2.27
N ALA L 83 -42.43 15.55 -2.70
CA ALA L 83 -43.86 15.23 -2.83
C ALA L 83 -44.09 14.22 -3.96
N TRP L 84 -43.28 14.28 -5.02
CA TRP L 84 -43.42 13.33 -6.13
C TRP L 84 -43.03 11.94 -5.62
N SER L 85 -41.92 11.87 -4.90
CA SER L 85 -41.46 10.60 -4.35
C SER L 85 -42.48 10.01 -3.37
N LYS L 86 -43.09 10.87 -2.54
CA LYS L 86 -44.10 10.39 -1.59
C LYS L 86 -45.36 9.90 -2.30
N THR L 87 -45.69 10.52 -3.42
CA THR L 87 -46.87 10.09 -4.19
C THR L 87 -46.69 8.62 -4.56
N ILE L 88 -45.52 8.27 -5.08
CA ILE L 88 -45.28 6.90 -5.49
C ILE L 88 -45.23 5.97 -4.28
N ASP L 89 -44.62 6.42 -3.20
CA ASP L 89 -44.55 5.62 -1.98
C ASP L 89 -45.95 5.30 -1.43
N ILE L 90 -46.84 6.30 -1.42
CA ILE L 90 -48.19 6.06 -0.91
C ILE L 90 -48.95 5.10 -1.81
N ILE L 91 -48.81 5.26 -3.12
CA ILE L 91 -49.47 4.36 -4.06
C ILE L 91 -49.01 2.92 -3.78
N LYS L 92 -47.71 2.75 -3.56
CA LYS L 92 -47.19 1.42 -3.26
C LYS L 92 -47.73 0.90 -1.93
N HIS L 93 -47.93 1.79 -0.95
CA HIS L 93 -48.45 1.34 0.34
C HIS L 93 -49.92 0.89 0.21
N VAL L 94 -50.69 1.65 -0.56
CA VAL L 94 -52.09 1.33 -0.82
C VAL L 94 -52.19 -0.10 -1.40
N THR L 95 -51.34 -0.40 -2.38
CA THR L 95 -51.38 -1.74 -2.98
C THR L 95 -50.76 -2.80 -2.08
N LYS L 96 -49.78 -2.41 -1.26
CA LYS L 96 -49.19 -3.37 -0.32
C LYS L 96 -50.27 -3.90 0.63
N ARG L 97 -51.19 -3.03 1.02
CA ARG L 97 -52.27 -3.40 1.94
C ARG L 97 -53.48 -4.05 1.24
N GLY L 98 -53.32 -4.38 -0.04
CA GLY L 98 -54.39 -5.09 -0.75
C GLY L 98 -55.48 -4.25 -1.40
N ASP L 99 -55.26 -2.95 -1.50
CA ASP L 99 -56.27 -2.07 -2.08
C ASP L 99 -55.78 -1.67 -3.48
N LYS L 100 -56.51 -0.80 -4.14
CA LYS L 100 -56.06 -0.33 -5.45
C LYS L 100 -56.21 1.17 -5.46
N MET L 101 -55.28 1.82 -6.13
CA MET L 101 -55.27 3.27 -6.19
C MET L 101 -56.34 3.80 -7.13
N ASN L 102 -57.05 4.83 -6.69
CA ASN L 102 -58.09 5.47 -7.49
C ASN L 102 -57.66 6.95 -7.52
N PHE L 103 -57.26 7.46 -8.68
CA PHE L 103 -56.78 8.84 -8.75
C PHE L 103 -57.85 9.93 -8.65
N ASP L 104 -59.11 9.53 -8.54
CA ASP L 104 -60.17 10.52 -8.42
C ASP L 104 -60.82 10.45 -7.04
N GLN L 105 -60.13 9.81 -6.10
CA GLN L 105 -60.69 9.68 -4.75
C GLN L 105 -60.58 11.00 -3.99
N HIS L 106 -61.65 11.41 -3.35
CA HIS L 106 -61.64 12.65 -2.60
C HIS L 106 -61.55 12.38 -1.11
N SER L 107 -61.01 13.36 -0.37
CA SER L 107 -60.89 13.26 1.06
C SER L 107 -62.20 13.74 1.68
N THR L 108 -62.50 13.27 2.89
CA THR L 108 -63.71 13.71 3.58
C THR L 108 -63.35 14.92 4.42
N MET L 109 -62.06 15.08 4.70
CA MET L 109 -61.63 16.20 5.51
C MET L 109 -62.01 17.50 4.84
N LYS L 110 -62.86 18.26 5.53
CA LYS L 110 -63.36 19.54 5.03
C LYS L 110 -62.22 20.55 4.92
N THR L 111 -61.73 20.73 3.70
CA THR L 111 -60.65 21.65 3.42
C THR L 111 -61.09 22.72 2.44
N GLU L 112 -60.92 23.98 2.82
CA GLU L 112 -61.31 25.10 1.96
C GLU L 112 -60.67 25.00 0.58
N ARG L 113 -61.25 25.70 -0.38
CA ARG L 113 -60.74 25.70 -1.74
C ARG L 113 -59.97 26.98 -2.05
N LYS L 114 -58.66 26.85 -2.25
CA LYS L 114 -57.81 27.99 -2.54
C LYS L 114 -56.79 27.62 -3.62
N ASN L 115 -56.96 28.17 -4.82
CA ASN L 115 -56.04 27.88 -5.92
C ASN L 115 -54.61 28.25 -5.55
N TYR L 116 -53.66 27.46 -6.03
CA TYR L 116 -52.26 27.71 -5.78
C TYR L 116 -51.73 28.56 -6.94
N THR L 117 -51.20 29.74 -6.65
CA THR L 117 -50.66 30.58 -7.71
C THR L 117 -49.14 30.59 -7.54
N ALA L 118 -48.41 30.39 -8.63
CA ALA L 118 -46.96 30.34 -8.59
C ALA L 118 -46.27 31.70 -8.64
N GLU L 119 -46.94 32.70 -9.23
CA GLU L 119 -46.35 34.04 -9.33
C GLU L 119 -46.53 34.81 -8.03
N ASN L 120 -45.52 34.79 -7.16
CA ASN L 120 -45.62 35.47 -5.87
C ASN L 120 -44.31 36.14 -5.52
N HIS L 121 -44.36 37.14 -4.64
CA HIS L 121 -43.13 37.74 -4.17
C HIS L 121 -42.62 36.75 -3.11
N GLU L 122 -41.39 36.92 -2.64
CA GLU L 122 -40.77 35.99 -1.71
C GLU L 122 -41.54 35.65 -0.43
N LEU L 123 -42.03 36.66 0.29
CA LEU L 123 -42.78 36.38 1.52
C LEU L 123 -44.06 35.62 1.21
N GLU L 124 -44.80 36.03 0.19
CA GLU L 124 -46.03 35.34 -0.19
C GLU L 124 -45.76 33.87 -0.52
N ALA L 125 -44.70 33.62 -1.28
CA ALA L 125 -44.37 32.24 -1.68
C ALA L 125 -44.05 31.37 -0.47
N LEU L 126 -43.27 31.89 0.47
CA LEU L 126 -42.94 31.11 1.67
C LEU L 126 -44.18 30.89 2.52
N ALA L 127 -45.05 31.90 2.60
CA ALA L 127 -46.28 31.77 3.38
C ALA L 127 -47.16 30.67 2.81
N LYS L 128 -47.26 30.61 1.48
CA LYS L 128 -48.06 29.58 0.84
C LYS L 128 -47.42 28.22 1.04
N ALA L 129 -46.09 28.15 0.97
CA ALA L 129 -45.41 26.87 1.18
C ALA L 129 -45.69 26.40 2.62
N LEU L 130 -45.62 27.32 3.57
CA LEU L 130 -45.87 27.00 4.97
C LEU L 130 -47.31 26.46 5.12
N ASP L 131 -48.29 27.18 4.56
CA ASP L 131 -49.68 26.73 4.64
C ASP L 131 -49.91 25.35 4.02
N THR L 132 -49.33 25.12 2.84
CA THR L 132 -49.54 23.82 2.19
C THR L 132 -48.85 22.69 2.95
N GLN L 133 -47.72 22.96 3.60
CA GLN L 133 -47.06 21.91 4.37
C GLN L 133 -47.89 21.63 5.64
N LYS L 134 -48.46 22.67 6.26
CA LYS L 134 -49.30 22.45 7.43
C LYS L 134 -50.53 21.64 7.03
N GLU L 135 -51.04 21.87 5.82
CA GLU L 135 -52.21 21.12 5.35
C GLU L 135 -51.81 19.64 5.17
N LEU L 136 -50.64 19.38 4.59
CA LEU L 136 -50.20 17.99 4.43
C LEU L 136 -50.04 17.34 5.81
N ALA L 137 -49.51 18.09 6.76
CA ALA L 137 -49.29 17.57 8.11
C ALA L 137 -50.60 17.28 8.84
N GLU L 138 -51.56 18.20 8.73
CA GLU L 138 -52.84 18.00 9.41
C GLU L 138 -53.64 16.89 8.73
N ARG L 139 -53.42 16.68 7.44
CA ARG L 139 -54.12 15.59 6.76
C ARG L 139 -53.55 14.28 7.33
N ALA L 140 -52.24 14.21 7.57
CA ALA L 140 -51.67 12.99 8.15
C ALA L 140 -52.26 12.77 9.55
N PHE L 141 -52.44 13.83 10.33
CA PHE L 141 -53.02 13.70 11.67
C PHE L 141 -54.44 13.14 11.55
N TYR L 142 -55.18 13.61 10.56
CA TYR L 142 -56.56 13.17 10.33
C TYR L 142 -56.63 11.67 9.98
N ILE L 143 -55.78 11.23 9.05
CA ILE L 143 -55.80 9.82 8.66
C ILE L 143 -55.36 8.94 9.85
N HIS L 144 -54.39 9.43 10.61
CA HIS L 144 -53.90 8.71 11.78
C HIS L 144 -55.05 8.53 12.79
N ARG L 145 -55.80 9.60 13.03
CA ARG L 145 -56.93 9.54 13.96
C ARG L 145 -58.03 8.59 13.43
N GLU L 146 -58.25 8.63 12.12
CA GLU L 146 -59.25 7.75 11.50
C GLU L 146 -58.82 6.29 11.68
N ALA L 147 -57.52 6.02 11.64
CA ALA L 147 -57.02 4.66 11.77
C ALA L 147 -57.00 4.09 13.17
N THR L 148 -56.95 4.94 14.17
CA THR L 148 -56.78 4.43 15.53
C THR L 148 -57.69 5.01 16.58
N ARG L 149 -58.68 5.79 16.19
CA ARG L 149 -59.49 6.41 17.20
C ARG L 149 -60.93 6.74 16.84
N ASN L 150 -61.17 7.16 15.61
CA ASN L 150 -62.51 7.58 15.24
C ASN L 150 -63.59 6.54 15.05
N SER L 151 -63.22 5.35 14.62
CA SER L 151 -64.20 4.31 14.38
C SER L 151 -64.00 3.12 15.31
N GLN L 152 -65.06 2.78 16.02
CA GLN L 152 -65.05 1.67 16.97
C GLN L 152 -64.60 0.35 16.35
N HIS L 153 -64.95 0.12 15.10
CA HIS L 153 -64.59 -1.15 14.46
C HIS L 153 -63.34 -1.14 13.62
N LEU L 154 -62.62 -0.02 13.62
CA LEU L 154 -61.40 0.05 12.84
C LEU L 154 -60.22 0.41 13.73
N HIS L 155 -59.19 -0.44 13.73
CA HIS L 155 -57.98 -0.15 14.46
C HIS L 155 -56.86 -0.64 13.55
N ASP L 156 -56.15 0.28 12.92
CA ASP L 156 -55.07 -0.11 12.02
C ASP L 156 -53.76 0.59 12.38
N PRO L 157 -53.00 -0.02 13.30
CA PRO L 157 -51.74 0.57 13.71
C PRO L 157 -50.64 0.47 12.66
N GLU L 158 -50.86 -0.31 11.61
CA GLU L 158 -49.87 -0.41 10.55
C GLU L 158 -49.89 0.93 9.79
N ILE L 159 -51.09 1.41 9.48
CA ILE L 159 -51.21 2.71 8.81
C ILE L 159 -50.70 3.81 9.77
N ALA L 160 -51.05 3.71 11.04
CA ALA L 160 -50.58 4.72 12.01
C ALA L 160 -49.06 4.81 12.08
N GLN L 161 -48.39 3.66 12.18
CA GLN L 161 -46.92 3.64 12.27
C GLN L 161 -46.29 4.11 10.96
N TYR L 162 -46.91 3.74 9.83
CA TYR L 162 -46.42 4.19 8.52
C TYR L 162 -46.45 5.73 8.46
N LEU L 163 -47.57 6.33 8.87
CA LEU L 163 -47.68 7.78 8.87
C LEU L 163 -46.68 8.41 9.85
N GLU L 164 -46.56 7.82 11.04
CA GLU L 164 -45.64 8.34 12.05
C GLU L 164 -44.21 8.38 11.54
N GLU L 165 -43.77 7.27 10.95
CA GLU L 165 -42.41 7.13 10.47
C GLU L 165 -42.07 7.87 9.18
N GLU L 166 -42.94 7.78 8.20
CA GLU L 166 -42.66 8.38 6.90
C GLU L 166 -43.15 9.78 6.63
N PHE L 167 -44.06 10.28 7.46
CA PHE L 167 -44.59 11.62 7.22
C PHE L 167 -44.52 12.57 8.40
N ILE L 168 -45.14 12.14 9.50
CA ILE L 168 -45.28 12.95 10.70
C ILE L 168 -44.00 13.51 11.32
N GLU L 169 -42.97 12.68 11.48
CA GLU L 169 -41.73 13.18 12.08
C GLU L 169 -41.13 14.31 11.27
N ASP L 170 -41.01 14.12 9.96
CA ASP L 170 -40.42 15.13 9.11
C ASP L 170 -41.24 16.39 8.87
N HIS L 171 -42.56 16.27 8.96
CA HIS L 171 -43.41 17.46 8.77
C HIS L 171 -43.06 18.54 9.79
N ALA L 172 -42.82 18.16 11.04
CA ALA L 172 -42.52 19.16 12.07
C ALA L 172 -41.26 19.95 11.73
N GLU L 173 -40.24 19.27 11.21
CA GLU L 173 -39.00 19.95 10.83
C GLU L 173 -39.21 20.92 9.67
N LYS L 174 -39.94 20.48 8.64
CA LYS L 174 -40.18 21.33 7.48
C LYS L 174 -41.00 22.56 7.84
N ILE L 175 -42.04 22.37 8.65
CA ILE L 175 -42.89 23.47 9.03
C ILE L 175 -42.12 24.46 9.89
N ARG L 176 -41.30 23.96 10.81
CA ARG L 176 -40.51 24.87 11.65
C ARG L 176 -39.53 25.67 10.78
N THR L 177 -38.93 25.00 9.81
CA THR L 177 -37.98 25.67 8.92
C THR L 177 -38.65 26.79 8.11
N LEU L 178 -39.80 26.47 7.51
CA LEU L 178 -40.53 27.46 6.73
C LEU L 178 -41.06 28.60 7.60
N ALA L 179 -41.53 28.28 8.81
CA ALA L 179 -42.02 29.33 9.70
C ALA L 179 -40.86 30.29 10.03
N GLY L 180 -39.68 29.72 10.26
CA GLY L 180 -38.51 30.54 10.54
C GLY L 180 -38.19 31.46 9.36
N HIS L 181 -38.30 30.94 8.14
CA HIS L 181 -38.01 31.77 6.97
C HIS L 181 -38.99 32.95 6.90
N THR L 182 -40.28 32.72 7.19
CA THR L 182 -41.22 33.84 7.14
C THR L 182 -40.90 34.86 8.21
N SER L 183 -40.43 34.41 9.38
CA SER L 183 -40.06 35.37 10.44
C SER L 183 -38.88 36.23 9.99
N ASP L 184 -37.91 35.60 9.35
CA ASP L 184 -36.75 36.36 8.88
C ASP L 184 -37.16 37.43 7.87
N LEU L 185 -38.01 37.06 6.91
CA LEU L 185 -38.46 38.02 5.89
C LEU L 185 -39.29 39.12 6.53
N LYS L 186 -40.15 38.76 7.47
CA LYS L 186 -40.98 39.75 8.16
C LYS L 186 -40.07 40.81 8.79
N LYS L 187 -38.98 40.38 9.42
CA LYS L 187 -38.08 41.35 10.04
C LYS L 187 -37.37 42.23 9.02
N PHE L 188 -36.97 41.65 7.88
CA PHE L 188 -36.30 42.44 6.83
C PHE L 188 -37.25 43.52 6.34
N ILE L 189 -38.53 43.19 6.28
CA ILE L 189 -39.53 44.12 5.80
C ILE L 189 -39.87 45.22 6.79
N THR L 190 -39.90 44.88 8.07
CA THR L 190 -40.29 45.86 9.08
C THR L 190 -39.20 46.66 9.78
N ALA L 191 -38.05 46.05 10.05
CA ALA L 191 -36.99 46.76 10.75
C ALA L 191 -36.43 47.92 9.93
N ASN L 192 -36.08 49.01 10.62
CA ASN L 192 -35.51 50.19 9.98
C ASN L 192 -36.29 50.60 8.73
N ASN L 193 -37.61 50.61 8.88
CA ASN L 193 -38.50 50.99 7.78
C ASN L 193 -38.34 50.16 6.52
N GLY L 194 -37.82 48.94 6.66
CA GLY L 194 -37.64 48.09 5.49
C GLY L 194 -36.56 48.55 4.54
N HIS L 195 -35.69 49.44 4.99
CA HIS L 195 -34.62 49.96 4.13
C HIS L 195 -33.63 48.95 3.56
N ASP L 196 -33.38 47.87 4.29
CA ASP L 196 -32.44 46.87 3.80
C ASP L 196 -33.09 45.75 2.99
N LEU L 197 -34.38 45.87 2.72
CA LEU L 197 -35.07 44.77 2.03
C LEU L 197 -34.43 44.17 0.78
N SER L 198 -34.03 44.99 -0.19
CA SER L 198 -33.47 44.38 -1.40
C SER L 198 -32.16 43.65 -1.14
N LEU L 199 -31.30 44.22 -0.32
CA LEU L 199 -30.04 43.55 -0.02
C LEU L 199 -30.31 42.30 0.82
N ALA L 200 -31.28 42.39 1.73
CA ALA L 200 -31.60 41.25 2.58
C ALA L 200 -32.16 40.07 1.77
N LEU L 201 -33.01 40.35 0.78
CA LEU L 201 -33.56 39.27 -0.04
C LEU L 201 -32.44 38.57 -0.81
N TYR L 202 -31.48 39.35 -1.28
CA TYR L 202 -30.34 38.78 -2.00
C TYR L 202 -29.52 37.88 -1.04
N VAL L 203 -29.21 38.41 0.13
CA VAL L 203 -28.44 37.65 1.11
C VAL L 203 -29.21 36.40 1.57
N PHE L 204 -30.51 36.55 1.76
CA PHE L 204 -31.33 35.42 2.19
C PHE L 204 -31.36 34.34 1.10
N ASP L 205 -31.49 34.75 -0.16
CA ASP L 205 -31.49 33.76 -1.25
C ASP L 205 -30.16 33.01 -1.30
N GLU L 206 -29.06 33.71 -1.07
CA GLU L 206 -27.73 33.07 -1.07
C GLU L 206 -27.66 32.07 0.08
N TYR L 207 -28.25 32.43 1.21
CA TYR L 207 -28.30 31.55 2.39
C TYR L 207 -29.10 30.28 2.04
N LEU L 208 -30.22 30.42 1.35
CA LEU L 208 -31.01 29.25 0.98
C LEU L 208 -30.20 28.33 0.05
N GLN L 209 -29.41 28.92 -0.85
CA GLN L 209 -28.62 28.09 -1.76
C GLN L 209 -27.65 27.19 -0.99
N LYS L 210 -27.18 27.67 0.16
CA LYS L 210 -26.23 26.91 0.96
C LYS L 210 -26.88 25.94 1.94
N THR L 211 -28.12 26.19 2.31
CA THR L 211 -28.74 25.36 3.33
C THR L 211 -29.91 24.47 2.92
N VAL L 212 -30.56 24.76 1.81
CA VAL L 212 -31.68 23.91 1.41
C VAL L 212 -31.15 22.49 1.12
N THR M 1 -61.42 -27.90 -10.06
CA THR M 1 -60.21 -27.42 -10.78
C THR M 1 -58.96 -28.21 -10.38
N GLN M 2 -58.04 -28.38 -11.32
CA GLN M 2 -56.80 -29.12 -11.09
C GLN M 2 -55.70 -28.17 -10.59
N CYS M 3 -55.55 -28.07 -9.28
CA CYS M 3 -54.55 -27.17 -8.71
C CYS M 3 -53.18 -27.77 -8.51
N ASN M 4 -53.06 -29.08 -8.69
CA ASN M 4 -51.77 -29.70 -8.51
C ASN M 4 -51.43 -30.62 -9.66
N VAL M 5 -50.17 -30.99 -9.74
CA VAL M 5 -49.69 -31.86 -10.80
C VAL M 5 -49.82 -33.33 -10.42
N ASN M 6 -50.31 -34.13 -11.36
CA ASN M 6 -50.46 -35.58 -11.13
C ASN M 6 -49.07 -36.08 -10.75
N PRO M 7 -48.96 -36.72 -9.58
CA PRO M 7 -47.66 -37.24 -9.12
C PRO M 7 -47.01 -38.24 -10.08
N VAL M 8 -45.68 -38.30 -10.00
CA VAL M 8 -44.92 -39.23 -10.83
C VAL M 8 -44.23 -40.18 -9.88
N GLN M 9 -43.78 -41.30 -10.39
CA GLN M 9 -43.11 -42.27 -9.55
C GLN M 9 -41.74 -42.54 -10.12
N ILE M 10 -40.74 -42.64 -9.24
CA ILE M 10 -39.40 -42.96 -9.71
C ILE M 10 -39.01 -44.21 -8.90
N PRO M 11 -37.88 -44.84 -9.25
CA PRO M 11 -37.41 -46.05 -8.55
C PRO M 11 -37.33 -45.80 -7.04
N LYS M 12 -37.68 -46.81 -6.24
CA LYS M 12 -37.67 -46.69 -4.79
C LYS M 12 -36.79 -47.70 -4.07
N ASP M 13 -36.07 -48.55 -4.79
CA ASP M 13 -35.23 -49.54 -4.13
C ASP M 13 -34.18 -48.91 -3.21
N TRP M 14 -33.77 -47.68 -3.50
CA TRP M 14 -32.77 -46.99 -2.69
C TRP M 14 -33.28 -46.58 -1.29
N ILE M 15 -34.60 -46.61 -1.10
CA ILE M 15 -35.23 -46.21 0.18
C ILE M 15 -35.23 -47.44 1.05
N THR M 16 -34.34 -47.50 2.03
CA THR M 16 -34.17 -48.73 2.81
C THR M 16 -34.36 -48.75 4.32
N MET M 17 -34.66 -47.62 4.95
CA MET M 17 -34.80 -47.66 6.39
C MET M 17 -35.94 -48.58 6.82
N HIS M 18 -35.76 -49.29 7.92
CA HIS M 18 -36.82 -50.17 8.41
C HIS M 18 -37.62 -49.49 9.50
N ARG M 19 -38.82 -50.01 9.73
CA ARG M 19 -39.76 -49.42 10.67
C ARG M 19 -39.34 -49.17 12.11
N SER M 20 -38.73 -50.14 12.76
CA SER M 20 -38.35 -49.94 14.14
C SER M 20 -37.35 -48.77 14.27
N CYS M 21 -36.37 -48.75 13.40
CA CYS M 21 -35.36 -47.69 13.40
C CYS M 21 -36.02 -46.33 13.08
N ARG M 22 -36.86 -46.30 12.05
CA ARG M 22 -37.53 -45.07 11.68
C ARG M 22 -38.41 -44.55 12.82
N ASN M 23 -39.14 -45.44 13.48
CA ASN M 23 -40.00 -44.99 14.57
C ASN M 23 -39.17 -44.46 15.74
N SER M 24 -38.02 -45.07 16.02
CA SER M 24 -37.17 -44.57 17.11
C SER M 24 -36.63 -43.19 16.76
N MET M 25 -36.32 -42.96 15.48
CA MET M 25 -35.84 -41.65 15.05
C MET M 25 -36.95 -40.60 15.20
N ARG M 26 -38.18 -40.96 14.84
CA ARG M 26 -39.31 -40.03 14.97
C ARG M 26 -39.52 -39.65 16.44
N GLN M 27 -39.37 -40.62 17.33
CA GLN M 27 -39.52 -40.36 18.75
C GLN M 27 -38.38 -39.45 19.24
N GLN M 28 -37.18 -39.67 18.71
CA GLN M 28 -36.04 -38.84 19.12
C GLN M 28 -36.25 -37.38 18.68
N ILE M 29 -36.84 -37.19 17.51
CA ILE M 29 -37.10 -35.84 17.01
C ILE M 29 -38.01 -35.10 17.99
N GLN M 30 -39.06 -35.76 18.47
CA GLN M 30 -39.97 -35.13 19.43
C GLN M 30 -39.22 -34.85 20.73
N MET M 31 -38.33 -35.76 21.12
CA MET M 31 -37.57 -35.55 22.35
C MET M 31 -36.66 -34.30 22.26
N GLU M 32 -36.02 -34.10 21.12
CA GLU M 32 -35.15 -32.93 20.93
C GLU M 32 -35.99 -31.66 21.01
N VAL M 33 -37.17 -31.67 20.39
CA VAL M 33 -38.05 -30.50 20.44
C VAL M 33 -38.48 -30.24 21.88
N GLY M 34 -38.84 -31.30 22.60
CA GLY M 34 -39.22 -31.14 24.00
C GLY M 34 -38.08 -30.52 24.80
N ALA M 35 -36.85 -30.93 24.53
CA ALA M 35 -35.70 -30.37 25.24
C ALA M 35 -35.56 -28.88 24.88
N SER M 36 -35.77 -28.51 23.60
CA SER M 36 -35.65 -27.10 23.24
C SER M 36 -36.66 -26.26 24.01
N LEU M 37 -37.87 -26.78 24.20
CA LEU M 37 -38.89 -26.03 24.93
C LEU M 37 -38.57 -25.91 26.42
N GLN M 38 -37.97 -26.96 26.99
CA GLN M 38 -37.62 -26.90 28.41
C GLN M 38 -36.49 -25.89 28.62
N TYR M 39 -35.54 -25.82 27.68
CA TYR M 39 -34.45 -24.84 27.79
C TYR M 39 -34.99 -23.42 27.62
N LEU M 40 -36.00 -23.24 26.76
CA LEU M 40 -36.59 -21.90 26.61
C LEU M 40 -37.14 -21.43 27.94
N ALA M 41 -37.77 -22.34 28.68
CA ALA M 41 -38.33 -21.98 29.98
C ALA M 41 -37.23 -21.62 30.98
N MET M 42 -36.07 -22.27 30.89
CA MET M 42 -34.96 -21.92 31.77
C MET M 42 -34.45 -20.53 31.41
N GLY M 43 -34.32 -20.27 30.11
CA GLY M 43 -33.87 -18.95 29.69
C GLY M 43 -34.83 -17.88 30.20
N ALA M 44 -36.12 -18.15 30.09
CA ALA M 44 -37.14 -17.20 30.56
C ALA M 44 -37.02 -16.94 32.07
N HIS M 45 -36.80 -18.01 32.83
CA HIS M 45 -36.67 -17.88 34.29
C HIS M 45 -35.51 -16.98 34.69
N PHE M 46 -34.33 -17.23 34.12
CA PHE M 46 -33.18 -16.42 34.50
C PHE M 46 -33.18 -15.01 33.94
N SER M 47 -34.11 -14.74 33.02
CA SER M 47 -34.28 -13.40 32.45
C SER M 47 -35.14 -12.51 33.35
N LYS M 48 -35.86 -13.10 34.31
CA LYS M 48 -36.72 -12.30 35.19
C LYS M 48 -35.94 -11.25 35.98
N ASP M 49 -36.56 -10.08 36.18
CA ASP M 49 -35.90 -9.00 36.91
C ASP M 49 -35.52 -9.41 38.34
N VAL M 50 -36.36 -10.24 38.97
CA VAL M 50 -36.07 -10.67 40.33
C VAL M 50 -35.05 -11.81 40.43
N VAL M 51 -34.64 -12.37 39.29
CA VAL M 51 -33.63 -13.46 39.29
C VAL M 51 -32.36 -12.81 38.75
N ASN M 52 -32.49 -12.17 37.59
CA ASN M 52 -31.42 -11.41 36.98
C ASN M 52 -30.06 -12.09 36.81
N ARG M 53 -30.03 -13.21 36.09
CA ARG M 53 -28.78 -13.92 35.82
C ARG M 53 -28.70 -14.01 34.30
N PRO M 54 -28.30 -12.90 33.64
CA PRO M 54 -28.20 -12.87 32.18
C PRO M 54 -27.25 -13.90 31.57
N GLY M 55 -26.22 -14.28 32.32
CA GLY M 55 -25.29 -15.28 31.83
C GLY M 55 -26.00 -16.62 31.70
N PHE M 56 -26.74 -17.01 32.75
CA PHE M 56 -27.50 -18.26 32.71
C PHE M 56 -28.61 -18.17 31.66
N ALA M 57 -29.26 -17.02 31.56
CA ALA M 57 -30.34 -16.88 30.58
C ALA M 57 -29.80 -17.15 29.18
N GLN M 58 -28.68 -16.53 28.83
CA GLN M 58 -28.08 -16.70 27.50
C GLN M 58 -27.63 -18.14 27.29
N LEU M 59 -27.06 -18.75 28.32
CA LEU M 59 -26.61 -20.14 28.24
C LEU M 59 -27.78 -21.04 27.84
N PHE M 60 -28.93 -20.85 28.49
CA PHE M 60 -30.08 -21.70 28.20
C PHE M 60 -30.84 -21.35 26.93
N PHE M 61 -30.87 -20.08 26.54
CA PHE M 61 -31.51 -19.74 25.27
C PHE M 61 -30.63 -20.35 24.16
N ASP M 62 -29.31 -20.30 24.31
CA ASP M 62 -28.42 -20.90 23.32
C ASP M 62 -28.68 -22.40 23.25
N ALA M 63 -28.85 -23.05 24.41
CA ALA M 63 -29.10 -24.49 24.45
C ALA M 63 -30.44 -24.81 23.76
N ALA M 64 -31.44 -23.95 23.94
CA ALA M 64 -32.73 -24.18 23.29
C ALA M 64 -32.56 -24.18 21.77
N SER M 65 -31.83 -23.21 21.25
CA SER M 65 -31.63 -23.13 19.80
C SER M 65 -30.83 -24.32 19.29
N GLU M 66 -29.88 -24.78 20.09
CA GLU M 66 -29.08 -25.94 19.70
C GLU M 66 -29.96 -27.20 19.64
N GLU M 67 -30.87 -27.38 20.59
CA GLU M 67 -31.74 -28.57 20.56
C GLU M 67 -32.64 -28.52 19.33
N ARG M 68 -33.08 -27.32 18.96
CA ARG M 68 -33.92 -27.18 17.76
C ARG M 68 -33.09 -27.61 16.56
N GLU M 69 -31.80 -27.24 16.53
CA GLU M 69 -30.93 -27.65 15.42
C GLU M 69 -30.77 -29.19 15.41
N HIS M 70 -30.71 -29.81 16.59
CA HIS M 70 -30.58 -31.28 16.65
C HIS M 70 -31.81 -31.92 16.01
N ALA M 71 -32.99 -31.40 16.34
CA ALA M 71 -34.22 -31.93 15.76
C ALA M 71 -34.16 -31.80 14.23
N MET M 72 -33.73 -30.64 13.75
CA MET M 72 -33.64 -30.42 12.31
C MET M 72 -32.66 -31.38 11.64
N LYS M 73 -31.53 -31.68 12.29
CA LYS M 73 -30.56 -32.61 11.70
C LYS M 73 -31.15 -34.01 11.55
N LEU M 74 -31.93 -34.46 12.54
CA LEU M 74 -32.53 -35.79 12.46
C LEU M 74 -33.57 -35.83 11.35
N ILE M 75 -34.35 -34.75 11.23
CA ILE M 75 -35.35 -34.66 10.16
C ILE M 75 -34.64 -34.70 8.80
N GLU M 76 -33.56 -33.93 8.66
CA GLU M 76 -32.81 -33.92 7.39
C GLU M 76 -32.27 -35.31 7.06
N TYR M 77 -31.86 -36.06 8.07
CA TYR M 77 -31.34 -37.41 7.81
C TYR M 77 -32.47 -38.28 7.21
N LEU M 78 -33.65 -38.24 7.83
CA LEU M 78 -34.77 -39.04 7.31
C LEU M 78 -35.09 -38.63 5.86
N LEU M 79 -35.09 -37.33 5.58
CA LEU M 79 -35.40 -36.86 4.23
C LEU M 79 -34.36 -37.36 3.23
N MET M 80 -33.09 -37.36 3.62
CA MET M 80 -32.03 -37.83 2.74
C MET M 80 -32.22 -39.32 2.39
N ARG M 81 -32.73 -40.10 3.34
CA ARG M 81 -32.96 -41.53 3.12
C ARG M 81 -34.25 -41.83 2.35
N GLY M 82 -34.99 -40.79 1.98
CA GLY M 82 -36.20 -41.01 1.20
C GLY M 82 -37.48 -41.07 2.00
N GLU M 83 -37.41 -40.73 3.28
CA GLU M 83 -38.59 -40.78 4.15
C GLU M 83 -39.31 -39.44 4.19
N LEU M 84 -40.37 -39.39 5.00
CA LEU M 84 -41.19 -38.21 5.19
C LEU M 84 -41.88 -37.67 3.94
N THR M 85 -42.32 -38.59 3.07
CA THR M 85 -43.09 -38.19 1.91
C THR M 85 -44.55 -38.06 2.41
N ASN M 86 -44.77 -38.51 3.64
CA ASN M 86 -46.06 -38.38 4.34
C ASN M 86 -45.77 -38.53 5.85
N ASP M 87 -46.79 -38.38 6.69
CA ASP M 87 -46.60 -38.50 8.15
C ASP M 87 -45.65 -37.43 8.70
N VAL M 88 -45.71 -36.25 8.11
CA VAL M 88 -44.85 -35.17 8.58
C VAL M 88 -45.55 -34.38 9.68
N SER M 89 -46.84 -34.11 9.50
CA SER M 89 -47.61 -33.31 10.47
C SER M 89 -47.57 -33.90 11.88
N SER M 90 -47.58 -35.22 11.98
CA SER M 90 -47.58 -35.92 13.26
C SER M 90 -46.20 -36.05 13.89
N LEU M 91 -45.15 -35.56 13.23
CA LEU M 91 -43.80 -35.69 13.78
C LEU M 91 -43.58 -34.96 15.10
N LEU M 92 -44.20 -33.80 15.24
CA LEU M 92 -43.99 -32.96 16.41
C LEU M 92 -45.24 -32.39 17.02
N GLN M 93 -45.13 -32.09 18.31
CA GLN M 93 -46.22 -31.47 19.05
C GLN M 93 -45.55 -30.51 20.04
N VAL M 94 -45.95 -29.24 20.00
CA VAL M 94 -45.40 -28.26 20.92
C VAL M 94 -46.33 -28.22 22.13
N ARG M 95 -45.78 -28.41 23.32
CA ARG M 95 -46.58 -28.38 24.55
C ARG M 95 -45.79 -27.62 25.61
N PRO M 96 -46.48 -27.04 26.59
CA PRO M 96 -45.78 -26.31 27.65
C PRO M 96 -44.82 -27.26 28.38
N PRO M 97 -43.63 -26.78 28.74
CA PRO M 97 -42.69 -27.67 29.43
C PRO M 97 -43.17 -27.94 30.85
N THR M 98 -42.69 -29.05 31.40
CA THR M 98 -43.04 -29.53 32.73
C THR M 98 -42.59 -28.63 33.87
N ARG M 99 -41.40 -28.05 33.74
CA ARG M 99 -40.89 -27.20 34.81
C ARG M 99 -40.69 -25.78 34.33
N SER M 100 -40.96 -24.80 35.20
CA SER M 100 -40.81 -23.41 34.80
C SER M 100 -40.04 -22.56 35.79
N SER M 101 -39.62 -23.16 36.90
CA SER M 101 -38.88 -22.41 37.91
C SER M 101 -37.80 -23.29 38.54
N TRP M 102 -36.69 -22.65 38.95
CA TRP M 102 -35.55 -23.34 39.58
C TRP M 102 -35.10 -22.46 40.75
N LYS M 103 -34.63 -23.08 41.83
CA LYS M 103 -34.19 -22.32 42.99
C LYS M 103 -32.99 -21.43 42.70
N GLY M 104 -32.07 -21.92 41.88
CA GLY M 104 -30.90 -21.13 41.54
C GLY M 104 -30.17 -21.76 40.37
N GLY M 105 -29.00 -21.24 40.05
CA GLY M 105 -28.22 -21.75 38.93
C GLY M 105 -27.84 -23.22 39.10
N VAL M 106 -27.47 -23.63 40.31
CA VAL M 106 -27.12 -25.04 40.51
C VAL M 106 -28.27 -25.98 40.15
N GLU M 107 -29.48 -25.69 40.64
CA GLU M 107 -30.62 -26.56 40.32
C GLU M 107 -30.86 -26.62 38.82
N ALA M 108 -30.72 -25.50 38.13
CA ALA M 108 -30.93 -25.50 36.68
C ALA M 108 -29.85 -26.29 35.97
N LEU M 109 -28.59 -26.14 36.39
CA LEU M 109 -27.50 -26.88 35.75
C LEU M 109 -27.67 -28.39 35.98
N GLU M 110 -28.09 -28.77 37.20
CA GLU M 110 -28.29 -30.19 37.49
C GLU M 110 -29.47 -30.75 36.70
N HIS M 111 -30.50 -29.93 36.53
CA HIS M 111 -31.66 -30.37 35.75
C HIS M 111 -31.20 -30.52 34.28
N ALA M 112 -30.44 -29.56 33.76
CA ALA M 112 -29.94 -29.67 32.39
C ALA M 112 -29.09 -30.92 32.21
N LEU M 113 -28.22 -31.20 33.19
CA LEU M 113 -27.36 -32.39 33.12
C LEU M 113 -28.23 -33.65 33.04
N SER M 114 -29.28 -33.70 33.86
CA SER M 114 -30.18 -34.85 33.87
C SER M 114 -30.94 -34.97 32.53
N MET M 115 -31.35 -33.84 31.95
CA MET M 115 -32.04 -33.85 30.66
C MET M 115 -31.08 -34.40 29.59
N GLU M 116 -29.84 -33.92 29.61
CA GLU M 116 -28.85 -34.38 28.62
C GLU M 116 -28.57 -35.87 28.79
N SER M 117 -28.47 -36.31 30.04
CA SER M 117 -28.23 -37.70 30.37
C SER M 117 -29.38 -38.57 29.79
N ASP M 118 -30.61 -38.08 29.91
CA ASP M 118 -31.77 -38.80 29.35
C ASP M 118 -31.70 -38.85 27.82
N VAL M 119 -31.27 -37.75 27.21
CA VAL M 119 -31.16 -37.72 25.74
C VAL M 119 -30.08 -38.69 25.29
N THR M 120 -28.97 -38.76 26.01
CA THR M 120 -27.89 -39.67 25.63
C THR M 120 -28.38 -41.12 25.67
N LYS M 121 -29.10 -41.45 26.73
CA LYS M 121 -29.64 -42.80 26.85
C LYS M 121 -30.63 -43.09 25.72
N SER M 122 -31.46 -42.10 25.39
CA SER M 122 -32.42 -42.28 24.31
C SER M 122 -31.72 -42.48 22.95
N ILE M 123 -30.67 -41.72 22.67
CA ILE M 123 -29.94 -41.88 21.41
C ILE M 123 -29.31 -43.28 21.36
N ARG M 124 -28.77 -43.75 22.48
CA ARG M 124 -28.18 -45.08 22.52
C ARG M 124 -29.27 -46.12 22.21
N ASN M 125 -30.50 -45.86 22.64
CA ASN M 125 -31.59 -46.79 22.33
C ASN M 125 -32.00 -46.72 20.87
N VAL M 126 -31.86 -45.56 20.23
CA VAL M 126 -32.17 -45.46 18.79
C VAL M 126 -31.09 -46.28 18.06
N ILE M 127 -29.84 -46.13 18.50
CA ILE M 127 -28.73 -46.86 17.91
C ILE M 127 -29.01 -48.38 18.00
N LYS M 128 -29.42 -48.84 19.18
CA LYS M 128 -29.72 -50.27 19.36
C LYS M 128 -30.81 -50.73 18.41
N ALA M 129 -31.90 -49.97 18.32
CA ALA M 129 -33.00 -50.33 17.43
C ALA M 129 -32.55 -50.39 15.97
N CYS M 130 -31.73 -49.42 15.56
CA CYS M 130 -31.28 -49.34 14.18
C CYS M 130 -30.22 -50.37 13.83
N GLU M 131 -29.42 -50.75 14.81
CA GLU M 131 -28.35 -51.72 14.57
C GLU M 131 -28.82 -53.16 14.70
N ASP M 132 -29.67 -53.42 15.69
CA ASP M 132 -30.08 -54.79 15.96
C ASP M 132 -31.32 -55.35 15.32
N ASP M 133 -31.94 -54.60 14.41
CA ASP M 133 -33.12 -55.10 13.71
C ASP M 133 -32.62 -56.34 12.94
N SER M 134 -33.20 -57.49 13.19
CA SER M 134 -32.75 -58.71 12.52
C SER M 134 -32.79 -58.67 11.00
N GLU M 135 -33.66 -57.82 10.45
CA GLU M 135 -33.77 -57.74 9.00
C GLU M 135 -32.86 -56.71 8.32
N PHE M 136 -32.37 -55.73 9.08
CA PHE M 136 -31.55 -54.69 8.46
C PHE M 136 -30.75 -53.90 9.50
N ASN M 137 -29.43 -54.03 9.44
CA ASN M 137 -28.54 -53.31 10.35
C ASN M 137 -28.27 -51.99 9.60
N ASP M 138 -28.77 -50.88 10.12
CA ASP M 138 -28.55 -49.61 9.40
C ASP M 138 -27.18 -49.01 9.77
N TYR M 139 -26.13 -49.55 9.15
CA TYR M 139 -24.78 -49.12 9.46
C TYR M 139 -24.55 -47.61 9.44
N HIS M 140 -25.01 -46.97 8.38
CA HIS M 140 -24.77 -45.55 8.24
C HIS M 140 -25.44 -44.68 9.29
N LEU M 141 -26.71 -44.94 9.58
CA LEU M 141 -27.39 -44.13 10.59
C LEU M 141 -26.78 -44.38 11.97
N VAL M 142 -26.46 -45.64 12.27
CA VAL M 142 -25.84 -45.94 13.56
C VAL M 142 -24.54 -45.13 13.72
N ASP M 143 -23.75 -45.11 12.64
CA ASP M 143 -22.48 -44.38 12.63
C ASP M 143 -22.71 -42.87 12.80
N TYR M 144 -23.73 -42.34 12.14
CA TYR M 144 -24.05 -40.93 12.23
C TYR M 144 -24.46 -40.55 13.66
N LEU M 145 -25.34 -41.35 14.26
CA LEU M 145 -25.78 -41.07 15.64
C LEU M 145 -24.62 -41.20 16.62
N THR M 146 -23.73 -42.14 16.37
CA THR M 146 -22.62 -42.37 17.29
C THR M 146 -21.55 -41.27 17.17
N GLY M 147 -21.13 -40.98 15.95
CA GLY M 147 -20.06 -40.01 15.74
C GLY M 147 -20.43 -38.54 15.85
N ASP M 148 -21.68 -38.22 15.57
CA ASP M 148 -22.13 -36.83 15.64
C ASP M 148 -22.93 -36.55 16.91
N PHE M 149 -24.06 -37.24 17.06
CA PHE M 149 -24.91 -37.00 18.21
C PHE M 149 -24.31 -37.40 19.56
N LEU M 150 -23.78 -38.60 19.69
CA LEU M 150 -23.20 -38.97 20.99
C LEU M 150 -21.99 -38.11 21.32
N GLU M 151 -21.22 -37.74 20.31
CA GLU M 151 -20.04 -36.89 20.53
C GLU M 151 -20.49 -35.59 21.23
N GLU M 152 -21.52 -34.96 20.68
CA GLU M 152 -22.03 -33.73 21.25
C GLU M 152 -22.58 -33.97 22.67
N GLN M 153 -23.25 -35.11 22.86
CA GLN M 153 -23.81 -35.44 24.18
C GLN M 153 -22.75 -35.58 25.26
N TYR M 154 -21.71 -36.37 25.00
CA TYR M 154 -20.71 -36.57 26.05
C TYR M 154 -19.95 -35.32 26.40
N LYS M 155 -19.60 -34.51 25.39
CA LYS M 155 -18.90 -33.26 25.66
C LYS M 155 -19.81 -32.33 26.46
N GLY M 156 -21.09 -32.27 26.07
CA GLY M 156 -22.04 -31.42 26.75
C GLY M 156 -22.27 -31.80 28.21
N GLN M 157 -22.37 -33.10 28.47
CA GLN M 157 -22.55 -33.57 29.85
C GLN M 157 -21.36 -33.19 30.71
N ARG M 158 -20.15 -33.41 30.19
CA ARG M 158 -18.96 -33.09 30.98
C ARG M 158 -18.93 -31.59 31.27
N ASP M 159 -19.31 -30.78 30.29
CA ASP M 159 -19.31 -29.33 30.49
C ASP M 159 -20.30 -28.93 31.59
N LEU M 160 -21.54 -29.43 31.51
CA LEU M 160 -22.55 -29.12 32.52
C LEU M 160 -22.17 -29.65 33.90
N ALA M 161 -21.63 -30.87 33.95
CA ALA M 161 -21.23 -31.46 35.24
C ALA M 161 -20.14 -30.61 35.90
N GLY M 162 -19.17 -30.15 35.11
CA GLY M 162 -18.12 -29.31 35.66
C GLY M 162 -18.69 -27.98 36.17
N LYS M 163 -19.57 -27.36 35.40
CA LYS M 163 -20.18 -26.10 35.83
C LYS M 163 -20.94 -26.30 37.14
N ALA M 164 -21.72 -27.38 37.22
CA ALA M 164 -22.49 -27.66 38.43
C ALA M 164 -21.56 -27.87 39.63
N SER M 165 -20.49 -28.65 39.46
CA SER M 165 -19.55 -28.88 40.58
C SER M 165 -18.92 -27.58 41.05
N THR M 166 -18.44 -26.79 40.11
CA THR M 166 -17.78 -25.52 40.45
C THR M 166 -18.71 -24.57 41.20
N LEU M 167 -19.93 -24.40 40.70
CA LEU M 167 -20.86 -23.49 41.35
C LEU M 167 -21.39 -24.05 42.67
N LYS M 168 -21.66 -25.35 42.72
CA LYS M 168 -22.20 -25.93 43.94
C LYS M 168 -21.25 -25.79 45.13
N LYS M 169 -19.95 -25.82 44.89
CA LYS M 169 -18.99 -25.66 45.98
C LYS M 169 -19.12 -24.30 46.66
N LEU M 170 -19.65 -23.32 45.92
CA LEU M 170 -19.80 -21.97 46.45
C LEU M 170 -21.09 -21.75 47.24
N MET M 171 -22.01 -22.70 47.16
CA MET M 171 -23.31 -22.52 47.79
C MET M 171 -23.42 -22.58 49.30
N ASP M 172 -22.56 -23.30 49.99
CA ASP M 172 -22.74 -23.34 51.43
C ASP M 172 -22.48 -21.99 52.11
N ARG M 173 -21.59 -21.16 51.59
CA ARG M 173 -21.36 -19.86 52.22
C ARG M 173 -21.40 -18.64 51.31
N HIS M 174 -21.46 -18.84 50.00
CA HIS M 174 -21.40 -17.71 49.07
C HIS M 174 -22.42 -17.81 47.97
N GLU M 175 -23.65 -18.11 48.35
CA GLU M 175 -24.71 -18.28 47.37
C GLU M 175 -24.92 -17.07 46.45
N ALA M 176 -25.01 -15.88 47.00
CA ALA M 176 -25.26 -14.70 46.17
C ALA M 176 -24.06 -14.20 45.38
N LEU M 177 -22.94 -14.01 46.06
CA LEU M 177 -21.76 -13.50 45.36
C LEU M 177 -21.18 -14.56 44.44
N GLY M 178 -21.20 -15.81 44.89
CA GLY M 178 -20.68 -16.88 44.06
C GLY M 178 -21.45 -17.00 42.75
N GLU M 179 -22.77 -17.01 42.83
CA GLU M 179 -23.56 -17.12 41.60
C GLU M 179 -23.43 -15.87 40.74
N PHE M 180 -23.34 -14.70 41.38
CA PHE M 180 -23.19 -13.46 40.61
C PHE M 180 -21.92 -13.49 39.76
N ILE M 181 -20.79 -13.86 40.38
CA ILE M 181 -19.53 -13.91 39.65
C ILE M 181 -19.56 -14.98 38.57
N PHE M 182 -20.06 -16.16 38.91
CA PHE M 182 -20.14 -17.28 37.97
C PHE M 182 -20.99 -16.87 36.75
N ASP M 183 -22.09 -16.20 37.02
CA ASP M 183 -23.01 -15.74 35.98
C ASP M 183 -22.30 -14.78 35.01
N LYS M 184 -21.51 -13.85 35.54
CA LYS M 184 -20.83 -12.92 34.65
C LYS M 184 -19.73 -13.64 33.86
N LYS M 185 -19.10 -14.64 34.47
CA LYS M 185 -18.08 -15.42 33.75
C LYS M 185 -18.75 -16.12 32.55
N LEU M 186 -20.01 -16.52 32.67
CA LEU M 186 -20.69 -17.16 31.54
C LEU M 186 -20.79 -16.17 30.38
N LEU M 187 -20.79 -14.88 30.68
CA LEU M 187 -20.85 -13.85 29.65
C LEU M 187 -19.46 -13.42 29.20
N GLY M 188 -18.43 -14.05 29.76
CA GLY M 188 -17.07 -13.70 29.40
C GLY M 188 -16.60 -12.44 30.12
N ILE M 189 -17.26 -12.10 31.22
CA ILE M 189 -16.90 -10.91 31.99
C ILE M 189 -16.21 -11.28 33.29
N ASP M 190 -14.96 -10.85 33.44
CA ASP M 190 -14.20 -11.09 34.67
C ASP M 190 -14.41 -9.81 35.46
N VAL M 191 -15.09 -9.91 36.60
CA VAL M 191 -15.31 -8.71 37.38
C VAL M 191 -14.01 -8.25 38.06
N THR N 1 -6.88 -28.24 61.56
CA THR N 1 -7.36 -27.12 60.70
C THR N 1 -8.06 -27.63 59.44
N GLN N 2 -9.07 -26.89 58.97
CA GLN N 2 -9.82 -27.25 57.77
C GLN N 2 -9.17 -26.64 56.53
N CYS N 3 -8.31 -27.41 55.86
CA CYS N 3 -7.61 -26.89 54.69
C CYS N 3 -8.33 -27.11 53.38
N ASN N 4 -9.40 -27.88 53.40
CA ASN N 4 -10.12 -28.11 52.17
C ASN N 4 -11.62 -27.91 52.35
N VAL N 5 -12.32 -27.80 51.23
CA VAL N 5 -13.75 -27.58 51.25
C VAL N 5 -14.51 -28.91 51.29
N ASN N 6 -15.53 -28.97 52.14
CA ASN N 6 -16.36 -30.18 52.25
C ASN N 6 -16.89 -30.44 50.85
N PRO N 7 -16.64 -31.63 50.31
CA PRO N 7 -17.11 -31.98 48.96
C PRO N 7 -18.63 -31.88 48.78
N VAL N 8 -19.04 -31.65 47.54
CA VAL N 8 -20.45 -31.55 47.20
C VAL N 8 -20.73 -32.69 46.23
N GLN N 9 -21.99 -33.01 46.06
CA GLN N 9 -22.35 -34.09 45.17
C GLN N 9 -23.33 -33.56 44.14
N ILE N 10 -23.14 -33.95 42.89
CA ILE N 10 -24.07 -33.54 41.85
C ILE N 10 -24.58 -34.85 41.24
N PRO N 11 -25.58 -34.78 40.35
CA PRO N 11 -26.13 -35.98 39.70
C PRO N 11 -25.02 -36.79 39.02
N LYS N 12 -25.13 -38.11 39.07
CA LYS N 12 -24.13 -38.99 38.49
C LYS N 12 -24.65 -39.97 37.44
N ASP N 13 -25.93 -39.90 37.11
CA ASP N 13 -26.46 -40.83 36.12
C ASP N 13 -25.76 -40.74 34.76
N TRP N 14 -25.20 -39.56 34.45
CA TRP N 14 -24.49 -39.37 33.18
C TRP N 14 -23.17 -40.14 33.08
N ILE N 15 -22.66 -40.61 34.22
CA ILE N 15 -21.36 -41.34 34.27
C ILE N 15 -21.68 -42.79 33.98
N THR N 16 -21.38 -43.26 32.78
CA THR N 16 -21.81 -44.59 32.37
C THR N 16 -20.81 -45.65 31.95
N MET N 17 -19.51 -45.36 31.92
CA MET N 17 -18.58 -46.39 31.50
C MET N 17 -18.62 -47.60 32.42
N HIS N 18 -18.47 -48.78 31.85
CA HIS N 18 -18.46 -49.99 32.66
C HIS N 18 -17.04 -50.44 32.95
N ARG N 19 -16.89 -51.27 33.98
CA ARG N 19 -15.59 -51.71 34.44
C ARG N 19 -14.63 -52.38 33.48
N SER N 20 -15.10 -53.34 32.71
CA SER N 20 -14.19 -54.02 31.80
C SER N 20 -13.58 -53.04 30.79
N CYS N 21 -14.42 -52.19 30.22
CA CYS N 21 -13.98 -51.20 29.26
C CYS N 21 -13.03 -50.20 29.93
N ARG N 22 -13.40 -49.71 31.10
CA ARG N 22 -12.55 -48.76 31.81
C ARG N 22 -11.19 -49.37 32.14
N ASN N 23 -11.17 -50.62 32.60
CA ASN N 23 -9.90 -51.25 32.93
C ASN N 23 -9.04 -51.44 31.69
N SER N 24 -9.65 -51.76 30.55
CA SER N 24 -8.85 -51.93 29.31
C SER N 24 -8.26 -50.58 28.90
N MET N 25 -9.01 -49.49 29.11
CA MET N 25 -8.50 -48.16 28.79
C MET N 25 -7.32 -47.81 29.70
N ARG N 26 -7.43 -48.14 30.98
CA ARG N 26 -6.33 -47.85 31.93
C ARG N 26 -5.07 -48.61 31.52
N GLN N 27 -5.25 -49.84 31.08
CA GLN N 27 -4.11 -50.64 30.65
C GLN N 27 -3.50 -50.04 29.37
N GLN N 28 -4.36 -49.53 28.48
CA GLN N 28 -3.86 -48.94 27.24
C GLN N 28 -3.04 -47.67 27.54
N ILE N 29 -3.47 -46.90 28.53
CA ILE N 29 -2.74 -45.69 28.91
C ILE N 29 -1.32 -46.05 29.33
N GLN N 30 -1.18 -47.10 30.14
CA GLN N 30 0.17 -47.52 30.57
C GLN N 30 0.96 -48.00 29.35
N MET N 31 0.30 -48.68 28.43
CA MET N 31 1.00 -49.16 27.24
C MET N 31 1.54 -47.99 26.38
N GLU N 32 0.76 -46.92 26.24
CA GLU N 32 1.21 -45.76 25.45
C GLU N 32 2.42 -45.14 26.14
N VAL N 33 2.38 -45.02 27.47
CA VAL N 33 3.50 -44.45 28.20
C VAL N 33 4.74 -45.33 28.02
N GLY N 34 4.55 -46.65 28.11
CA GLY N 34 5.66 -47.56 27.90
C GLY N 34 6.27 -47.37 26.52
N ALA N 35 5.43 -47.18 25.51
CA ALA N 35 5.93 -46.95 24.16
C ALA N 35 6.71 -45.63 24.11
N SER N 36 6.22 -44.58 24.79
CA SER N 36 6.95 -43.31 24.75
C SER N 36 8.36 -43.49 25.33
N LEU N 37 8.48 -44.28 26.40
CA LEU N 37 9.79 -44.50 27.02
C LEU N 37 10.72 -45.32 26.13
N GLN N 38 10.16 -46.29 25.41
CA GLN N 38 11.00 -47.10 24.53
C GLN N 38 11.49 -46.24 23.35
N TYR N 39 10.66 -45.34 22.85
CA TYR N 39 11.08 -44.45 21.76
C TYR N 39 12.14 -43.47 22.27
N LEU N 40 12.05 -43.02 23.52
CA LEU N 40 13.07 -42.12 24.05
C LEU N 40 14.43 -42.82 24.02
N ALA N 41 14.44 -44.11 24.34
CA ALA N 41 15.69 -44.87 24.34
C ALA N 41 16.24 -45.00 22.92
N MET N 42 15.37 -45.10 21.92
CA MET N 42 15.84 -45.17 20.53
C MET N 42 16.43 -43.81 20.14
N GLY N 43 15.76 -42.73 20.53
CA GLY N 43 16.29 -41.41 20.22
C GLY N 43 17.68 -41.23 20.86
N ALA N 44 17.81 -41.68 22.10
CA ALA N 44 19.09 -41.58 22.81
C ALA N 44 20.19 -42.37 22.09
N HIS N 45 19.85 -43.58 21.63
CA HIS N 45 20.84 -44.41 20.94
C HIS N 45 21.37 -43.76 19.67
N PHE N 46 20.47 -43.26 18.82
CA PHE N 46 20.93 -42.66 17.58
C PHE N 46 21.57 -41.28 17.75
N SER N 47 21.48 -40.73 18.95
CA SER N 47 22.10 -39.44 19.27
C SER N 47 23.57 -39.63 19.67
N LYS N 48 23.98 -40.87 19.98
CA LYS N 48 25.38 -41.11 20.39
C LYS N 48 26.38 -40.69 19.32
N ASP N 49 27.52 -40.16 19.75
CA ASP N 49 28.55 -39.72 18.81
C ASP N 49 29.06 -40.86 17.93
N VAL N 50 29.12 -42.07 18.47
CA VAL N 50 29.59 -43.21 17.69
C VAL N 50 28.53 -43.82 16.78
N VAL N 51 27.28 -43.36 16.86
CA VAL N 51 26.22 -43.86 15.98
C VAL N 51 25.95 -42.73 15.00
N ASN N 52 25.69 -41.55 15.56
CA ASN N 52 25.52 -40.33 14.78
C ASN N 52 24.52 -40.36 13.62
N ARG N 53 23.26 -40.65 13.93
CA ARG N 53 22.20 -40.66 12.92
C ARG N 53 21.14 -39.69 13.45
N PRO N 54 21.38 -38.39 13.29
CA PRO N 54 20.44 -37.36 13.78
C PRO N 54 19.04 -37.44 13.19
N GLY N 55 18.94 -37.95 11.96
CA GLY N 55 17.62 -38.09 11.35
C GLY N 55 16.82 -39.13 12.11
N PHE N 56 17.43 -40.29 12.38
CA PHE N 56 16.75 -41.33 13.15
C PHE N 56 16.49 -40.86 14.58
N ALA N 57 17.44 -40.14 15.18
CA ALA N 57 17.25 -39.66 16.54
C ALA N 57 16.00 -38.78 16.61
N GLN N 58 15.87 -37.83 15.68
CA GLN N 58 14.74 -36.92 15.67
C GLN N 58 13.43 -37.69 15.42
N LEU N 59 13.48 -38.66 14.50
CA LEU N 59 12.31 -39.47 14.19
C LEU N 59 11.77 -40.13 15.45
N PHE N 60 12.67 -40.71 16.25
CA PHE N 60 12.23 -41.41 17.44
C PHE N 60 11.91 -40.51 18.63
N PHE N 61 12.57 -39.37 18.76
CA PHE N 61 12.20 -38.44 19.84
C PHE N 61 10.79 -37.91 19.50
N ASP N 62 10.52 -37.65 18.21
CA ASP N 62 9.19 -37.18 17.81
C ASP N 62 8.16 -38.27 18.13
N ALA N 63 8.50 -39.52 17.86
CA ALA N 63 7.58 -40.63 18.16
C ALA N 63 7.32 -40.74 19.66
N ALA N 64 8.35 -40.50 20.47
CA ALA N 64 8.17 -40.56 21.92
C ALA N 64 7.16 -39.51 22.37
N SER N 65 7.29 -38.28 21.86
CA SER N 65 6.36 -37.22 22.25
C SER N 65 4.95 -37.52 21.76
N GLU N 66 4.83 -38.13 20.59
CA GLU N 66 3.53 -38.49 20.06
C GLU N 66 2.86 -39.56 20.95
N GLU N 67 3.61 -40.54 21.42
CA GLU N 67 3.02 -41.58 22.27
C GLU N 67 2.55 -40.96 23.59
N ARG N 68 3.30 -39.98 24.10
CA ARG N 68 2.90 -39.29 25.32
C ARG N 68 1.56 -38.59 25.05
N GLU N 69 1.42 -37.99 23.87
CA GLU N 69 0.15 -37.32 23.53
C GLU N 69 -0.98 -38.36 23.45
N HIS N 70 -0.70 -39.57 22.95
CA HIS N 70 -1.74 -40.60 22.88
C HIS N 70 -2.22 -40.95 24.28
N ALA N 71 -1.28 -41.08 25.22
CA ALA N 71 -1.66 -41.38 26.59
C ALA N 71 -2.55 -40.27 27.14
N MET N 72 -2.17 -39.02 26.88
CA MET N 72 -2.96 -37.89 27.35
C MET N 72 -4.37 -37.87 26.76
N LYS N 73 -4.50 -38.23 25.49
CA LYS N 73 -5.83 -38.25 24.86
C LYS N 73 -6.75 -39.29 25.51
N LEU N 74 -6.19 -40.45 25.86
CA LEU N 74 -7.01 -41.49 26.51
C LEU N 74 -7.41 -41.04 27.90
N ILE N 75 -6.49 -40.40 28.61
CA ILE N 75 -6.80 -39.88 29.95
C ILE N 75 -7.91 -38.82 29.83
N GLU N 76 -7.79 -37.91 28.86
CA GLU N 76 -8.82 -36.87 28.68
C GLU N 76 -10.18 -37.50 28.37
N TYR N 77 -10.19 -38.60 27.64
CA TYR N 77 -11.47 -39.24 27.32
C TYR N 77 -12.12 -39.74 28.63
N LEU N 78 -11.35 -40.43 29.46
CA LEU N 78 -11.90 -40.92 30.73
C LEU N 78 -12.43 -39.75 31.58
N LEU N 79 -11.68 -38.65 31.63
CA LEU N 79 -12.11 -37.49 32.43
C LEU N 79 -13.42 -36.92 31.89
N MET N 80 -13.56 -36.87 30.57
CA MET N 80 -14.78 -36.34 29.96
C MET N 80 -16.00 -37.20 30.35
N ARG N 81 -15.79 -38.51 30.48
CA ARG N 81 -16.87 -39.43 30.83
C ARG N 81 -17.18 -39.46 32.33
N GLY N 82 -16.45 -38.66 33.11
CA GLY N 82 -16.74 -38.61 34.55
C GLY N 82 -15.88 -39.51 35.41
N GLU N 83 -14.85 -40.10 34.82
CA GLU N 83 -13.97 -40.99 35.55
C GLU N 83 -12.77 -40.27 36.14
N LEU N 84 -11.91 -41.03 36.80
CA LEU N 84 -10.69 -40.53 37.42
C LEU N 84 -10.90 -39.50 38.53
N THR N 85 -11.96 -39.67 39.31
CA THR N 85 -12.18 -38.82 40.47
C THR N 85 -11.33 -39.43 41.59
N ASN N 86 -10.80 -40.63 41.33
CA ASN N 86 -9.86 -41.31 42.24
C ASN N 86 -9.10 -42.35 41.39
N ASP N 87 -8.15 -43.06 41.98
CA ASP N 87 -7.37 -44.07 41.23
C ASP N 87 -6.56 -43.44 40.11
N VAL N 88 -6.05 -42.24 40.34
CA VAL N 88 -5.26 -41.58 39.32
C VAL N 88 -3.78 -41.92 39.50
N SER N 89 -3.31 -41.94 40.74
CA SER N 89 -1.90 -42.21 41.02
C SER N 89 -1.43 -43.56 40.46
N SER N 90 -2.32 -44.55 40.50
CA SER N 90 -1.98 -45.89 40.02
C SER N 90 -2.10 -46.05 38.50
N LEU N 91 -2.49 -45.01 37.78
CA LEU N 91 -2.65 -45.13 36.33
C LEU N 91 -1.37 -45.43 35.58
N LEU N 92 -0.26 -44.87 36.05
CA LEU N 92 1.02 -45.00 35.35
C LEU N 92 2.20 -45.32 36.23
N GLN N 93 3.19 -45.93 35.62
CA GLN N 93 4.43 -46.27 36.29
C GLN N 93 5.53 -46.07 35.24
N VAL N 94 6.53 -45.26 35.57
CA VAL N 94 7.65 -45.04 34.66
C VAL N 94 8.73 -46.05 35.05
N ARG N 95 9.18 -46.84 34.08
CA ARG N 95 10.23 -47.83 34.33
C ARG N 95 11.20 -47.81 33.16
N PRO N 96 12.44 -48.23 33.37
CA PRO N 96 13.43 -48.23 32.27
C PRO N 96 12.91 -49.14 31.16
N PRO N 97 13.11 -48.74 29.89
CA PRO N 97 12.65 -49.60 28.80
C PRO N 97 13.50 -50.86 28.70
N THR N 98 12.92 -51.88 28.09
CA THR N 98 13.52 -53.19 27.90
C THR N 98 14.75 -53.20 27.00
N ARG N 99 14.72 -52.41 25.94
CA ARG N 99 15.83 -52.39 25.01
C ARG N 99 16.49 -51.01 24.95
N SER N 100 17.81 -50.98 24.82
CA SER N 100 18.51 -49.69 24.79
C SER N 100 19.50 -49.57 23.65
N SER N 101 19.65 -50.62 22.86
CA SER N 101 20.60 -50.57 21.74
C SER N 101 20.04 -51.32 20.53
N TRP N 102 20.42 -50.88 19.33
CA TRP N 102 19.98 -51.49 18.07
C TRP N 102 21.20 -51.55 17.15
N LYS N 103 21.30 -52.58 16.33
CA LYS N 103 22.46 -52.69 15.43
C LYS N 103 22.53 -51.58 14.40
N GLY N 104 21.38 -51.15 13.91
CA GLY N 104 21.37 -50.07 12.93
C GLY N 104 19.95 -49.56 12.74
N GLY N 105 19.77 -48.67 11.77
CA GLY N 105 18.45 -48.11 11.52
C GLY N 105 17.40 -49.15 11.16
N VAL N 106 17.77 -50.15 10.38
CA VAL N 106 16.78 -51.19 10.03
C VAL N 106 16.25 -51.90 11.27
N GLU N 107 17.13 -52.33 12.17
CA GLU N 107 16.66 -53.01 13.38
C GLU N 107 15.73 -52.13 14.19
N ALA N 108 16.05 -50.84 14.28
CA ALA N 108 15.19 -49.93 15.05
C ALA N 108 13.84 -49.74 14.37
N LEU N 109 13.84 -49.60 13.05
CA LEU N 109 12.57 -49.42 12.33
C LEU N 109 11.71 -50.68 12.46
N GLU N 110 12.33 -51.85 12.39
CA GLU N 110 11.57 -53.11 12.52
C GLU N 110 11.04 -53.27 13.94
N HIS N 111 11.82 -52.84 14.92
CA HIS N 111 11.37 -52.92 16.31
C HIS N 111 10.18 -51.94 16.47
N ALA N 112 10.31 -50.73 15.93
CA ALA N 112 9.21 -49.75 16.03
C ALA N 112 7.94 -50.32 15.36
N LEU N 113 8.11 -50.94 14.19
CA LEU N 113 6.96 -51.52 13.49
C LEU N 113 6.28 -52.58 14.35
N SER N 114 7.08 -53.41 15.01
CA SER N 114 6.54 -54.45 15.88
C SER N 114 5.84 -53.84 17.12
N MET N 115 6.41 -52.77 17.66
CA MET N 115 5.79 -52.09 18.81
C MET N 115 4.43 -51.52 18.37
N GLU N 116 4.39 -50.89 17.19
CA GLU N 116 3.14 -50.31 16.71
C GLU N 116 2.10 -51.40 16.44
N SER N 117 2.56 -52.51 15.87
CA SER N 117 1.69 -53.64 15.59
C SER N 117 1.07 -54.16 16.91
N ASP N 118 1.87 -54.20 17.98
CA ASP N 118 1.36 -54.63 19.29
C ASP N 118 0.33 -53.63 19.83
N VAL N 119 0.59 -52.35 19.64
CA VAL N 119 -0.35 -51.33 20.11
C VAL N 119 -1.67 -51.42 19.33
N THR N 120 -1.59 -51.68 18.03
CA THR N 120 -2.80 -51.80 17.22
C THR N 120 -3.66 -52.97 17.72
N LYS N 121 -3.01 -54.09 17.99
CA LYS N 121 -3.71 -55.26 18.49
C LYS N 121 -4.33 -54.95 19.86
N SER N 122 -3.60 -54.25 20.71
CA SER N 122 -4.11 -53.90 22.02
C SER N 122 -5.33 -52.96 21.92
N ILE N 123 -5.29 -51.97 21.03
CA ILE N 123 -6.43 -51.07 20.87
C ILE N 123 -7.65 -51.86 20.37
N ARG N 124 -7.43 -52.80 19.45
CA ARG N 124 -8.54 -53.61 18.95
C ARG N 124 -9.13 -54.41 20.12
N ASN N 125 -8.30 -54.84 21.07
CA ASN N 125 -8.81 -55.55 22.24
C ASN N 125 -9.58 -54.63 23.19
N VAL N 126 -9.20 -53.35 23.26
CA VAL N 126 -9.95 -52.41 24.10
C VAL N 126 -11.32 -52.23 23.42
N ILE N 127 -11.32 -52.10 22.11
CA ILE N 127 -12.56 -51.95 21.36
C ILE N 127 -13.49 -53.15 21.63
N LYS N 128 -12.94 -54.35 21.57
CA LYS N 128 -13.75 -55.56 21.84
C LYS N 128 -14.35 -55.52 23.24
N ALA N 129 -13.52 -55.20 24.23
CA ALA N 129 -14.01 -55.15 25.61
C ALA N 129 -15.11 -54.10 25.78
N CYS N 130 -14.94 -52.94 25.15
CA CYS N 130 -15.91 -51.86 25.27
C CYS N 130 -17.18 -52.08 24.48
N GLU N 131 -17.06 -52.79 23.37
CA GLU N 131 -18.23 -53.05 22.54
C GLU N 131 -19.03 -54.27 22.97
N ASP N 132 -18.33 -55.33 23.37
CA ASP N 132 -19.00 -56.57 23.70
C ASP N 132 -19.42 -56.85 25.12
N ASP N 133 -19.28 -55.87 26.01
CA ASP N 133 -19.72 -56.06 27.39
C ASP N 133 -21.24 -56.29 27.29
N SER N 134 -21.72 -57.42 27.78
CA SER N 134 -23.15 -57.72 27.68
C SER N 134 -24.07 -56.68 28.32
N GLU N 135 -23.56 -55.95 29.29
CA GLU N 135 -24.39 -54.94 29.96
C GLU N 135 -24.37 -53.54 29.34
N PHE N 136 -23.34 -53.23 28.55
CA PHE N 136 -23.25 -51.88 28.01
C PHE N 136 -22.28 -51.83 26.83
N ASN N 137 -22.80 -51.54 25.64
CA ASN N 137 -21.98 -51.42 24.44
C ASN N 137 -21.61 -49.92 24.42
N ASP N 138 -20.34 -49.60 24.63
CA ASP N 138 -19.96 -48.18 24.65
C ASP N 138 -19.72 -47.66 23.24
N TYR N 139 -20.82 -47.36 22.54
CA TYR N 139 -20.73 -46.93 21.15
C TYR N 139 -19.75 -45.80 20.88
N HIS N 140 -19.83 -44.75 21.70
CA HIS N 140 -18.98 -43.60 21.47
C HIS N 140 -17.49 -43.85 21.64
N LEU N 141 -17.10 -44.55 22.70
CA LEU N 141 -15.68 -44.82 22.88
C LEU N 141 -15.17 -45.76 21.79
N VAL N 142 -15.96 -46.76 21.43
CA VAL N 142 -15.55 -47.68 20.37
C VAL N 142 -15.28 -46.89 19.09
N ASP N 143 -16.17 -45.96 18.78
CA ASP N 143 -16.06 -45.11 17.60
C ASP N 143 -14.82 -44.23 17.66
N TYR N 144 -14.55 -43.66 18.84
CA TYR N 144 -13.39 -42.82 19.04
C TYR N 144 -12.08 -43.61 18.83
N LEU N 145 -11.99 -44.79 19.43
CA LEU N 145 -10.80 -45.61 19.29
C LEU N 145 -10.61 -46.07 17.84
N THR N 146 -11.72 -46.34 17.17
CA THR N 146 -11.63 -46.82 15.79
C THR N 146 -11.26 -45.72 14.80
N GLY N 147 -11.95 -44.59 14.88
CA GLY N 147 -11.72 -43.50 13.95
C GLY N 147 -10.52 -42.62 14.18
N ASP N 148 -10.06 -42.54 15.42
CA ASP N 148 -8.90 -41.72 15.75
C ASP N 148 -7.66 -42.57 15.98
N PHE N 149 -7.71 -43.42 16.98
CA PHE N 149 -6.54 -44.25 17.29
C PHE N 149 -6.15 -45.26 16.24
N LEU N 150 -7.08 -46.07 15.75
CA LEU N 150 -6.69 -47.05 14.73
C LEU N 150 -6.25 -46.35 13.44
N GLU N 151 -6.87 -45.22 13.12
CA GLU N 151 -6.48 -44.48 11.91
C GLU N 151 -4.98 -44.14 12.00
N GLU N 152 -4.57 -43.60 13.13
CA GLU N 152 -3.16 -43.24 13.31
C GLU N 152 -2.27 -44.49 13.27
N GLN N 153 -2.75 -45.59 13.86
CA GLN N 153 -1.98 -46.83 13.87
C GLN N 153 -1.71 -47.39 12.48
N TYR N 154 -2.75 -47.51 11.66
CA TYR N 154 -2.55 -48.10 10.33
C TYR N 154 -1.66 -47.24 9.44
N LYS N 155 -1.84 -45.92 9.49
CA LYS N 155 -0.99 -45.05 8.68
C LYS N 155 0.46 -45.15 9.17
N GLY N 156 0.64 -45.18 10.49
CA GLY N 156 1.97 -45.27 11.06
C GLY N 156 2.70 -46.56 10.71
N GLN N 157 1.97 -47.67 10.75
CA GLN N 157 2.56 -48.97 10.41
C GLN N 157 3.01 -48.97 8.96
N ARG N 158 2.17 -48.48 8.06
CA ARG N 158 2.53 -48.47 6.65
C ARG N 158 3.77 -47.61 6.43
N ASP N 159 3.83 -46.48 7.13
CA ASP N 159 4.99 -45.60 6.99
C ASP N 159 6.27 -46.29 7.45
N LEU N 160 6.24 -46.90 8.63
CA LEU N 160 7.42 -47.61 9.16
C LEU N 160 7.80 -48.80 8.29
N ALA N 161 6.80 -49.55 7.82
CA ALA N 161 7.08 -50.72 6.97
C ALA N 161 7.77 -50.29 5.68
N GLY N 162 7.30 -49.20 5.09
CA GLY N 162 7.93 -48.71 3.86
C GLY N 162 9.36 -48.26 4.12
N LYS N 163 9.58 -47.53 5.21
CA LYS N 163 10.93 -47.08 5.54
C LYS N 163 11.86 -48.28 5.74
N ALA N 164 11.38 -49.29 6.46
CA ALA N 164 12.19 -50.49 6.71
C ALA N 164 12.52 -51.20 5.40
N SER N 165 11.53 -51.36 4.51
CA SER N 165 11.79 -52.03 3.22
C SER N 165 12.83 -51.27 2.40
N THR N 166 12.63 -49.97 2.29
CA THR N 166 13.54 -49.13 1.51
C THR N 166 14.98 -49.21 2.02
N LEU N 167 15.15 -49.05 3.33
CA LEU N 167 16.50 -49.09 3.89
C LEU N 167 17.11 -50.49 3.88
N LYS N 168 16.30 -51.50 4.16
CA LYS N 168 16.83 -52.86 4.20
C LYS N 168 17.40 -53.31 2.86
N LYS N 169 16.82 -52.85 1.76
CA LYS N 169 17.34 -53.22 0.43
C LYS N 169 18.77 -52.74 0.23
N LEU N 170 19.16 -51.70 0.97
CA LEU N 170 20.50 -51.13 0.83
C LEU N 170 21.54 -51.82 1.70
N MET N 171 21.11 -52.68 2.62
CA MET N 171 22.03 -53.29 3.55
C MET N 171 22.98 -54.37 3.07
N ASP N 172 22.65 -55.11 2.03
CA ASP N 172 23.60 -56.14 1.64
C ASP N 172 24.91 -55.59 1.07
N ARG N 173 24.88 -54.42 0.42
CA ARG N 173 26.14 -53.87 -0.09
C ARG N 173 26.44 -52.42 0.25
N HIS N 174 25.47 -51.70 0.82
CA HIS N 174 25.67 -50.28 1.09
C HIS N 174 25.21 -49.88 2.47
N GLU N 175 25.61 -50.65 3.46
CA GLU N 175 25.21 -50.38 4.82
C GLU N 175 25.53 -48.97 5.32
N ALA N 176 26.77 -48.53 5.14
CA ALA N 176 27.14 -47.21 5.65
C ALA N 176 26.63 -46.03 4.83
N LEU N 177 26.86 -46.06 3.52
CA LEU N 177 26.41 -44.94 2.71
C LEU N 177 24.90 -44.93 2.58
N GLY N 178 24.30 -46.11 2.47
CA GLY N 178 22.85 -46.18 2.37
C GLY N 178 22.17 -45.59 3.58
N GLU N 179 22.62 -45.98 4.78
CA GLU N 179 22.01 -45.44 5.99
C GLU N 179 22.31 -43.96 6.16
N PHE N 180 23.52 -43.54 5.77
CA PHE N 180 23.86 -42.12 5.88
C PHE N 180 22.90 -41.26 5.05
N ILE N 181 22.69 -41.64 3.80
CA ILE N 181 21.81 -40.87 2.91
C ILE N 181 20.36 -40.92 3.42
N PHE N 182 19.90 -42.11 3.79
CA PHE N 182 18.54 -42.28 4.28
C PHE N 182 18.31 -41.40 5.52
N ASP N 183 19.30 -41.38 6.40
CA ASP N 183 19.24 -40.59 7.64
C ASP N 183 19.08 -39.10 7.32
N LYS N 184 19.84 -38.60 6.36
CA LYS N 184 19.73 -37.18 6.03
C LYS N 184 18.39 -36.89 5.37
N LYS N 185 17.87 -37.84 4.60
CA LYS N 185 16.54 -37.66 3.98
C LYS N 185 15.48 -37.51 5.09
N LEU N 186 15.67 -38.20 6.22
CA LEU N 186 14.71 -38.07 7.32
C LEU N 186 14.70 -36.63 7.83
N LEU N 187 15.81 -35.92 7.65
CA LEU N 187 15.90 -34.53 8.07
C LEU N 187 15.49 -33.59 6.94
N GLY N 188 15.09 -34.13 5.81
CA GLY N 188 14.70 -33.30 4.68
C GLY N 188 15.89 -32.77 3.91
N ILE N 189 17.04 -33.43 4.07
CA ILE N 189 18.25 -33.01 3.39
C ILE N 189 18.62 -33.96 2.26
N ASP N 190 18.63 -33.44 1.03
CA ASP N 190 19.01 -34.25 -0.13
C ASP N 190 20.48 -33.93 -0.32
N VAL N 191 21.35 -34.92 -0.13
CA VAL N 191 22.77 -34.65 -0.29
C VAL N 191 23.11 -34.45 -1.77
N THR O 1 21.52 -62.25 -16.61
CA THR O 1 21.90 -61.02 -15.87
C THR O 1 20.95 -60.73 -14.71
N GLN O 2 21.49 -60.15 -13.64
CA GLN O 2 20.70 -59.81 -12.46
C GLN O 2 20.12 -58.39 -12.59
N CYS O 3 18.89 -58.29 -13.07
CA CYS O 3 18.28 -56.98 -13.26
C CYS O 3 17.50 -56.46 -12.08
N ASN O 4 17.31 -57.29 -11.07
CA ASN O 4 16.58 -56.83 -9.91
C ASN O 4 17.31 -57.18 -8.63
N VAL O 5 16.88 -56.54 -7.55
CA VAL O 5 17.48 -56.76 -6.26
C VAL O 5 16.82 -57.93 -5.51
N ASN O 6 17.64 -58.79 -4.91
CA ASN O 6 17.12 -59.92 -4.15
C ASN O 6 16.21 -59.33 -3.09
N PRO O 7 14.95 -59.77 -3.06
CA PRO O 7 13.99 -59.25 -2.08
C PRO O 7 14.41 -59.44 -0.61
N VAL O 8 13.90 -58.56 0.25
CA VAL O 8 14.19 -58.64 1.67
C VAL O 8 12.86 -58.88 2.36
N GLN O 9 12.91 -59.32 3.60
CA GLN O 9 11.70 -59.59 4.32
C GLN O 9 11.71 -58.79 5.61
N ILE O 10 10.57 -58.20 5.95
CA ILE O 10 10.48 -57.46 7.20
C ILE O 10 9.32 -58.11 7.96
N PRO O 11 9.13 -57.74 9.23
CA PRO O 11 8.04 -58.30 10.05
C PRO O 11 6.69 -58.17 9.33
N LYS O 12 5.83 -59.16 9.47
CA LYS O 12 4.53 -59.16 8.81
C LYS O 12 3.33 -59.30 9.74
N ASP O 13 3.56 -59.35 11.06
CA ASP O 13 2.44 -59.50 11.99
C ASP O 13 1.41 -58.37 11.86
N TRP O 14 1.85 -57.19 11.42
CA TRP O 14 0.96 -56.04 11.27
C TRP O 14 -0.06 -56.19 10.13
N ILE O 15 0.18 -57.15 9.24
CA ILE O 15 -0.69 -57.37 8.07
C ILE O 15 -1.79 -58.31 8.53
N THR O 16 -2.98 -57.77 8.74
CA THR O 16 -4.05 -58.57 9.35
C THR O 16 -5.37 -58.80 8.65
N MET O 17 -5.58 -58.24 7.46
CA MET O 17 -6.87 -58.46 6.81
C MET O 17 -7.11 -59.94 6.54
N HIS O 18 -8.36 -60.38 6.68
CA HIS O 18 -8.69 -61.77 6.40
C HIS O 18 -9.26 -61.91 5.00
N ARG O 19 -9.22 -63.14 4.49
CA ARG O 19 -9.63 -63.44 3.13
C ARG O 19 -11.02 -63.05 2.66
N SER O 20 -12.04 -63.34 3.43
CA SER O 20 -13.39 -63.00 2.98
C SER O 20 -13.54 -61.49 2.79
N CYS O 21 -13.05 -60.73 3.76
CA CYS O 21 -13.11 -59.27 3.69
C CYS O 21 -12.27 -58.76 2.51
N ARG O 22 -11.06 -59.27 2.37
CA ARG O 22 -10.21 -58.84 1.27
C ARG O 22 -10.84 -59.15 -0.09
N ASN O 23 -11.43 -60.34 -0.23
CA ASN O 23 -12.05 -60.68 -1.50
C ASN O 23 -13.26 -59.79 -1.79
N SER O 24 -14.02 -59.43 -0.77
CA SER O 24 -15.17 -58.54 -0.99
C SER O 24 -14.68 -57.16 -1.44
N MET O 25 -13.56 -56.72 -0.88
CA MET O 25 -12.99 -55.42 -1.27
C MET O 25 -12.53 -55.47 -2.73
N ARG O 26 -11.89 -56.57 -3.13
CA ARG O 26 -11.42 -56.71 -4.51
C ARG O 26 -12.61 -56.66 -5.48
N GLN O 27 -13.71 -57.30 -5.09
CA GLN O 27 -14.89 -57.31 -5.93
C GLN O 27 -15.48 -55.88 -6.00
N GLN O 28 -15.44 -55.16 -4.89
CA GLN O 28 -15.97 -53.79 -4.88
C GLN O 28 -15.14 -52.89 -5.80
N ILE O 29 -13.83 -53.10 -5.83
CA ILE O 29 -12.96 -52.30 -6.70
C ILE O 29 -13.39 -52.48 -8.15
N GLN O 30 -13.66 -53.72 -8.57
CA GLN O 30 -14.09 -53.96 -9.94
C GLN O 30 -15.46 -53.30 -10.18
N MET O 31 -16.32 -53.35 -9.18
CA MET O 31 -17.64 -52.73 -9.32
C MET O 31 -17.54 -51.20 -9.52
N GLU O 32 -16.65 -50.55 -8.79
CA GLU O 32 -16.47 -49.09 -8.95
C GLU O 32 -15.97 -48.78 -10.36
N VAL O 33 -15.02 -49.59 -10.84
CA VAL O 33 -14.49 -49.38 -12.19
C VAL O 33 -15.61 -49.58 -13.22
N GLY O 34 -16.42 -50.62 -13.02
CA GLY O 34 -17.54 -50.86 -13.93
C GLY O 34 -18.49 -49.66 -13.94
N ALA O 35 -18.74 -49.08 -12.77
CA ALA O 35 -19.61 -47.91 -12.70
C ALA O 35 -18.96 -46.73 -13.46
N SER O 36 -17.64 -46.55 -13.33
CA SER O 36 -17.00 -45.44 -14.03
C SER O 36 -17.19 -45.60 -15.54
N LEU O 37 -17.10 -46.83 -16.04
CA LEU O 37 -17.26 -47.06 -17.48
C LEU O 37 -18.69 -46.83 -17.94
N GLN O 38 -19.66 -47.19 -17.11
CA GLN O 38 -21.06 -46.98 -17.49
C GLN O 38 -21.37 -45.47 -17.52
N TYR O 39 -20.79 -44.71 -16.58
CA TYR O 39 -21.00 -43.25 -16.58
C TYR O 39 -20.32 -42.62 -17.80
N LEU O 40 -19.17 -43.15 -18.22
CA LEU O 40 -18.51 -42.60 -19.41
C LEU O 40 -19.45 -42.74 -20.61
N ALA O 41 -20.15 -43.87 -20.70
CA ALA O 41 -21.07 -44.09 -21.81
C ALA O 41 -22.25 -43.11 -21.75
N MET O 42 -22.68 -42.74 -20.54
CA MET O 42 -23.78 -41.77 -20.43
C MET O 42 -23.26 -40.41 -20.87
N GLY O 43 -22.05 -40.05 -20.46
CA GLY O 43 -21.48 -38.78 -20.87
C GLY O 43 -21.39 -38.72 -22.40
N ALA O 44 -20.94 -39.81 -23.00
CA ALA O 44 -20.80 -39.88 -24.46
C ALA O 44 -22.17 -39.70 -25.14
N HIS O 45 -23.20 -40.35 -24.60
CA HIS O 45 -24.54 -40.25 -25.20
C HIS O 45 -25.06 -38.81 -25.20
N PHE O 46 -24.98 -38.13 -24.07
CA PHE O 46 -25.50 -36.77 -24.02
C PHE O 46 -24.63 -35.74 -24.74
N SER O 47 -23.43 -36.16 -25.15
CA SER O 47 -22.53 -35.29 -25.90
C SER O 47 -22.87 -35.31 -27.41
N LYS O 48 -23.65 -36.29 -27.85
CA LYS O 48 -23.99 -36.39 -29.29
C LYS O 48 -24.71 -35.14 -29.80
N ASP O 49 -24.40 -34.75 -31.03
CA ASP O 49 -25.03 -33.57 -31.62
C ASP O 49 -26.54 -33.68 -31.69
N VAL O 50 -27.06 -34.88 -31.91
CA VAL O 50 -28.51 -35.06 -31.98
C VAL O 50 -29.20 -35.17 -30.62
N VAL O 51 -28.43 -35.21 -29.54
CA VAL O 51 -29.01 -35.26 -28.18
C VAL O 51 -28.77 -33.87 -27.58
N ASN O 52 -27.50 -33.46 -27.63
CA ASN O 52 -27.10 -32.13 -27.22
C ASN O 52 -27.55 -31.64 -25.84
N ARG O 53 -27.17 -32.37 -24.79
CA ARG O 53 -27.50 -31.98 -23.42
C ARG O 53 -26.15 -31.90 -22.70
N PRO O 54 -25.41 -30.80 -22.91
CA PRO O 54 -24.09 -30.63 -22.28
C PRO O 54 -24.09 -30.65 -20.76
N GLY O 55 -25.20 -30.24 -20.16
CA GLY O 55 -25.29 -30.27 -18.70
C GLY O 55 -25.28 -31.71 -18.22
N PHE O 56 -26.10 -32.55 -18.85
CA PHE O 56 -26.12 -33.98 -18.49
C PHE O 56 -24.78 -34.63 -18.83
N ALA O 57 -24.20 -34.28 -19.98
CA ALA O 57 -22.92 -34.88 -20.36
C ALA O 57 -21.88 -34.61 -19.28
N GLN O 58 -21.77 -33.36 -18.84
CA GLN O 58 -20.79 -33.00 -17.83
C GLN O 58 -21.08 -33.69 -16.49
N LEU O 59 -22.36 -33.77 -16.14
CA LEU O 59 -22.76 -34.44 -14.90
C LEU O 59 -22.25 -35.88 -14.88
N PHE O 60 -22.43 -36.58 -16.00
CA PHE O 60 -22.02 -37.98 -16.05
C PHE O 60 -20.52 -38.19 -16.26
N PHE O 61 -19.84 -37.29 -16.97
CA PHE O 61 -18.38 -37.43 -17.09
C PHE O 61 -17.79 -37.18 -15.68
N ASP O 62 -18.35 -36.22 -14.95
CA ASP O 62 -17.87 -35.97 -13.58
C ASP O 62 -18.10 -37.21 -12.72
N ALA O 63 -19.26 -37.84 -12.87
CA ALA O 63 -19.56 -39.06 -12.10
C ALA O 63 -18.59 -40.18 -12.46
N ALA O 64 -18.22 -40.28 -13.73
CA ALA O 64 -17.27 -41.32 -14.14
C ALA O 64 -15.94 -41.13 -13.43
N SER O 65 -15.45 -39.88 -13.41
CA SER O 65 -14.16 -39.61 -12.76
C SER O 65 -14.24 -39.86 -11.24
N GLU O 66 -15.39 -39.56 -10.65
CA GLU O 66 -15.58 -39.79 -9.22
C GLU O 66 -15.55 -41.30 -8.92
N GLU O 67 -16.17 -42.12 -9.76
CA GLU O 67 -16.16 -43.58 -9.52
C GLU O 67 -14.73 -44.11 -9.64
N ARG O 68 -13.96 -43.56 -10.56
CA ARG O 68 -12.56 -43.97 -10.71
C ARG O 68 -11.82 -43.61 -9.41
N GLU O 69 -12.12 -42.45 -8.83
CA GLU O 69 -11.48 -42.07 -7.57
C GLU O 69 -11.90 -43.05 -6.44
N HIS O 70 -13.15 -43.51 -6.45
CA HIS O 70 -13.61 -44.46 -5.43
C HIS O 70 -12.80 -45.75 -5.54
N ALA O 71 -12.59 -46.23 -6.76
CA ALA O 71 -11.79 -47.43 -6.96
C ALA O 71 -10.38 -47.22 -6.39
N MET O 72 -9.80 -46.06 -6.70
CA MET O 72 -8.45 -45.76 -6.21
C MET O 72 -8.38 -45.72 -4.68
N LYS O 73 -9.41 -45.17 -4.04
CA LYS O 73 -9.41 -45.11 -2.57
C LYS O 73 -9.43 -46.51 -1.95
N LEU O 74 -10.19 -47.43 -2.55
CA LEU O 74 -10.25 -48.80 -2.02
C LEU O 74 -8.91 -49.49 -2.21
N ILE O 75 -8.29 -49.26 -3.37
CA ILE O 75 -6.97 -49.85 -3.64
C ILE O 75 -5.96 -49.29 -2.63
N GLU O 76 -6.00 -47.99 -2.38
CA GLU O 76 -5.06 -47.39 -1.41
C GLU O 76 -5.27 -47.97 -0.01
N TYR O 77 -6.52 -48.28 0.34
CA TYR O 77 -6.77 -48.85 1.66
C TYR O 77 -6.07 -50.22 1.76
N LEU O 78 -6.25 -51.06 0.75
CA LEU O 78 -5.62 -52.38 0.77
C LEU O 78 -4.08 -52.24 0.86
N LEU O 79 -3.52 -51.30 0.12
CA LEU O 79 -2.07 -51.09 0.15
C LEU O 79 -1.60 -50.68 1.54
N MET O 80 -2.37 -49.80 2.19
CA MET O 80 -2.02 -49.34 3.53
C MET O 80 -2.00 -50.50 4.52
N ARG O 81 -2.88 -51.47 4.34
CA ARG O 81 -2.97 -52.64 5.23
C ARG O 81 -1.92 -53.71 4.92
N GLY O 82 -1.09 -53.47 3.91
CA GLY O 82 -0.04 -54.44 3.60
C GLY O 82 -0.38 -55.44 2.51
N GLU O 83 -1.50 -55.21 1.81
CA GLU O 83 -1.93 -56.12 0.76
C GLU O 83 -1.40 -55.68 -0.61
N LEU O 84 -1.78 -56.44 -1.64
CA LEU O 84 -1.42 -56.18 -3.02
C LEU O 84 0.08 -56.22 -3.31
N THR O 85 0.79 -57.13 -2.64
CA THR O 85 2.20 -57.34 -2.93
C THR O 85 2.24 -58.29 -4.14
N ASN O 86 1.07 -58.83 -4.47
CA ASN O 86 0.88 -59.69 -5.65
C ASN O 86 -0.63 -59.67 -5.97
N ASP O 87 -1.05 -60.34 -7.05
CA ASP O 87 -2.48 -60.36 -7.43
C ASP O 87 -3.01 -58.97 -7.75
N VAL O 88 -2.17 -58.14 -8.35
CA VAL O 88 -2.61 -56.81 -8.70
C VAL O 88 -3.20 -56.80 -10.11
N SER O 89 -2.56 -57.50 -11.04
CA SER O 89 -3.01 -57.53 -12.43
C SER O 89 -4.46 -58.01 -12.58
N SER O 90 -4.85 -58.95 -11.74
CA SER O 90 -6.20 -59.51 -11.81
C SER O 90 -7.27 -58.68 -11.09
N LEU O 91 -6.86 -57.55 -10.49
CA LEU O 91 -7.84 -56.73 -9.76
C LEU O 91 -8.93 -56.13 -10.62
N LEU O 92 -8.58 -55.76 -11.84
CA LEU O 92 -9.51 -55.08 -12.74
C LEU O 92 -9.54 -55.58 -14.14
N GLN O 93 -10.68 -55.37 -14.79
CA GLN O 93 -10.85 -55.73 -16.18
C GLN O 93 -11.73 -54.63 -16.78
N VAL O 94 -11.27 -54.02 -17.87
CA VAL O 94 -12.04 -52.99 -18.54
C VAL O 94 -12.84 -53.68 -19.64
N ARG O 95 -14.16 -53.51 -19.64
CA ARG O 95 -15.02 -54.10 -20.65
C ARG O 95 -16.07 -53.09 -21.07
N PRO O 96 -16.61 -53.21 -22.29
CA PRO O 96 -17.61 -52.26 -22.75
C PRO O 96 -18.81 -52.30 -21.81
N PRO O 97 -19.41 -51.13 -21.51
CA PRO O 97 -20.56 -51.14 -20.60
C PRO O 97 -21.78 -51.77 -21.29
N THR O 98 -22.69 -52.23 -20.47
CA THR O 98 -23.92 -52.90 -20.90
C THR O 98 -24.89 -52.01 -21.66
N ARG O 99 -25.01 -50.75 -21.25
CA ARG O 99 -25.94 -49.85 -21.90
C ARG O 99 -25.22 -48.68 -22.53
N SER O 100 -25.69 -48.23 -23.70
CA SER O 100 -25.04 -47.12 -24.37
C SER O 100 -25.99 -46.02 -24.84
N SER O 101 -27.28 -46.22 -24.61
CA SER O 101 -28.26 -45.22 -25.03
C SER O 101 -29.39 -45.11 -24.02
N TRP O 102 -29.96 -43.91 -23.90
CA TRP O 102 -31.07 -43.63 -22.98
C TRP O 102 -32.08 -42.76 -23.73
N LYS O 103 -33.37 -42.93 -23.45
CA LYS O 103 -34.38 -42.14 -24.15
C LYS O 103 -34.29 -40.66 -23.85
N GLY O 104 -33.94 -40.30 -22.62
CA GLY O 104 -33.82 -38.90 -22.26
C GLY O 104 -33.14 -38.77 -20.91
N GLY O 105 -33.08 -37.56 -20.40
CA GLY O 105 -32.44 -37.31 -19.11
C GLY O 105 -33.07 -38.09 -17.97
N VAL O 106 -34.40 -38.20 -17.94
CA VAL O 106 -35.04 -38.95 -16.85
C VAL O 106 -34.57 -40.42 -16.83
N GLU O 107 -34.56 -41.09 -17.98
CA GLU O 107 -34.12 -42.48 -18.01
C GLU O 107 -32.68 -42.62 -17.51
N ALA O 108 -31.83 -41.68 -17.90
CA ALA O 108 -30.43 -41.75 -17.45
C ALA O 108 -30.32 -41.50 -15.96
N LEU O 109 -31.06 -40.53 -15.43
CA LEU O 109 -31.01 -40.26 -13.99
C LEU O 109 -31.54 -41.47 -13.20
N GLU O 110 -32.60 -42.10 -13.69
CA GLU O 110 -33.15 -43.26 -12.99
C GLU O 110 -32.19 -44.45 -13.06
N HIS O 111 -31.50 -44.58 -14.18
CA HIS O 111 -30.53 -45.65 -14.32
C HIS O 111 -29.37 -45.37 -13.34
N ALA O 112 -28.91 -44.11 -13.29
CA ALA O 112 -27.83 -43.77 -12.36
C ALA O 112 -28.25 -44.05 -10.91
N LEU O 113 -29.49 -43.68 -10.57
CA LEU O 113 -29.99 -43.91 -9.21
C LEU O 113 -29.95 -45.41 -8.90
N SER O 114 -30.37 -46.23 -9.85
CA SER O 114 -30.36 -47.69 -9.67
C SER O 114 -28.93 -48.24 -9.54
N MET O 115 -28.01 -47.69 -10.32
CA MET O 115 -26.60 -48.11 -10.24
C MET O 115 -26.06 -47.76 -8.83
N GLU O 116 -26.36 -46.55 -8.36
CA GLU O 116 -25.87 -46.12 -7.04
C GLU O 116 -26.49 -46.99 -5.95
N SER O 117 -27.77 -47.29 -6.10
CA SER O 117 -28.49 -48.14 -5.14
C SER O 117 -27.80 -49.52 -5.08
N ASP O 118 -27.40 -50.05 -6.22
CA ASP O 118 -26.69 -51.35 -6.26
C ASP O 118 -25.32 -51.25 -5.57
N VAL O 119 -24.63 -50.14 -5.80
CA VAL O 119 -23.32 -49.95 -5.16
C VAL O 119 -23.48 -49.85 -3.64
N THR O 120 -24.52 -49.16 -3.18
CA THR O 120 -24.75 -49.02 -1.74
C THR O 120 -24.97 -50.39 -1.11
N LYS O 121 -25.79 -51.20 -1.75
CA LYS O 121 -26.07 -52.55 -1.26
C LYS O 121 -24.78 -53.38 -1.26
N SER O 122 -23.97 -53.24 -2.29
CA SER O 122 -22.72 -53.99 -2.36
C SER O 122 -21.75 -53.57 -1.25
N ILE O 123 -21.64 -52.26 -0.98
CA ILE O 123 -20.76 -51.79 0.10
C ILE O 123 -21.26 -52.34 1.44
N ARG O 124 -22.58 -52.35 1.65
CA ARG O 124 -23.12 -52.88 2.90
C ARG O 124 -22.74 -54.38 3.02
N ASN O 125 -22.69 -55.08 1.89
CA ASN O 125 -22.28 -56.49 1.93
C ASN O 125 -20.79 -56.64 2.22
N VAL O 126 -19.97 -55.68 1.78
CA VAL O 126 -18.53 -55.75 2.10
C VAL O 126 -18.41 -55.53 3.62
N ILE O 127 -19.17 -54.56 4.13
CA ILE O 127 -19.15 -54.28 5.56
C ILE O 127 -19.53 -55.55 6.35
N LYS O 128 -20.58 -56.23 5.93
CA LYS O 128 -21.00 -57.46 6.61
C LYS O 128 -19.89 -58.51 6.60
N ALA O 129 -19.28 -58.72 5.44
CA ALA O 129 -18.20 -59.71 5.34
C ALA O 129 -17.03 -59.35 6.24
N CYS O 130 -16.68 -58.07 6.28
CA CYS O 130 -15.54 -57.62 7.07
C CYS O 130 -15.81 -57.58 8.56
N GLU O 131 -17.05 -57.34 8.94
CA GLU O 131 -17.40 -57.26 10.34
C GLU O 131 -17.73 -58.62 10.95
N ASP O 132 -18.43 -59.45 10.19
CA ASP O 132 -18.89 -60.73 10.73
C ASP O 132 -18.03 -61.97 10.56
N ASP O 133 -16.82 -61.82 10.04
CA ASP O 133 -15.92 -62.96 9.90
C ASP O 133 -15.68 -63.44 11.34
N SER O 134 -16.01 -64.68 11.65
CA SER O 134 -15.84 -65.19 13.00
C SER O 134 -14.41 -65.10 13.55
N GLU O 135 -13.43 -65.09 12.66
CA GLU O 135 -12.04 -65.02 13.12
C GLU O 135 -11.47 -63.61 13.27
N PHE O 136 -12.08 -62.62 12.63
CA PHE O 136 -11.51 -61.27 12.71
C PHE O 136 -12.53 -60.21 12.29
N ASN O 137 -12.93 -59.37 13.23
CA ASN O 137 -13.87 -58.29 12.96
C ASN O 137 -12.96 -57.12 12.56
N ASP O 138 -13.00 -56.70 11.30
CA ASP O 138 -12.10 -55.61 10.88
C ASP O 138 -12.73 -54.25 11.20
N TYR O 139 -12.63 -53.87 12.47
CA TYR O 139 -13.25 -52.61 12.93
C TYR O 139 -12.93 -51.39 12.09
N HIS O 140 -11.65 -51.19 11.79
CA HIS O 140 -11.25 -50.01 11.06
C HIS O 140 -11.79 -49.93 9.64
N LEU O 141 -11.71 -51.02 8.88
CA LEU O 141 -12.22 -50.98 7.52
C LEU O 141 -13.74 -50.81 7.52
N VAL O 142 -14.43 -51.49 8.44
CA VAL O 142 -15.88 -51.34 8.51
C VAL O 142 -16.24 -49.86 8.75
N ASP O 143 -15.50 -49.24 9.66
CA ASP O 143 -15.71 -47.82 9.99
C ASP O 143 -15.43 -46.92 8.78
N TYR O 144 -14.36 -47.23 8.05
CA TYR O 144 -14.01 -46.46 6.86
C TYR O 144 -15.09 -46.56 5.77
N LEU O 145 -15.56 -47.77 5.51
CA LEU O 145 -16.60 -47.96 4.51
C LEU O 145 -17.91 -47.30 4.93
N THR O 146 -18.20 -47.33 6.22
CA THR O 146 -19.44 -46.76 6.71
C THR O 146 -19.42 -45.22 6.72
N GLY O 147 -18.36 -44.64 7.27
CA GLY O 147 -18.28 -43.20 7.39
C GLY O 147 -17.89 -42.43 6.15
N ASP O 148 -17.16 -43.06 5.24
CA ASP O 148 -16.74 -42.40 4.02
C ASP O 148 -17.58 -42.84 2.82
N PHE O 149 -17.52 -44.12 2.49
CA PHE O 149 -18.25 -44.62 1.34
C PHE O 149 -19.77 -44.55 1.44
N LEU O 150 -20.36 -45.04 2.53
CA LEU O 150 -21.82 -44.98 2.62
C LEU O 150 -22.30 -43.53 2.69
N GLU O 151 -21.53 -42.67 3.34
CA GLU O 151 -21.90 -41.25 3.44
C GLU O 151 -22.08 -40.68 2.01
N GLU O 152 -21.09 -40.93 1.15
CA GLU O 152 -21.16 -40.44 -0.22
C GLU O 152 -22.33 -41.09 -0.97
N GLN O 153 -22.58 -42.37 -0.71
CA GLN O 153 -23.68 -43.07 -1.38
C GLN O 153 -25.05 -42.50 -1.05
N TYR O 154 -25.33 -42.30 0.25
CA TYR O 154 -26.67 -41.81 0.60
C TYR O 154 -26.91 -40.39 0.11
N LYS O 155 -25.91 -39.53 0.20
CA LYS O 155 -26.08 -38.16 -0.29
C LYS O 155 -26.29 -38.19 -1.80
N GLY O 156 -25.51 -39.03 -2.49
CA GLY O 156 -25.62 -39.13 -3.94
C GLY O 156 -26.97 -39.64 -4.41
N GLN O 157 -27.51 -40.64 -3.72
CA GLN O 157 -28.82 -41.19 -4.07
C GLN O 157 -29.90 -40.13 -3.91
N ARG O 158 -29.87 -39.41 -2.79
CA ARG O 158 -30.88 -38.38 -2.57
C ARG O 158 -30.80 -37.31 -3.65
N ASP O 159 -29.58 -36.96 -4.04
CA ASP O 159 -29.41 -35.94 -5.07
C ASP O 159 -30.00 -36.41 -6.41
N LEU O 160 -29.65 -37.63 -6.83
CA LEU O 160 -30.18 -38.18 -8.09
C LEU O 160 -31.69 -38.37 -8.04
N ALA O 161 -32.21 -38.84 -6.90
CA ALA O 161 -33.66 -39.06 -6.78
C ALA O 161 -34.40 -37.74 -6.91
N GLY O 162 -33.87 -36.69 -6.29
CA GLY O 162 -34.51 -35.38 -6.40
C GLY O 162 -34.48 -34.86 -7.83
N LYS O 163 -33.34 -35.00 -8.50
CA LYS O 163 -33.23 -34.56 -9.89
C LYS O 163 -34.23 -35.31 -10.77
N ALA O 164 -34.32 -36.63 -10.58
CA ALA O 164 -35.25 -37.43 -11.36
C ALA O 164 -36.70 -37.01 -11.11
N SER O 165 -37.08 -36.78 -9.84
CA SER O 165 -38.46 -36.36 -9.54
C SER O 165 -38.77 -35.02 -10.20
N THR O 166 -37.87 -34.06 -10.04
CA THR O 166 -38.08 -32.73 -10.59
C THR O 166 -38.24 -32.76 -12.11
N LEU O 167 -37.35 -33.45 -12.80
CA LEU O 167 -37.43 -33.50 -14.25
C LEU O 167 -38.61 -34.34 -14.74
N LYS O 168 -38.88 -35.46 -14.07
CA LYS O 168 -39.97 -36.32 -14.51
C LYS O 168 -41.32 -35.62 -14.48
N LYS O 169 -41.53 -34.72 -13.53
CA LYS O 169 -42.80 -33.98 -13.47
C LYS O 169 -43.03 -33.15 -14.72
N LEU O 170 -41.97 -32.79 -15.41
CA LEU O 170 -42.07 -31.97 -16.61
C LEU O 170 -42.32 -32.76 -17.89
N MET O 171 -42.19 -34.08 -17.80
CA MET O 171 -42.31 -34.90 -19.01
C MET O 171 -43.67 -35.11 -19.65
N ASP O 172 -44.75 -35.06 -18.89
CA ASP O 172 -46.02 -35.29 -19.56
C ASP O 172 -46.40 -34.19 -20.56
N ARG O 173 -46.00 -32.94 -20.33
CA ARG O 173 -46.33 -31.89 -21.30
C ARG O 173 -45.19 -31.01 -21.78
N HIS O 174 -44.03 -31.12 -21.15
CA HIS O 174 -42.91 -30.22 -21.49
C HIS O 174 -41.60 -30.95 -21.64
N GLU O 175 -41.63 -32.05 -22.37
CA GLU O 175 -40.44 -32.85 -22.55
C GLU O 175 -39.23 -32.10 -23.10
N ALA O 176 -39.42 -31.35 -24.18
CA ALA O 176 -38.29 -30.65 -24.78
C ALA O 176 -37.83 -29.40 -24.03
N LEU O 177 -38.76 -28.51 -23.72
CA LEU O 177 -38.37 -27.29 -23.03
C LEU O 177 -37.98 -27.58 -21.59
N GLY O 178 -38.68 -28.50 -20.96
CA GLY O 178 -38.35 -28.84 -19.58
C GLY O 178 -36.94 -29.40 -19.47
N GLU O 179 -36.58 -30.34 -20.35
CA GLU O 179 -35.24 -30.90 -20.29
C GLU O 179 -34.19 -29.88 -20.69
N PHE O 180 -34.52 -29.01 -21.66
CA PHE O 180 -33.56 -27.99 -22.08
C PHE O 180 -33.20 -27.08 -20.92
N ILE O 181 -34.21 -26.58 -20.19
CA ILE O 181 -33.96 -25.68 -19.08
C ILE O 181 -33.22 -26.40 -17.94
N PHE O 182 -33.67 -27.61 -17.62
CA PHE O 182 -33.04 -28.40 -16.56
C PHE O 182 -31.56 -28.64 -16.88
N ASP O 183 -31.29 -28.96 -18.14
CA ASP O 183 -29.93 -29.22 -18.61
C ASP O 183 -29.04 -27.99 -18.40
N LYS O 184 -29.54 -26.80 -18.74
CA LYS O 184 -28.72 -25.61 -18.56
C LYS O 184 -28.53 -25.31 -17.07
N LYS O 185 -29.52 -25.61 -16.25
CA LYS O 185 -29.39 -25.40 -14.80
C LYS O 185 -28.24 -26.30 -14.28
N LEU O 186 -28.05 -27.48 -14.88
CA LEU O 186 -26.95 -28.35 -14.43
C LEU O 186 -25.62 -27.65 -14.68
N LEU O 187 -25.58 -26.75 -15.66
CA LEU O 187 -24.36 -26.01 -15.98
C LEU O 187 -24.30 -24.70 -15.19
N GLY O 188 -25.29 -24.46 -14.34
CA GLY O 188 -25.31 -23.23 -13.56
C GLY O 188 -25.81 -22.04 -14.38
N ILE O 189 -26.53 -22.33 -15.47
CA ILE O 189 -27.05 -21.28 -16.34
C ILE O 189 -28.56 -21.12 -16.17
N ASP O 190 -28.99 -19.95 -15.72
CA ASP O 190 -30.41 -19.67 -15.57
C ASP O 190 -30.77 -18.95 -16.86
N VAL O 191 -31.60 -19.55 -17.68
CA VAL O 191 -31.96 -18.91 -18.93
C VAL O 191 -32.89 -17.70 -18.67
N THR P 1 51.40 19.56 40.27
CA THR P 1 50.86 19.65 38.87
C THR P 1 49.51 20.35 38.83
N GLN P 2 49.25 21.07 37.74
CA GLN P 2 48.00 21.79 37.55
C GLN P 2 46.97 20.89 36.85
N CYS P 3 46.13 20.23 37.63
CA CYS P 3 45.15 19.32 37.04
C CYS P 3 43.82 19.96 36.70
N ASN P 4 43.62 21.20 37.11
CA ASN P 4 42.36 21.86 36.81
C ASN P 4 42.58 23.25 36.25
N VAL P 5 41.53 23.79 35.66
CA VAL P 5 41.60 25.11 35.07
C VAL P 5 41.27 26.20 36.09
N ASN P 6 42.06 27.27 36.08
CA ASN P 6 41.84 28.39 36.99
C ASN P 6 40.42 28.86 36.72
N PRO P 7 39.57 28.90 37.76
CA PRO P 7 38.18 29.33 37.60
C PRO P 7 38.02 30.75 37.03
N VAL P 8 36.89 30.97 36.38
CA VAL P 8 36.57 32.28 35.81
C VAL P 8 35.33 32.76 36.53
N GLN P 9 35.08 34.05 36.43
CA GLN P 9 33.92 34.61 37.09
C GLN P 9 33.07 35.32 36.07
N ILE P 10 31.75 35.14 36.16
CA ILE P 10 30.86 35.83 35.25
C ILE P 10 29.91 36.62 36.16
N PRO P 11 29.07 37.49 35.59
CA PRO P 11 28.12 38.29 36.37
C PRO P 11 27.26 37.38 37.25
N LYS P 12 26.93 37.85 38.45
CA LYS P 12 26.15 37.07 39.41
C LYS P 12 24.87 37.75 39.89
N ASP P 13 24.55 38.93 39.37
CA ASP P 13 23.34 39.62 39.82
C ASP P 13 22.07 38.79 39.59
N TRP P 14 22.09 37.92 38.59
CA TRP P 14 20.93 37.08 38.27
C TRP P 14 20.63 36.00 39.33
N ILE P 15 21.60 35.74 40.21
CA ILE P 15 21.47 34.70 41.25
C ILE P 15 20.79 35.37 42.43
N THR P 16 19.51 35.10 42.64
CA THR P 16 18.75 35.84 43.64
C THR P 16 18.07 35.12 44.81
N MET P 17 18.14 33.80 44.89
CA MET P 17 17.45 33.15 45.98
C MET P 17 18.01 33.59 47.34
N HIS P 18 17.14 33.72 48.32
CA HIS P 18 17.59 34.10 49.66
C HIS P 18 17.76 32.88 50.54
N ARG P 19 18.52 33.05 51.62
CA ARG P 19 18.86 31.96 52.51
C ARG P 19 17.77 31.13 53.15
N SER P 20 16.75 31.77 53.70
CA SER P 20 15.71 31.01 54.37
C SER P 20 15.00 30.08 53.36
N CYS P 21 14.68 30.62 52.19
CA CYS P 21 14.02 29.84 51.14
C CYS P 21 14.95 28.71 50.66
N ARG P 22 16.21 29.04 50.41
CA ARG P 22 17.15 28.02 49.95
C ARG P 22 17.32 26.91 50.99
N ASN P 23 17.42 27.27 52.26
CA ASN P 23 17.57 26.24 53.28
C ASN P 23 16.33 25.36 53.39
N SER P 24 15.14 25.94 53.22
CA SER P 24 13.92 25.12 53.27
C SER P 24 13.89 24.16 52.09
N MET P 25 14.39 24.59 50.93
CA MET P 25 14.43 23.73 49.75
C MET P 25 15.41 22.58 50.00
N ARG P 26 16.57 22.88 50.61
CA ARG P 26 17.56 21.83 50.89
C ARG P 26 16.97 20.78 51.83
N GLN P 27 16.21 21.25 52.82
CA GLN P 27 15.59 20.33 53.77
C GLN P 27 14.52 19.48 53.04
N GLN P 28 13.79 20.10 52.11
CA GLN P 28 12.77 19.35 51.38
C GLN P 28 13.42 18.25 50.52
N ILE P 29 14.57 18.54 49.94
CA ILE P 29 15.27 17.56 49.12
C ILE P 29 15.59 16.32 49.96
N GLN P 30 16.08 16.52 51.19
CA GLN P 30 16.39 15.39 52.06
C GLN P 30 15.10 14.65 52.42
N MET P 31 14.01 15.39 52.62
CA MET P 31 12.74 14.74 52.95
C MET P 31 12.24 13.85 51.80
N GLU P 32 12.38 14.29 50.56
CA GLU P 32 11.95 13.49 49.40
C GLU P 32 12.79 12.21 49.34
N VAL P 33 14.10 12.34 49.57
CA VAL P 33 14.97 11.17 49.55
C VAL P 33 14.57 10.20 50.66
N GLY P 34 14.29 10.74 51.84
CA GLY P 34 13.85 9.89 52.95
C GLY P 34 12.58 9.14 52.59
N ALA P 35 11.65 9.82 51.91
CA ALA P 35 10.42 9.17 51.49
C ALA P 35 10.73 8.06 50.48
N SER P 36 11.67 8.30 49.55
CA SER P 36 11.99 7.25 48.58
C SER P 36 12.50 6.01 49.28
N LEU P 37 13.32 6.19 50.32
CA LEU P 37 13.86 5.05 51.05
C LEU P 37 12.79 4.31 51.84
N GLN P 38 11.82 5.04 52.40
CA GLN P 38 10.77 4.38 53.16
C GLN P 38 9.88 3.57 52.19
N TYR P 39 9.63 4.09 50.99
CA TYR P 39 8.83 3.36 50.01
C TYR P 39 9.58 2.11 49.52
N LEU P 40 10.92 2.19 49.42
CA LEU P 40 11.69 1.01 49.01
C LEU P 40 11.46 -0.11 50.03
N ALA P 41 11.43 0.26 51.30
CA ALA P 41 11.23 -0.74 52.36
C ALA P 41 9.83 -1.36 52.26
N MET P 42 8.83 -0.57 51.85
CA MET P 42 7.48 -1.12 51.69
C MET P 42 7.48 -2.09 50.52
N GLY P 43 8.15 -1.70 49.43
CA GLY P 43 8.21 -2.59 48.27
C GLY P 43 8.88 -3.91 48.66
N ALA P 44 9.96 -3.82 49.43
CA ALA P 44 10.67 -5.01 49.88
C ALA P 44 9.77 -5.91 50.74
N HIS P 45 9.01 -5.31 51.64
CA HIS P 45 8.13 -6.08 52.51
C HIS P 45 7.08 -6.88 51.72
N PHE P 46 6.40 -6.22 50.79
CA PHE P 46 5.36 -6.93 50.04
C PHE P 46 5.91 -7.90 49.00
N SER P 47 7.21 -7.85 48.77
CA SER P 47 7.88 -8.78 47.84
C SER P 47 8.21 -10.11 48.53
N LYS P 48 8.18 -10.14 49.86
CA LYS P 48 8.52 -11.38 50.58
C LYS P 48 7.62 -12.55 50.21
N ASP P 49 8.18 -13.75 50.14
CA ASP P 49 7.40 -14.93 49.79
C ASP P 49 6.25 -15.18 50.76
N VAL P 50 6.45 -14.87 52.03
CA VAL P 50 5.39 -15.08 53.01
C VAL P 50 4.33 -13.98 53.04
N VAL P 51 4.53 -12.90 52.29
CA VAL P 51 3.54 -11.80 52.23
C VAL P 51 2.90 -11.94 50.85
N ASN P 52 3.75 -11.96 49.83
CA ASN P 52 3.34 -12.19 48.45
C ASN P 52 2.21 -11.32 47.89
N ARG P 53 2.42 -10.00 47.90
CA ARG P 53 1.43 -9.07 47.35
C ARG P 53 2.20 -8.28 46.29
N PRO P 54 2.40 -8.87 45.11
CA PRO P 54 3.14 -8.20 44.03
C PRO P 54 2.54 -6.88 43.55
N GLY P 55 1.22 -6.74 43.68
CA GLY P 55 0.58 -5.50 43.28
C GLY P 55 1.02 -4.38 44.21
N PHE P 56 0.98 -4.64 45.51
CA PHE P 56 1.43 -3.64 46.49
C PHE P 56 2.93 -3.40 46.35
N ALA P 57 3.71 -4.46 46.11
CA ALA P 57 5.15 -4.28 45.96
C ALA P 57 5.45 -3.31 44.82
N GLN P 58 4.81 -3.53 43.67
CA GLN P 58 5.04 -2.67 42.51
C GLN P 58 4.57 -1.24 42.78
N LEU P 59 3.43 -1.10 43.45
CA LEU P 59 2.89 0.22 43.78
C LEU P 59 3.94 1.01 44.58
N PHE P 60 4.54 0.37 45.58
CA PHE P 60 5.51 1.07 46.41
C PHE P 60 6.88 1.24 45.79
N PHE P 61 7.33 0.30 44.95
CA PHE P 61 8.62 0.51 44.28
C PHE P 61 8.42 1.68 43.30
N ASP P 62 7.26 1.77 42.65
CA ASP P 62 6.98 2.89 41.74
C ASP P 62 7.00 4.19 42.54
N ALA P 63 6.39 4.19 43.72
CA ALA P 63 6.37 5.39 44.57
C ALA P 63 7.78 5.79 44.98
N ALA P 64 8.64 4.80 45.26
CA ALA P 64 10.02 5.11 45.64
C ALA P 64 10.72 5.85 44.50
N SER P 65 10.56 5.35 43.28
CA SER P 65 11.22 5.98 42.13
C SER P 65 10.66 7.39 41.88
N GLU P 66 9.37 7.55 42.12
CA GLU P 66 8.75 8.86 41.94
C GLU P 66 9.31 9.87 42.97
N GLU P 67 9.50 9.45 44.22
CA GLU P 67 10.05 10.36 45.23
C GLU P 67 11.48 10.76 44.86
N ARG P 68 12.22 9.81 44.30
CA ARG P 68 13.59 10.11 43.87
C ARG P 68 13.51 11.19 42.76
N GLU P 69 12.53 11.07 41.87
CA GLU P 69 12.38 12.08 40.81
C GLU P 69 12.01 13.44 41.42
N HIS P 70 11.21 13.45 42.49
CA HIS P 70 10.84 14.72 43.14
C HIS P 70 12.10 15.39 43.69
N ALA P 71 12.98 14.61 44.32
CA ALA P 71 14.21 15.16 44.85
C ALA P 71 15.03 15.77 43.70
N MET P 72 15.12 15.04 42.60
CA MET P 72 15.89 15.53 41.45
C MET P 72 15.31 16.82 40.88
N LYS P 73 13.98 16.95 40.85
CA LYS P 73 13.37 18.18 40.34
C LYS P 73 13.71 19.39 41.20
N LEU P 74 13.73 19.20 42.52
CA LEU P 74 14.06 20.31 43.42
C LEU P 74 15.53 20.71 43.25
N ILE P 75 16.39 19.70 43.10
CA ILE P 75 17.81 19.97 42.88
C ILE P 75 17.98 20.74 41.56
N GLU P 76 17.30 20.30 40.50
CA GLU P 76 17.40 20.99 39.21
C GLU P 76 16.92 22.44 39.32
N TYR P 77 15.91 22.69 40.15
CA TYR P 77 15.42 24.06 40.30
C TYR P 77 16.53 24.93 40.91
N LEU P 78 17.16 24.43 41.98
CA LEU P 78 18.24 25.20 42.61
C LEU P 78 19.38 25.47 41.61
N LEU P 79 19.73 24.47 40.80
CA LEU P 79 20.81 24.63 39.82
C LEU P 79 20.44 25.69 38.79
N MET P 80 19.18 25.70 38.36
CA MET P 80 18.72 26.68 37.37
C MET P 80 18.84 28.11 37.92
N ARG P 81 18.62 28.27 39.23
CA ARG P 81 18.70 29.59 39.87
C ARG P 81 20.14 30.02 40.19
N GLY P 82 21.11 29.18 39.86
CA GLY P 82 22.51 29.54 40.09
C GLY P 82 23.09 29.04 41.39
N GLU P 83 22.38 28.16 42.08
CA GLU P 83 22.85 27.62 43.35
C GLU P 83 23.63 26.32 43.16
N LEU P 84 24.06 25.76 44.28
CA LEU P 84 24.81 24.50 44.33
C LEU P 84 26.14 24.51 43.60
N THR P 85 26.84 25.64 43.67
CA THR P 85 28.19 25.73 43.11
C THR P 85 29.11 25.16 44.20
N ASN P 86 28.54 24.95 45.39
CA ASN P 86 29.22 24.32 46.53
C ASN P 86 28.13 23.80 47.47
N ASP P 87 28.52 23.12 48.56
CA ASP P 87 27.54 22.57 49.51
C ASP P 87 26.63 21.54 48.87
N VAL P 88 27.18 20.75 47.95
CA VAL P 88 26.39 19.74 47.30
C VAL P 88 26.47 18.41 48.08
N SER P 89 27.67 18.07 48.54
CA SER P 89 27.87 16.82 49.28
C SER P 89 26.97 16.68 50.50
N SER P 90 26.74 17.79 51.18
CA SER P 90 25.91 17.79 52.39
C SER P 90 24.40 17.83 52.12
N LEU P 91 23.99 17.86 50.86
CA LEU P 91 22.56 17.93 50.55
C LEU P 91 21.76 16.71 50.99
N LEU P 92 22.38 15.54 50.91
CA LEU P 92 21.69 14.29 51.21
C LEU P 92 22.46 13.32 52.05
N GLN P 93 21.70 12.48 52.75
CA GLN P 93 22.27 11.43 53.57
C GLN P 93 21.33 10.24 53.44
N VAL P 94 21.86 9.09 53.06
CA VAL P 94 21.06 7.88 52.92
C VAL P 94 21.16 7.14 54.26
N ARG P 95 20.03 6.84 54.87
CA ARG P 95 20.00 6.12 56.14
C ARG P 95 18.88 5.09 56.09
N PRO P 96 18.99 4.02 56.89
CA PRO P 96 17.94 3.00 56.89
C PRO P 96 16.62 3.64 57.29
N PRO P 97 15.51 3.22 56.65
CA PRO P 97 14.22 3.81 57.03
C PRO P 97 13.79 3.33 58.41
N THR P 98 12.92 4.12 59.03
CA THR P 98 12.39 3.86 60.37
C THR P 98 11.53 2.62 60.48
N ARG P 99 10.72 2.34 59.47
CA ARG P 99 9.84 1.19 59.52
C ARG P 99 10.16 0.19 58.42
N SER P 100 10.05 -1.10 58.73
CA SER P 100 10.37 -2.11 57.73
C SER P 100 9.32 -3.20 57.59
N SER P 101 8.27 -3.13 58.40
CA SER P 101 7.22 -4.13 58.34
C SER P 101 5.84 -3.50 58.56
N TRP P 102 4.81 -4.08 57.95
CA TRP P 102 3.43 -3.61 58.06
C TRP P 102 2.54 -4.85 58.22
N LYS P 103 1.46 -4.73 58.99
CA LYS P 103 0.58 -5.88 59.20
C LYS P 103 -0.11 -6.34 57.91
N GLY P 104 -0.47 -5.38 57.06
CA GLY P 104 -1.13 -5.74 55.82
C GLY P 104 -1.17 -4.54 54.89
N GLY P 105 -1.87 -4.67 53.77
CA GLY P 105 -1.97 -3.59 52.81
C GLY P 105 -2.59 -2.34 53.39
N VAL P 106 -3.63 -2.47 54.22
CA VAL P 106 -4.25 -1.28 54.80
C VAL P 106 -3.25 -0.47 55.64
N GLU P 107 -2.49 -1.13 56.52
CA GLU P 107 -1.52 -0.40 57.33
C GLU P 107 -0.50 0.32 56.46
N ALA P 108 -0.06 -0.32 55.38
CA ALA P 108 0.91 0.32 54.50
C ALA P 108 0.31 1.51 53.77
N LEU P 109 -0.94 1.35 53.29
CA LEU P 109 -1.59 2.47 52.59
C LEU P 109 -1.81 3.66 53.54
N GLU P 110 -2.19 3.36 54.78
CA GLU P 110 -2.41 4.44 55.75
C GLU P 110 -1.10 5.11 56.13
N HIS P 111 -0.03 4.33 56.20
CA HIS P 111 1.28 4.89 56.51
C HIS P 111 1.69 5.78 55.32
N ALA P 112 1.50 5.29 54.09
CA ALA P 112 1.85 6.10 52.91
C ALA P 112 1.05 7.41 52.90
N LEU P 113 -0.24 7.32 53.21
CA LEU P 113 -1.09 8.52 53.24
C LEU P 113 -0.54 9.53 54.26
N SER P 114 -0.14 9.05 55.42
CA SER P 114 0.42 9.90 56.46
C SER P 114 1.77 10.52 56.02
N MET P 115 2.60 9.74 55.33
CA MET P 115 3.88 10.24 54.82
C MET P 115 3.60 11.36 53.80
N GLU P 116 2.64 11.13 52.90
CA GLU P 116 2.31 12.13 51.89
C GLU P 116 1.75 13.40 52.54
N SER P 117 0.92 13.20 53.54
CA SER P 117 0.32 14.32 54.27
C SER P 117 1.45 15.16 54.92
N ASP P 118 2.47 14.49 55.46
CA ASP P 118 3.62 15.21 56.06
C ASP P 118 4.40 15.97 54.98
N VAL P 119 4.57 15.37 53.82
CA VAL P 119 5.28 16.03 52.73
C VAL P 119 4.50 17.26 52.26
N THR P 120 3.18 17.14 52.17
CA THR P 120 2.35 18.27 51.73
C THR P 120 2.51 19.45 52.69
N LYS P 121 2.47 19.15 53.98
CA LYS P 121 2.63 20.19 55.00
C LYS P 121 4.03 20.81 54.90
N SER P 122 5.04 19.98 54.67
CA SER P 122 6.40 20.49 54.55
C SER P 122 6.56 21.40 53.31
N ILE P 123 5.96 21.01 52.18
CA ILE P 123 6.04 21.85 50.98
C ILE P 123 5.34 23.19 51.24
N ARG P 124 4.20 23.16 51.93
CA ARG P 124 3.49 24.41 52.24
C ARG P 124 4.40 25.29 53.12
N ASN P 125 5.20 24.68 53.99
CA ASN P 125 6.13 25.46 54.81
C ASN P 125 7.27 26.03 53.98
N VAL P 126 7.69 25.32 52.93
CA VAL P 126 8.76 25.86 52.06
C VAL P 126 8.15 27.08 51.34
N ILE P 127 6.91 26.93 50.88
CA ILE P 127 6.23 28.02 50.19
C ILE P 127 6.17 29.25 51.12
N LYS P 128 5.77 29.05 52.37
CA LYS P 128 5.70 30.17 53.32
C LYS P 128 7.05 30.85 53.49
N ALA P 129 8.11 30.05 53.68
CA ALA P 129 9.44 30.63 53.85
C ALA P 129 9.87 31.42 52.61
N CYS P 130 9.59 30.89 51.43
CA CYS P 130 9.99 31.53 50.19
C CYS P 130 9.16 32.75 49.83
N GLU P 131 7.90 32.74 50.23
CA GLU P 131 7.02 33.86 49.92
C GLU P 131 7.09 34.99 50.94
N ASP P 132 7.21 34.63 52.22
CA ASP P 132 7.17 35.64 53.27
C ASP P 132 8.48 36.24 53.77
N ASP P 133 9.59 35.91 53.14
CA ASP P 133 10.86 36.49 53.55
C ASP P 133 10.69 38.01 53.30
N SER P 134 10.85 38.82 54.33
CA SER P 134 10.65 40.26 54.18
C SER P 134 11.55 40.92 53.14
N GLU P 135 12.70 40.31 52.85
CA GLU P 135 13.60 40.89 51.87
C GLU P 135 13.39 40.44 50.42
N PHE P 136 12.72 39.31 50.22
CA PHE P 136 12.57 38.81 48.85
C PHE P 136 11.45 37.77 48.77
N ASN P 137 10.39 38.09 48.05
CA ASN P 137 9.26 37.18 47.85
C ASN P 137 9.66 36.42 46.58
N ASP P 138 9.95 35.13 46.69
CA ASP P 138 10.37 34.38 45.49
C ASP P 138 9.14 33.90 44.71
N TYR P 139 8.54 34.81 43.95
CA TYR P 139 7.32 34.50 43.21
C TYR P 139 7.38 33.23 42.37
N HIS P 140 8.45 33.10 41.59
CA HIS P 140 8.55 31.95 40.71
C HIS P 140 8.66 30.61 41.40
N LEU P 141 9.48 30.51 42.43
CA LEU P 141 9.60 29.23 43.13
C LEU P 141 8.30 28.90 43.85
N VAL P 142 7.68 29.89 44.47
CA VAL P 142 6.41 29.66 45.16
C VAL P 142 5.39 29.08 44.17
N ASP P 143 5.35 29.67 42.98
CA ASP P 143 4.43 29.24 41.93
C ASP P 143 4.74 27.80 41.47
N TYR P 144 6.03 27.50 41.33
CA TYR P 144 6.46 26.17 40.93
C TYR P 144 6.06 25.11 41.96
N LEU P 145 6.32 25.40 43.24
CA LEU P 145 5.96 24.45 44.30
C LEU P 145 4.46 24.28 44.40
N THR P 146 3.72 25.36 44.17
CA THR P 146 2.27 25.29 44.29
C THR P 146 1.61 24.56 43.12
N GLY P 147 2.00 24.93 41.90
CA GLY P 147 1.39 24.33 40.71
C GLY P 147 1.87 22.95 40.30
N ASP P 148 3.09 22.61 40.67
CA ASP P 148 3.64 21.30 40.32
C ASP P 148 3.63 20.34 41.51
N PHE P 149 4.37 20.71 42.56
CA PHE P 149 4.45 19.84 43.72
C PHE P 149 3.16 19.65 44.49
N LEU P 150 2.46 20.72 44.85
CA LEU P 150 1.22 20.53 45.60
C LEU P 150 0.17 19.80 44.75
N GLU P 151 0.17 20.07 43.45
CA GLU P 151 -0.79 19.40 42.56
C GLU P 151 -0.61 17.87 42.69
N GLU P 152 0.63 17.42 42.60
CA GLU P 152 0.92 15.99 42.71
C GLU P 152 0.56 15.47 44.11
N GLN P 153 0.81 16.28 45.13
CA GLN P 153 0.49 15.87 46.50
C GLN P 153 -0.99 15.65 46.73
N TYR P 154 -1.83 16.61 46.34
CA TYR P 154 -3.25 16.46 46.59
C TYR P 154 -3.88 15.31 45.83
N LYS P 155 -3.48 15.13 44.58
CA LYS P 155 -4.01 14.01 43.80
C LYS P 155 -3.56 12.69 44.43
N GLY P 156 -2.29 12.64 44.83
CA GLY P 156 -1.75 11.42 45.44
C GLY P 156 -2.44 11.06 46.74
N GLN P 157 -2.71 12.05 47.59
CA GLN P 157 -3.39 11.79 48.86
C GLN P 157 -4.79 11.24 48.62
N ARG P 158 -5.53 11.85 47.70
CA ARG P 158 -6.88 11.38 47.43
C ARG P 158 -6.84 9.95 46.91
N ASP P 159 -5.86 9.64 46.08
CA ASP P 159 -5.74 8.28 45.54
C ASP P 159 -5.48 7.28 46.67
N LEU P 160 -4.50 7.56 47.52
CA LEU P 160 -4.19 6.67 48.65
C LEU P 160 -5.35 6.55 49.63
N ALA P 161 -6.01 7.67 49.92
CA ALA P 161 -7.13 7.65 50.87
C ALA P 161 -8.25 6.76 50.33
N GLY P 162 -8.54 6.87 49.03
CA GLY P 162 -9.57 6.04 48.44
C GLY P 162 -9.19 4.56 48.49
N LYS P 163 -7.95 4.24 48.16
CA LYS P 163 -7.49 2.84 48.21
C LYS P 163 -7.63 2.30 49.63
N ALA P 164 -7.21 3.09 50.62
CA ALA P 164 -7.30 2.66 52.01
C ALA P 164 -8.74 2.43 52.43
N SER P 165 -9.65 3.34 52.07
CA SER P 165 -11.07 3.16 52.43
C SER P 165 -11.64 1.90 51.81
N THR P 166 -11.39 1.72 50.51
CA THR P 166 -11.92 0.56 49.80
C THR P 166 -11.43 -0.75 50.40
N LEU P 167 -10.13 -0.85 50.64
CA LEU P 167 -9.60 -2.10 51.19
C LEU P 167 -9.98 -2.30 52.66
N LYS P 168 -9.99 -1.23 53.44
CA LYS P 168 -10.31 -1.37 54.86
C LYS P 168 -11.72 -1.90 55.09
N LYS P 169 -12.66 -1.57 54.21
CA LYS P 169 -14.03 -2.07 54.36
C LYS P 169 -14.08 -3.59 54.27
N LEU P 170 -13.10 -4.18 53.60
CA LEU P 170 -13.06 -5.63 53.43
C LEU P 170 -12.40 -6.38 54.58
N MET P 171 -11.76 -5.65 55.48
CA MET P 171 -11.02 -6.29 56.55
C MET P 171 -11.77 -6.97 57.69
N ASP P 172 -12.97 -6.53 58.02
CA ASP P 172 -13.63 -7.19 59.13
C ASP P 172 -14.00 -8.65 58.84
N ARG P 173 -14.32 -8.99 57.59
CA ARG P 173 -14.66 -10.40 57.29
C ARG P 173 -13.92 -11.04 56.13
N HIS P 174 -13.18 -10.26 55.35
CA HIS P 174 -12.54 -10.80 54.16
C HIS P 174 -11.11 -10.35 54.01
N GLU P 175 -10.36 -10.45 55.10
CA GLU P 175 -8.97 -10.02 55.08
C GLU P 175 -8.11 -10.67 54.00
N ALA P 176 -8.16 -11.99 53.88
CA ALA P 176 -7.31 -12.66 52.90
C ALA P 176 -7.77 -12.55 51.47
N LEU P 177 -9.04 -12.87 51.22
CA LEU P 177 -9.54 -12.81 49.84
C LEU P 177 -9.67 -11.37 49.37
N GLY P 178 -10.09 -10.49 50.27
CA GLY P 178 -10.22 -9.09 49.90
C GLY P 178 -8.89 -8.49 49.49
N GLU P 179 -7.85 -8.72 50.28
CA GLU P 179 -6.54 -8.18 49.93
C GLU P 179 -5.97 -8.86 48.67
N PHE P 180 -6.22 -10.16 48.52
CA PHE P 180 -5.73 -10.85 47.34
C PHE P 180 -6.30 -10.24 46.06
N ILE P 181 -7.62 -10.04 46.02
CA ILE P 181 -8.26 -9.47 44.85
C ILE P 181 -7.80 -8.03 44.61
N PHE P 182 -7.77 -7.24 45.68
CA PHE P 182 -7.35 -5.84 45.58
C PHE P 182 -5.92 -5.75 45.03
N ASP P 183 -5.06 -6.64 45.52
CA ASP P 183 -3.65 -6.69 45.09
C ASP P 183 -3.56 -6.97 43.58
N LYS P 184 -4.34 -7.91 43.08
CA LYS P 184 -4.27 -8.20 41.65
C LYS P 184 -4.84 -7.04 40.84
N LYS P 185 -5.85 -6.36 41.36
CA LYS P 185 -6.40 -5.19 40.66
C LYS P 185 -5.30 -4.12 40.53
N LEU P 186 -4.39 -4.02 41.50
CA LEU P 186 -3.31 -3.04 41.40
C LEU P 186 -2.43 -3.37 40.20
N LEU P 187 -2.41 -4.65 39.80
CA LEU P 187 -1.62 -5.08 38.66
C LEU P 187 -2.46 -5.02 37.38
N GLY P 188 -3.70 -4.59 37.48
CA GLY P 188 -4.56 -4.52 36.31
C GLY P 188 -5.15 -5.88 35.96
N ILE P 189 -5.16 -6.79 36.93
CA ILE P 189 -5.69 -8.13 36.70
C ILE P 189 -7.04 -8.32 37.39
N ASP P 190 -8.08 -8.57 36.60
CA ASP P 190 -9.41 -8.82 37.14
C ASP P 190 -9.50 -10.33 37.22
N VAL P 191 -9.57 -10.88 38.42
CA VAL P 191 -9.65 -12.32 38.53
C VAL P 191 -11.02 -12.84 38.07
N THR Q 1 -32.98 -5.22 59.21
CA THR Q 1 -31.93 -5.87 58.36
C THR Q 1 -30.74 -4.93 58.12
N GLN Q 2 -29.55 -5.51 58.02
CA GLN Q 2 -28.32 -4.74 57.80
C GLN Q 2 -28.08 -4.59 56.30
N CYS Q 3 -28.51 -3.47 55.71
CA CYS Q 3 -28.35 -3.27 54.28
C CYS Q 3 -27.07 -2.57 53.89
N ASN Q 4 -26.33 -2.07 54.86
CA ASN Q 4 -25.09 -1.39 54.53
C ASN Q 4 -23.94 -1.89 55.39
N VAL Q 5 -22.73 -1.56 54.96
CA VAL Q 5 -21.55 -1.98 55.68
C VAL Q 5 -21.16 -0.97 56.75
N ASN Q 6 -20.80 -1.46 57.93
CA ASN Q 6 -20.39 -0.59 59.04
C ASN Q 6 -19.21 0.21 58.50
N PRO Q 7 -19.30 1.54 58.55
CA PRO Q 7 -18.22 2.40 58.05
C PRO Q 7 -16.87 2.17 58.73
N VAL Q 8 -15.80 2.49 58.01
CA VAL Q 8 -14.46 2.36 58.52
C VAL Q 8 -13.87 3.75 58.54
N GLN Q 9 -12.80 3.92 59.28
CA GLN Q 9 -12.17 5.23 59.38
C GLN Q 9 -10.72 5.09 58.97
N ILE Q 10 -10.24 6.06 58.19
CA ILE Q 10 -8.84 6.06 57.81
C ILE Q 10 -8.29 7.40 58.28
N PRO Q 11 -6.97 7.61 58.22
CA PRO Q 11 -6.35 8.87 58.63
C PRO Q 11 -7.00 10.06 57.94
N LYS Q 12 -7.16 11.17 58.65
CA LYS Q 12 -7.79 12.36 58.10
C LYS Q 12 -6.93 13.62 58.13
N ASP Q 13 -5.69 13.53 58.58
CA ASP Q 13 -4.84 14.72 58.64
C ASP Q 13 -4.66 15.38 57.28
N TRP Q 14 -4.75 14.60 56.21
CA TRP Q 14 -4.59 15.14 54.84
C TRP Q 14 -5.75 16.05 54.40
N ILE Q 15 -6.87 16.02 55.11
CA ILE Q 15 -8.07 16.81 54.77
C ILE Q 15 -7.88 18.16 55.44
N THR Q 16 -7.52 19.17 54.66
CA THR Q 16 -7.17 20.47 55.25
C THR Q 16 -7.92 21.73 54.91
N MET Q 17 -8.91 21.68 54.02
CA MET Q 17 -9.60 22.93 53.69
C MET Q 17 -10.27 23.54 54.91
N HIS Q 18 -10.26 24.87 54.99
CA HIS Q 18 -10.91 25.53 56.12
C HIS Q 18 -12.30 26.00 55.72
N ARG Q 19 -13.12 26.25 56.74
CA ARG Q 19 -14.52 26.62 56.54
C ARG Q 19 -14.88 27.80 55.66
N SER Q 20 -14.21 28.94 55.85
CA SER Q 20 -14.57 30.09 55.04
C SER Q 20 -14.34 29.81 53.54
N CYS Q 21 -13.19 29.21 53.24
CA CYS Q 21 -12.86 28.87 51.85
C CYS Q 21 -13.86 27.83 51.31
N ARG Q 22 -14.13 26.79 52.09
CA ARG Q 22 -15.06 25.77 51.65
C ARG Q 22 -16.46 26.35 51.41
N ASN Q 23 -16.92 27.21 52.31
CA ASN Q 23 -18.24 27.80 52.11
C ASN Q 23 -18.29 28.69 50.87
N SER Q 24 -17.21 29.41 50.58
CA SER Q 24 -17.19 30.25 49.38
C SER Q 24 -17.24 29.36 48.13
N MET Q 25 -16.57 28.22 48.18
CA MET Q 25 -16.58 27.28 47.04
C MET Q 25 -18.01 26.74 46.85
N ARG Q 26 -18.68 26.40 47.94
CA ARG Q 26 -20.05 25.86 47.84
C ARG Q 26 -20.98 26.91 47.22
N GLN Q 27 -20.79 28.16 47.59
CA GLN Q 27 -21.61 29.23 47.04
C GLN Q 27 -21.28 29.40 45.54
N GLN Q 28 -20.02 29.26 45.17
CA GLN Q 28 -19.63 29.40 43.76
C GLN Q 28 -20.28 28.29 42.92
N ILE Q 29 -20.35 27.08 43.48
CA ILE Q 29 -20.96 25.96 42.77
C ILE Q 29 -22.42 26.29 42.42
N GLN Q 30 -23.15 26.85 43.39
CA GLN Q 30 -24.55 27.22 43.12
C GLN Q 30 -24.60 28.33 42.08
N MET Q 31 -23.65 29.25 42.13
CA MET Q 31 -23.63 30.33 41.15
C MET Q 31 -23.41 29.81 39.72
N GLU Q 32 -22.52 28.84 39.55
CA GLU Q 32 -22.27 28.26 38.22
C GLU Q 32 -23.54 27.57 37.71
N VAL Q 33 -24.23 26.84 38.59
CA VAL Q 33 -25.46 26.17 38.21
C VAL Q 33 -26.51 27.21 37.81
N GLY Q 34 -26.62 28.29 38.58
CA GLY Q 34 -27.56 29.34 38.26
C GLY Q 34 -27.25 29.93 36.88
N ALA Q 35 -25.97 30.11 36.57
CA ALA Q 35 -25.59 30.63 35.27
C ALA Q 35 -25.98 29.62 34.17
N SER Q 36 -25.80 28.32 34.41
CA SER Q 36 -26.18 27.34 33.39
C SER Q 36 -27.68 27.43 33.08
N LEU Q 37 -28.49 27.64 34.11
CA LEU Q 37 -29.94 27.74 33.91
C LEU Q 37 -30.32 29.01 33.17
N GLN Q 38 -29.63 30.11 33.44
CA GLN Q 38 -29.94 31.36 32.75
C GLN Q 38 -29.57 31.24 31.26
N TYR Q 39 -28.46 30.57 30.96
CA TYR Q 39 -28.06 30.36 29.56
C TYR Q 39 -29.06 29.44 28.86
N LEU Q 40 -29.60 28.45 29.57
CA LEU Q 40 -30.59 27.57 28.94
C LEU Q 40 -31.79 28.40 28.49
N ALA Q 41 -32.18 29.37 29.30
CA ALA Q 41 -33.32 30.21 28.96
C ALA Q 41 -33.01 31.09 27.74
N MET Q 42 -31.75 31.52 27.59
CA MET Q 42 -31.37 32.30 26.41
C MET Q 42 -31.43 31.40 25.18
N GLY Q 43 -30.92 30.18 25.31
CA GLY Q 43 -30.97 29.25 24.18
C GLY Q 43 -32.42 29.01 23.76
N ALA Q 44 -33.30 28.83 24.74
CA ALA Q 44 -34.72 28.61 24.47
C ALA Q 44 -35.34 29.81 23.74
N HIS Q 45 -35.01 31.01 24.18
CA HIS Q 45 -35.56 32.22 23.55
C HIS Q 45 -35.17 32.33 22.07
N PHE Q 46 -33.90 32.15 21.76
CA PHE Q 46 -33.48 32.28 20.37
C PHE Q 46 -33.88 31.12 19.48
N SER Q 47 -34.39 30.04 20.10
CA SER Q 47 -34.87 28.88 19.37
C SER Q 47 -36.33 29.08 18.90
N LYS Q 48 -37.02 30.07 19.46
CA LYS Q 48 -38.43 30.29 19.08
C LYS Q 48 -38.59 30.60 17.59
N ASP Q 49 -39.68 30.10 17.01
CA ASP Q 49 -39.92 30.33 15.57
C ASP Q 49 -40.02 31.81 15.23
N VAL Q 50 -40.57 32.61 16.13
CA VAL Q 50 -40.70 34.04 15.87
C VAL Q 50 -39.42 34.85 16.12
N VAL Q 51 -38.39 34.20 16.67
CA VAL Q 51 -37.10 34.89 16.89
C VAL Q 51 -36.15 34.33 15.84
N ASN Q 52 -36.07 33.01 15.81
CA ASN Q 52 -35.30 32.29 14.79
C ASN Q 52 -33.85 32.71 14.58
N ARG Q 53 -33.03 32.63 15.63
CA ARG Q 53 -31.61 32.96 15.53
C ARG Q 53 -30.89 31.70 16.04
N PRO Q 54 -30.79 30.67 15.17
CA PRO Q 54 -30.13 29.42 15.55
C PRO Q 54 -28.67 29.54 15.97
N GLY Q 55 -27.99 30.55 15.43
CA GLY Q 55 -26.59 30.76 15.81
C GLY Q 55 -26.52 31.18 17.26
N PHE Q 56 -27.36 32.14 17.65
CA PHE Q 56 -27.39 32.58 19.05
C PHE Q 56 -27.90 31.46 19.95
N ALA Q 57 -28.90 30.71 19.49
CA ALA Q 57 -29.42 29.62 20.30
C ALA Q 57 -28.31 28.63 20.64
N GLN Q 58 -27.54 28.22 19.63
CA GLN Q 58 -26.46 27.26 19.83
C GLN Q 58 -25.37 27.85 20.74
N LEU Q 59 -25.06 29.13 20.54
CA LEU Q 59 -24.05 29.80 21.36
C LEU Q 59 -24.43 29.69 22.84
N PHE Q 60 -25.69 29.97 23.16
CA PHE Q 60 -26.11 29.94 24.54
C PHE Q 60 -26.37 28.55 25.11
N PHE Q 61 -26.80 27.59 24.29
CA PHE Q 61 -26.95 26.23 24.81
C PHE Q 61 -25.52 25.71 25.11
N ASP Q 62 -24.56 26.05 24.25
CA ASP Q 62 -23.16 25.64 24.51
C ASP Q 62 -22.68 26.26 25.81
N ALA Q 63 -23.01 27.54 26.03
CA ALA Q 63 -22.59 28.22 27.26
C ALA Q 63 -23.24 27.57 28.49
N ALA Q 64 -24.49 27.13 28.35
CA ALA Q 64 -25.17 26.47 29.48
C ALA Q 64 -24.42 25.19 29.86
N SER Q 65 -24.05 24.39 28.86
CA SER Q 65 -23.34 23.14 29.14
C SER Q 65 -21.96 23.41 29.74
N GLU Q 66 -21.31 24.48 29.29
CA GLU Q 66 -20.00 24.85 29.83
C GLU Q 66 -20.12 25.25 31.30
N GLU Q 67 -21.16 26.00 31.67
CA GLU Q 67 -21.32 26.41 33.07
C GLU Q 67 -21.57 25.17 33.95
N ARG Q 68 -22.31 24.20 33.41
CA ARG Q 68 -22.55 22.97 34.15
C ARG Q 68 -21.20 22.28 34.38
N GLU Q 69 -20.33 22.29 33.37
CA GLU Q 69 -19.01 21.68 33.53
C GLU Q 69 -18.19 22.44 34.59
N HIS Q 70 -18.33 23.77 34.67
CA HIS Q 70 -17.61 24.55 35.69
C HIS Q 70 -18.06 24.11 37.07
N ALA Q 71 -19.36 23.93 37.25
CA ALA Q 71 -19.87 23.49 38.55
C ALA Q 71 -19.27 22.12 38.89
N MET Q 72 -19.24 21.21 37.92
CA MET Q 72 -18.68 19.89 38.15
C MET Q 72 -17.20 19.94 38.52
N LYS Q 73 -16.44 20.83 37.89
CA LYS Q 73 -15.01 20.94 38.21
C LYS Q 73 -14.80 21.39 39.67
N LEU Q 74 -15.62 22.33 40.14
CA LEU Q 74 -15.49 22.80 41.52
C LEU Q 74 -15.85 21.69 42.49
N ILE Q 75 -16.90 20.93 42.17
CA ILE Q 75 -17.31 19.81 43.01
C ILE Q 75 -16.18 18.77 43.04
N GLU Q 76 -15.58 18.46 41.89
CA GLU Q 76 -14.49 17.49 41.85
C GLU Q 76 -13.30 17.96 42.70
N TYR Q 77 -13.05 19.27 42.72
CA TYR Q 77 -11.94 19.78 43.51
C TYR Q 77 -12.21 19.50 45.00
N LEU Q 78 -13.42 19.81 45.46
CA LEU Q 78 -13.75 19.56 46.87
C LEU Q 78 -13.61 18.06 47.20
N LEU Q 79 -14.06 17.20 46.30
CA LEU Q 79 -13.97 15.75 46.54
C LEU Q 79 -12.52 15.31 46.65
N MET Q 80 -11.66 15.86 45.79
CA MET Q 80 -10.24 15.52 45.81
C MET Q 80 -9.60 15.90 47.15
N ARG Q 81 -10.05 17.00 47.74
CA ARG Q 81 -9.51 17.46 49.01
C ARG Q 81 -10.09 16.72 50.23
N GLY Q 82 -11.00 15.78 49.99
CA GLY Q 82 -11.55 15.01 51.10
C GLY Q 82 -12.88 15.53 51.63
N GLU Q 83 -13.48 16.48 50.93
CA GLU Q 83 -14.76 17.04 51.36
C GLU Q 83 -15.95 16.31 50.75
N LEU Q 84 -17.14 16.80 51.08
CA LEU Q 84 -18.39 16.25 50.60
C LEU Q 84 -18.69 14.81 50.98
N THR Q 85 -18.28 14.43 52.19
CA THR Q 85 -18.60 13.10 52.71
C THR Q 85 -20.02 13.24 53.28
N ASN Q 86 -20.50 14.47 53.37
CA ASN Q 86 -21.88 14.79 53.79
C ASN Q 86 -22.19 16.20 53.27
N ASP Q 87 -23.41 16.70 53.49
CA ASP Q 87 -23.80 18.04 53.01
C ASP Q 87 -23.73 18.15 51.49
N VAL Q 88 -24.07 17.07 50.80
CA VAL Q 88 -24.04 17.10 49.36
C VAL Q 88 -25.41 17.54 48.81
N SER Q 89 -26.48 17.03 49.40
CA SER Q 89 -27.84 17.36 48.93
C SER Q 89 -28.12 18.86 48.93
N SER Q 90 -27.57 19.57 49.91
CA SER Q 90 -27.80 21.02 50.02
C SER Q 90 -26.88 21.86 49.14
N LEU Q 91 -25.99 21.23 48.37
CA LEU Q 91 -25.08 21.99 47.52
C LEU Q 91 -25.75 22.81 46.43
N LEU Q 92 -26.83 22.26 45.87
CA LEU Q 92 -27.51 22.90 44.75
C LEU Q 92 -29.00 22.94 44.84
N GLN Q 93 -29.57 23.92 44.15
CA GLN Q 93 -31.01 24.07 44.07
C GLN Q 93 -31.30 24.57 42.66
N VAL Q 94 -32.17 23.86 41.94
CA VAL Q 94 -32.54 24.28 40.59
C VAL Q 94 -33.79 25.13 40.72
N ARG Q 95 -33.75 26.34 40.18
CA ARG Q 95 -34.90 27.25 40.23
C ARG Q 95 -35.03 27.94 38.88
N PRO Q 96 -36.24 28.38 38.52
CA PRO Q 96 -36.43 29.05 37.23
C PRO Q 96 -35.53 30.29 37.17
N PRO Q 97 -34.93 30.57 36.01
CA PRO Q 97 -34.07 31.76 35.93
C PRO Q 97 -34.91 33.04 35.98
N THR Q 98 -34.26 34.12 36.36
CA THR Q 98 -34.86 35.43 36.51
C THR Q 98 -35.36 36.06 35.22
N ARG Q 99 -34.62 35.86 34.14
CA ARG Q 99 -35.01 36.46 32.87
C ARG Q 99 -35.29 35.39 31.83
N SER Q 100 -36.29 35.62 30.97
CA SER Q 100 -36.63 34.63 29.96
C SER Q 100 -36.79 35.21 28.56
N SER Q 101 -36.64 36.52 28.43
CA SER Q 101 -36.78 37.15 27.12
C SER Q 101 -35.78 38.29 26.96
N TRP Q 102 -35.34 38.53 25.71
CA TRP Q 102 -34.38 39.58 25.38
C TRP Q 102 -34.88 40.25 24.09
N LYS Q 103 -34.67 41.55 23.96
CA LYS Q 103 -35.13 42.26 22.77
C LYS Q 103 -34.44 41.78 21.49
N GLY Q 104 -33.15 41.47 21.59
CA GLY Q 104 -32.42 41.00 20.43
C GLY Q 104 -31.09 40.42 20.85
N GLY Q 105 -30.26 40.08 19.87
CA GLY Q 105 -28.95 39.50 20.16
C GLY Q 105 -28.07 40.41 21.01
N VAL Q 106 -28.08 41.72 20.73
CA VAL Q 106 -27.25 42.62 21.53
C VAL Q 106 -27.62 42.58 23.02
N GLU Q 107 -28.91 42.66 23.34
CA GLU Q 107 -29.31 42.61 24.75
C GLU Q 107 -28.86 41.32 25.41
N ALA Q 108 -28.97 40.20 24.69
CA ALA Q 108 -28.56 38.92 25.26
C ALA Q 108 -27.05 38.87 25.45
N LEU Q 109 -26.29 39.36 24.48
CA LEU Q 109 -24.82 39.37 24.62
C LEU Q 109 -24.38 40.26 25.79
N GLU Q 110 -25.04 41.42 25.95
CA GLU Q 110 -24.69 42.32 27.04
C GLU Q 110 -25.08 41.71 28.38
N HIS Q 111 -26.19 41.00 28.42
CA HIS Q 111 -26.60 40.35 29.65
C HIS Q 111 -25.57 39.23 29.97
N ALA Q 112 -25.18 38.45 28.96
CA ALA Q 112 -24.19 37.40 29.19
C ALA Q 112 -22.87 38.01 29.69
N LEU Q 113 -22.46 39.12 29.10
CA LEU Q 113 -21.22 39.78 29.53
C LEU Q 113 -21.31 40.18 31.00
N SER Q 114 -22.46 40.73 31.39
CA SER Q 114 -22.68 41.13 32.78
C SER Q 114 -22.70 39.92 33.72
N MET Q 115 -23.29 38.81 33.28
CA MET Q 115 -23.31 37.59 34.09
C MET Q 115 -21.87 37.09 34.28
N GLU Q 116 -21.09 37.10 33.20
CA GLU Q 116 -19.70 36.62 33.30
C GLU Q 116 -18.88 37.54 34.21
N SER Q 117 -19.12 38.84 34.09
CA SER Q 117 -18.44 39.84 34.90
C SER Q 117 -18.74 39.55 36.40
N ASP Q 118 -20.00 39.22 36.71
CA ASP Q 118 -20.38 38.89 38.09
C ASP Q 118 -19.68 37.61 38.56
N VAL Q 119 -19.57 36.63 37.68
CA VAL Q 119 -18.91 35.37 38.04
C VAL Q 119 -17.42 35.63 38.31
N THR Q 120 -16.80 36.47 37.48
CA THR Q 120 -15.38 36.78 37.66
C THR Q 120 -15.15 37.41 39.03
N LYS Q 121 -16.00 38.37 39.38
CA LYS Q 121 -15.88 39.04 40.66
C LYS Q 121 -16.10 38.04 41.80
N SER Q 122 -17.05 37.14 41.64
CA SER Q 122 -17.32 36.14 42.67
C SER Q 122 -16.12 35.18 42.84
N ILE Q 123 -15.51 34.75 41.74
CA ILE Q 123 -14.34 33.86 41.84
C ILE Q 123 -13.19 34.60 42.55
N ARG Q 124 -13.01 35.88 42.24
CA ARG Q 124 -11.95 36.66 42.91
C ARG Q 124 -12.24 36.70 44.41
N ASN Q 125 -13.52 36.76 44.79
CA ASN Q 125 -13.87 36.76 46.21
C ASN Q 125 -13.62 35.38 46.85
N VAL Q 126 -13.77 34.31 46.09
CA VAL Q 126 -13.47 32.97 46.64
C VAL Q 126 -11.95 32.91 46.86
N ILE Q 127 -11.20 33.44 45.89
CA ILE Q 127 -9.74 33.45 46.01
C ILE Q 127 -9.33 34.23 47.28
N LYS Q 128 -9.93 35.39 47.50
CA LYS Q 128 -9.61 36.19 48.69
C LYS Q 128 -9.91 35.40 49.98
N ALA Q 129 -11.08 34.79 50.04
CA ALA Q 129 -11.44 34.01 51.23
C ALA Q 129 -10.47 32.86 51.47
N CYS Q 130 -10.07 32.18 50.40
CA CYS Q 130 -9.19 31.03 50.51
C CYS Q 130 -7.74 31.40 50.78
N GLU Q 131 -7.33 32.56 50.30
CA GLU Q 131 -5.95 33.00 50.50
C GLU Q 131 -5.74 33.73 51.81
N ASP Q 132 -6.70 34.57 52.20
CA ASP Q 132 -6.53 35.39 53.37
C ASP Q 132 -7.02 34.89 54.72
N ASP Q 133 -7.48 33.64 54.79
CA ASP Q 133 -7.92 33.09 56.06
C ASP Q 133 -6.66 33.11 56.94
N SER Q 134 -6.72 33.78 58.09
CA SER Q 134 -5.54 33.88 58.95
C SER Q 134 -4.98 32.53 59.42
N GLU Q 135 -5.82 31.50 59.45
CA GLU Q 135 -5.36 30.19 59.90
C GLU Q 135 -4.82 29.28 58.81
N PHE Q 136 -5.16 29.54 57.56
CA PHE Q 136 -4.73 28.64 56.49
C PHE Q 136 -4.85 29.29 55.11
N ASN Q 137 -3.71 29.53 54.47
CA ASN Q 137 -3.70 30.10 53.12
C ASN Q 137 -3.75 28.88 52.20
N ASP Q 138 -4.85 28.69 51.48
CA ASP Q 138 -4.95 27.50 50.63
C ASP Q 138 -4.27 27.76 49.29
N TYR Q 139 -2.94 27.67 49.28
CA TYR Q 139 -2.16 27.96 48.07
C TYR Q 139 -2.64 27.25 46.80
N HIS Q 140 -2.87 25.94 46.92
CA HIS Q 140 -3.25 25.18 45.75
C HIS Q 140 -4.59 25.54 45.15
N LEU Q 141 -5.61 25.71 45.98
CA LEU Q 141 -6.92 26.07 45.45
C LEU Q 141 -6.88 27.49 44.85
N VAL Q 142 -6.19 28.40 45.52
CA VAL Q 142 -6.08 29.77 45.00
C VAL Q 142 -5.46 29.72 43.59
N ASP Q 143 -4.41 28.93 43.46
CA ASP Q 143 -3.71 28.77 42.18
C ASP Q 143 -4.62 28.16 41.11
N TYR Q 144 -5.40 27.16 41.51
CA TYR Q 144 -6.34 26.50 40.59
C TYR Q 144 -7.41 27.48 40.10
N LEU Q 145 -7.99 28.24 41.02
CA LEU Q 145 -9.03 29.21 40.63
C LEU Q 145 -8.45 30.31 39.76
N THR Q 146 -7.21 30.70 40.04
CA THR Q 146 -6.60 31.78 39.28
C THR Q 146 -6.17 31.35 37.88
N GLY Q 147 -5.47 30.22 37.79
CA GLY Q 147 -4.96 29.76 36.51
C GLY Q 147 -5.95 29.07 35.58
N ASP Q 148 -6.98 28.47 36.14
CA ASP Q 148 -7.99 27.78 35.33
C ASP Q 148 -9.26 28.59 35.18
N PHE Q 149 -9.92 28.87 36.31
CA PHE Q 149 -11.17 29.61 36.25
C PHE Q 149 -11.06 31.04 35.79
N LEU Q 150 -10.16 31.83 36.36
CA LEU Q 150 -10.06 33.23 35.90
C LEU Q 150 -9.60 33.30 34.44
N GLU Q 151 -8.73 32.38 34.03
CA GLU Q 151 -8.26 32.36 32.65
C GLU Q 151 -9.48 32.26 31.70
N GLU Q 152 -10.36 31.31 31.99
CA GLU Q 152 -11.56 31.13 31.18
C GLU Q 152 -12.46 32.37 31.24
N GLN Q 153 -12.56 32.97 32.42
CA GLN Q 153 -13.40 34.16 32.57
C GLN Q 153 -12.94 35.34 31.75
N TYR Q 154 -11.64 35.68 31.82
CA TYR Q 154 -11.17 36.84 31.07
C TYR Q 154 -11.26 36.65 29.57
N LYS Q 155 -10.93 35.46 29.08
CA LYS Q 155 -11.03 35.21 27.64
C LYS Q 155 -12.51 35.30 27.22
N GLY Q 156 -13.38 34.72 28.03
CA GLY Q 156 -14.81 34.73 27.72
C GLY Q 156 -15.40 36.13 27.68
N GLN Q 157 -15.02 36.98 28.64
CA GLN Q 157 -15.52 38.35 28.68
C GLN Q 157 -15.08 39.11 27.44
N ARG Q 158 -13.81 38.98 27.06
CA ARG Q 158 -13.31 39.69 25.89
C ARG Q 158 -14.06 39.22 24.65
N ASP Q 159 -14.34 37.93 24.57
CA ASP Q 159 -15.05 37.40 23.41
C ASP Q 159 -16.47 37.99 23.33
N LEU Q 160 -17.20 37.95 24.43
CA LEU Q 160 -18.56 38.50 24.47
C LEU Q 160 -18.58 40.00 24.23
N ALA Q 161 -17.62 40.73 24.82
CA ALA Q 161 -17.57 42.18 24.64
C ALA Q 161 -17.35 42.53 23.16
N GLY Q 162 -16.46 41.78 22.51
CA GLY Q 162 -16.20 42.03 21.09
C GLY Q 162 -17.45 41.74 20.25
N LYS Q 163 -18.11 40.62 20.54
CA LYS Q 163 -19.34 40.28 19.79
C LYS Q 163 -20.39 41.38 19.98
N ALA Q 164 -20.57 41.84 21.22
CA ALA Q 164 -21.55 42.88 21.49
C ALA Q 164 -21.20 44.17 20.75
N SER Q 165 -19.93 44.58 20.76
CA SER Q 165 -19.53 45.80 20.05
C SER Q 165 -19.80 45.69 18.56
N THR Q 166 -19.37 44.58 17.98
CA THR Q 166 -19.55 44.37 16.54
C THR Q 166 -21.01 44.40 16.12
N LEU Q 167 -21.85 43.68 16.84
CA LEU Q 167 -23.27 43.66 16.49
C LEU Q 167 -23.98 44.97 16.81
N LYS Q 168 -23.64 45.59 17.93
CA LYS Q 168 -24.31 46.83 18.30
C LYS Q 168 -24.10 47.95 17.28
N LYS Q 169 -22.95 47.98 16.63
CA LYS Q 169 -22.69 49.01 15.61
C LYS Q 169 -23.66 48.90 14.45
N LEU Q 170 -24.22 47.70 14.24
CA LEU Q 170 -25.16 47.49 13.13
C LEU Q 170 -26.60 47.84 13.47
N MET Q 171 -26.89 48.07 14.74
CA MET Q 171 -28.26 48.31 15.15
C MET Q 171 -28.95 49.62 14.79
N ASP Q 172 -28.21 50.71 14.63
CA ASP Q 172 -28.92 51.93 14.31
C ASP Q 172 -29.59 51.91 12.93
N ARG Q 173 -29.03 51.21 11.95
CA ARG Q 173 -29.68 51.16 10.64
C ARG Q 173 -29.88 49.78 10.02
N HIS Q 174 -29.31 48.75 10.62
CA HIS Q 174 -29.38 47.42 10.02
C HIS Q 174 -29.71 46.34 11.03
N GLU Q 175 -30.71 46.61 11.85
CA GLU Q 175 -31.10 45.67 12.88
C GLU Q 175 -31.42 44.26 12.38
N ALA Q 176 -32.25 44.14 11.36
CA ALA Q 176 -32.64 42.81 10.87
C ALA Q 176 -31.57 42.11 10.05
N LEU Q 177 -31.03 42.78 9.04
CA LEU Q 177 -30.04 42.13 8.20
C LEU Q 177 -28.72 41.95 8.95
N GLY Q 178 -28.37 42.93 9.78
CA GLY Q 178 -27.14 42.82 10.55
C GLY Q 178 -27.18 41.63 11.49
N GLU Q 179 -28.26 41.47 12.23
CA GLU Q 179 -28.36 40.34 13.15
C GLU Q 179 -28.46 39.02 12.40
N PHE Q 180 -29.16 39.02 11.26
CA PHE Q 180 -29.28 37.79 10.48
C PHE Q 180 -27.90 37.29 10.04
N ILE Q 181 -27.09 38.17 9.48
CA ILE Q 181 -25.76 37.80 9.01
C ILE Q 181 -24.86 37.37 10.18
N PHE Q 182 -24.88 38.15 11.25
CA PHE Q 182 -24.07 37.87 12.43
C PHE Q 182 -24.44 36.49 13.00
N ASP Q 183 -25.74 36.20 13.04
CA ASP Q 183 -26.25 34.93 13.55
C ASP Q 183 -25.72 33.76 12.72
N LYS Q 184 -25.70 33.90 11.39
CA LYS Q 184 -25.21 32.79 10.57
C LYS Q 184 -23.70 32.65 10.73
N LYS Q 185 -22.99 33.77 10.94
CA LYS Q 185 -21.54 33.69 11.17
C LYS Q 185 -21.28 32.89 12.45
N LEU Q 186 -22.16 32.97 13.44
CA LEU Q 186 -21.97 32.20 14.67
C LEU Q 186 -22.01 30.70 14.35
N LEU Q 187 -22.71 30.34 13.27
CA LEU Q 187 -22.80 28.94 12.85
C LEU Q 187 -21.69 28.59 11.86
N GLY Q 188 -20.82 29.56 11.57
CA GLY Q 188 -19.74 29.30 10.63
C GLY Q 188 -20.20 29.38 9.19
N ILE Q 189 -21.33 30.06 8.96
CA ILE Q 189 -21.87 30.20 7.62
C ILE Q 189 -21.69 31.62 7.10
N ASP Q 190 -20.94 31.74 6.00
CA ASP Q 190 -20.73 33.05 5.38
C ASP Q 190 -21.77 33.08 4.28
N VAL Q 191 -22.73 33.98 4.39
CA VAL Q 191 -23.77 34.05 3.36
C VAL Q 191 -23.19 34.62 2.06
N THR R 1 -17.88 65.39 5.70
CA THR R 1 -18.42 64.03 5.41
C THR R 1 -18.24 63.09 6.60
N GLN R 2 -19.18 62.16 6.77
CA GLN R 2 -19.14 61.20 7.86
C GLN R 2 -18.39 59.94 7.43
N CYS R 3 -17.09 59.88 7.73
CA CYS R 3 -16.28 58.73 7.33
C CYS R 3 -16.23 57.60 8.32
N ASN R 4 -16.77 57.82 9.52
CA ASN R 4 -16.75 56.77 10.50
C ASN R 4 -18.12 56.58 11.15
N VAL R 5 -18.27 55.46 11.83
CA VAL R 5 -19.52 55.15 12.48
C VAL R 5 -19.57 55.70 13.89
N ASN R 6 -20.69 56.30 14.26
CA ASN R 6 -20.87 56.85 15.60
C ASN R 6 -20.63 55.70 16.56
N PRO R 7 -19.69 55.86 17.50
CA PRO R 7 -19.37 54.80 18.46
C PRO R 7 -20.56 54.36 19.32
N VAL R 8 -20.49 53.11 19.78
CA VAL R 8 -21.52 52.55 20.63
C VAL R 8 -20.86 52.23 21.95
N GLN R 9 -21.67 52.05 22.98
CA GLN R 9 -21.11 51.75 24.28
C GLN R 9 -21.72 50.45 24.78
N ILE R 10 -20.90 49.60 25.37
CA ILE R 10 -21.41 48.37 25.94
C ILE R 10 -20.98 48.40 27.40
N PRO R 11 -21.47 47.45 28.22
CA PRO R 11 -21.12 47.39 29.65
C PRO R 11 -19.60 47.39 29.83
N LYS R 12 -19.12 48.07 30.88
CA LYS R 12 -17.70 48.16 31.15
C LYS R 12 -17.27 47.65 32.52
N ASP R 13 -18.19 47.12 33.31
CA ASP R 13 -17.81 46.64 34.64
C ASP R 13 -16.73 45.57 34.61
N TRP R 14 -16.68 44.81 33.51
CA TRP R 14 -15.69 43.73 33.36
C TRP R 14 -14.24 44.24 33.21
N ILE R 15 -14.07 45.53 32.91
CA ILE R 15 -12.75 46.14 32.70
C ILE R 15 -12.26 46.56 34.07
N THR R 16 -11.32 45.81 34.63
CA THR R 16 -10.91 46.05 36.01
C THR R 16 -9.47 46.37 36.37
N MET R 17 -8.55 46.41 35.41
CA MET R 17 -7.17 46.69 35.78
C MET R 17 -7.05 48.08 36.43
N HIS R 18 -6.17 48.19 37.42
CA HIS R 18 -5.97 49.48 38.06
C HIS R 18 -4.74 50.18 37.49
N ARG R 19 -4.68 51.49 37.69
CA ARG R 19 -3.63 52.32 37.12
C ARG R 19 -2.17 51.98 37.38
N SER R 20 -1.80 51.71 38.63
CA SER R 20 -0.41 51.42 38.91
C SER R 20 0.05 50.16 38.15
N CYS R 21 -0.77 49.14 38.19
CA CYS R 21 -0.46 47.88 37.49
C CYS R 21 -0.41 48.12 35.97
N ARG R 22 -1.40 48.83 35.44
CA ARG R 22 -1.42 49.10 34.01
C ARG R 22 -0.20 49.91 33.58
N ASN R 23 0.18 50.91 34.36
CA ASN R 23 1.35 51.70 33.99
C ASN R 23 2.63 50.87 34.05
N SER R 24 2.74 49.96 35.01
CA SER R 24 3.94 49.11 35.08
C SER R 24 3.99 48.20 33.86
N MET R 25 2.84 47.72 33.40
CA MET R 25 2.78 46.87 32.21
C MET R 25 3.21 47.66 30.98
N ARG R 26 2.75 48.91 30.87
CA ARG R 26 3.12 49.75 29.72
C ARG R 26 4.63 49.98 29.69
N GLN R 27 5.22 50.18 30.87
CA GLN R 27 6.65 50.39 30.96
C GLN R 27 7.38 49.09 30.57
N GLN R 28 6.84 47.94 30.97
CA GLN R 28 7.48 46.67 30.63
C GLN R 28 7.46 46.44 29.11
N ILE R 29 6.37 46.84 28.47
CA ILE R 29 6.27 46.68 27.02
C ILE R 29 7.40 47.46 26.33
N GLN R 30 7.66 48.68 26.77
CA GLN R 30 8.74 49.47 26.18
C GLN R 30 10.09 48.80 26.47
N MET R 31 10.23 48.23 27.67
CA MET R 31 11.47 47.56 28.01
C MET R 31 11.74 46.35 27.10
N GLU R 32 10.71 45.57 26.80
CA GLU R 32 10.87 44.39 25.92
C GLU R 32 11.30 44.87 24.52
N VAL R 33 10.67 45.94 24.04
CA VAL R 33 11.03 46.47 22.72
C VAL R 33 12.47 46.96 22.73
N GLY R 34 12.87 47.64 23.80
CA GLY R 34 14.25 48.10 23.92
C GLY R 34 15.21 46.91 23.88
N ALA R 35 14.86 45.82 24.54
CA ALA R 35 15.71 44.64 24.52
C ALA R 35 15.77 44.06 23.10
N SER R 36 14.65 44.06 22.36
CA SER R 36 14.69 43.52 21.00
C SER R 36 15.66 44.33 20.14
N LEU R 37 15.68 45.65 20.33
CA LEU R 37 16.57 46.50 19.54
C LEU R 37 18.03 46.28 19.91
N GLN R 38 18.31 46.06 21.20
CA GLN R 38 19.69 45.84 21.61
C GLN R 38 20.19 44.49 21.05
N TYR R 39 19.32 43.48 21.01
CA TYR R 39 19.71 42.17 20.45
C TYR R 39 19.93 42.30 18.94
N LEU R 40 19.14 43.14 18.27
CA LEU R 40 19.35 43.32 16.82
C LEU R 40 20.77 43.85 16.59
N ALA R 41 21.22 44.76 17.44
CA ALA R 41 22.55 45.33 17.29
C ALA R 41 23.62 44.26 17.52
N MET R 42 23.37 43.32 18.43
CA MET R 42 24.33 42.24 18.67
C MET R 42 24.37 41.35 17.43
N GLY R 43 23.21 41.04 16.88
CA GLY R 43 23.18 40.22 15.67
C GLY R 43 23.95 40.88 14.55
N ALA R 44 23.76 42.20 14.40
CA ALA R 44 24.46 42.95 13.36
C ALA R 44 25.97 42.91 13.56
N HIS R 45 26.42 43.05 14.80
CA HIS R 45 27.85 43.03 15.10
C HIS R 45 28.51 41.70 14.71
N PHE R 46 27.90 40.59 15.12
CA PHE R 46 28.51 39.30 14.81
C PHE R 46 28.35 38.87 13.36
N SER R 47 27.55 39.62 12.60
CA SER R 47 27.36 39.36 11.17
C SER R 47 28.46 40.03 10.34
N LYS R 48 29.22 40.97 10.93
CA LYS R 48 30.27 41.66 10.18
C LYS R 48 31.33 40.71 9.63
N ASP R 49 31.84 41.00 8.44
CA ASP R 49 32.85 40.14 7.82
C ASP R 49 34.11 40.02 8.68
N VAL R 50 34.47 41.10 9.37
CA VAL R 50 35.66 41.06 10.22
C VAL R 50 35.45 40.41 11.57
N VAL R 51 34.21 40.06 11.91
CA VAL R 51 33.94 39.39 13.19
C VAL R 51 33.60 37.93 12.83
N ASN R 52 32.67 37.80 11.89
CA ASN R 52 32.31 36.50 11.33
C ASN R 52 31.98 35.37 12.30
N ARG R 53 30.98 35.57 13.15
CA ARG R 53 30.54 34.54 14.09
C ARG R 53 29.04 34.35 13.80
N PRO R 54 28.73 33.61 12.71
CA PRO R 54 27.33 33.37 12.33
C PRO R 54 26.47 32.67 13.39
N GLY R 55 27.10 31.87 14.23
CA GLY R 55 26.37 31.19 15.29
C GLY R 55 25.87 32.22 16.29
N PHE R 56 26.75 33.12 16.71
CA PHE R 56 26.35 34.19 17.64
C PHE R 56 25.36 35.13 16.98
N ALA R 57 25.58 35.45 15.70
CA ALA R 57 24.65 36.35 15.01
C ALA R 57 23.24 35.77 15.04
N GLN R 58 23.10 34.51 14.70
CA GLN R 58 21.78 33.86 14.67
C GLN R 58 21.19 33.80 16.07
N LEU R 59 22.02 33.50 17.07
CA LEU R 59 21.55 33.44 18.46
C LEU R 59 20.91 34.77 18.85
N PHE R 60 21.56 35.88 18.52
CA PHE R 60 21.04 37.18 18.91
C PHE R 60 19.90 37.69 18.04
N PHE R 61 19.88 37.35 16.75
CA PHE R 61 18.74 37.76 15.91
C PHE R 61 17.52 36.98 16.43
N ASP R 62 17.70 35.71 16.81
CA ASP R 62 16.59 34.92 17.35
C ASP R 62 16.11 35.57 18.66
N ALA R 63 17.04 36.01 19.49
CA ALA R 63 16.67 36.65 20.76
C ALA R 63 15.91 37.96 20.50
N ALA R 64 16.30 38.69 19.47
CA ALA R 64 15.61 39.94 19.15
C ALA R 64 14.14 39.64 18.80
N SER R 65 13.92 38.63 17.97
CA SER R 65 12.55 38.28 17.58
C SER R 65 11.74 37.79 18.77
N GLU R 66 12.39 37.07 19.68
CA GLU R 66 11.71 36.58 20.87
C GLU R 66 11.28 37.75 21.77
N GLU R 67 12.13 38.77 21.92
CA GLU R 67 11.77 39.91 22.77
C GLU R 67 10.58 40.66 22.14
N ARG R 68 10.56 40.73 20.81
CA ARG R 68 9.44 41.37 20.13
C ARG R 68 8.17 40.58 20.45
N GLU R 69 8.27 39.26 20.46
CA GLU R 69 7.10 38.43 20.80
C GLU R 69 6.66 38.69 22.26
N HIS R 70 7.62 38.90 23.17
CA HIS R 70 7.27 39.18 24.58
C HIS R 70 6.48 40.48 24.65
N ALA R 71 6.91 41.49 23.91
CA ALA R 71 6.19 42.76 23.90
C ALA R 71 4.76 42.52 23.40
N MET R 72 4.62 41.76 22.33
CA MET R 72 3.30 41.49 21.76
C MET R 72 2.40 40.74 22.76
N LYS R 73 2.97 39.80 23.52
CA LYS R 73 2.16 39.07 24.50
C LYS R 73 1.62 39.99 25.59
N LEU R 74 2.43 40.95 26.04
CA LEU R 74 1.98 41.88 27.08
C LEU R 74 0.89 42.79 26.52
N ILE R 75 1.06 43.23 25.28
CA ILE R 75 0.05 44.07 24.63
C ILE R 75 -1.27 43.27 24.50
N GLU R 76 -1.18 42.01 24.08
CA GLU R 76 -2.39 41.19 23.94
C GLU R 76 -3.08 41.01 25.29
N TYR R 77 -2.31 40.92 26.37
CA TYR R 77 -2.92 40.75 27.68
C TYR R 77 -3.76 42.01 28.01
N LEU R 78 -3.17 43.19 27.81
CA LEU R 78 -3.91 44.43 28.09
C LEU R 78 -5.19 44.50 27.24
N LEU R 79 -5.09 44.12 25.97
CA LEU R 79 -6.27 44.16 25.09
C LEU R 79 -7.36 43.21 25.59
N MET R 80 -6.96 42.03 26.05
CA MET R 80 -7.92 41.06 26.56
C MET R 80 -8.67 41.61 27.78
N ARG R 81 -7.98 42.40 28.59
CA ARG R 81 -8.59 42.98 29.80
C ARG R 81 -9.44 44.23 29.51
N GLY R 82 -9.52 44.63 28.25
CA GLY R 82 -10.34 45.78 27.89
C GLY R 82 -9.61 47.09 27.81
N GLU R 83 -8.28 47.04 27.85
CA GLU R 83 -7.48 48.27 27.78
C GLU R 83 -7.07 48.60 26.35
N LEU R 84 -6.31 49.68 26.22
CA LEU R 84 -5.81 50.16 24.94
C LEU R 84 -6.87 50.57 23.92
N THR R 85 -7.95 51.15 24.41
CA THR R 85 -8.98 51.69 23.53
C THR R 85 -8.49 53.09 23.13
N ASN R 86 -7.43 53.54 23.81
CA ASN R 86 -6.74 54.80 23.49
C ASN R 86 -5.33 54.70 24.11
N ASP R 87 -4.49 55.71 23.91
CA ASP R 87 -3.11 55.69 24.45
C ASP R 87 -2.28 54.55 23.89
N VAL R 88 -2.51 54.24 22.62
CA VAL R 88 -1.76 53.17 22.00
C VAL R 88 -0.49 53.73 21.34
N SER R 89 -0.60 54.87 20.68
CA SER R 89 0.54 55.48 19.99
C SER R 89 1.73 55.74 20.92
N SER R 90 1.45 56.11 22.15
CA SER R 90 2.50 56.41 23.13
C SER R 90 3.09 55.18 23.81
N LEU R 91 2.60 53.98 23.48
CA LEU R 91 3.11 52.78 24.14
C LEU R 91 4.58 52.49 23.88
N LEU R 92 5.03 52.79 22.66
CA LEU R 92 6.39 52.48 22.24
C LEU R 92 7.12 53.56 21.53
N GLN R 93 8.44 53.50 21.61
CA GLN R 93 9.31 54.44 20.93
C GLN R 93 10.53 53.63 20.50
N VAL R 94 10.84 53.66 19.21
CA VAL R 94 12.01 52.96 18.70
C VAL R 94 13.17 53.96 18.71
N ARG R 95 14.27 53.60 19.36
CA ARG R 95 15.45 54.46 19.42
C ARG R 95 16.68 53.60 19.23
N PRO R 96 17.79 54.19 18.75
CA PRO R 96 19.02 53.42 18.56
C PRO R 96 19.45 52.82 19.88
N PRO R 97 19.95 51.58 19.88
CA PRO R 97 20.39 50.99 21.14
C PRO R 97 21.66 51.66 21.64
N THR R 98 21.89 51.55 22.94
CA THR R 98 23.04 52.12 23.64
C THR R 98 24.39 51.56 23.23
N ARG R 99 24.44 50.26 22.99
CA ARG R 99 25.71 49.63 22.64
C ARG R 99 25.64 49.01 21.26
N SER R 100 26.74 49.09 20.51
CA SER R 100 26.75 48.54 19.16
C SER R 100 27.96 47.67 18.86
N SER R 101 28.86 47.52 19.81
CA SER R 101 30.05 46.70 19.60
C SER R 101 30.42 45.94 20.88
N TRP R 102 31.00 44.76 20.72
CA TRP R 102 31.44 43.91 21.84
C TRP R 102 32.81 43.35 21.46
N LYS R 103 33.68 43.16 22.46
CA LYS R 103 35.02 42.65 22.17
C LYS R 103 35.00 41.22 21.63
N GLY R 104 34.08 40.40 22.12
CA GLY R 104 34.00 39.04 21.65
C GLY R 104 32.71 38.39 22.13
N GLY R 105 32.56 37.10 21.88
CA GLY R 105 31.36 36.39 22.29
C GLY R 105 31.12 36.44 23.79
N VAL R 106 32.17 36.31 24.60
CA VAL R 106 31.97 36.36 26.05
C VAL R 106 31.36 37.70 26.49
N GLU R 107 31.89 38.82 26.01
CA GLU R 107 31.33 40.11 26.40
C GLU R 107 29.86 40.23 26.02
N ALA R 108 29.52 39.73 24.83
CA ALA R 108 28.12 39.80 24.39
C ALA R 108 27.23 38.90 25.25
N LEU R 109 27.70 37.69 25.56
CA LEU R 109 26.89 36.79 26.39
C LEU R 109 26.69 37.39 27.79
N GLU R 110 27.74 38.00 28.34
CA GLU R 110 27.62 38.60 29.67
C GLU R 110 26.71 39.82 29.64
N HIS R 111 26.75 40.56 28.56
CA HIS R 111 25.86 41.72 28.43
C HIS R 111 24.42 41.18 28.31
N ALA R 112 24.21 40.14 27.51
CA ALA R 112 22.85 39.58 27.38
C ALA R 112 22.35 39.07 28.75
N LEU R 113 23.22 38.41 29.49
CA LEU R 113 22.83 37.90 30.82
C LEU R 113 22.40 39.06 31.73
N SER R 114 23.16 40.16 31.68
CA SER R 114 22.83 41.34 32.48
C SER R 114 21.50 41.98 32.03
N MET R 115 21.26 42.01 30.73
CA MET R 115 20.00 42.56 30.20
C MET R 115 18.85 41.68 30.70
N GLU R 116 19.00 40.36 30.62
CA GLU R 116 17.94 39.45 31.06
C GLU R 116 17.70 39.60 32.56
N SER R 117 18.78 39.73 33.31
CA SER R 117 18.70 39.90 34.76
C SER R 117 17.89 41.19 35.07
N ASP R 118 18.12 42.26 34.30
CA ASP R 118 17.38 43.51 34.49
C ASP R 118 15.89 43.31 34.16
N VAL R 119 15.61 42.56 33.11
CA VAL R 119 14.22 42.30 32.73
C VAL R 119 13.52 41.49 33.81
N THR R 120 14.21 40.50 34.37
CA THR R 120 13.62 39.67 35.43
C THR R 120 13.24 40.53 36.63
N LYS R 121 14.15 41.42 37.02
CA LYS R 121 13.90 42.31 38.14
C LYS R 121 12.72 43.24 37.83
N SER R 122 12.65 43.72 36.59
CA SER R 122 11.56 44.60 36.20
C SER R 122 10.21 43.87 36.23
N ILE R 123 10.17 42.63 35.75
CA ILE R 123 8.92 41.86 35.78
C ILE R 123 8.50 41.62 37.23
N ARG R 124 9.45 41.33 38.11
CA ARG R 124 9.11 41.12 39.52
C ARG R 124 8.52 42.42 40.09
N ASN R 125 9.00 43.58 39.62
CA ASN R 125 8.43 44.84 40.08
C ASN R 125 7.03 45.08 39.52
N VAL R 126 6.74 44.58 38.31
CA VAL R 126 5.38 44.71 37.76
C VAL R 126 4.47 43.83 38.63
N ILE R 127 4.96 42.63 38.96
CA ILE R 127 4.18 41.72 39.79
C ILE R 127 3.85 42.39 41.14
N LYS R 128 4.86 43.02 41.76
CA LYS R 128 4.63 43.71 43.04
C LYS R 128 3.57 44.80 42.90
N ALA R 129 3.68 45.62 41.86
CA ALA R 129 2.72 46.70 41.66
C ALA R 129 1.30 46.15 41.46
N CYS R 130 1.19 45.07 40.69
CA CYS R 130 -0.11 44.49 40.38
C CYS R 130 -0.72 43.71 41.54
N GLU R 131 0.13 43.13 42.38
CA GLU R 131 -0.36 42.36 43.50
C GLU R 131 -0.63 43.20 44.75
N ASP R 132 0.23 44.18 45.00
CA ASP R 132 0.11 44.95 46.22
C ASP R 132 -0.69 46.25 46.21
N ASP R 133 -1.36 46.55 45.10
CA ASP R 133 -2.19 47.75 45.05
C ASP R 133 -3.27 47.53 46.12
N SER R 134 -3.35 48.43 47.10
CA SER R 134 -4.33 48.25 48.18
C SER R 134 -5.78 48.15 47.71
N GLU R 135 -6.09 48.70 46.55
CA GLU R 135 -7.46 48.66 46.06
C GLU R 135 -7.80 47.44 45.19
N PHE R 136 -6.80 46.77 44.63
CA PHE R 136 -7.10 45.66 43.73
C PHE R 136 -5.87 44.78 43.51
N ASN R 137 -5.94 43.54 43.99
CA ASN R 137 -4.85 42.58 43.82
C ASN R 137 -5.20 41.89 42.48
N ASP R 138 -4.41 42.11 41.45
CA ASP R 138 -4.74 41.50 40.15
C ASP R 138 -4.21 40.07 40.08
N TYR R 139 -4.93 39.14 40.72
CA TYR R 139 -4.49 37.76 40.79
C TYR R 139 -4.10 37.13 39.47
N HIS R 140 -4.94 37.30 38.46
CA HIS R 140 -4.68 36.68 37.17
C HIS R 140 -3.44 37.19 36.45
N LEU R 141 -3.25 38.50 36.42
CA LEU R 141 -2.06 39.02 35.74
C LEU R 141 -0.79 38.63 36.50
N VAL R 142 -0.85 38.69 37.83
CA VAL R 142 0.31 38.30 38.63
C VAL R 142 0.70 36.85 38.30
N ASP R 143 -0.31 35.99 38.22
CA ASP R 143 -0.10 34.58 37.90
C ASP R 143 0.48 34.40 36.49
N TYR R 144 -0.03 35.17 35.54
CA TYR R 144 0.45 35.11 34.16
C TYR R 144 1.93 35.54 34.07
N LEU R 145 2.27 36.65 34.71
CA LEU R 145 3.66 37.11 34.70
C LEU R 145 4.58 36.14 35.40
N THR R 146 4.09 35.52 36.46
CA THR R 146 4.92 34.59 37.22
C THR R 146 5.13 33.26 36.49
N GLY R 147 4.05 32.66 36.02
CA GLY R 147 4.13 31.36 35.37
C GLY R 147 4.63 31.33 33.94
N ASP R 148 4.44 32.42 33.21
CA ASP R 148 4.89 32.48 31.82
C ASP R 148 6.17 33.29 31.67
N PHE R 149 6.10 34.56 32.02
CA PHE R 149 7.27 35.42 31.87
C PHE R 149 8.46 35.08 32.75
N LEU R 150 8.27 34.91 34.05
CA LEU R 150 9.41 34.58 34.90
C LEU R 150 9.98 33.21 34.54
N GLU R 151 9.13 32.27 34.15
CA GLU R 151 9.59 30.94 33.75
C GLU R 151 10.61 31.08 32.61
N GLU R 152 10.25 31.85 31.59
CA GLU R 152 11.14 32.06 30.46
C GLU R 152 12.42 32.79 30.90
N GLN R 153 12.28 33.75 31.81
CA GLN R 153 13.45 34.50 32.30
C GLN R 153 14.47 33.63 33.01
N TYR R 154 14.02 32.81 33.97
CA TYR R 154 14.97 32.00 34.71
C TYR R 154 15.67 30.96 33.87
N LYS R 155 14.94 30.33 32.96
CA LYS R 155 15.55 29.33 32.07
C LYS R 155 16.57 30.03 31.17
N GLY R 156 16.18 31.21 30.65
CA GLY R 156 17.06 31.96 29.76
C GLY R 156 18.35 32.41 30.44
N GLN R 157 18.25 32.88 31.68
CA GLN R 157 19.43 33.31 32.42
C GLN R 157 20.39 32.15 32.64
N ARG R 158 19.85 30.99 33.04
CA ARG R 158 20.71 29.84 33.29
C ARG R 158 21.40 29.43 31.99
N ASP R 159 20.68 29.49 30.88
CA ASP R 159 21.27 29.12 29.60
C ASP R 159 22.43 30.06 29.23
N LEU R 160 22.20 31.37 29.32
CA LEU R 160 23.24 32.35 29.01
C LEU R 160 24.42 32.26 29.97
N ALA R 161 24.14 32.06 31.27
CA ALA R 161 25.21 31.97 32.26
C ALA R 161 26.10 30.76 31.95
N GLY R 162 25.48 29.63 31.60
CA GLY R 162 26.27 28.44 31.27
C GLY R 162 27.11 28.68 30.02
N LYS R 163 26.53 29.29 28.99
CA LYS R 163 27.29 29.57 27.77
C LYS R 163 28.47 30.48 28.09
N ALA R 164 28.24 31.52 28.87
CA ALA R 164 29.32 32.44 29.24
C ALA R 164 30.42 31.72 30.01
N SER R 165 30.07 30.88 30.99
CA SER R 165 31.09 30.16 31.75
C SER R 165 31.91 29.24 30.85
N THR R 166 31.23 28.48 30.01
CA THR R 166 31.91 27.54 29.12
C THR R 166 32.88 28.25 28.18
N LEU R 167 32.44 29.32 27.55
CA LEU R 167 33.30 30.03 26.61
C LEU R 167 34.41 30.80 27.33
N LYS R 168 34.09 31.41 28.46
CA LYS R 168 35.09 32.21 29.16
C LYS R 168 36.29 31.37 29.61
N LYS R 169 36.07 30.10 29.95
CA LYS R 169 37.18 29.24 30.36
C LYS R 169 38.19 29.06 29.25
N LEU R 170 37.76 29.23 28.01
CA LEU R 170 38.64 29.07 26.86
C LEU R 170 39.44 30.31 26.49
N MET R 171 39.08 31.44 27.09
CA MET R 171 39.72 32.70 26.72
C MET R 171 41.16 32.96 27.13
N ASP R 172 41.63 32.40 28.23
CA ASP R 172 43.01 32.71 28.58
C ASP R 172 44.03 32.16 27.59
N ARG R 173 43.77 31.03 26.94
CA ARG R 173 44.75 30.52 25.98
C ARG R 173 44.21 30.15 24.60
N HIS R 174 42.89 30.14 24.43
CA HIS R 174 42.32 29.69 23.16
C HIS R 174 41.21 30.61 22.68
N GLU R 175 41.48 31.90 22.70
CA GLU R 175 40.48 32.87 22.29
C GLU R 175 39.92 32.65 20.89
N ALA R 176 40.79 32.48 19.89
CA ALA R 176 40.31 32.32 18.52
C ALA R 176 39.70 30.97 18.20
N LEU R 177 40.43 29.89 18.51
CA LEU R 177 39.91 28.57 18.20
C LEU R 177 38.75 28.21 19.10
N GLY R 178 38.83 28.61 20.36
CA GLY R 178 37.74 28.32 21.28
C GLY R 178 36.44 28.97 20.84
N GLU R 179 36.49 30.25 20.48
CA GLU R 179 35.28 30.93 20.04
C GLU R 179 34.80 30.39 18.69
N PHE R 180 35.73 30.04 17.81
CA PHE R 180 35.35 29.49 16.51
C PHE R 180 34.53 28.20 16.68
N ILE R 181 35.04 27.28 17.49
CA ILE R 181 34.34 26.02 17.72
C ILE R 181 33.00 26.23 18.41
N PHE R 182 33.01 27.06 19.44
CA PHE R 182 31.78 27.35 20.20
C PHE R 182 30.71 27.95 19.28
N ASP R 183 31.15 28.86 18.40
CA ASP R 183 30.25 29.50 17.45
C ASP R 183 29.60 28.49 16.52
N LYS R 184 30.38 27.53 16.02
CA LYS R 184 29.79 26.53 15.12
C LYS R 184 28.86 25.60 15.89
N LYS R 185 29.17 25.33 17.15
CA LYS R 185 28.28 24.50 17.97
C LYS R 185 26.92 25.22 18.11
N LEU R 186 26.91 26.54 18.15
CA LEU R 186 25.64 27.27 18.25
C LEU R 186 24.79 26.99 17.01
N LEU R 187 25.45 26.66 15.90
CA LEU R 187 24.73 26.35 14.66
C LEU R 187 24.44 24.86 14.56
N GLY R 188 24.83 24.10 15.56
CA GLY R 188 24.59 22.66 15.53
C GLY R 188 25.63 21.94 14.70
N ILE R 189 26.78 22.58 14.48
CA ILE R 189 27.85 21.99 13.68
C ILE R 189 29.01 21.54 14.57
N ASP R 190 29.29 20.24 14.56
CA ASP R 190 30.41 19.70 15.32
C ASP R 190 31.52 19.62 14.30
N VAL R 191 32.58 20.41 14.48
CA VAL R 191 33.68 20.37 13.53
C VAL R 191 34.46 19.06 13.65
N THR S 1 55.34 38.22 10.87
CA THR S 1 54.38 37.32 11.55
C THR S 1 54.41 35.91 10.97
N GLN S 2 54.16 34.92 11.82
CA GLN S 2 54.16 33.51 11.41
C GLN S 2 52.77 33.09 10.95
N CYS S 3 52.52 33.17 9.64
CA CYS S 3 51.19 32.81 9.13
C CYS S 3 51.01 31.36 8.76
N ASN S 4 52.09 30.61 8.76
CA ASN S 4 51.98 29.21 8.41
C ASN S 4 52.68 28.32 9.41
N VAL S 5 52.38 27.04 9.36
CA VAL S 5 52.97 26.08 10.26
C VAL S 5 54.28 25.52 9.71
N ASN S 6 55.28 25.43 10.58
CA ASN S 6 56.58 24.88 10.18
C ASN S 6 56.29 23.49 9.64
N PRO S 7 56.71 23.22 8.39
CA PRO S 7 56.47 21.91 7.78
C PRO S 7 57.08 20.73 8.55
N VAL S 8 56.48 19.56 8.38
CA VAL S 8 56.95 18.35 9.03
C VAL S 8 57.37 17.41 7.91
N GLN S 9 58.14 16.40 8.25
CA GLN S 9 58.59 15.46 7.26
C GLN S 9 58.18 14.06 7.68
N ILE S 10 57.70 13.27 6.73
CA ILE S 10 57.35 11.89 7.04
C ILE S 10 58.17 11.04 6.07
N PRO S 11 58.17 9.72 6.25
CA PRO S 11 58.94 8.82 5.37
C PRO S 11 58.57 9.05 3.90
N LYS S 12 59.56 8.96 3.02
CA LYS S 12 59.35 9.19 1.60
C LYS S 12 59.73 8.03 0.69
N ASP S 13 60.15 6.91 1.25
CA ASP S 13 60.54 5.78 0.41
C ASP S 13 59.42 5.30 -0.51
N TRP S 14 58.17 5.50 -0.09
CA TRP S 14 57.01 5.08 -0.88
C TRP S 14 56.81 5.90 -2.17
N ILE S 15 57.47 7.04 -2.28
CA ILE S 15 57.35 7.94 -3.44
C ILE S 15 58.36 7.45 -4.45
N THR S 16 57.89 6.78 -5.50
CA THR S 16 58.81 6.13 -6.43
C THR S 16 58.81 6.47 -7.92
N MET S 17 57.94 7.35 -8.38
CA MET S 17 57.95 7.65 -9.81
C MET S 17 59.29 8.23 -10.24
N HIS S 18 59.73 7.87 -11.45
CA HIS S 18 60.98 8.41 -11.96
C HIS S 18 60.71 9.58 -12.89
N ARG S 19 61.75 10.38 -13.11
CA ARG S 19 61.64 11.61 -13.89
C ARG S 19 61.10 11.55 -15.31
N SER S 20 61.59 10.61 -16.12
CA SER S 20 61.13 10.57 -17.50
C SER S 20 59.62 10.29 -17.55
N CYS S 21 59.17 9.34 -16.75
CA CYS S 21 57.76 8.99 -16.70
C CYS S 21 56.94 10.17 -16.16
N ARG S 22 57.41 10.78 -15.08
CA ARG S 22 56.70 11.92 -14.52
C ARG S 22 56.60 13.08 -15.51
N ASN S 23 57.69 13.37 -16.22
CA ASN S 23 57.65 14.45 -17.19
C ASN S 23 56.70 14.14 -18.35
N SER S 24 56.63 12.88 -18.78
CA SER S 24 55.70 12.53 -19.85
C SER S 24 54.26 12.70 -19.36
N MET S 25 54.00 12.39 -18.10
CA MET S 25 52.65 12.55 -17.54
C MET S 25 52.30 14.05 -17.49
N ARG S 26 53.25 14.89 -17.09
CA ARG S 26 52.99 16.33 -17.01
C ARG S 26 52.66 16.88 -18.41
N GLN S 27 53.37 16.39 -19.41
CA GLN S 27 53.12 16.83 -20.78
C GLN S 27 51.73 16.35 -21.23
N GLN S 28 51.34 15.14 -20.83
CA GLN S 28 50.03 14.61 -21.21
C GLN S 28 48.91 15.45 -20.58
N ILE S 29 49.12 15.90 -19.34
CA ILE S 29 48.12 16.72 -18.68
C ILE S 29 47.87 18.00 -19.49
N GLN S 30 48.93 18.64 -19.96
CA GLN S 30 48.77 19.85 -20.77
C GLN S 30 48.06 19.51 -22.08
N MET S 31 48.37 18.35 -22.64
CA MET S 31 47.73 17.95 -23.89
C MET S 31 46.21 17.75 -23.71
N GLU S 32 45.79 17.16 -22.60
CA GLU S 32 44.36 16.96 -22.33
C GLU S 32 43.67 18.32 -22.20
N VAL S 33 44.32 19.24 -21.49
CA VAL S 33 43.73 20.58 -21.33
C VAL S 33 43.63 21.26 -22.69
N GLY S 34 44.66 21.14 -23.51
CA GLY S 34 44.62 21.73 -24.85
C GLY S 34 43.46 21.14 -25.65
N ALA S 35 43.22 19.85 -25.52
CA ALA S 35 42.12 19.22 -26.23
C ALA S 35 40.78 19.78 -25.70
N SER S 36 40.67 19.98 -24.38
CA SER S 36 39.41 20.52 -23.85
C SER S 36 39.12 21.89 -24.44
N LEU S 37 40.16 22.71 -24.60
CA LEU S 37 39.98 24.06 -25.16
C LEU S 37 39.61 24.01 -26.64
N GLN S 38 40.18 23.07 -27.38
CA GLN S 38 39.85 22.98 -28.81
C GLN S 38 38.39 22.50 -28.97
N TYR S 39 37.92 21.60 -28.09
CA TYR S 39 36.53 21.15 -28.17
C TYR S 39 35.58 22.29 -27.78
N LEU S 40 35.99 23.14 -26.83
CA LEU S 40 35.13 24.29 -26.47
C LEU S 40 34.92 25.17 -27.70
N ALA S 41 35.96 25.35 -28.50
CA ALA S 41 35.84 26.18 -29.69
C ALA S 41 34.90 25.53 -30.72
N MET S 42 34.90 24.20 -30.79
CA MET S 42 33.98 23.52 -31.70
C MET S 42 32.55 23.70 -31.22
N GLY S 43 32.35 23.57 -29.90
CA GLY S 43 31.02 23.77 -29.35
C GLY S 43 30.53 25.18 -29.66
N ALA S 44 31.41 26.16 -29.49
CA ALA S 44 31.07 27.56 -29.76
C ALA S 44 30.68 27.75 -31.23
N HIS S 45 31.45 27.15 -32.14
CA HIS S 45 31.16 27.29 -33.57
C HIS S 45 29.77 26.76 -33.94
N PHE S 46 29.44 25.56 -33.49
CA PHE S 46 28.14 25.01 -33.86
C PHE S 46 26.96 25.63 -33.12
N SER S 47 27.26 26.46 -32.12
CA SER S 47 26.23 27.18 -31.37
C SER S 47 25.83 28.47 -32.09
N LYS S 48 26.62 28.92 -33.06
CA LYS S 48 26.30 30.17 -33.76
C LYS S 48 24.95 30.11 -34.48
N ASP S 49 24.24 31.24 -34.48
CA ASP S 49 22.92 31.28 -35.11
C ASP S 49 22.98 30.94 -36.61
N VAL S 50 24.07 31.33 -37.28
CA VAL S 50 24.19 31.03 -38.70
C VAL S 50 24.68 29.62 -39.00
N VAL S 51 25.03 28.84 -37.98
CA VAL S 51 25.46 27.45 -38.19
C VAL S 51 24.31 26.59 -37.67
N ASN S 52 23.91 26.88 -36.43
CA ASN S 52 22.75 26.25 -35.81
C ASN S 52 22.68 24.72 -35.83
N ARG S 53 23.68 24.07 -35.26
CA ARG S 53 23.69 22.60 -35.17
C ARG S 53 23.84 22.29 -33.67
N PRO S 54 22.74 22.40 -32.92
CA PRO S 54 22.77 22.15 -31.47
C PRO S 54 23.22 20.76 -31.07
N GLY S 55 22.98 19.78 -31.94
CA GLY S 55 23.41 18.41 -31.64
C GLY S 55 24.94 18.36 -31.63
N PHE S 56 25.56 18.94 -32.66
CA PHE S 56 27.02 18.98 -32.72
C PHE S 56 27.58 19.84 -31.59
N ALA S 57 26.92 20.97 -31.31
CA ALA S 57 27.40 21.84 -30.23
C ALA S 57 27.47 21.08 -28.92
N GLN S 58 26.40 20.36 -28.59
CA GLN S 58 26.35 19.60 -27.33
C GLN S 58 27.38 18.48 -27.33
N LEU S 59 27.55 17.81 -28.48
CA LEU S 59 28.53 16.74 -28.60
C LEU S 59 29.92 17.26 -28.23
N PHE S 60 30.28 18.42 -28.76
CA PHE S 60 31.61 18.96 -28.50
C PHE S 60 31.77 19.62 -27.15
N PHE S 61 30.72 20.24 -26.60
CA PHE S 61 30.84 20.79 -25.25
C PHE S 61 31.01 19.60 -24.28
N ASP S 62 30.30 18.50 -24.54
CA ASP S 62 30.43 17.31 -23.69
C ASP S 62 31.88 16.78 -23.79
N ALA S 63 32.42 16.77 -25.00
CA ALA S 63 33.80 16.30 -25.20
C ALA S 63 34.79 17.20 -24.47
N ALA S 64 34.54 18.51 -24.47
CA ALA S 64 35.43 19.44 -23.76
C ALA S 64 35.45 19.10 -22.26
N SER S 65 34.28 18.88 -21.68
CA SER S 65 34.22 18.56 -20.25
C SER S 65 34.89 17.23 -19.95
N GLU S 66 34.75 16.27 -20.87
CA GLU S 66 35.37 14.97 -20.69
C GLU S 66 36.91 15.11 -20.72
N GLU S 67 37.45 15.92 -21.61
CA GLU S 67 38.92 16.09 -21.66
C GLU S 67 39.42 16.74 -20.38
N ARG S 68 38.62 17.67 -19.84
CA ARG S 68 39.01 18.31 -18.57
C ARG S 68 39.05 17.22 -17.49
N GLU S 69 38.09 16.29 -17.52
CA GLU S 69 38.09 15.20 -16.53
C GLU S 69 39.34 14.31 -16.73
N HIS S 70 39.77 14.09 -17.97
CA HIS S 70 40.97 13.27 -18.22
C HIS S 70 42.18 13.95 -17.59
N ALA S 71 42.28 15.26 -17.75
CA ALA S 71 43.41 15.99 -17.16
C ALA S 71 43.37 15.81 -15.63
N MET S 72 42.19 15.95 -15.05
CA MET S 72 42.06 15.80 -13.60
C MET S 72 42.44 14.39 -13.12
N LYS S 73 42.09 13.37 -13.89
CA LYS S 73 42.46 12.00 -13.49
C LYS S 73 43.97 11.80 -13.49
N LEU S 74 44.67 12.38 -14.45
CA LEU S 74 46.13 12.23 -14.50
C LEU S 74 46.76 12.98 -13.33
N ILE S 75 46.22 14.16 -13.02
CA ILE S 75 46.73 14.94 -11.88
C ILE S 75 46.50 14.14 -10.59
N GLU S 76 45.31 13.55 -10.43
CA GLU S 76 45.02 12.77 -9.23
C GLU S 76 45.97 11.57 -9.10
N TYR S 77 46.35 10.98 -10.24
CA TYR S 77 47.27 9.84 -10.18
C TYR S 77 48.62 10.32 -9.62
N LEU S 78 49.14 11.43 -10.14
CA LEU S 78 50.42 11.94 -9.64
C LEU S 78 50.34 12.23 -8.14
N LEU S 79 49.23 12.83 -7.69
CA LEU S 79 49.07 13.16 -6.27
C LEU S 79 49.07 11.90 -5.42
N MET S 80 48.40 10.85 -5.90
CA MET S 80 48.34 9.59 -5.17
C MET S 80 49.75 8.99 -4.99
N ARG S 81 50.61 9.17 -5.99
CA ARG S 81 51.97 8.64 -5.94
C ARG S 81 52.93 9.51 -5.11
N GLY S 82 52.43 10.61 -4.57
CA GLY S 82 53.28 11.45 -3.73
C GLY S 82 53.92 12.62 -4.45
N GLU S 83 53.49 12.88 -5.68
CA GLU S 83 54.05 13.99 -6.45
C GLU S 83 53.25 15.27 -6.27
N LEU S 84 53.69 16.31 -6.99
CA LEU S 84 53.06 17.62 -6.97
C LEU S 84 53.03 18.33 -5.61
N THR S 85 54.10 18.15 -4.84
CA THR S 85 54.23 18.87 -3.58
C THR S 85 54.81 20.25 -3.96
N ASN S 86 55.23 20.37 -5.21
CA ASN S 86 55.70 21.63 -5.79
C ASN S 86 55.57 21.51 -7.33
N ASP S 87 55.89 22.56 -8.08
CA ASP S 87 55.80 22.52 -9.55
C ASP S 87 54.36 22.29 -10.02
N VAL S 88 53.41 22.85 -9.30
CA VAL S 88 52.02 22.70 -9.68
C VAL S 88 51.61 23.83 -10.62
N SER S 89 52.02 25.05 -10.31
CA SER S 89 51.65 26.21 -11.13
C SER S 89 52.05 26.07 -12.59
N SER S 90 53.19 25.45 -12.84
CA SER S 90 53.69 25.27 -14.21
C SER S 90 53.07 24.09 -14.95
N LEU S 91 52.18 23.35 -14.31
CA LEU S 91 51.57 22.18 -14.97
C LEU S 91 50.74 22.50 -16.19
N LEU S 92 50.05 23.63 -16.15
CA LEU S 92 49.13 24.02 -17.21
C LEU S 92 49.20 25.44 -17.66
N GLN S 93 48.80 25.65 -18.91
CA GLN S 93 48.76 26.99 -19.49
C GLN S 93 47.51 26.99 -20.39
N VAL S 94 46.63 27.96 -20.17
CA VAL S 94 45.43 28.08 -21.00
C VAL S 94 45.78 29.06 -22.12
N ARG S 95 45.59 28.65 -23.36
CA ARG S 95 45.86 29.50 -24.52
C ARG S 95 44.75 29.32 -25.53
N PRO S 96 44.52 30.33 -26.38
CA PRO S 96 43.46 30.20 -27.38
C PRO S 96 43.75 29.01 -28.29
N PRO S 97 42.71 28.25 -28.67
CA PRO S 97 42.97 27.10 -29.54
C PRO S 97 43.35 27.55 -30.95
N THR S 98 44.02 26.66 -31.66
CA THR S 98 44.51 26.90 -33.01
C THR S 98 43.43 27.09 -34.06
N ARG S 99 42.35 26.34 -33.94
CA ARG S 99 41.28 26.44 -34.94
C ARG S 99 39.99 26.91 -34.30
N SER S 100 39.21 27.72 -35.01
CA SER S 100 37.97 28.23 -34.46
C SER S 100 36.78 28.10 -35.40
N SER S 101 37.00 27.59 -36.60
CA SER S 101 35.92 27.43 -37.56
C SER S 101 36.08 26.14 -38.37
N TRP S 102 34.95 25.55 -38.78
CA TRP S 102 34.93 24.32 -39.56
C TRP S 102 33.87 24.50 -40.64
N LYS S 103 34.10 23.92 -41.82
CA LYS S 103 33.13 24.07 -42.91
C LYS S 103 31.78 23.42 -42.60
N GLY S 104 31.81 22.29 -41.92
CA GLY S 104 30.57 21.62 -41.57
C GLY S 104 30.83 20.53 -40.54
N GLY S 105 29.81 19.74 -40.25
CA GLY S 105 29.95 18.67 -39.27
C GLY S 105 31.01 17.65 -39.64
N VAL S 106 31.11 17.29 -40.92
CA VAL S 106 32.13 16.31 -41.31
C VAL S 106 33.55 16.81 -40.99
N GLU S 107 33.86 18.05 -41.35
CA GLU S 107 35.20 18.57 -41.06
C GLU S 107 35.49 18.55 -39.57
N ALA S 108 34.49 18.90 -38.75
CA ALA S 108 34.71 18.90 -37.30
C ALA S 108 34.89 17.49 -36.78
N LEU S 109 34.10 16.53 -37.26
CA LEU S 109 34.26 15.15 -36.80
C LEU S 109 35.63 14.59 -37.21
N GLU S 110 36.07 14.92 -38.42
CA GLU S 110 37.39 14.43 -38.87
C GLU S 110 38.50 15.09 -38.08
N HIS S 111 38.33 16.35 -37.73
CA HIS S 111 39.34 17.04 -36.93
C HIS S 111 39.36 16.39 -35.54
N ALA S 112 38.18 16.13 -34.96
CA ALA S 112 38.12 15.48 -33.64
C ALA S 112 38.79 14.10 -33.70
N LEU S 113 38.53 13.35 -34.75
CA LEU S 113 39.13 12.02 -34.90
C LEU S 113 40.66 12.13 -34.91
N SER S 114 41.17 13.11 -35.64
CA SER S 114 42.61 13.34 -35.73
C SER S 114 43.19 13.77 -34.38
N MET S 115 42.46 14.61 -33.63
CA MET S 115 42.90 15.03 -32.30
C MET S 115 42.97 13.80 -31.38
N GLU S 116 41.94 12.95 -31.44
CA GLU S 116 41.92 11.76 -30.58
C GLU S 116 43.05 10.81 -30.96
N SER S 117 43.28 10.67 -32.25
CA SER S 117 44.35 9.82 -32.76
C SER S 117 45.71 10.32 -32.21
N ASP S 118 45.90 11.64 -32.18
CA ASP S 118 47.14 12.22 -31.64
C ASP S 118 47.26 11.94 -30.14
N VAL S 119 46.14 12.04 -29.42
CA VAL S 119 46.16 11.77 -27.98
C VAL S 119 46.49 10.30 -27.73
N THR S 120 45.94 9.40 -28.53
CA THR S 120 46.21 7.97 -28.35
C THR S 120 47.71 7.69 -28.53
N LYS S 121 48.28 8.29 -29.56
CA LYS S 121 49.71 8.10 -29.83
C LYS S 121 50.53 8.69 -28.66
N SER S 122 50.12 9.83 -28.15
CA SER S 122 50.83 10.45 -27.04
C SER S 122 50.76 9.58 -25.77
N ILE S 123 49.59 9.01 -25.47
CA ILE S 123 49.45 8.15 -24.30
C ILE S 123 50.35 6.90 -24.47
N ARG S 124 50.41 6.35 -25.68
CA ARG S 124 51.27 5.19 -25.91
C ARG S 124 52.73 5.59 -25.66
N ASN S 125 53.09 6.83 -25.97
CA ASN S 125 54.45 7.29 -25.71
C ASN S 125 54.71 7.48 -24.21
N VAL S 126 53.67 7.85 -23.45
CA VAL S 126 53.85 7.98 -21.99
C VAL S 126 54.07 6.57 -21.45
N ILE S 127 53.28 5.62 -21.96
CA ILE S 127 53.41 4.23 -21.54
C ILE S 127 54.85 3.74 -21.80
N LYS S 128 55.36 4.02 -22.99
CA LYS S 128 56.74 3.60 -23.32
C LYS S 128 57.75 4.20 -22.36
N ALA S 129 57.64 5.50 -22.10
CA ALA S 129 58.56 6.16 -21.19
C ALA S 129 58.50 5.56 -19.79
N CYS S 130 57.29 5.28 -19.32
CA CYS S 130 57.09 4.75 -17.98
C CYS S 130 57.47 3.29 -17.83
N GLU S 131 57.33 2.53 -18.91
CA GLU S 131 57.65 1.11 -18.87
C GLU S 131 59.12 0.82 -19.15
N ASP S 132 59.70 1.55 -20.09
CA ASP S 132 61.06 1.28 -20.50
C ASP S 132 62.21 2.00 -19.84
N ASP S 133 61.94 2.78 -18.81
CA ASP S 133 63.01 3.46 -18.09
C ASP S 133 63.88 2.33 -17.52
N SER S 134 65.16 2.31 -17.87
CA SER S 134 66.03 1.23 -17.39
C SER S 134 66.12 1.10 -15.87
N GLU S 135 65.86 2.19 -15.16
CA GLU S 135 65.95 2.15 -13.70
C GLU S 135 64.65 1.79 -12.99
N PHE S 136 63.51 1.93 -13.64
CA PHE S 136 62.25 1.66 -12.95
C PHE S 136 61.10 1.49 -13.95
N ASN S 137 60.56 0.28 -14.00
CA ASN S 137 59.42 -0.03 -14.87
C ASN S 137 58.20 0.28 -13.99
N ASP S 138 57.45 1.32 -14.32
CA ASP S 138 56.30 1.67 -13.48
C ASP S 138 55.08 0.83 -13.87
N TYR S 139 55.06 -0.42 -13.40
CA TYR S 139 53.99 -1.35 -13.75
C TYR S 139 52.58 -0.82 -13.56
N HIS S 140 52.33 -0.23 -12.39
CA HIS S 140 50.99 0.24 -12.10
C HIS S 140 50.50 1.38 -12.98
N LEU S 141 51.33 2.38 -13.21
CA LEU S 141 50.91 3.49 -14.06
C LEU S 141 50.71 3.01 -15.50
N VAL S 142 51.61 2.15 -15.98
CA VAL S 142 51.48 1.63 -17.34
C VAL S 142 50.13 0.92 -17.49
N ASP S 143 49.79 0.12 -16.48
CA ASP S 143 48.53 -0.61 -16.46
C ASP S 143 47.33 0.34 -16.43
N TYR S 144 47.42 1.39 -15.63
CA TYR S 144 46.35 2.38 -15.53
C TYR S 144 46.12 3.10 -16.86
N LEU S 145 47.21 3.53 -17.50
CA LEU S 145 47.09 4.23 -18.78
C LEU S 145 46.56 3.29 -19.86
N THR S 146 46.95 2.03 -19.80
CA THR S 146 46.52 1.07 -20.81
C THR S 146 45.05 0.66 -20.64
N GLY S 147 44.67 0.29 -19.42
CA GLY S 147 43.32 -0.19 -19.19
C GLY S 147 42.23 0.86 -19.06
N ASP S 148 42.59 2.07 -18.68
CA ASP S 148 41.61 3.14 -18.54
C ASP S 148 41.68 4.12 -19.69
N PHE S 149 42.82 4.78 -19.84
CA PHE S 149 42.96 5.78 -20.90
C PHE S 149 42.91 5.24 -22.32
N LEU S 150 43.68 4.21 -22.64
CA LEU S 150 43.61 3.69 -24.01
C LEU S 150 42.24 3.11 -24.32
N GLU S 151 41.61 2.48 -23.32
CA GLU S 151 40.27 1.92 -23.52
C GLU S 151 39.32 3.02 -24.02
N GLU S 152 39.33 4.16 -23.33
CA GLU S 152 38.48 5.28 -23.71
C GLU S 152 38.86 5.81 -25.10
N GLN S 153 40.17 5.84 -25.38
CA GLN S 153 40.63 6.34 -26.68
C GLN S 153 40.16 5.50 -27.85
N TYR S 154 40.33 4.17 -27.77
CA TYR S 154 39.94 3.34 -28.90
C TYR S 154 38.44 3.33 -29.14
N LYS S 155 37.65 3.31 -28.07
CA LYS S 155 36.19 3.35 -28.24
C LYS S 155 35.79 4.69 -28.85
N GLY S 156 36.41 5.77 -28.36
CA GLY S 156 36.10 7.10 -28.86
C GLY S 156 36.44 7.29 -30.33
N GLN S 157 37.58 6.77 -30.76
CA GLN S 157 38.00 6.87 -32.15
C GLN S 157 37.01 6.14 -33.05
N ARG S 158 36.63 4.92 -32.66
CA ARG S 158 35.70 4.15 -33.47
C ARG S 158 34.37 4.89 -33.58
N ASP S 159 33.93 5.49 -32.48
CA ASP S 159 32.66 6.22 -32.50
C ASP S 159 32.73 7.41 -33.47
N LEU S 160 33.78 8.23 -33.36
CA LEU S 160 33.95 9.38 -34.25
C LEU S 160 34.12 8.97 -35.71
N ALA S 161 34.89 7.91 -35.94
CA ALA S 161 35.12 7.43 -37.31
C ALA S 161 33.79 7.00 -37.95
N GLY S 162 32.97 6.29 -37.18
CA GLY S 162 31.68 5.86 -37.70
C GLY S 162 30.78 7.05 -37.99
N LYS S 163 30.74 8.02 -37.09
CA LYS S 163 29.92 9.21 -37.32
C LYS S 163 30.38 9.95 -38.58
N ALA S 164 31.69 10.10 -38.73
CA ALA S 164 32.24 10.77 -39.91
C ALA S 164 31.87 10.02 -41.20
N SER S 165 32.01 8.69 -41.20
CA SER S 165 31.67 7.91 -42.40
C SER S 165 30.19 8.07 -42.76
N THR S 166 29.34 7.92 -41.76
CA THR S 166 27.89 8.01 -41.98
C THR S 166 27.49 9.37 -42.54
N LEU S 167 27.98 10.44 -41.94
CA LEU S 167 27.61 11.77 -42.41
C LEU S 167 28.27 12.12 -43.74
N LYS S 168 29.52 11.72 -43.93
CA LYS S 168 30.20 12.06 -45.18
C LYS S 168 29.52 11.47 -46.40
N LYS S 169 28.92 10.29 -46.27
CA LYS S 169 28.21 9.67 -47.40
C LYS S 169 27.06 10.53 -47.88
N LEU S 170 26.54 11.38 -46.99
CA LEU S 170 25.40 12.23 -47.34
C LEU S 170 25.79 13.55 -48.00
N MET S 171 27.08 13.87 -47.97
CA MET S 171 27.53 15.16 -48.47
C MET S 171 27.53 15.42 -49.97
N ASP S 172 27.68 14.41 -50.81
CA ASP S 172 27.69 14.72 -52.22
C ASP S 172 26.34 15.25 -52.75
N ARG S 173 25.22 14.81 -52.19
CA ARG S 173 23.93 15.33 -52.68
C ARG S 173 22.97 15.85 -51.62
N HIS S 174 23.27 15.63 -50.35
CA HIS S 174 22.33 16.02 -49.29
C HIS S 174 23.01 16.72 -48.13
N GLU S 175 23.86 17.69 -48.46
CA GLU S 175 24.59 18.40 -47.44
C GLU S 175 23.72 19.04 -46.36
N ALA S 176 22.70 19.78 -46.75
CA ALA S 176 21.86 20.47 -45.76
C ALA S 176 20.89 19.57 -45.01
N LEU S 177 20.12 18.78 -45.73
CA LEU S 177 19.14 17.93 -45.07
C LEU S 177 19.83 16.79 -44.33
N GLY S 178 20.89 16.25 -44.93
CA GLY S 178 21.61 15.17 -44.28
C GLY S 178 22.20 15.62 -42.94
N GLU S 179 22.85 16.78 -42.92
CA GLU S 179 23.44 17.25 -41.67
C GLU S 179 22.34 17.65 -40.66
N PHE S 180 21.25 18.21 -41.16
CA PHE S 180 20.16 18.60 -40.26
C PHE S 180 19.62 17.37 -39.52
N ILE S 181 19.32 16.30 -40.25
CA ILE S 181 18.79 15.09 -39.63
C ILE S 181 19.81 14.45 -38.69
N PHE S 182 21.05 14.35 -39.14
CA PHE S 182 22.12 13.76 -38.34
C PHE S 182 22.29 14.53 -37.03
N ASP S 183 22.24 15.86 -37.13
CA ASP S 183 22.37 16.74 -35.96
C ASP S 183 21.27 16.48 -34.95
N LYS S 184 20.03 16.32 -35.41
CA LYS S 184 18.94 16.07 -34.46
C LYS S 184 19.08 14.67 -33.85
N LYS S 185 19.58 13.71 -34.62
CA LYS S 185 19.81 12.36 -34.08
C LYS S 185 20.83 12.45 -32.92
N LEU S 186 21.79 13.36 -33.01
CA LEU S 186 22.76 13.49 -31.93
C LEU S 186 22.05 13.92 -30.64
N LEU S 187 20.91 14.58 -30.79
CA LEU S 187 20.12 15.02 -29.63
C LEU S 187 19.09 13.96 -29.24
N GLY S 188 19.08 12.84 -29.94
CA GLY S 188 18.12 11.79 -29.65
C GLY S 188 16.74 12.08 -30.22
N ILE S 189 16.70 12.96 -31.23
CA ILE S 189 15.45 13.33 -31.86
C ILE S 189 15.32 12.71 -33.25
N ASP S 190 14.31 11.86 -33.44
CA ASP S 190 14.06 11.24 -34.73
C ASP S 190 13.01 12.14 -35.35
N VAL S 191 13.35 12.83 -36.43
CA VAL S 191 12.36 13.70 -37.05
C VAL S 191 11.27 12.88 -37.76
N THR T 1 -45.35 -29.90 -41.17
CA THR T 1 -45.07 -29.57 -39.74
C THR T 1 -45.00 -28.07 -39.50
N GLN T 2 -45.42 -27.63 -38.32
CA GLN T 2 -45.42 -26.21 -37.96
C GLN T 2 -44.09 -25.84 -37.31
N CYS T 3 -43.14 -25.35 -38.09
CA CYS T 3 -41.83 -24.99 -37.55
C CYS T 3 -41.70 -23.58 -37.04
N ASN T 4 -42.70 -22.76 -37.28
CA ASN T 4 -42.63 -21.39 -36.82
C ASN T 4 -43.90 -20.98 -36.10
N VAL T 5 -43.81 -19.88 -35.38
CA VAL T 5 -44.95 -19.37 -34.64
C VAL T 5 -45.81 -18.44 -35.50
N ASN T 6 -47.13 -18.60 -35.42
CA ASN T 6 -48.05 -17.75 -36.17
C ASN T 6 -47.73 -16.32 -35.73
N PRO T 7 -47.42 -15.44 -36.70
CA PRO T 7 -47.09 -14.06 -36.39
C PRO T 7 -48.20 -13.29 -35.65
N VAL T 8 -47.79 -12.29 -34.89
CA VAL T 8 -48.72 -11.46 -34.15
C VAL T 8 -48.58 -10.05 -34.71
N GLN T 9 -49.57 -9.21 -34.44
CA GLN T 9 -49.52 -7.87 -34.94
C GLN T 9 -49.64 -6.91 -33.78
N ILE T 10 -48.85 -5.85 -33.79
CA ILE T 10 -48.95 -4.84 -32.75
C ILE T 10 -49.21 -3.53 -33.48
N PRO T 11 -49.52 -2.45 -32.75
CA PRO T 11 -49.79 -1.14 -33.36
C PRO T 11 -48.65 -0.72 -34.29
N LYS T 12 -48.97 -0.08 -35.40
CA LYS T 12 -47.97 0.35 -36.38
C LYS T 12 -47.96 1.84 -36.68
N ASP T 13 -48.80 2.62 -36.00
CA ASP T 13 -48.82 4.05 -36.28
C ASP T 13 -47.47 4.73 -36.06
N TRP T 14 -46.65 4.17 -35.17
CA TRP T 14 -45.32 4.73 -34.88
C TRP T 14 -44.32 4.59 -36.03
N ILE T 15 -44.62 3.73 -37.00
CA ILE T 15 -43.73 3.48 -38.15
C ILE T 15 -44.07 4.52 -39.19
N THR T 16 -43.21 5.53 -39.33
CA THR T 16 -43.55 6.66 -40.19
C THR T 16 -42.67 7.06 -41.37
N MET T 17 -41.57 6.36 -41.62
CA MET T 17 -40.73 6.78 -42.74
C MET T 17 -41.49 6.67 -44.06
N HIS T 18 -41.23 7.62 -44.96
CA HIS T 18 -41.88 7.57 -46.27
C HIS T 18 -40.97 6.94 -47.30
N ARG T 19 -41.57 6.49 -48.39
CA ARG T 19 -40.85 5.78 -49.45
C ARG T 19 -39.64 6.41 -50.10
N SER T 20 -39.73 7.66 -50.50
CA SER T 20 -38.59 8.27 -51.16
C SER T 20 -37.37 8.31 -50.23
N CYS T 21 -37.60 8.71 -48.98
CA CYS T 21 -36.53 8.78 -48.00
C CYS T 21 -35.97 7.37 -47.72
N ARG T 22 -36.86 6.40 -47.53
CA ARG T 22 -36.42 5.04 -47.25
C ARG T 22 -35.62 4.48 -48.43
N ASN T 23 -36.06 4.72 -49.66
CA ASN T 23 -35.32 4.22 -50.81
C ASN T 23 -33.95 4.88 -50.93
N SER T 24 -33.85 6.17 -50.61
CA SER T 24 -32.55 6.84 -50.67
C SER T 24 -31.61 6.24 -49.61
N MET T 25 -32.16 5.90 -48.45
CA MET T 25 -31.34 5.29 -47.39
C MET T 25 -30.85 3.91 -47.84
N ARG T 26 -31.72 3.13 -48.49
CA ARG T 26 -31.32 1.80 -48.96
C ARG T 26 -30.19 1.91 -49.99
N GLN T 27 -30.28 2.92 -50.85
CA GLN T 27 -29.24 3.13 -51.85
C GLN T 27 -27.94 3.56 -51.16
N GLN T 28 -28.05 4.36 -50.12
CA GLN T 28 -26.84 4.80 -49.40
C GLN T 28 -26.14 3.61 -48.73
N ILE T 29 -26.93 2.68 -48.21
CA ILE T 29 -26.36 1.49 -47.57
C ILE T 29 -25.51 0.71 -48.57
N GLN T 30 -26.02 0.54 -49.80
CA GLN T 30 -25.24 -0.17 -50.82
C GLN T 30 -23.99 0.64 -51.17
N MET T 31 -24.11 1.96 -51.20
CA MET T 31 -22.94 2.79 -51.51
C MET T 31 -21.84 2.64 -50.44
N GLU T 32 -22.22 2.59 -49.17
CA GLU T 32 -21.22 2.44 -48.10
C GLU T 32 -20.52 1.08 -48.25
N VAL T 33 -21.30 0.04 -48.55
CA VAL T 33 -20.71 -1.30 -48.74
C VAL T 33 -19.75 -1.28 -49.92
N GLY T 34 -20.16 -0.62 -51.02
CA GLY T 34 -19.30 -0.53 -52.19
C GLY T 34 -17.99 0.17 -51.82
N ALA T 35 -18.07 1.21 -51.00
CA ALA T 35 -16.87 1.92 -50.58
C ALA T 35 -16.00 1.00 -49.73
N SER T 36 -16.59 0.18 -48.85
CA SER T 36 -15.78 -0.72 -48.03
C SER T 36 -15.00 -1.69 -48.92
N LEU T 37 -15.63 -2.18 -49.98
CA LEU T 37 -14.97 -3.12 -50.90
C LEU T 37 -13.85 -2.44 -51.68
N GLN T 38 -14.04 -1.19 -52.07
CA GLN T 38 -13.00 -0.50 -52.83
C GLN T 38 -11.80 -0.23 -51.91
N TYR T 39 -12.04 0.09 -50.63
CA TYR T 39 -10.94 0.30 -49.70
C TYR T 39 -10.20 -1.02 -49.43
N LEU T 40 -10.92 -2.15 -49.40
CA LEU T 40 -10.25 -3.43 -49.20
C LEU T 40 -9.25 -3.66 -50.33
N ALA T 41 -9.63 -3.30 -51.54
CA ALA T 41 -8.74 -3.48 -52.69
C ALA T 41 -7.51 -2.58 -52.57
N MET T 42 -7.67 -1.39 -51.99
CA MET T 42 -6.51 -0.51 -51.81
C MET T 42 -5.59 -1.12 -50.75
N GLY T 43 -6.18 -1.63 -49.68
CA GLY T 43 -5.36 -2.27 -48.64
C GLY T 43 -4.58 -3.43 -49.24
N ALA T 44 -5.24 -4.23 -50.07
CA ALA T 44 -4.59 -5.38 -50.70
C ALA T 44 -3.43 -4.93 -51.60
N HIS T 45 -3.63 -3.86 -52.37
CA HIS T 45 -2.58 -3.37 -53.26
C HIS T 45 -1.33 -2.93 -52.49
N PHE T 46 -1.49 -2.14 -51.46
CA PHE T 46 -0.32 -1.69 -50.71
C PHE T 46 0.33 -2.75 -49.84
N SER T 47 -0.35 -3.89 -49.70
CA SER T 47 0.19 -5.02 -48.94
C SER T 47 1.13 -5.88 -49.81
N LYS T 48 1.08 -5.70 -51.13
CA LYS T 48 1.93 -6.51 -52.02
C LYS T 48 3.42 -6.33 -51.72
N ASP T 49 4.18 -7.42 -51.85
CA ASP T 49 5.62 -7.36 -51.59
C ASP T 49 6.35 -6.36 -52.48
N VAL T 50 5.89 -6.23 -53.73
CA VAL T 50 6.53 -5.30 -54.65
C VAL T 50 6.09 -3.84 -54.47
N VAL T 51 5.11 -3.59 -53.61
CA VAL T 51 4.66 -2.21 -53.34
C VAL T 51 5.17 -1.87 -51.95
N ASN T 52 4.86 -2.76 -51.00
CA ASN T 52 5.36 -2.68 -49.64
C ASN T 52 5.19 -1.34 -48.90
N ARG T 53 3.96 -0.88 -48.77
CA ARG T 53 3.68 0.36 -48.04
C ARG T 53 2.67 -0.05 -46.94
N PRO T 54 3.17 -0.66 -45.86
CA PRO T 54 2.31 -1.11 -44.76
C PRO T 54 1.49 -0.01 -44.09
N GLY T 55 2.01 1.22 -44.10
CA GLY T 55 1.28 2.33 -43.51
C GLY T 55 0.03 2.61 -44.33
N PHE T 56 0.18 2.66 -45.65
CA PHE T 56 -0.98 2.88 -46.53
C PHE T 56 -1.91 1.68 -46.46
N ALA T 57 -1.37 0.48 -46.41
CA ALA T 57 -2.22 -0.72 -46.34
C ALA T 57 -3.12 -0.64 -45.12
N GLN T 58 -2.54 -0.34 -43.96
CA GLN T 58 -3.32 -0.26 -42.73
C GLN T 58 -4.34 0.87 -42.79
N LEU T 59 -3.95 2.01 -43.36
CA LEU T 59 -4.85 3.15 -43.49
C LEU T 59 -6.10 2.74 -44.25
N PHE T 60 -5.92 2.02 -45.36
CA PHE T 60 -7.07 1.63 -46.17
C PHE T 60 -7.85 0.44 -45.64
N PHE T 61 -7.20 -0.50 -44.95
CA PHE T 61 -7.97 -1.60 -44.35
C PHE T 61 -8.82 -0.98 -43.22
N ASP T 62 -8.27 -0.01 -42.49
CA ASP T 62 -9.04 0.65 -41.43
C ASP T 62 -10.24 1.37 -42.06
N ALA T 63 -10.01 2.04 -43.19
CA ALA T 63 -11.11 2.75 -43.88
C ALA T 63 -12.18 1.77 -44.36
N ALA T 64 -11.77 0.59 -44.80
CA ALA T 64 -12.75 -0.42 -45.25
C ALA T 64 -13.66 -0.81 -44.08
N SER T 65 -13.05 -1.07 -42.91
CA SER T 65 -13.85 -1.47 -41.75
C SER T 65 -14.77 -0.33 -41.30
N GLU T 66 -14.30 0.90 -41.42
CA GLU T 66 -15.11 2.05 -41.04
C GLU T 66 -16.33 2.18 -41.98
N GLU T 67 -16.14 1.96 -43.28
CA GLU T 67 -17.28 2.06 -44.20
C GLU T 67 -18.30 0.96 -43.90
N ARG T 68 -17.82 -0.21 -43.50
CA ARG T 68 -18.72 -1.30 -43.15
C ARG T 68 -19.54 -0.85 -41.92
N GLU T 69 -18.88 -0.17 -40.97
CA GLU T 69 -19.60 0.32 -39.80
C GLU T 69 -20.66 1.38 -40.22
N HIS T 70 -20.34 2.22 -41.21
CA HIS T 70 -21.31 3.22 -41.68
C HIS T 70 -22.54 2.52 -42.23
N ALA T 71 -22.34 1.47 -43.00
CA ALA T 71 -23.47 0.73 -43.55
C ALA T 71 -24.31 0.17 -42.40
N MET T 72 -23.65 -0.41 -41.40
CA MET T 72 -24.38 -0.97 -40.26
C MET T 72 -25.17 0.10 -39.50
N LYS T 73 -24.62 1.31 -39.36
CA LYS T 73 -25.35 2.36 -38.65
C LYS T 73 -26.62 2.77 -39.39
N LEU T 74 -26.57 2.81 -40.72
CA LEU T 74 -27.76 3.18 -41.51
C LEU T 74 -28.80 2.08 -41.39
N ILE T 75 -28.36 0.83 -41.43
CA ILE T 75 -29.28 -0.30 -41.28
C ILE T 75 -29.94 -0.24 -39.89
N GLU T 76 -29.15 0.01 -38.86
CA GLU T 76 -29.70 0.11 -37.50
C GLU T 76 -30.73 1.23 -37.39
N TYR T 77 -30.50 2.33 -38.11
CA TYR T 77 -31.46 3.43 -38.06
C TYR T 77 -32.80 2.96 -38.64
N LEU T 78 -32.76 2.32 -39.81
CA LEU T 78 -34.00 1.82 -40.41
C LEU T 78 -34.73 0.86 -39.47
N LEU T 79 -33.98 -0.03 -38.82
CA LEU T 79 -34.58 -1.01 -37.91
C LEU T 79 -35.25 -0.30 -36.73
N MET T 80 -34.60 0.74 -36.21
CA MET T 80 -35.17 1.49 -35.08
C MET T 80 -36.50 2.14 -35.47
N ARG T 81 -36.61 2.57 -36.72
CA ARG T 81 -37.84 3.22 -37.20
C ARG T 81 -38.95 2.22 -37.57
N GLY T 82 -38.67 0.92 -37.42
CA GLY T 82 -39.71 -0.06 -37.71
C GLY T 82 -39.65 -0.66 -39.09
N GLU T 83 -38.58 -0.38 -39.83
CA GLU T 83 -38.43 -0.90 -41.19
C GLU T 83 -37.67 -2.23 -41.22
N LEU T 84 -37.47 -2.74 -42.43
CA LEU T 84 -36.76 -3.98 -42.66
C LEU T 84 -37.38 -5.23 -42.05
N THR T 85 -38.72 -5.28 -42.02
CA THR T 85 -39.42 -6.46 -41.56
C THR T 85 -39.46 -7.41 -42.78
N ASN T 86 -39.08 -6.87 -43.94
CA ASN T 86 -38.95 -7.63 -45.19
C ASN T 86 -38.01 -6.83 -46.10
N ASP T 87 -37.69 -7.36 -47.29
CA ASP T 87 -36.81 -6.65 -48.23
C ASP T 87 -35.41 -6.45 -47.66
N VAL T 88 -34.94 -7.42 -46.89
CA VAL T 88 -33.62 -7.30 -46.30
C VAL T 88 -32.58 -7.92 -47.24
N SER T 89 -32.91 -9.06 -47.83
CA SER T 89 -31.97 -9.76 -48.72
C SER T 89 -31.50 -8.90 -49.89
N SER T 90 -32.39 -8.06 -50.40
CA SER T 90 -32.06 -7.21 -51.55
C SER T 90 -31.33 -5.92 -51.17
N LEU T 91 -31.07 -5.70 -49.88
CA LEU T 91 -30.39 -4.47 -49.46
C LEU T 91 -28.98 -4.31 -49.99
N LEU T 92 -28.26 -5.42 -50.10
CA LEU T 92 -26.86 -5.40 -50.49
C LEU T 92 -26.46 -6.42 -51.51
N GLN T 93 -25.40 -6.09 -52.24
CA GLN T 93 -24.83 -6.99 -53.22
C GLN T 93 -23.32 -6.77 -53.16
N VAL T 94 -22.56 -7.85 -52.96
CA VAL T 94 -21.12 -7.75 -52.92
C VAL T 94 -20.62 -8.03 -54.34
N ARG T 95 -19.84 -7.11 -54.90
CA ARG T 95 -19.29 -7.29 -56.24
C ARG T 95 -17.83 -6.82 -56.24
N PRO T 96 -17.02 -7.34 -57.16
CA PRO T 96 -15.61 -6.93 -57.21
C PRO T 96 -15.54 -5.42 -57.43
N PRO T 97 -14.59 -4.74 -56.78
CA PRO T 97 -14.49 -3.29 -56.98
C PRO T 97 -13.96 -2.98 -58.38
N THR T 98 -14.24 -1.78 -58.83
CA THR T 98 -13.86 -1.28 -60.14
C THR T 98 -12.36 -1.11 -60.36
N ARG T 99 -11.66 -0.68 -59.32
CA ARG T 99 -10.23 -0.46 -59.45
C ARG T 99 -9.45 -1.37 -58.51
N SER T 100 -8.30 -1.86 -58.95
CA SER T 100 -7.51 -2.75 -58.11
C SER T 100 -6.02 -2.38 -58.04
N SER T 101 -5.63 -1.33 -58.75
CA SER T 101 -4.23 -0.92 -58.73
C SER T 101 -4.12 0.60 -58.79
N TRP T 102 -3.06 1.14 -58.17
CA TRP T 102 -2.80 2.58 -58.12
C TRP T 102 -1.29 2.77 -58.36
N LYS T 103 -0.92 3.85 -59.03
CA LYS T 103 0.50 4.08 -59.31
C LYS T 103 1.32 4.31 -58.05
N GLY T 104 0.75 4.98 -57.07
CA GLY T 104 1.46 5.21 -55.83
C GLY T 104 0.51 5.73 -54.76
N GLY T 105 1.05 6.12 -53.62
CA GLY T 105 0.22 6.62 -52.53
C GLY T 105 -0.59 7.85 -52.91
N VAL T 106 -0.02 8.77 -53.67
CA VAL T 106 -0.79 9.97 -54.06
C VAL T 106 -2.04 9.59 -54.87
N GLU T 107 -1.90 8.72 -55.86
CA GLU T 107 -3.07 8.33 -56.65
C GLU T 107 -4.14 7.69 -55.78
N ALA T 108 -3.73 6.87 -54.82
CA ALA T 108 -4.71 6.22 -53.94
C ALA T 108 -5.38 7.25 -53.02
N LEU T 109 -4.61 8.19 -52.48
CA LEU T 109 -5.21 9.21 -51.60
C LEU T 109 -6.18 10.09 -52.40
N GLU T 110 -5.83 10.43 -53.63
CA GLU T 110 -6.72 11.26 -54.45
C GLU T 110 -7.98 10.49 -54.83
N HIS T 111 -7.83 9.20 -55.08
CA HIS T 111 -9.00 8.37 -55.41
C HIS T 111 -9.89 8.31 -54.15
N ALA T 112 -9.28 8.07 -52.97
CA ALA T 112 -10.07 8.03 -51.73
C ALA T 112 -10.80 9.35 -51.51
N LEU T 113 -10.11 10.46 -51.74
CA LEU T 113 -10.73 11.78 -51.56
C LEU T 113 -11.95 11.93 -52.48
N SER T 114 -11.81 11.48 -53.72
CA SER T 114 -12.90 11.54 -54.69
C SER T 114 -14.06 10.62 -54.28
N MET T 115 -13.74 9.44 -53.74
CA MET T 115 -14.79 8.52 -53.27
C MET T 115 -15.54 9.18 -52.11
N GLU T 116 -14.80 9.78 -51.18
CA GLU T 116 -15.45 10.42 -50.02
C GLU T 116 -16.32 11.59 -50.47
N SER T 117 -15.80 12.36 -51.43
CA SER T 117 -16.52 13.50 -51.99
C SER T 117 -17.85 13.01 -52.61
N ASP T 118 -17.83 11.87 -53.30
CA ASP T 118 -19.05 11.29 -53.87
C ASP T 118 -20.03 10.86 -52.77
N VAL T 119 -19.50 10.28 -51.70
CA VAL T 119 -20.36 9.84 -50.60
C VAL T 119 -21.00 11.05 -49.92
N THR T 120 -20.23 12.14 -49.77
CA THR T 120 -20.78 13.34 -49.13
C THR T 120 -21.94 13.89 -49.96
N LYS T 121 -21.76 13.94 -51.26
CA LYS T 121 -22.80 14.43 -52.16
C LYS T 121 -24.03 13.51 -52.09
N SER T 122 -23.79 12.20 -52.03
CA SER T 122 -24.90 11.26 -51.95
C SER T 122 -25.68 11.42 -50.63
N ILE T 123 -24.97 11.60 -49.51
CA ILE T 123 -25.65 11.79 -48.23
C ILE T 123 -26.49 13.09 -48.27
N ARG T 124 -25.94 14.14 -48.88
CA ARG T 124 -26.69 15.40 -48.98
C ARG T 124 -27.96 15.15 -49.81
N ASN T 125 -27.89 14.26 -50.80
CA ASN T 125 -29.08 13.95 -51.58
C ASN T 125 -30.10 13.11 -50.79
N VAL T 126 -29.62 12.28 -49.86
CA VAL T 126 -30.55 11.52 -49.01
C VAL T 126 -31.25 12.54 -48.10
N ILE T 127 -30.47 13.49 -47.57
CA ILE T 127 -31.03 14.53 -46.72
C ILE T 127 -32.13 15.30 -47.47
N LYS T 128 -31.85 15.69 -48.71
CA LYS T 128 -32.85 16.41 -49.51
C LYS T 128 -34.12 15.58 -49.69
N ALA T 129 -33.97 14.31 -50.06
CA ALA T 129 -35.14 13.45 -50.25
C ALA T 129 -35.95 13.31 -48.96
N CYS T 130 -35.26 13.16 -47.83
CA CYS T 130 -35.93 12.97 -46.55
C CYS T 130 -36.55 14.23 -45.99
N GLU T 131 -35.95 15.38 -46.31
CA GLU T 131 -36.47 16.64 -45.80
C GLU T 131 -37.54 17.24 -46.68
N ASP T 132 -37.38 17.13 -47.99
CA ASP T 132 -38.32 17.77 -48.90
C ASP T 132 -39.51 17.01 -49.43
N ASP T 133 -39.74 15.80 -48.92
CA ASP T 133 -40.91 15.03 -49.34
C ASP T 133 -42.11 15.88 -48.91
N SER T 134 -42.96 16.26 -49.85
CA SER T 134 -44.11 17.11 -49.51
C SER T 134 -45.04 16.53 -48.45
N GLU T 135 -45.06 15.21 -48.32
CA GLU T 135 -45.95 14.58 -47.34
C GLU T 135 -45.35 14.38 -45.95
N PHE T 136 -44.03 14.38 -45.84
CA PHE T 136 -43.42 14.11 -44.53
C PHE T 136 -41.96 14.55 -44.50
N ASN T 137 -41.67 15.55 -43.68
CA ASN T 137 -40.31 16.05 -43.51
C ASN T 137 -39.75 15.19 -42.37
N ASP T 138 -38.79 14.32 -42.65
CA ASP T 138 -38.27 13.46 -41.59
C ASP T 138 -37.19 14.19 -40.79
N TYR T 139 -37.63 15.05 -39.87
CA TYR T 139 -36.70 15.86 -39.09
C TYR T 139 -35.58 15.10 -38.42
N HIS T 140 -35.93 14.01 -37.75
CA HIS T 140 -34.92 13.26 -37.02
C HIS T 140 -33.86 12.61 -37.88
N LEU T 141 -34.25 11.96 -38.97
CA LEU T 141 -33.25 11.32 -39.82
C LEU T 141 -32.38 12.38 -40.49
N VAL T 142 -32.98 13.48 -40.92
CA VAL T 142 -32.19 14.56 -41.55
C VAL T 142 -31.11 15.03 -40.56
N ASP T 143 -31.53 15.21 -39.31
CA ASP T 143 -30.62 15.66 -38.25
C ASP T 143 -29.51 14.64 -38.00
N TYR T 144 -29.87 13.36 -37.99
CA TYR T 144 -28.90 12.29 -37.78
C TYR T 144 -27.86 12.25 -38.91
N LEU T 145 -28.33 12.33 -40.15
CA LEU T 145 -27.41 12.30 -41.29
C LEU T 145 -26.51 13.55 -41.30
N THR T 146 -27.06 14.67 -40.89
CA THR T 146 -26.30 15.91 -40.90
C THR T 146 -25.26 15.97 -39.79
N GLY T 147 -25.69 15.68 -38.57
CA GLY T 147 -24.79 15.77 -37.43
C GLY T 147 -23.79 14.64 -37.22
N ASP T 148 -24.13 13.46 -37.71
CA ASP T 148 -23.24 12.31 -37.56
C ASP T 148 -22.50 12.00 -38.86
N PHE T 149 -23.24 11.67 -39.90
CA PHE T 149 -22.61 11.31 -41.16
C PHE T 149 -21.87 12.42 -41.86
N LEU T 150 -22.47 13.60 -42.03
CA LEU T 150 -21.75 14.67 -42.71
C LEU T 150 -20.54 15.13 -41.88
N GLU T 151 -20.67 15.10 -40.56
CA GLU T 151 -19.56 15.49 -39.69
C GLU T 151 -18.34 14.61 -40.01
N GLU T 152 -18.55 13.31 -40.07
CA GLU T 152 -17.46 12.38 -40.37
C GLU T 152 -16.93 12.61 -41.80
N GLN T 153 -17.82 12.91 -42.72
CA GLN T 153 -17.40 13.15 -44.11
C GLN T 153 -16.50 14.36 -44.26
N TYR T 154 -16.90 15.50 -43.69
CA TYR T 154 -16.07 16.70 -43.87
C TYR T 154 -14.71 16.59 -43.20
N LYS T 155 -14.67 15.99 -42.01
CA LYS T 155 -13.38 15.82 -41.32
C LYS T 155 -12.51 14.87 -42.15
N GLY T 156 -13.12 13.79 -42.65
CA GLY T 156 -12.38 12.81 -43.43
C GLY T 156 -11.80 13.40 -44.73
N GLN T 157 -12.59 14.21 -45.42
CA GLN T 157 -12.13 14.83 -46.66
C GLN T 157 -10.93 15.74 -46.39
N ARG T 158 -11.04 16.56 -45.34
CA ARG T 158 -9.94 17.48 -45.04
C ARG T 158 -8.68 16.68 -44.70
N ASP T 159 -8.84 15.58 -43.98
CA ASP T 159 -7.69 14.76 -43.62
C ASP T 159 -7.02 14.18 -44.88
N LEU T 160 -7.81 13.58 -45.76
CA LEU T 160 -7.27 13.01 -47.01
C LEU T 160 -6.67 14.07 -47.92
N ALA T 161 -7.33 15.23 -48.02
CA ALA T 161 -6.82 16.31 -48.88
C ALA T 161 -5.46 16.79 -48.37
N GLY T 162 -5.32 16.93 -47.05
CA GLY T 162 -4.04 17.34 -46.49
C GLY T 162 -2.96 16.31 -46.74
N LYS T 163 -3.28 15.03 -46.55
CA LYS T 163 -2.30 13.97 -46.80
C LYS T 163 -1.86 14.00 -48.27
N ALA T 164 -2.82 14.13 -49.17
CA ALA T 164 -2.51 14.17 -50.60
C ALA T 164 -1.61 15.36 -50.93
N SER T 165 -1.93 16.55 -50.40
CA SER T 165 -1.10 17.73 -50.68
C SER T 165 0.32 17.54 -50.17
N THR T 166 0.44 17.09 -48.93
CA THR T 166 1.76 16.89 -48.33
C THR T 166 2.62 15.90 -49.12
N LEU T 167 2.04 14.76 -49.47
CA LEU T 167 2.82 13.76 -50.20
C LEU T 167 3.08 14.17 -51.65
N LYS T 168 2.09 14.79 -52.29
CA LYS T 168 2.28 15.18 -53.69
C LYS T 168 3.43 16.17 -53.88
N LYS T 169 3.66 17.04 -52.90
CA LYS T 169 4.77 17.99 -53.01
C LYS T 169 6.11 17.30 -53.09
N LEU T 170 6.19 16.08 -52.58
CA LEU T 170 7.44 15.31 -52.59
C LEU T 170 7.68 14.53 -53.86
N MET T 171 6.66 14.43 -54.72
CA MET T 171 6.78 13.61 -55.91
C MET T 171 7.65 14.08 -57.07
N ASP T 172 7.84 15.36 -57.26
CA ASP T 172 8.67 15.75 -58.39
C ASP T 172 10.13 15.33 -58.24
N ARG T 173 10.68 15.28 -57.02
CA ARG T 173 12.07 14.87 -56.88
C ARG T 173 12.36 13.78 -55.85
N HIS T 174 11.37 13.42 -55.04
CA HIS T 174 11.61 12.45 -53.97
C HIS T 174 10.52 11.40 -53.88
N GLU T 175 10.17 10.84 -55.01
CA GLU T 175 9.10 9.86 -55.05
C GLU T 175 9.31 8.66 -54.11
N ALA T 176 10.49 8.04 -54.16
CA ALA T 176 10.72 6.86 -53.33
C ALA T 176 10.95 7.15 -51.86
N LEU T 177 11.87 8.05 -51.56
CA LEU T 177 12.17 8.35 -50.17
C LEU T 177 11.02 9.10 -49.51
N GLY T 178 10.39 10.00 -50.26
CA GLY T 178 9.28 10.76 -49.72
C GLY T 178 8.13 9.84 -49.33
N GLU T 179 7.75 8.92 -50.22
CA GLU T 179 6.66 8.00 -49.90
C GLU T 179 7.05 7.04 -48.78
N PHE T 180 8.32 6.60 -48.77
CA PHE T 180 8.76 5.69 -47.72
C PHE T 180 8.60 6.33 -46.34
N ILE T 181 9.07 7.56 -46.19
CA ILE T 181 8.99 8.25 -44.90
C ILE T 181 7.53 8.53 -44.53
N PHE T 182 6.75 9.00 -45.49
CA PHE T 182 5.34 9.31 -45.25
C PHE T 182 4.59 8.05 -44.80
N ASP T 183 4.90 6.93 -45.45
CA ASP T 183 4.28 5.65 -45.14
C ASP T 183 4.57 5.24 -43.69
N LYS T 184 5.82 5.40 -43.25
CA LYS T 184 6.14 5.02 -41.88
C LYS T 184 5.48 5.97 -40.88
N LYS T 185 5.33 7.24 -41.26
CA LYS T 185 4.64 8.20 -40.38
C LYS T 185 3.18 7.75 -40.20
N LEU T 186 2.59 7.13 -41.22
CA LEU T 186 1.20 6.66 -41.07
C LEU T 186 1.14 5.59 -39.98
N LEU T 187 2.26 4.90 -39.75
CA LEU T 187 2.33 3.87 -38.71
C LEU T 187 2.78 4.46 -37.39
N GLY T 188 3.01 5.76 -37.35
CA GLY T 188 3.47 6.40 -36.12
C GLY T 188 4.96 6.20 -35.89
N ILE T 189 5.69 5.90 -36.96
CA ILE T 189 7.12 5.68 -36.86
C ILE T 189 7.90 6.84 -37.47
N ASP T 190 8.69 7.52 -36.64
CA ASP T 190 9.52 8.63 -37.12
C ASP T 190 10.87 7.97 -37.37
N VAL T 191 11.30 7.93 -38.62
CA VAL T 191 12.58 7.30 -38.90
C VAL T 191 13.74 8.18 -38.40
N THR U 1 23.29 -0.08 -63.85
CA THR U 1 22.64 0.78 -62.82
C THR U 1 23.53 0.97 -61.59
N GLN U 2 23.43 2.14 -60.97
CA GLN U 2 24.22 2.47 -59.77
C GLN U 2 23.46 2.04 -58.50
N CYS U 3 23.75 0.85 -58.01
CA CYS U 3 23.05 0.35 -56.82
C CYS U 3 23.70 0.70 -55.51
N ASN U 4 24.90 1.25 -55.56
CA ASN U 4 25.57 1.61 -54.32
C ASN U 4 26.12 3.01 -54.37
N VAL U 5 26.47 3.53 -53.20
CA VAL U 5 27.00 4.87 -53.10
C VAL U 5 28.52 4.89 -53.26
N ASN U 6 29.02 5.85 -54.04
CA ASN U 6 30.46 5.98 -54.25
C ASN U 6 31.07 6.15 -52.86
N PRO U 7 32.02 5.28 -52.51
CA PRO U 7 32.66 5.34 -51.19
C PRO U 7 33.35 6.68 -50.89
N VAL U 8 33.45 7.00 -49.61
CA VAL U 8 34.11 8.22 -49.17
C VAL U 8 35.30 7.78 -48.34
N GLN U 9 36.23 8.69 -48.14
CA GLN U 9 37.41 8.36 -47.37
C GLN U 9 37.52 9.33 -46.22
N ILE U 10 37.87 8.83 -45.04
CA ILE U 10 38.07 9.70 -43.89
C ILE U 10 39.49 9.41 -43.42
N PRO U 11 40.01 10.20 -42.48
CA PRO U 11 41.37 10.01 -41.96
C PRO U 11 41.57 8.57 -41.47
N LYS U 12 42.77 8.03 -41.69
CA LYS U 12 43.07 6.65 -41.29
C LYS U 12 44.25 6.50 -40.35
N ASP U 13 44.87 7.60 -39.92
CA ASP U 13 46.02 7.48 -39.03
C ASP U 13 45.69 6.74 -37.74
N TRP U 14 44.44 6.80 -37.30
CA TRP U 14 44.01 6.12 -36.07
C TRP U 14 44.01 4.59 -36.16
N ILE U 15 44.08 4.06 -37.38
CA ILE U 15 44.06 2.60 -37.62
C ILE U 15 45.49 2.14 -37.51
N THR U 16 45.84 1.49 -36.40
CA THR U 16 47.24 1.15 -36.15
C THR U 16 47.69 -0.29 -35.95
N MET U 17 46.78 -1.25 -35.97
CA MET U 17 47.24 -2.63 -35.74
C MET U 17 48.24 -3.07 -36.81
N HIS U 18 49.22 -3.85 -36.42
CA HIS U 18 50.20 -4.34 -37.38
C HIS U 18 49.85 -5.76 -37.82
N ARG U 19 50.40 -6.15 -38.96
CA ARG U 19 50.10 -7.43 -39.57
C ARG U 19 50.27 -8.72 -38.77
N SER U 20 51.39 -8.88 -38.10
CA SER U 20 51.60 -10.12 -37.36
C SER U 20 50.53 -10.29 -36.26
N CYS U 21 50.28 -9.21 -35.55
CA CYS U 21 49.27 -9.22 -34.48
C CYS U 21 47.87 -9.49 -35.08
N ARG U 22 47.55 -8.77 -36.15
CA ARG U 22 46.24 -8.95 -36.77
C ARG U 22 46.06 -10.38 -37.28
N ASN U 23 47.10 -10.95 -37.90
CA ASN U 23 46.97 -12.31 -38.39
C ASN U 23 46.80 -13.31 -37.25
N SER U 24 47.49 -13.09 -36.12
CA SER U 24 47.32 -13.99 -34.99
C SER U 24 45.91 -13.90 -34.44
N MET U 25 45.32 -12.70 -34.45
CA MET U 25 43.94 -12.54 -33.98
C MET U 25 42.98 -13.26 -34.92
N ARG U 26 43.21 -13.17 -36.23
CA ARG U 26 42.35 -13.85 -37.19
C ARG U 26 42.39 -15.37 -36.98
N GLN U 27 43.58 -15.88 -36.70
CA GLN U 27 43.73 -17.31 -36.46
C GLN U 27 43.03 -17.69 -35.15
N GLN U 28 43.09 -16.82 -34.15
CA GLN U 28 42.42 -17.11 -32.88
C GLN U 28 40.90 -17.16 -33.06
N ILE U 29 40.38 -16.28 -33.91
CA ILE U 29 38.93 -16.27 -34.18
C ILE U 29 38.50 -17.63 -34.74
N GLN U 30 39.26 -18.17 -35.68
CA GLN U 30 38.92 -19.47 -36.25
C GLN U 30 39.03 -20.55 -35.17
N MET U 31 40.03 -20.43 -34.30
CA MET U 31 40.18 -21.42 -33.23
C MET U 31 38.97 -21.42 -32.27
N GLU U 32 38.46 -20.24 -31.93
CA GLU U 32 37.30 -20.15 -31.03
C GLU U 32 36.10 -20.81 -31.71
N VAL U 33 35.91 -20.55 -33.00
CA VAL U 33 34.79 -21.15 -33.74
C VAL U 33 34.95 -22.66 -33.76
N GLY U 34 36.17 -23.14 -34.00
CA GLY U 34 36.42 -24.58 -34.00
C GLY U 34 36.06 -25.19 -32.64
N ALA U 35 36.40 -24.48 -31.56
CA ALA U 35 36.07 -24.97 -30.23
C ALA U 35 34.54 -25.01 -30.06
N SER U 36 33.82 -24.00 -30.56
CA SER U 36 32.37 -24.01 -30.41
C SER U 36 31.77 -25.23 -31.09
N LEU U 37 32.31 -25.59 -32.26
CA LEU U 37 31.80 -26.75 -33.00
C LEU U 37 32.11 -28.06 -32.28
N GLN U 38 33.28 -28.15 -31.67
CA GLN U 38 33.64 -29.37 -30.96
C GLN U 38 32.75 -29.53 -29.71
N TYR U 39 32.42 -28.43 -29.04
CA TYR U 39 31.53 -28.49 -27.88
C TYR U 39 30.11 -28.88 -28.32
N LEU U 40 29.68 -28.42 -29.49
CA LEU U 40 28.34 -28.80 -29.98
C LEU U 40 28.27 -30.31 -30.12
N ALA U 41 29.35 -30.91 -30.61
CA ALA U 41 29.37 -32.36 -30.80
C ALA U 41 29.32 -33.08 -29.44
N MET U 42 29.93 -32.50 -28.41
CA MET U 42 29.87 -33.11 -27.08
C MET U 42 28.44 -33.02 -26.57
N GLY U 43 27.81 -31.86 -26.75
CA GLY U 43 26.43 -31.71 -26.31
C GLY U 43 25.53 -32.73 -27.01
N ALA U 44 25.75 -32.91 -28.30
CA ALA U 44 24.97 -33.88 -29.08
C ALA U 44 25.16 -35.30 -28.55
N HIS U 45 26.41 -35.66 -28.23
CA HIS U 45 26.69 -37.01 -27.73
C HIS U 45 25.97 -37.30 -26.42
N PHE U 46 26.05 -36.39 -25.46
CA PHE U 46 25.40 -36.65 -24.18
C PHE U 46 23.88 -36.51 -24.20
N SER U 47 23.35 -36.00 -25.31
CA SER U 47 21.91 -35.88 -25.50
C SER U 47 21.30 -37.20 -26.02
N LYS U 48 22.13 -38.11 -26.51
CA LYS U 48 21.60 -39.38 -27.05
C LYS U 48 20.84 -40.18 -26.01
N ASP U 49 19.77 -40.85 -26.44
CA ASP U 49 18.96 -41.65 -25.52
C ASP U 49 19.75 -42.75 -24.84
N VAL U 50 20.72 -43.33 -25.55
CA VAL U 50 21.54 -44.39 -24.95
C VAL U 50 22.67 -43.89 -24.06
N VAL U 51 22.89 -42.58 -24.00
CA VAL U 51 23.93 -42.00 -23.12
C VAL U 51 23.17 -41.34 -21.98
N ASN U 52 22.23 -40.48 -22.36
CA ASN U 52 21.32 -39.82 -21.41
C ASN U 52 21.94 -39.12 -20.21
N ARG U 53 22.81 -38.14 -20.46
CA ARG U 53 23.43 -37.36 -19.39
C ARG U 53 23.08 -35.91 -19.71
N PRO U 54 21.83 -35.49 -19.40
CA PRO U 54 21.39 -34.12 -19.68
C PRO U 54 22.21 -33.02 -19.01
N GLY U 55 22.80 -33.33 -17.86
CA GLY U 55 23.63 -32.34 -17.17
C GLY U 55 24.86 -32.06 -18.02
N PHE U 56 25.52 -33.12 -18.48
CA PHE U 56 26.71 -32.94 -19.34
C PHE U 56 26.31 -32.30 -20.66
N ALA U 57 25.17 -32.71 -21.23
CA ALA U 57 24.74 -32.14 -22.50
C ALA U 57 24.60 -30.62 -22.36
N GLN U 58 23.92 -30.17 -21.32
CA GLN U 58 23.72 -28.74 -21.10
C GLN U 58 25.05 -28.01 -20.86
N LEU U 59 25.93 -28.65 -20.09
CA LEU U 59 27.24 -28.07 -19.81
C LEU U 59 27.98 -27.77 -21.12
N PHE U 60 27.97 -28.73 -22.04
CA PHE U 60 28.69 -28.56 -23.28
C PHE U 60 27.97 -27.68 -24.31
N PHE U 61 26.64 -27.68 -24.34
CA PHE U 61 25.95 -26.76 -25.25
C PHE U 61 26.22 -25.34 -24.75
N ASP U 62 26.23 -25.14 -23.42
CA ASP U 62 26.53 -23.81 -22.88
C ASP U 62 27.95 -23.41 -23.27
N ALA U 63 28.90 -24.35 -23.19
CA ALA U 63 30.28 -24.07 -23.56
C ALA U 63 30.38 -23.71 -25.05
N ALA U 64 29.60 -24.37 -25.89
CA ALA U 64 29.62 -24.08 -27.32
C ALA U 64 29.19 -22.62 -27.56
N SER U 65 28.11 -22.20 -26.90
CA SER U 65 27.62 -20.83 -27.07
C SER U 65 28.63 -19.82 -26.54
N GLU U 66 29.31 -20.17 -25.45
CA GLU U 66 30.31 -19.27 -24.89
C GLU U 66 31.50 -19.11 -25.87
N GLU U 67 31.92 -20.18 -26.51
CA GLU U 67 33.05 -20.07 -27.46
C GLU U 67 32.63 -19.20 -28.65
N ARG U 68 31.38 -19.30 -29.06
CA ARG U 68 30.89 -18.47 -30.15
C ARG U 68 30.97 -17.01 -29.70
N GLU U 69 30.62 -16.74 -28.44
CA GLU U 69 30.71 -15.36 -27.93
C GLU U 69 32.18 -14.90 -27.92
N HIS U 70 33.12 -15.79 -27.60
CA HIS U 70 34.55 -15.41 -27.59
C HIS U 70 34.96 -14.99 -29.00
N ALA U 71 34.53 -15.75 -30.00
CA ALA U 71 34.87 -15.40 -31.38
C ALA U 71 34.30 -14.01 -31.70
N MET U 72 33.06 -13.77 -31.31
CA MET U 72 32.44 -12.47 -31.58
C MET U 72 33.18 -11.33 -30.90
N LYS U 73 33.66 -11.54 -29.67
CA LYS U 73 34.39 -10.49 -28.97
C LYS U 73 35.68 -10.13 -29.69
N LEU U 74 36.38 -11.12 -30.22
CA LEU U 74 37.64 -10.84 -30.95
C LEU U 74 37.33 -10.09 -32.24
N ILE U 75 36.27 -10.49 -32.92
CA ILE U 75 35.86 -9.80 -34.15
C ILE U 75 35.51 -8.34 -33.82
N GLU U 76 34.75 -8.13 -32.74
CA GLU U 76 34.39 -6.76 -32.36
C GLU U 76 35.63 -5.92 -32.05
N TYR U 77 36.64 -6.54 -31.47
CA TYR U 77 37.87 -5.79 -31.14
C TYR U 77 38.51 -5.31 -32.45
N LEU U 78 38.65 -6.20 -33.42
CA LEU U 78 39.24 -5.82 -34.72
C LEU U 78 38.44 -4.68 -35.36
N LEU U 79 37.11 -4.77 -35.32
CA LEU U 79 36.26 -3.74 -35.91
C LEU U 79 36.47 -2.39 -35.23
N MET U 80 36.60 -2.42 -33.90
CA MET U 80 36.81 -1.18 -33.14
C MET U 80 38.12 -0.51 -33.55
N ARG U 81 39.13 -1.31 -33.87
CA ARG U 81 40.44 -0.78 -34.27
C ARG U 81 40.50 -0.34 -35.74
N GLY U 82 39.39 -0.47 -36.45
CA GLY U 82 39.36 -0.02 -37.84
C GLY U 82 39.64 -1.10 -38.87
N GLU U 83 39.69 -2.35 -38.44
CA GLU U 83 39.96 -3.46 -39.35
C GLU U 83 38.68 -4.06 -39.92
N LEU U 84 38.86 -5.10 -40.73
CA LEU U 84 37.76 -5.82 -41.36
C LEU U 84 36.89 -5.01 -42.30
N THR U 85 37.51 -4.07 -43.03
CA THR U 85 36.79 -3.31 -44.04
C THR U 85 36.79 -4.22 -45.30
N ASN U 86 37.58 -5.29 -45.24
CA ASN U 86 37.64 -6.32 -46.29
C ASN U 86 38.21 -7.59 -45.62
N ASP U 87 38.31 -8.69 -46.37
CA ASP U 87 38.84 -9.95 -45.83
C ASP U 87 37.98 -10.49 -44.68
N VAL U 88 36.68 -10.30 -44.79
CA VAL U 88 35.79 -10.78 -43.75
C VAL U 88 35.34 -12.20 -44.07
N SER U 89 35.01 -12.46 -45.33
CA SER U 89 34.52 -13.78 -45.74
C SER U 89 35.50 -14.92 -45.40
N SER U 90 36.78 -14.64 -45.51
CA SER U 90 37.81 -15.65 -45.23
C SER U 90 38.15 -15.81 -43.75
N LEU U 91 37.50 -15.05 -42.87
CA LEU U 91 37.79 -15.16 -41.44
C LEU U 91 37.48 -16.51 -40.82
N LEU U 92 36.40 -17.13 -41.29
CA LEU U 92 35.93 -18.38 -40.71
C LEU U 92 35.54 -19.44 -41.70
N GLN U 93 35.63 -20.68 -41.24
CA GLN U 93 35.23 -21.82 -42.04
C GLN U 93 34.60 -22.82 -41.05
N VAL U 94 33.38 -23.24 -41.34
CA VAL U 94 32.71 -24.20 -40.48
C VAL U 94 33.00 -25.59 -41.07
N ARG U 95 33.53 -26.49 -40.25
CA ARG U 95 33.84 -27.85 -40.70
C ARG U 95 33.44 -28.82 -39.60
N PRO U 96 33.15 -30.07 -39.96
CA PRO U 96 32.76 -31.05 -38.95
C PRO U 96 33.89 -31.20 -37.92
N PRO U 97 33.55 -31.34 -36.63
CA PRO U 97 34.60 -31.49 -35.64
C PRO U 97 35.28 -32.85 -35.76
N THR U 98 36.50 -32.93 -35.25
CA THR U 98 37.34 -34.12 -35.29
C THR U 98 36.81 -35.29 -34.48
N ARG U 99 36.23 -35.01 -33.32
CA ARG U 99 35.73 -36.08 -32.47
C ARG U 99 34.22 -35.98 -32.28
N SER U 100 33.54 -37.11 -32.23
CA SER U 100 32.09 -37.09 -32.07
C SER U 100 31.57 -38.04 -31.00
N SER U 101 32.47 -38.78 -30.36
CA SER U 101 32.05 -39.71 -29.32
C SER U 101 33.08 -39.75 -28.19
N TRP U 102 32.61 -40.01 -26.97
CA TRP U 102 33.45 -40.09 -25.77
C TRP U 102 32.96 -41.29 -24.95
N LYS U 103 33.86 -41.98 -24.28
CA LYS U 103 33.47 -43.15 -23.49
C LYS U 103 32.55 -42.79 -22.33
N GLY U 104 32.80 -41.65 -21.70
CA GLY U 104 31.96 -41.23 -20.59
C GLY U 104 32.24 -39.79 -20.25
N GLY U 105 31.64 -39.31 -19.15
CA GLY U 105 31.83 -37.94 -18.74
C GLY U 105 33.28 -37.59 -18.46
N VAL U 106 34.04 -38.48 -17.83
CA VAL U 106 35.45 -38.19 -17.56
C VAL U 106 36.23 -37.92 -18.85
N GLU U 107 36.08 -38.77 -19.86
CA GLU U 107 36.80 -38.56 -21.11
C GLU U 107 36.44 -37.22 -21.73
N ALA U 108 35.16 -36.85 -21.68
CA ALA U 108 34.75 -35.57 -22.26
C ALA U 108 35.31 -34.40 -21.46
N LEU U 109 35.29 -34.49 -20.14
CA LEU U 109 35.85 -33.40 -19.31
C LEU U 109 37.35 -33.25 -19.56
N GLU U 110 38.06 -34.37 -19.69
CA GLU U 110 39.51 -34.31 -19.93
C GLU U 110 39.80 -33.76 -21.31
N HIS U 111 38.96 -34.10 -22.28
CA HIS U 111 39.13 -33.57 -23.63
C HIS U 111 38.87 -32.06 -23.58
N ALA U 112 37.81 -31.64 -22.90
CA ALA U 112 37.51 -30.20 -22.79
C ALA U 112 38.69 -29.47 -22.11
N LEU U 113 39.23 -30.06 -21.05
CA LEU U 113 40.35 -29.43 -20.36
C LEU U 113 41.54 -29.25 -21.31
N SER U 114 41.81 -30.27 -22.12
CA SER U 114 42.90 -30.21 -23.10
C SER U 114 42.62 -29.16 -24.18
N MET U 115 41.38 -29.04 -24.62
CA MET U 115 41.01 -28.03 -25.62
C MET U 115 41.23 -26.64 -25.01
N GLU U 116 40.80 -26.44 -23.77
CA GLU U 116 40.96 -25.13 -23.12
C GLU U 116 42.44 -24.81 -22.93
N SER U 117 43.21 -25.82 -22.55
CA SER U 117 44.65 -25.66 -22.36
C SER U 117 45.30 -25.22 -23.70
N ASP U 118 44.85 -25.79 -24.81
CA ASP U 118 45.37 -25.40 -26.14
C ASP U 118 44.99 -23.95 -26.46
N VAL U 119 43.76 -23.57 -26.11
CA VAL U 119 43.31 -22.21 -26.38
C VAL U 119 44.12 -21.21 -25.54
N THR U 120 44.40 -21.56 -24.29
CA THR U 120 45.18 -20.69 -23.42
C THR U 120 46.57 -20.44 -24.02
N LYS U 121 47.19 -21.52 -24.47
CA LYS U 121 48.52 -21.42 -25.07
C LYS U 121 48.45 -20.56 -26.34
N SER U 122 47.40 -20.75 -27.14
CA SER U 122 47.26 -19.98 -28.36
C SER U 122 47.06 -18.48 -28.06
N ILE U 123 46.27 -18.15 -27.05
CA ILE U 123 46.07 -16.74 -26.69
C ILE U 123 47.40 -16.14 -26.22
N ARG U 124 48.18 -16.89 -25.45
CA ARG U 124 49.47 -16.39 -24.99
C ARG U 124 50.37 -16.13 -26.22
N ASN U 125 50.23 -16.94 -27.26
CA ASN U 125 51.02 -16.69 -28.47
C ASN U 125 50.53 -15.46 -29.24
N VAL U 126 49.22 -15.17 -29.16
CA VAL U 126 48.72 -13.94 -29.81
C VAL U 126 49.31 -12.75 -29.04
N ILE U 127 49.30 -12.87 -27.71
CA ILE U 127 49.85 -11.80 -26.87
C ILE U 127 51.32 -11.56 -27.24
N LYS U 128 52.10 -12.64 -27.37
CA LYS U 128 53.52 -12.48 -27.74
C LYS U 128 53.68 -11.78 -29.08
N ALA U 129 52.90 -12.21 -30.08
CA ALA U 129 52.99 -11.59 -31.40
C ALA U 129 52.62 -10.10 -31.35
N CYS U 130 51.59 -9.76 -30.59
CA CYS U 130 51.12 -8.39 -30.50
C CYS U 130 52.02 -7.50 -29.66
N GLU U 131 52.67 -8.08 -28.66
CA GLU U 131 53.54 -7.30 -27.79
C GLU U 131 54.96 -7.16 -28.33
N ASP U 132 55.48 -8.23 -28.92
CA ASP U 132 56.86 -8.22 -29.36
C ASP U 132 57.20 -7.81 -30.78
N ASP U 133 56.22 -7.34 -31.54
CA ASP U 133 56.48 -6.88 -32.89
C ASP U 133 57.45 -5.69 -32.72
N SER U 134 58.62 -5.76 -33.32
CA SER U 134 59.61 -4.69 -33.16
C SER U 134 59.12 -3.32 -33.59
N GLU U 135 58.15 -3.27 -34.50
CA GLU U 135 57.65 -1.98 -34.96
C GLU U 135 56.48 -1.40 -34.17
N PHE U 136 55.76 -2.23 -33.42
CA PHE U 136 54.59 -1.72 -32.70
C PHE U 136 54.15 -2.67 -31.60
N ASN U 137 54.27 -2.24 -30.35
CA ASN U 137 53.86 -3.03 -29.20
C ASN U 137 52.38 -2.62 -29.01
N ASP U 138 51.45 -3.53 -29.26
CA ASP U 138 50.04 -3.17 -29.12
C ASP U 138 49.59 -3.30 -27.66
N TYR U 139 49.94 -2.30 -26.86
CA TYR U 139 49.63 -2.32 -25.44
C TYR U 139 48.18 -2.65 -25.09
N HIS U 140 47.25 -1.98 -25.75
CA HIS U 140 45.86 -2.17 -25.43
C HIS U 140 45.31 -3.56 -25.72
N LEU U 141 45.64 -4.10 -26.89
CA LEU U 141 45.14 -5.45 -27.22
C LEU U 141 45.79 -6.48 -26.29
N VAL U 142 47.08 -6.33 -26.02
CA VAL U 142 47.75 -7.27 -25.12
C VAL U 142 47.04 -7.27 -23.75
N ASP U 143 46.71 -6.08 -23.28
CA ASP U 143 46.02 -5.92 -21.99
C ASP U 143 44.63 -6.55 -22.03
N TYR U 144 43.92 -6.36 -23.13
CA TYR U 144 42.58 -6.93 -23.30
C TYR U 144 42.62 -8.46 -23.30
N LEU U 145 43.56 -9.04 -24.05
CA LEU U 145 43.68 -10.49 -24.09
C LEU U 145 44.10 -11.05 -22.74
N THR U 146 44.94 -10.33 -22.03
CA THR U 146 45.42 -10.81 -20.74
C THR U 146 44.36 -10.71 -19.64
N GLY U 147 43.73 -9.54 -19.53
CA GLY U 147 42.76 -9.33 -18.47
C GLY U 147 41.38 -9.92 -18.67
N ASP U 148 40.98 -10.10 -19.91
CA ASP U 148 39.66 -10.66 -20.21
C ASP U 148 39.75 -12.13 -20.64
N PHE U 149 40.44 -12.38 -21.74
CA PHE U 149 40.53 -13.74 -22.23
C PHE U 149 41.30 -14.72 -21.36
N LEU U 150 42.50 -14.37 -20.92
CA LEU U 150 43.24 -15.30 -20.06
C LEU U 150 42.52 -15.51 -18.72
N GLU U 151 41.88 -14.47 -18.21
CA GLU U 151 41.15 -14.58 -16.95
C GLU U 151 40.10 -15.71 -17.09
N GLU U 152 39.32 -15.66 -18.16
CA GLU U 152 38.29 -16.67 -18.40
C GLU U 152 38.94 -18.05 -18.59
N GLN U 153 40.08 -18.11 -19.27
CA GLN U 153 40.75 -19.38 -19.51
C GLN U 153 41.22 -20.06 -18.22
N TYR U 154 41.91 -19.31 -17.36
CA TYR U 154 42.42 -19.95 -16.14
C TYR U 154 41.32 -20.41 -15.20
N LYS U 155 40.27 -19.61 -15.06
CA LYS U 155 39.15 -20.02 -14.21
C LYS U 155 38.47 -21.25 -14.80
N GLY U 156 38.30 -21.25 -16.12
CA GLY U 156 37.66 -22.37 -16.79
C GLY U 156 38.44 -23.67 -16.66
N GLN U 157 39.76 -23.60 -16.80
CA GLN U 157 40.62 -24.78 -16.67
C GLN U 157 40.51 -25.35 -15.27
N ARG U 158 40.59 -24.50 -14.26
CA ARG U 158 40.51 -24.98 -12.88
C ARG U 158 39.16 -25.65 -12.64
N ASP U 159 38.10 -25.07 -13.19
CA ASP U 159 36.77 -25.65 -13.02
C ASP U 159 36.69 -27.04 -13.65
N LEU U 160 37.13 -27.17 -14.90
CA LEU U 160 37.11 -28.47 -15.58
C LEU U 160 38.03 -29.49 -14.92
N ALA U 161 39.20 -29.05 -14.47
CA ALA U 161 40.15 -29.97 -13.82
C ALA U 161 39.53 -30.52 -12.54
N GLY U 162 38.87 -29.65 -11.77
CA GLY U 162 38.24 -30.10 -10.53
C GLY U 162 37.11 -31.09 -10.82
N LYS U 163 36.29 -30.78 -11.82
CA LYS U 163 35.19 -31.69 -12.18
C LYS U 163 35.75 -33.06 -12.60
N ALA U 164 36.81 -33.05 -13.42
CA ALA U 164 37.42 -34.29 -13.88
C ALA U 164 37.97 -35.09 -12.70
N SER U 165 38.67 -34.43 -11.77
CA SER U 165 39.23 -35.15 -10.61
C SER U 165 38.12 -35.77 -9.76
N THR U 166 37.10 -34.98 -9.47
CA THR U 166 35.99 -35.46 -8.64
C THR U 166 35.29 -36.67 -9.26
N LEU U 167 34.96 -36.57 -10.54
CA LEU U 167 34.27 -37.69 -11.19
C LEU U 167 35.18 -38.89 -11.41
N LYS U 168 36.44 -38.66 -11.77
CA LYS U 168 37.34 -39.77 -12.03
C LYS U 168 37.56 -40.65 -10.80
N LYS U 169 37.53 -40.07 -9.61
CA LYS U 169 37.70 -40.86 -8.39
C LYS U 169 36.59 -41.88 -8.22
N LEU U 170 35.44 -41.61 -8.83
CA LEU U 170 34.29 -42.52 -8.72
C LEU U 170 34.29 -43.65 -9.73
N MET U 171 35.17 -43.57 -10.73
CA MET U 171 35.17 -44.55 -11.80
C MET U 171 35.65 -45.97 -11.53
N ASP U 172 36.55 -46.17 -10.58
CA ASP U 172 37.00 -47.54 -10.39
C ASP U 172 35.90 -48.47 -9.85
N ARG U 173 34.97 -47.96 -9.04
CA ARG U 173 33.90 -48.85 -8.54
C ARG U 173 32.47 -48.36 -8.71
N HIS U 174 32.30 -47.10 -9.12
CA HIS U 174 30.94 -46.54 -9.21
C HIS U 174 30.72 -45.77 -10.49
N GLU U 175 31.10 -46.37 -11.60
CA GLU U 175 30.96 -45.72 -12.88
C GLU U 175 29.54 -45.25 -13.21
N ALA U 176 28.55 -46.11 -13.05
CA ALA U 176 27.19 -45.74 -13.40
C ALA U 176 26.50 -44.82 -12.41
N LEU U 177 26.51 -45.19 -11.14
CA LEU U 177 25.85 -44.36 -10.14
C LEU U 177 26.61 -43.07 -9.91
N GLY U 178 27.92 -43.14 -9.93
CA GLY U 178 28.72 -41.94 -9.73
C GLY U 178 28.45 -40.91 -10.82
N GLU U 179 28.46 -41.34 -12.08
CA GLU U 179 28.21 -40.40 -13.17
C GLU U 179 26.76 -39.91 -13.15
N PHE U 180 25.83 -40.79 -12.79
CA PHE U 180 24.43 -40.38 -12.74
C PHE U 180 24.22 -39.24 -11.74
N ILE U 181 24.77 -39.40 -10.53
CA ILE U 181 24.62 -38.37 -9.49
C ILE U 181 25.34 -37.09 -9.89
N PHE U 182 26.56 -37.23 -10.40
CA PHE U 182 27.36 -36.07 -10.82
C PHE U 182 26.61 -35.29 -11.91
N ASP U 183 26.04 -36.02 -12.85
CA ASP U 183 25.28 -35.43 -13.96
C ASP U 183 24.10 -34.61 -13.45
N LYS U 184 23.36 -35.13 -12.46
CA LYS U 184 22.23 -34.38 -11.95
C LYS U 184 22.69 -33.16 -11.16
N LYS U 185 23.84 -33.27 -10.49
CA LYS U 185 24.40 -32.11 -9.77
C LYS U 185 24.71 -31.00 -10.77
N LEU U 186 25.11 -31.36 -11.99
CA LEU U 186 25.39 -30.32 -13.00
C LEU U 186 24.11 -29.54 -13.30
N LEU U 187 22.96 -30.18 -13.11
CA LEU U 187 21.68 -29.52 -13.35
C LEU U 187 21.16 -28.85 -12.08
N GLY U 188 21.94 -28.92 -11.00
CA GLY U 188 21.50 -28.31 -9.75
C GLY U 188 20.51 -29.18 -9.00
N ILE U 189 20.50 -30.47 -9.32
CA ILE U 189 19.58 -31.41 -8.68
C ILE U 189 20.32 -32.32 -7.71
N ASP U 190 19.96 -32.24 -6.43
CA ASP U 190 20.55 -33.09 -5.41
C ASP U 190 19.56 -34.24 -5.29
N VAL U 191 19.96 -35.44 -5.66
CA VAL U 191 19.04 -36.56 -5.56
C VAL U 191 18.81 -36.96 -4.10
N THR V 1 16.51 33.55 -56.95
CA THR V 1 16.60 32.22 -56.28
C THR V 1 15.23 31.61 -56.02
N GLN V 2 15.14 30.28 -56.08
CA GLN V 2 13.89 29.56 -55.85
C GLN V 2 13.74 29.22 -54.36
N CYS V 3 13.04 30.07 -53.62
CA CYS V 3 12.87 29.85 -52.18
C CYS V 3 11.67 29.03 -51.80
N ASN V 4 10.80 28.75 -52.76
CA ASN V 4 9.63 27.96 -52.44
C ASN V 4 9.42 26.84 -53.44
N VAL V 5 8.57 25.90 -53.08
CA VAL V 5 8.28 24.77 -53.93
C VAL V 5 7.14 25.07 -54.88
N ASN V 6 7.31 24.68 -56.15
CA ASN V 6 6.26 24.88 -57.15
C ASN V 6 5.02 24.18 -56.61
N PRO V 7 3.91 24.91 -56.48
CA PRO V 7 2.68 24.34 -55.97
C PRO V 7 2.15 23.14 -56.77
N VAL V 8 1.40 22.28 -56.10
CA VAL V 8 0.81 21.11 -56.73
C VAL V 8 -0.69 21.29 -56.62
N GLN V 9 -1.43 20.54 -57.42
CA GLN V 9 -2.87 20.65 -57.38
C GLN V 9 -3.46 19.28 -57.11
N ILE V 10 -4.46 19.23 -56.25
CA ILE V 10 -5.12 17.96 -55.98
C ILE V 10 -6.60 18.21 -56.31
N PRO V 11 -7.43 17.15 -56.33
CA PRO V 11 -8.86 17.28 -56.64
C PRO V 11 -9.51 18.34 -55.74
N LYS V 12 -10.45 19.09 -56.28
CA LYS V 12 -11.13 20.15 -55.54
C LYS V 12 -12.64 20.03 -55.47
N ASP V 13 -13.21 18.96 -56.03
CA ASP V 13 -14.66 18.82 -56.01
C ASP V 13 -15.23 18.81 -54.58
N TRP V 14 -14.44 18.36 -53.62
CA TRP V 14 -14.88 18.31 -52.21
C TRP V 14 -15.06 19.68 -51.56
N ILE V 15 -14.52 20.73 -52.19
CA ILE V 15 -14.59 22.11 -51.66
C ILE V 15 -15.90 22.69 -52.16
N THR V 16 -16.89 22.78 -51.28
CA THR V 16 -18.24 23.16 -51.73
C THR V 16 -18.94 24.39 -51.16
N MET V 17 -18.34 25.11 -50.22
CA MET V 17 -19.04 26.26 -49.68
C MET V 17 -19.33 27.29 -50.76
N HIS V 18 -20.48 27.95 -50.67
CA HIS V 18 -20.82 28.98 -51.65
C HIS V 18 -20.51 30.36 -51.09
N ARG V 19 -20.40 31.32 -51.99
CA ARG V 19 -20.01 32.68 -51.65
C ARG V 19 -20.78 33.44 -50.59
N SER V 20 -22.10 33.45 -50.67
CA SER V 20 -22.88 34.21 -49.70
C SER V 20 -22.63 33.67 -48.28
N CYS V 21 -22.65 32.36 -48.14
CA CYS V 21 -22.42 31.72 -46.85
C CYS V 21 -20.98 32.01 -46.36
N ARG V 22 -20.01 31.84 -47.26
CA ARG V 22 -18.63 32.09 -46.88
C ARG V 22 -18.42 33.55 -46.46
N ASN V 23 -19.01 34.48 -47.19
CA ASN V 23 -18.85 35.89 -46.82
C ASN V 23 -19.50 36.19 -45.48
N SER V 24 -20.64 35.58 -45.17
CA SER V 24 -21.29 35.81 -43.88
C SER V 24 -20.41 35.25 -42.76
N MET V 25 -19.75 34.13 -43.01
CA MET V 25 -18.85 33.54 -42.01
C MET V 25 -17.65 34.48 -41.77
N ARG V 26 -17.11 35.04 -42.85
CA ARG V 26 -15.96 35.95 -42.71
C ARG V 26 -16.35 37.18 -41.88
N GLN V 27 -17.57 37.68 -42.10
CA GLN V 27 -18.05 38.83 -41.36
C GLN V 27 -18.24 38.44 -39.88
N GLN V 28 -18.72 37.22 -39.63
CA GLN V 28 -18.93 36.78 -38.25
C GLN V 28 -17.58 36.67 -37.51
N ILE V 29 -16.54 36.22 -38.22
CA ILE V 29 -15.22 36.12 -37.60
C ILE V 29 -14.76 37.49 -37.11
N GLN V 30 -14.94 38.52 -37.94
CA GLN V 30 -14.55 39.88 -37.52
C GLN V 30 -15.41 40.33 -36.34
N MET V 31 -16.68 39.96 -36.34
CA MET V 31 -17.56 40.34 -35.24
C MET V 31 -17.11 39.71 -33.91
N GLU V 32 -16.68 38.44 -33.94
CA GLU V 32 -16.22 37.77 -32.72
C GLU V 32 -14.96 38.48 -32.21
N VAL V 33 -14.06 38.82 -33.12
CA VAL V 33 -12.83 39.52 -32.72
C VAL V 33 -13.18 40.88 -32.12
N GLY V 34 -14.11 41.59 -32.74
CA GLY V 34 -14.54 42.88 -32.20
C GLY V 34 -15.10 42.71 -30.78
N ALA V 35 -15.86 41.65 -30.56
CA ALA V 35 -16.41 41.40 -29.23
C ALA V 35 -15.25 41.12 -28.25
N SER V 36 -14.23 40.36 -28.66
CA SER V 36 -13.13 40.08 -27.75
C SER V 36 -12.45 41.37 -27.32
N LEU V 37 -12.30 42.31 -28.25
CA LEU V 37 -11.65 43.59 -27.93
C LEU V 37 -12.50 44.44 -27.00
N GLN V 38 -13.82 44.41 -27.18
CA GLN V 38 -14.68 45.20 -26.32
C GLN V 38 -14.66 44.62 -24.89
N TYR V 39 -14.60 43.29 -24.77
CA TYR V 39 -14.53 42.67 -23.43
C TYR V 39 -13.19 42.98 -22.78
N LEU V 40 -12.11 43.07 -23.56
CA LEU V 40 -10.80 43.42 -22.98
C LEU V 40 -10.90 44.79 -22.33
N ALA V 41 -11.61 45.71 -22.99
CA ALA V 41 -11.74 47.06 -22.44
C ALA V 41 -12.57 47.05 -21.15
N MET V 42 -13.55 46.15 -21.05
CA MET V 42 -14.33 46.05 -19.82
C MET V 42 -13.43 45.51 -18.71
N GLY V 43 -12.63 44.49 -19.03
CA GLY V 43 -11.72 43.94 -18.04
C GLY V 43 -10.77 45.02 -17.54
N ALA V 44 -10.25 45.82 -18.47
CA ALA V 44 -9.33 46.90 -18.11
C ALA V 44 -10.00 47.92 -17.19
N HIS V 45 -11.25 48.28 -17.49
CA HIS V 45 -11.96 49.25 -16.67
C HIS V 45 -12.15 48.78 -15.23
N PHE V 46 -12.60 47.56 -15.04
CA PHE V 46 -12.82 47.08 -13.68
C PHE V 46 -11.55 46.74 -12.93
N SER V 47 -10.42 46.74 -13.63
CA SER V 47 -9.11 46.49 -13.02
C SER V 47 -8.53 47.79 -12.42
N LYS V 48 -9.08 48.95 -12.80
CA LYS V 48 -8.55 50.22 -12.28
C LYS V 48 -8.62 50.31 -10.75
N ASP V 49 -7.61 50.93 -10.15
CA ASP V 49 -7.58 51.06 -8.70
C ASP V 49 -8.79 51.83 -8.15
N VAL V 50 -9.27 52.81 -8.90
CA VAL V 50 -10.42 53.58 -8.44
C VAL V 50 -11.78 52.89 -8.69
N VAL V 51 -11.78 51.76 -9.39
CA VAL V 51 -13.03 51.02 -9.62
C VAL V 51 -12.94 49.78 -8.74
N ASN V 52 -11.83 49.07 -8.87
CA ASN V 52 -11.51 47.93 -8.03
C ASN V 52 -12.58 46.84 -7.88
N ARG V 53 -12.99 46.24 -8.98
CA ARG V 53 -13.97 45.15 -8.96
C ARG V 53 -13.28 43.98 -9.67
N PRO V 54 -12.38 43.28 -8.96
CA PRO V 54 -11.64 42.16 -9.55
C PRO V 54 -12.51 41.01 -10.06
N GLY V 55 -13.68 40.83 -9.45
CA GLY V 55 -14.59 39.78 -9.90
C GLY V 55 -15.10 40.12 -11.29
N PHE V 56 -15.53 41.36 -11.48
CA PHE V 56 -16.00 41.79 -12.81
C PHE V 56 -14.84 41.80 -13.80
N ALA V 57 -13.66 42.23 -13.36
CA ALA V 57 -12.52 42.26 -14.27
C ALA V 57 -12.24 40.86 -14.82
N GLN V 58 -12.20 39.88 -13.93
CA GLN V 58 -11.92 38.50 -14.35
C GLN V 58 -13.04 37.97 -15.25
N LEU V 59 -14.29 38.29 -14.91
CA LEU V 59 -15.43 37.85 -15.71
C LEU V 59 -15.25 38.32 -17.16
N PHE V 60 -14.89 39.59 -17.34
CA PHE V 60 -14.76 40.12 -18.68
C PHE V 60 -13.48 39.74 -19.41
N PHE V 61 -12.37 39.55 -18.68
CA PHE V 61 -11.15 39.07 -19.35
C PHE V 61 -11.44 37.64 -19.83
N ASP V 62 -12.15 36.84 -19.02
CA ASP V 62 -12.50 35.47 -19.43
C ASP V 62 -13.38 35.53 -20.68
N ALA V 63 -14.34 36.45 -20.70
CA ALA V 63 -15.22 36.60 -21.86
C ALA V 63 -14.42 37.00 -23.10
N ALA V 64 -13.42 37.85 -22.94
CA ALA V 64 -12.60 38.27 -24.08
C ALA V 64 -11.89 37.04 -24.67
N SER V 65 -11.31 36.21 -23.83
CA SER V 65 -10.59 35.02 -24.32
C SER V 65 -11.56 34.04 -24.98
N GLU V 66 -12.78 33.95 -24.45
CA GLU V 66 -13.77 33.06 -25.03
C GLU V 66 -14.18 33.55 -26.44
N GLU V 67 -14.34 34.85 -26.62
CA GLU V 67 -14.71 35.37 -27.95
C GLU V 67 -13.58 35.11 -28.94
N ARG V 68 -12.34 35.20 -28.48
CA ARG V 68 -11.21 34.92 -29.36
C ARG V 68 -11.30 33.44 -29.77
N GLU V 69 -11.66 32.57 -28.84
CA GLU V 69 -11.81 31.14 -29.18
C GLU V 69 -12.95 30.95 -30.20
N HIS V 70 -14.03 31.73 -30.09
CA HIS V 70 -15.14 31.62 -31.05
C HIS V 70 -14.64 31.96 -32.44
N ALA V 71 -13.84 33.03 -32.54
CA ALA V 71 -13.30 33.43 -33.83
C ALA V 71 -12.45 32.29 -34.40
N MET V 72 -11.61 31.70 -33.55
CA MET V 72 -10.75 30.60 -34.01
C MET V 72 -11.57 29.40 -34.48
N LYS V 73 -12.67 29.09 -33.80
CA LYS V 73 -13.49 27.95 -34.22
C LYS V 73 -14.10 28.17 -35.61
N LEU V 74 -14.53 29.40 -35.90
CA LEU V 74 -15.11 29.69 -37.21
C LEU V 74 -14.04 29.60 -38.29
N ILE V 75 -12.84 30.10 -37.97
CA ILE V 75 -11.73 30.01 -38.92
C ILE V 75 -11.39 28.54 -39.18
N GLU V 76 -11.34 27.72 -38.13
CA GLU V 76 -11.04 26.30 -38.29
C GLU V 76 -12.09 25.61 -39.16
N TYR V 77 -13.35 26.03 -39.03
CA TYR V 77 -14.41 25.42 -39.84
C TYR V 77 -14.14 25.72 -41.32
N LEU V 78 -13.84 26.97 -41.65
CA LEU V 78 -13.57 27.33 -43.05
C LEU V 78 -12.37 26.51 -43.58
N LEU V 79 -11.32 26.37 -42.77
CA LEU V 79 -10.14 25.63 -43.20
C LEU V 79 -10.49 24.16 -43.48
N MET V 80 -11.32 23.58 -42.61
CA MET V 80 -11.72 22.18 -42.79
C MET V 80 -12.47 21.99 -44.11
N ARG V 81 -13.25 22.99 -44.52
CA ARG V 81 -14.02 22.92 -45.77
C ARG V 81 -13.18 23.23 -47.02
N GLY V 82 -11.89 23.52 -46.83
CA GLY V 82 -11.03 23.77 -47.98
C GLY V 82 -10.86 25.23 -48.35
N GLU V 83 -11.32 26.13 -47.48
CA GLU V 83 -11.21 27.56 -47.74
C GLU V 83 -9.94 28.16 -47.14
N LEU V 84 -9.80 29.47 -47.31
CA LEU V 84 -8.67 30.23 -46.80
C LEU V 84 -7.31 29.81 -47.34
N THR V 85 -7.27 29.45 -48.62
CA THR V 85 -6.01 29.15 -49.28
C THR V 85 -5.45 30.52 -49.72
N ASN V 86 -6.29 31.55 -49.61
CA ASN V 86 -5.91 32.95 -49.88
C ASN V 86 -6.95 33.83 -49.15
N ASP V 87 -6.78 35.15 -49.20
CA ASP V 87 -7.72 36.07 -48.54
C ASP V 87 -7.74 35.87 -47.02
N VAL V 88 -6.58 35.55 -46.46
CA VAL V 88 -6.50 35.35 -45.03
C VAL V 88 -6.17 36.68 -44.32
N SER V 89 -5.24 37.44 -44.90
CA SER V 89 -4.82 38.71 -44.29
C SER V 89 -5.98 39.68 -44.06
N SER V 90 -6.94 39.68 -44.98
CA SER V 90 -8.08 40.59 -44.88
C SER V 90 -9.20 40.09 -43.97
N LEU V 91 -9.03 38.92 -43.36
CA LEU V 91 -10.09 38.38 -42.50
C LEU V 91 -10.39 39.22 -41.27
N LEU V 92 -9.34 39.81 -40.70
CA LEU V 92 -9.47 40.56 -39.45
C LEU V 92 -8.77 41.88 -39.42
N GLN V 93 -9.28 42.76 -38.57
CA GLN V 93 -8.70 44.07 -38.37
C GLN V 93 -8.88 44.37 -36.87
N VAL V 94 -7.79 44.68 -36.19
CA VAL V 94 -7.85 45.03 -34.78
C VAL V 94 -7.98 46.54 -34.70
N ARG V 95 -9.01 47.03 -34.01
CA ARG V 95 -9.23 48.46 -33.84
C ARG V 95 -9.66 48.73 -32.41
N PRO V 96 -9.41 49.95 -31.92
CA PRO V 96 -9.81 50.27 -30.54
C PRO V 96 -11.32 50.08 -30.39
N PRO V 97 -11.77 49.55 -29.25
CA PRO V 97 -13.22 49.38 -29.08
C PRO V 97 -13.91 50.73 -28.90
N THR V 98 -15.20 50.74 -29.19
CA THR V 98 -16.05 51.92 -29.12
C THR V 98 -16.24 52.48 -27.73
N ARG V 99 -16.37 51.61 -26.74
CA ARG V 99 -16.59 52.07 -25.38
C ARG V 99 -15.45 51.65 -24.46
N SER V 100 -15.10 52.51 -23.52
CA SER V 100 -14.00 52.20 -22.61
C SER V 100 -14.31 52.43 -21.14
N SER V 101 -15.51 52.92 -20.86
CA SER V 101 -15.89 53.17 -19.47
C SER V 101 -17.37 52.84 -19.23
N TRP V 102 -17.69 52.42 -18.02
CA TRP V 102 -19.06 52.06 -17.62
C TRP V 102 -19.29 52.64 -16.23
N LYS V 103 -20.51 53.07 -15.94
CA LYS V 103 -20.80 53.66 -14.64
C LYS V 103 -20.64 52.66 -13.49
N GLY V 104 -21.01 51.41 -13.73
CA GLY V 104 -20.88 50.40 -12.69
C GLY V 104 -21.07 49.02 -13.29
N GLY V 105 -21.12 48.00 -12.43
CA GLY V 105 -21.29 46.64 -12.90
C GLY V 105 -22.59 46.42 -13.68
N VAL V 106 -23.69 47.03 -13.24
CA VAL V 106 -24.94 46.86 -13.98
C VAL V 106 -24.83 47.35 -15.43
N GLU V 107 -24.28 48.55 -15.64
CA GLU V 107 -24.15 49.06 -17.00
C GLU V 107 -23.30 48.12 -17.85
N ALA V 108 -22.23 47.59 -17.28
CA ALA V 108 -21.37 46.68 -18.05
C ALA V 108 -22.09 45.37 -18.36
N LEU V 109 -22.83 44.82 -17.40
CA LEU V 109 -23.56 43.58 -17.65
C LEU V 109 -24.63 43.80 -18.71
N GLU V 110 -25.32 44.94 -18.67
CA GLU V 110 -26.35 45.22 -19.66
C GLU V 110 -25.75 45.44 -21.04
N HIS V 111 -24.57 46.06 -21.08
CA HIS V 111 -23.88 46.26 -22.35
C HIS V 111 -23.47 44.88 -22.89
N ALA V 112 -22.91 44.03 -22.02
CA ALA V 112 -22.51 42.68 -22.45
C ALA V 112 -23.73 41.91 -22.99
N LEU V 113 -24.85 42.01 -22.28
CA LEU V 113 -26.07 41.30 -22.72
C LEU V 113 -26.48 41.79 -24.12
N SER V 114 -26.40 43.09 -24.35
CA SER V 114 -26.75 43.66 -25.64
C SER V 114 -25.76 43.21 -26.74
N MET V 115 -24.47 43.12 -26.40
CA MET V 115 -23.47 42.65 -27.36
C MET V 115 -23.78 41.19 -27.72
N GLU V 116 -24.08 40.37 -26.71
CA GLU V 116 -24.37 38.96 -26.97
C GLU V 116 -25.63 38.81 -27.81
N SER V 117 -26.63 39.63 -27.51
CA SER V 117 -27.89 39.64 -28.25
C SER V 117 -27.61 39.96 -29.73
N ASP V 118 -26.72 40.92 -29.98
CA ASP V 118 -26.35 41.27 -31.36
C ASP V 118 -25.63 40.12 -32.04
N VAL V 119 -24.76 39.43 -31.32
CA VAL V 119 -24.03 38.29 -31.89
C VAL V 119 -25.01 37.16 -32.22
N THR V 120 -25.99 36.93 -31.36
CA THR V 120 -26.97 35.87 -31.60
C THR V 120 -27.74 36.16 -32.89
N LYS V 121 -28.16 37.41 -33.04
CA LYS V 121 -28.89 37.80 -34.24
C LYS V 121 -28.01 37.65 -35.48
N SER V 122 -26.73 38.01 -35.35
CA SER V 122 -25.82 37.89 -36.48
C SER V 122 -25.60 36.42 -36.88
N ILE V 123 -25.45 35.53 -35.88
CA ILE V 123 -25.27 34.11 -36.18
C ILE V 123 -26.53 33.57 -36.89
N ARG V 124 -27.71 33.99 -36.43
CA ARG V 124 -28.95 33.53 -37.07
C ARG V 124 -28.96 34.01 -38.53
N ASN V 125 -28.39 35.20 -38.80
CA ASN V 125 -28.33 35.67 -40.18
C ASN V 125 -27.32 34.89 -41.01
N VAL V 126 -26.24 34.39 -40.38
CA VAL V 126 -25.28 33.55 -41.12
C VAL V 126 -26.01 32.25 -41.46
N ILE V 127 -26.76 31.72 -40.50
CA ILE V 127 -27.51 30.48 -40.72
C ILE V 127 -28.47 30.67 -41.91
N LYS V 128 -29.20 31.79 -41.93
CA LYS V 128 -30.13 32.05 -43.03
C LYS V 128 -29.41 32.09 -44.37
N ALA V 129 -28.29 32.81 -44.43
CA ALA V 129 -27.54 32.90 -45.68
C ALA V 129 -27.04 31.54 -46.14
N CYS V 130 -26.56 30.72 -45.20
CA CYS V 130 -26.02 29.42 -45.52
C CYS V 130 -27.08 28.38 -45.86
N GLU V 131 -28.25 28.51 -45.26
CA GLU V 131 -29.32 27.56 -45.51
C GLU V 131 -30.17 27.91 -46.73
N ASP V 132 -30.43 29.20 -46.92
CA ASP V 132 -31.32 29.61 -48.00
C ASP V 132 -30.75 29.97 -49.36
N ASP V 133 -29.44 29.77 -49.55
CA ASP V 133 -28.84 30.05 -50.85
C ASP V 133 -29.55 29.08 -51.82
N SER V 134 -30.18 29.60 -52.85
CA SER V 134 -30.91 28.75 -53.79
C SER V 134 -30.06 27.68 -54.47
N GLU V 135 -28.76 27.91 -54.57
CA GLU V 135 -27.89 26.94 -55.22
C GLU V 135 -27.28 25.88 -54.30
N PHE V 136 -27.24 26.13 -52.99
CA PHE V 136 -26.61 25.18 -52.09
C PHE V 136 -27.01 25.42 -50.64
N ASN V 137 -27.73 24.47 -50.06
CA ASN V 137 -28.14 24.56 -48.66
C ASN V 137 -26.98 23.89 -47.90
N ASP V 138 -26.22 24.66 -47.13
CA ASP V 138 -25.09 24.06 -46.43
C ASP V 138 -25.54 23.41 -45.11
N TYR V 139 -26.12 22.22 -45.22
CA TYR V 139 -26.67 21.53 -44.05
C TYR V 139 -25.73 21.44 -42.86
N HIS V 140 -24.50 21.01 -43.12
CA HIS V 140 -23.55 20.81 -42.03
C HIS V 140 -23.16 22.08 -41.29
N LEU V 141 -22.86 23.15 -42.01
CA LEU V 141 -22.49 24.39 -41.33
C LEU V 141 -23.68 24.96 -40.57
N VAL V 142 -24.87 24.90 -41.16
CA VAL V 142 -26.07 25.40 -40.48
C VAL V 142 -26.23 24.66 -39.14
N ASP V 143 -26.04 23.35 -39.19
CA ASP V 143 -26.17 22.49 -38.01
C ASP V 143 -25.10 22.85 -36.96
N TYR V 144 -23.88 23.09 -37.42
CA TYR V 144 -22.79 23.45 -36.53
C TYR V 144 -23.07 24.79 -35.82
N LEU V 145 -23.49 25.79 -36.59
CA LEU V 145 -23.79 27.10 -36.01
C LEU V 145 -24.98 27.02 -35.04
N THR V 146 -25.95 26.18 -35.37
CA THR V 146 -27.13 26.07 -34.53
C THR V 146 -26.85 25.31 -33.23
N GLY V 147 -26.22 24.14 -33.35
CA GLY V 147 -25.98 23.31 -32.17
C GLY V 147 -24.82 23.70 -31.27
N ASP V 148 -23.84 24.39 -31.82
CA ASP V 148 -22.69 24.81 -31.02
C ASP V 148 -22.74 26.29 -30.68
N PHE V 149 -22.74 27.14 -31.70
CA PHE V 149 -22.75 28.57 -31.47
C PHE V 149 -24.02 29.12 -30.83
N LEU V 150 -25.20 28.79 -31.35
CA LEU V 150 -26.41 29.32 -30.73
C LEU V 150 -26.59 28.77 -29.32
N GLU V 151 -26.19 27.52 -29.10
CA GLU V 151 -26.31 26.92 -27.77
C GLU V 151 -25.55 27.79 -26.75
N GLU V 152 -24.31 28.13 -27.09
CA GLU V 152 -23.50 28.97 -26.21
C GLU V 152 -24.12 30.36 -26.05
N GLN V 153 -24.69 30.90 -27.13
CA GLN V 153 -25.31 32.23 -27.06
C GLN V 153 -26.51 32.28 -26.13
N TYR V 154 -27.44 31.34 -26.26
CA TYR V 154 -28.63 31.40 -25.40
C TYR V 154 -28.32 31.19 -23.93
N LYS V 155 -27.41 30.27 -23.63
CA LYS V 155 -27.03 30.04 -22.23
C LYS V 155 -26.35 31.30 -21.68
N GLY V 156 -25.47 31.89 -22.50
CA GLY V 156 -24.75 33.08 -22.08
C GLY V 156 -25.66 34.27 -21.81
N GLN V 157 -26.65 34.48 -22.69
CA GLN V 157 -27.60 35.58 -22.51
C GLN V 157 -28.37 35.40 -21.21
N ARG V 158 -28.87 34.19 -20.96
CA ARG V 158 -29.64 33.96 -19.76
C ARG V 158 -28.78 34.22 -18.52
N ASP V 159 -27.52 33.81 -18.58
CA ASP V 159 -26.62 34.02 -17.45
C ASP V 159 -26.41 35.52 -17.19
N LEU V 160 -26.10 36.29 -18.23
CA LEU V 160 -25.91 37.73 -18.09
C LEU V 160 -27.18 38.45 -17.66
N ALA V 161 -28.32 38.04 -18.21
CA ALA V 161 -29.60 38.68 -17.86
C ALA V 161 -29.89 38.46 -16.38
N GLY V 162 -29.64 37.24 -15.88
CA GLY V 162 -29.88 36.97 -14.48
C GLY V 162 -28.95 37.79 -13.59
N LYS V 163 -27.68 37.86 -13.96
CA LYS V 163 -26.71 38.65 -13.17
C LYS V 163 -27.16 40.12 -13.14
N ALA V 164 -27.55 40.65 -14.29
CA ALA V 164 -28.00 42.04 -14.35
C ALA V 164 -29.23 42.27 -13.48
N SER V 165 -30.21 41.37 -13.53
CA SER V 165 -31.42 41.53 -12.71
C SER V 165 -31.08 41.51 -11.23
N THR V 166 -30.29 40.53 -10.82
CA THR V 166 -29.91 40.39 -9.42
C THR V 166 -29.18 41.62 -8.89
N LEU V 167 -28.19 42.09 -9.63
CA LEU V 167 -27.44 43.26 -9.17
C LEU V 167 -28.25 44.55 -9.26
N LYS V 168 -29.03 44.70 -10.31
CA LYS V 168 -29.80 45.94 -10.47
C LYS V 168 -30.79 46.16 -9.33
N LYS V 169 -31.35 45.09 -8.78
CA LYS V 169 -32.28 45.24 -7.66
C LYS V 169 -31.62 45.87 -6.44
N LEU V 170 -30.30 45.75 -6.35
CA LEU V 170 -29.57 46.30 -5.21
C LEU V 170 -29.17 47.77 -5.38
N MET V 171 -29.34 48.29 -6.59
CA MET V 171 -28.89 49.65 -6.87
C MET V 171 -29.66 50.83 -6.29
N ASP V 172 -30.95 50.70 -6.04
CA ASP V 172 -31.63 51.87 -5.51
C ASP V 172 -31.18 52.25 -4.10
N ARG V 173 -30.77 51.30 -3.26
CA ARG V 173 -30.32 51.67 -1.92
C ARG V 173 -28.98 51.10 -1.48
N HIS V 174 -28.41 50.17 -2.24
CA HIS V 174 -27.18 49.51 -1.83
C HIS V 174 -26.17 49.42 -2.93
N GLU V 175 -25.96 50.52 -3.63
CA GLU V 175 -25.03 50.53 -4.74
C GLU V 175 -23.61 50.05 -4.39
N ALA V 176 -23.02 50.58 -3.34
CA ALA V 176 -21.65 50.21 -3.00
C ALA V 176 -21.50 48.84 -2.36
N LEU V 177 -22.28 48.56 -1.33
CA LEU V 177 -22.15 47.28 -0.65
C LEU V 177 -22.70 46.16 -1.52
N GLY V 178 -23.78 46.44 -2.23
CA GLY V 178 -24.36 45.42 -3.11
C GLY V 178 -23.38 44.99 -4.18
N GLU V 179 -22.75 45.96 -4.86
CA GLU V 179 -21.80 45.61 -5.91
C GLU V 179 -20.55 44.96 -5.31
N PHE V 180 -20.12 45.41 -4.14
CA PHE V 180 -18.94 44.82 -3.52
C PHE V 180 -19.15 43.32 -3.26
N ILE V 181 -20.29 42.98 -2.64
CA ILE V 181 -20.58 41.58 -2.34
C ILE V 181 -20.75 40.75 -3.62
N PHE V 182 -21.49 41.30 -4.58
CA PHE V 182 -21.73 40.61 -5.84
C PHE V 182 -20.40 40.33 -6.55
N ASP V 183 -19.52 41.31 -6.53
CA ASP V 183 -18.20 41.21 -7.15
C ASP V 183 -17.39 40.07 -6.52
N LYS V 184 -17.41 39.96 -5.20
CA LYS V 184 -16.65 38.89 -4.57
C LYS V 184 -17.28 37.53 -4.86
N LYS V 185 -18.61 37.49 -4.98
CA LYS V 185 -19.29 36.22 -5.33
C LYS V 185 -18.81 35.78 -6.73
N LEU V 186 -18.52 36.71 -7.62
CA LEU V 186 -18.04 36.33 -8.95
C LEU V 186 -16.70 35.60 -8.82
N LEU V 187 -15.96 35.89 -7.74
CA LEU V 187 -14.68 35.23 -7.51
C LEU V 187 -14.85 33.97 -6.67
N GLY V 188 -16.09 33.65 -6.32
CA GLY V 188 -16.34 32.46 -5.51
C GLY V 188 -16.08 32.72 -4.03
N ILE V 189 -16.08 33.99 -3.64
CA ILE V 189 -15.84 34.36 -2.25
C ILE V 189 -17.12 34.81 -1.56
N ASP V 190 -17.52 34.08 -0.52
CA ASP V 190 -18.70 34.45 0.25
C ASP V 190 -18.14 35.23 1.43
N VAL V 191 -18.44 36.52 1.51
CA VAL V 191 -17.92 37.30 2.61
C VAL V 191 -18.60 36.92 3.93
N THR W 1 44.67 -51.06 7.22
CA THR W 1 43.35 -50.70 6.62
C THR W 1 43.48 -49.59 5.58
N GLN W 2 42.63 -49.65 4.54
CA GLN W 2 42.64 -48.66 3.47
C GLN W 2 41.71 -47.49 3.82
N CYS W 3 42.27 -46.43 4.40
CA CYS W 3 41.44 -45.29 4.79
C CYS W 3 41.27 -44.23 3.74
N ASN W 4 42.02 -44.34 2.65
CA ASN W 4 41.90 -43.34 1.61
C ASN W 4 41.75 -43.98 0.25
N VAL W 5 41.33 -43.17 -0.72
CA VAL W 5 41.13 -43.65 -2.06
C VAL W 5 42.40 -43.54 -2.89
N ASN W 6 42.71 -44.59 -3.65
CA ASN W 6 43.89 -44.59 -4.51
C ASN W 6 43.75 -43.39 -5.42
N PRO W 7 44.74 -42.50 -5.43
CA PRO W 7 44.69 -41.30 -6.26
C PRO W 7 44.55 -41.58 -7.76
N VAL W 8 43.98 -40.62 -8.47
CA VAL W 8 43.78 -40.72 -9.90
C VAL W 8 44.60 -39.60 -10.52
N GLN W 9 44.87 -39.71 -11.81
CA GLN W 9 45.65 -38.69 -12.48
C GLN W 9 44.85 -38.16 -13.65
N ILE W 10 44.88 -36.85 -13.84
CA ILE W 10 44.18 -36.26 -14.97
C ILE W 10 45.27 -35.48 -15.73
N PRO W 11 44.96 -34.97 -16.92
CA PRO W 11 45.92 -34.21 -17.72
C PRO W 11 46.51 -33.05 -16.90
N LYS W 12 47.79 -32.76 -17.10
CA LYS W 12 48.48 -31.72 -16.36
C LYS W 12 49.12 -30.63 -17.22
N ASP W 13 48.95 -30.70 -18.54
CA ASP W 13 49.57 -29.68 -19.39
C ASP W 13 49.10 -28.27 -19.07
N TRP W 14 47.89 -28.13 -18.52
CA TRP W 14 47.35 -26.81 -18.17
C TRP W 14 48.05 -26.15 -16.97
N ILE W 15 48.83 -26.92 -16.22
CA ILE W 15 49.55 -26.42 -15.03
C ILE W 15 50.86 -25.86 -15.53
N THR W 16 50.97 -24.54 -15.60
CA THR W 16 52.14 -23.93 -16.22
C THR W 16 53.04 -22.97 -15.46
N MET W 17 52.75 -22.67 -14.19
CA MET W 17 53.62 -21.73 -13.50
C MET W 17 55.04 -22.27 -13.39
N HIS W 18 56.03 -21.38 -13.49
CA HIS W 18 57.42 -21.80 -13.36
C HIS W 18 57.92 -21.55 -11.95
N ARG W 19 59.00 -22.24 -11.61
CA ARG W 19 59.57 -22.18 -10.27
C ARG W 19 59.94 -20.85 -9.65
N SER W 20 60.65 -20.00 -10.39
CA SER W 20 61.05 -18.74 -9.80
C SER W 20 59.82 -17.90 -9.42
N CYS W 21 58.85 -17.84 -10.32
CA CYS W 21 57.62 -17.08 -10.07
C CYS W 21 56.85 -17.72 -8.88
N ARG W 22 56.71 -19.03 -8.89
CA ARG W 22 56.00 -19.69 -7.82
C ARG W 22 56.68 -19.47 -6.47
N ASN W 23 58.01 -19.55 -6.44
CA ASN W 23 58.71 -19.32 -5.17
C ASN W 23 58.55 -17.89 -4.69
N SER W 24 58.54 -16.92 -5.61
CA SER W 24 58.35 -15.52 -5.19
C SER W 24 56.94 -15.34 -4.62
N MET W 25 55.96 -16.03 -5.20
CA MET W 25 54.58 -15.94 -4.69
C MET W 25 54.51 -16.55 -3.28
N ARG W 26 55.18 -17.68 -3.07
CA ARG W 26 55.17 -18.32 -1.75
C ARG W 26 55.79 -17.39 -0.70
N GLN W 27 56.86 -16.70 -1.08
CA GLN W 27 57.50 -15.77 -0.16
C GLN W 27 56.57 -14.58 0.12
N GLN W 28 55.84 -14.14 -0.90
CA GLN W 28 54.90 -13.01 -0.71
C GLN W 28 53.78 -13.40 0.26
N ILE W 29 53.32 -14.65 0.18
CA ILE W 29 52.26 -15.12 1.07
C ILE W 29 52.73 -15.01 2.52
N GLN W 30 53.97 -15.43 2.79
CA GLN W 30 54.49 -15.34 4.16
C GLN W 30 54.61 -13.87 4.57
N MET W 31 55.00 -13.01 3.63
CA MET W 31 55.13 -11.59 3.95
C MET W 31 53.78 -10.97 4.33
N GLU W 32 52.71 -11.34 3.62
CA GLU W 32 51.37 -10.80 3.94
C GLU W 32 50.96 -11.26 5.34
N VAL W 33 51.22 -12.53 5.65
CA VAL W 33 50.88 -13.05 6.98
C VAL W 33 51.68 -12.31 8.05
N GLY W 34 52.97 -12.08 7.78
CA GLY W 34 53.79 -11.34 8.73
C GLY W 34 53.23 -9.94 8.96
N ALA W 35 52.75 -9.30 7.89
CA ALA W 35 52.16 -7.97 8.03
C ALA W 35 50.88 -8.06 8.86
N SER W 36 50.06 -9.10 8.67
CA SER W 36 48.83 -9.21 9.47
C SER W 36 49.17 -9.31 10.95
N LEU W 37 50.23 -10.04 11.29
CA LEU W 37 50.62 -10.20 12.69
C LEU W 37 51.15 -8.89 13.28
N GLN W 38 51.88 -8.12 12.48
CA GLN W 38 52.42 -6.85 12.98
C GLN W 38 51.26 -5.87 13.22
N TYR W 39 50.25 -5.88 12.34
CA TYR W 39 49.09 -5.00 12.53
C TYR W 39 48.29 -5.43 13.77
N LEU W 40 48.22 -6.73 14.05
CA LEU W 40 47.51 -7.18 15.25
C LEU W 40 48.17 -6.58 16.48
N ALA W 41 49.50 -6.53 16.48
CA ALA W 41 50.22 -5.98 17.62
C ALA W 41 49.95 -4.47 17.77
N MET W 42 49.77 -3.78 16.65
CA MET W 42 49.45 -2.34 16.71
C MET W 42 48.05 -2.18 17.30
N GLY W 43 47.12 -3.01 16.84
CA GLY W 43 45.76 -2.95 17.37
C GLY W 43 45.76 -3.19 18.88
N ALA W 44 46.54 -4.18 19.31
CA ALA W 44 46.65 -4.51 20.74
C ALA W 44 47.22 -3.31 21.53
N HIS W 45 48.24 -2.67 20.99
CA HIS W 45 48.85 -1.54 21.68
C HIS W 45 47.87 -0.38 21.91
N PHE W 46 47.15 0.01 20.86
CA PHE W 46 46.22 1.12 21.02
C PHE W 46 44.95 0.78 21.79
N SER W 47 44.76 -0.51 22.06
CA SER W 47 43.62 -0.97 22.85
C SER W 47 43.91 -0.88 24.36
N LYS W 48 45.18 -0.72 24.74
CA LYS W 48 45.53 -0.64 26.17
C LYS W 48 44.84 0.52 26.88
N ASP W 49 44.45 0.29 28.13
CA ASP W 49 43.76 1.33 28.91
C ASP W 49 44.61 2.59 29.06
N VAL W 50 45.92 2.43 29.18
CA VAL W 50 46.80 3.59 29.32
C VAL W 50 47.13 4.30 28.01
N VAL W 51 46.71 3.74 26.87
CA VAL W 51 46.95 4.39 25.57
C VAL W 51 45.58 4.92 25.13
N ASN W 52 44.60 4.02 25.14
CA ASN W 52 43.21 4.36 24.86
C ASN W 52 42.91 5.16 23.59
N ARG W 53 43.28 4.60 22.45
CA ARG W 53 43.00 5.24 21.16
C ARG W 53 42.22 4.19 20.36
N PRO W 54 40.91 4.06 20.66
CA PRO W 54 40.08 3.08 19.97
C PRO W 54 39.98 3.24 18.45
N GLY W 55 40.12 4.48 17.97
CA GLY W 55 40.09 4.73 16.54
C GLY W 55 41.30 4.07 15.89
N PHE W 56 42.48 4.30 16.46
CA PHE W 56 43.70 3.69 15.92
C PHE W 56 43.64 2.16 16.09
N ALA W 57 43.12 1.70 17.23
CA ALA W 57 43.05 0.25 17.45
C ALA W 57 42.22 -0.41 16.34
N GLN W 58 41.05 0.16 16.05
CA GLN W 58 40.17 -0.39 15.02
C GLN W 58 40.83 -0.31 13.64
N LEU W 59 41.51 0.81 13.36
CA LEU W 59 42.18 0.99 12.08
C LEU W 59 43.18 -0.16 11.86
N PHE W 60 43.96 -0.47 12.88
CA PHE W 60 44.97 -1.51 12.73
C PHE W 60 44.43 -2.94 12.80
N PHE W 61 43.38 -3.19 13.58
CA PHE W 61 42.78 -4.53 13.57
C PHE W 61 42.18 -4.75 12.18
N ASP W 62 41.57 -3.71 11.60
CA ASP W 62 41.01 -3.84 10.24
C ASP W 62 42.14 -4.13 9.26
N ALA W 63 43.26 -3.45 9.41
CA ALA W 63 44.41 -3.68 8.52
C ALA W 63 44.94 -5.11 8.67
N ALA W 64 44.93 -5.63 9.88
CA ALA W 64 45.41 -7.01 10.10
C ALA W 64 44.52 -7.98 9.32
N SER W 65 43.20 -7.80 9.41
CA SER W 65 42.28 -8.71 8.72
C SER W 65 42.43 -8.58 7.20
N GLU W 66 42.70 -7.36 6.73
CA GLU W 66 42.88 -7.14 5.30
C GLU W 66 44.16 -7.86 4.81
N GLU W 67 45.24 -7.82 5.58
CA GLU W 67 46.47 -8.49 5.16
C GLU W 67 46.25 -10.01 5.11
N ARG W 68 45.44 -10.52 6.04
CA ARG W 68 45.13 -11.95 6.04
C ARG W 68 44.37 -12.26 4.75
N GLU W 69 43.46 -11.37 4.34
CA GLU W 69 42.73 -11.59 3.09
C GLU W 69 43.70 -11.55 1.88
N HIS W 70 44.72 -10.70 1.92
CA HIS W 70 45.69 -10.64 0.83
C HIS W 70 46.41 -11.98 0.71
N ALA W 71 46.81 -12.54 1.86
CA ALA W 71 47.49 -13.83 1.84
C ALA W 71 46.56 -14.88 1.22
N MET W 72 45.29 -14.88 1.61
CA MET W 72 44.33 -15.84 1.08
C MET W 72 44.14 -15.69 -0.44
N LYS W 73 44.14 -14.45 -0.93
CA LYS W 73 43.98 -14.25 -2.37
C LYS W 73 45.16 -14.83 -3.16
N LEU W 74 46.37 -14.68 -2.63
CA LEU W 74 47.55 -15.21 -3.33
C LEU W 74 47.50 -16.74 -3.31
N ILE W 75 47.10 -17.31 -2.18
CA ILE W 75 46.97 -18.77 -2.08
C ILE W 75 45.91 -19.26 -3.08
N GLU W 76 44.77 -18.57 -3.16
CA GLU W 76 43.73 -18.97 -4.11
C GLU W 76 44.23 -18.90 -5.55
N TYR W 77 45.09 -17.93 -5.85
CA TYR W 77 45.61 -17.82 -7.21
C TYR W 77 46.45 -19.07 -7.53
N LEU W 78 47.34 -19.44 -6.62
CA LEU W 78 48.17 -20.63 -6.84
C LEU W 78 47.29 -21.88 -7.03
N LEU W 79 46.25 -22.02 -6.22
CA LEU W 79 45.35 -23.18 -6.33
C LEU W 79 44.66 -23.20 -7.69
N MET W 80 44.23 -22.04 -8.16
CA MET W 80 43.56 -21.96 -9.46
C MET W 80 44.49 -22.42 -10.59
N ARG W 81 45.78 -22.12 -10.46
CA ARG W 81 46.76 -22.50 -11.48
C ARG W 81 47.21 -23.98 -11.39
N GLY W 82 46.67 -24.70 -10.41
CA GLY W 82 47.01 -26.12 -10.30
C GLY W 82 48.13 -26.43 -9.31
N GLU W 83 48.53 -25.44 -8.53
CA GLU W 83 49.60 -25.64 -7.55
C GLU W 83 49.06 -26.04 -6.19
N LEU W 84 49.99 -26.20 -5.24
CA LEU W 84 49.68 -26.57 -3.87
C LEU W 84 49.00 -27.92 -3.69
N THR W 85 49.39 -28.89 -4.51
CA THR W 85 48.90 -30.25 -4.35
C THR W 85 49.79 -30.89 -3.28
N ASN W 86 50.87 -30.18 -2.93
CA ASN W 86 51.79 -30.56 -1.85
C ASN W 86 52.54 -29.29 -1.43
N ASP W 87 53.40 -29.38 -0.42
CA ASP W 87 54.16 -28.20 0.06
C ASP W 87 53.23 -27.10 0.59
N VAL W 88 52.14 -27.50 1.22
CA VAL W 88 51.22 -26.52 1.77
C VAL W 88 51.61 -26.18 3.20
N SER W 89 51.97 -27.19 3.99
CA SER W 89 52.32 -26.98 5.39
C SER W 89 53.46 -25.97 5.59
N SER W 90 54.42 -25.99 4.67
CA SER W 90 55.56 -25.08 4.76
C SER W 90 55.31 -23.67 4.23
N LEU W 91 54.10 -23.41 3.74
CA LEU W 91 53.81 -22.08 3.19
C LEU W 91 53.88 -20.94 4.19
N LEU W 92 53.49 -21.22 5.43
CA LEU W 92 53.42 -20.20 6.46
C LEU W 92 53.97 -20.58 7.80
N GLN W 93 54.39 -19.57 8.54
CA GLN W 93 54.90 -19.77 9.89
C GLN W 93 54.43 -18.54 10.69
N VAL W 94 53.73 -18.78 11.80
CA VAL W 94 53.27 -17.69 12.64
C VAL W 94 54.35 -17.48 13.70
N ARG W 95 54.85 -16.24 13.81
CA ARG W 95 55.87 -15.91 14.81
C ARG W 95 55.51 -14.57 15.43
N PRO W 96 55.98 -14.30 16.65
CA PRO W 96 55.68 -13.02 17.29
C PRO W 96 56.24 -11.89 16.43
N PRO W 97 55.50 -10.78 16.33
CA PRO W 97 56.01 -9.67 15.51
C PRO W 97 57.20 -9.00 16.20
N THR W 98 58.01 -8.33 15.40
CA THR W 98 59.21 -7.64 15.83
C THR W 98 58.97 -6.46 16.76
N ARG W 99 57.92 -5.70 16.52
CA ARG W 99 57.64 -4.54 17.34
C ARG W 99 56.31 -4.67 18.06
N SER W 100 56.24 -4.18 19.29
CA SER W 100 54.99 -4.30 20.05
C SER W 100 54.55 -3.01 20.72
N SER W 101 55.34 -1.95 20.57
CA SER W 101 54.98 -0.68 21.17
C SER W 101 55.37 0.48 20.26
N TRP W 102 54.61 1.58 20.33
CA TRP W 102 54.84 2.78 19.53
C TRP W 102 54.63 3.98 20.46
N LYS W 103 55.39 5.05 20.25
CA LYS W 103 55.26 6.22 21.11
C LYS W 103 53.90 6.90 20.99
N GLY W 104 53.34 6.92 19.79
CA GLY W 104 52.04 7.54 19.60
C GLY W 104 51.49 7.17 18.23
N GLY W 105 50.37 7.77 17.87
CA GLY W 105 49.75 7.49 16.59
C GLY W 105 50.65 7.80 15.40
N VAL W 106 51.39 8.89 15.45
CA VAL W 106 52.28 9.22 14.33
C VAL W 106 53.32 8.11 14.09
N GLU W 107 53.98 7.65 15.15
CA GLU W 107 54.98 6.59 14.97
C GLU W 107 54.36 5.33 14.36
N ALA W 108 53.14 5.00 14.80
CA ALA W 108 52.48 3.81 14.26
C ALA W 108 52.10 4.01 12.79
N LEU W 109 51.59 5.18 12.44
CA LEU W 109 51.23 5.45 11.04
C LEU W 109 52.47 5.42 10.15
N GLU W 110 53.58 5.98 10.63
CA GLU W 110 54.81 5.98 9.84
C GLU W 110 55.37 4.57 9.70
N HIS W 111 55.23 3.77 10.75
CA HIS W 111 55.69 2.39 10.67
C HIS W 111 54.80 1.64 9.66
N ALA W 112 53.48 1.85 9.73
CA ALA W 112 52.57 1.20 8.78
C ALA W 112 52.92 1.61 7.34
N LEU W 113 53.19 2.89 7.13
CA LEU W 113 53.54 3.38 5.80
C LEU W 113 54.80 2.67 5.29
N SER W 114 55.80 2.52 6.16
CA SER W 114 57.03 1.84 5.81
C SER W 114 56.80 0.35 5.51
N MET W 115 55.92 -0.29 6.28
CA MET W 115 55.59 -1.70 6.05
C MET W 115 54.91 -1.82 4.68
N GLU W 116 53.98 -0.92 4.37
CA GLU W 116 53.28 -0.98 3.09
C GLU W 116 54.26 -0.74 1.93
N SER W 117 55.16 0.21 2.13
CA SER W 117 56.17 0.55 1.14
C SER W 117 57.03 -0.71 0.85
N ASP W 118 57.38 -1.46 1.90
CA ASP W 118 58.16 -2.70 1.72
C ASP W 118 57.35 -3.76 0.96
N VAL W 119 56.06 -3.85 1.26
CA VAL W 119 55.21 -4.81 0.57
C VAL W 119 55.09 -4.44 -0.91
N THR W 120 54.97 -3.15 -1.21
CA THR W 120 54.85 -2.71 -2.60
C THR W 120 56.10 -3.10 -3.38
N LYS W 121 57.25 -2.86 -2.78
CA LYS W 121 58.53 -3.21 -3.41
C LYS W 121 58.62 -4.72 -3.61
N SER W 122 58.17 -5.48 -2.63
CA SER W 122 58.21 -6.94 -2.74
C SER W 122 57.28 -7.45 -3.86
N ILE W 123 56.08 -6.88 -3.97
CA ILE W 123 55.16 -7.29 -5.04
C ILE W 123 55.78 -6.95 -6.41
N ARG W 124 56.43 -5.79 -6.52
CA ARG W 124 57.07 -5.43 -7.79
C ARG W 124 58.16 -6.45 -8.11
N ASN W 125 58.83 -6.98 -7.09
CA ASN W 125 59.84 -8.00 -7.33
C ASN W 125 59.23 -9.34 -7.74
N VAL W 126 58.03 -9.65 -7.25
CA VAL W 126 57.35 -10.88 -7.67
C VAL W 126 56.98 -10.70 -9.15
N ILE W 127 56.49 -9.51 -9.50
CA ILE W 127 56.13 -9.21 -10.87
C ILE W 127 57.36 -9.40 -11.79
N LYS W 128 58.50 -8.86 -11.37
CA LYS W 128 59.73 -9.01 -12.18
C LYS W 128 60.09 -10.48 -12.37
N ALA W 129 60.06 -11.25 -11.29
CA ALA W 129 60.39 -12.68 -11.39
C ALA W 129 59.43 -13.42 -12.32
N CYS W 130 58.15 -13.10 -12.23
CA CYS W 130 57.13 -13.77 -13.03
C CYS W 130 57.13 -13.33 -14.48
N GLU W 131 57.50 -12.10 -14.73
CA GLU W 131 57.50 -11.58 -16.10
C GLU W 131 58.80 -11.88 -16.84
N ASP W 132 59.93 -11.77 -16.14
CA ASP W 132 61.22 -11.93 -16.80
C ASP W 132 61.88 -13.29 -16.85
N ASP W 133 61.19 -14.32 -16.40
CA ASP W 133 61.75 -15.67 -16.47
C ASP W 133 61.94 -15.93 -17.97
N SER W 134 63.17 -16.22 -18.40
CA SER W 134 63.42 -16.44 -19.82
C SER W 134 62.60 -17.57 -20.45
N GLU W 135 62.16 -18.52 -19.64
CA GLU W 135 61.39 -19.64 -20.18
C GLU W 135 59.88 -19.43 -20.20
N PHE W 136 59.37 -18.51 -19.40
CA PHE W 136 57.90 -18.34 -19.35
C PHE W 136 57.53 -17.00 -18.73
N ASN W 137 56.93 -16.13 -19.53
CA ASN W 137 56.46 -14.82 -19.06
C ASN W 137 55.03 -15.11 -18.59
N ASP W 138 54.78 -15.02 -17.28
CA ASP W 138 53.43 -15.33 -16.80
C ASP W 138 52.53 -14.09 -16.91
N TYR W 139 52.05 -13.83 -18.12
CA TYR W 139 51.23 -12.64 -18.38
C TYR W 139 50.08 -12.43 -17.41
N HIS W 140 49.30 -13.48 -17.19
CA HIS W 140 48.13 -13.35 -16.35
C HIS W 140 48.44 -13.02 -14.88
N LEU W 141 49.40 -13.70 -14.29
CA LEU W 141 49.71 -13.40 -12.89
C LEU W 141 50.31 -12.00 -12.76
N VAL W 142 51.16 -11.62 -13.70
CA VAL W 142 51.75 -10.28 -13.67
C VAL W 142 50.63 -9.23 -13.69
N ASP W 143 49.65 -9.45 -14.55
CA ASP W 143 48.51 -8.56 -14.70
C ASP W 143 47.69 -8.50 -13.41
N TYR W 144 47.48 -9.67 -12.79
CA TYR W 144 46.72 -9.75 -11.55
C TYR W 144 47.42 -8.99 -10.42
N LEU W 145 48.72 -9.20 -10.27
CA LEU W 145 49.47 -8.52 -9.23
C LEU W 145 49.51 -7.01 -9.47
N THR W 146 49.58 -6.62 -10.74
CA THR W 146 49.66 -5.20 -11.06
C THR W 146 48.32 -4.48 -10.88
N GLY W 147 47.25 -5.06 -11.43
CA GLY W 147 45.95 -4.42 -11.37
C GLY W 147 45.17 -4.53 -10.07
N ASP W 148 45.44 -5.57 -9.31
CA ASP W 148 44.75 -5.77 -8.04
C ASP W 148 45.63 -5.41 -6.85
N PHE W 149 46.74 -6.11 -6.70
CA PHE W 149 47.61 -5.85 -5.56
C PHE W 149 48.29 -4.50 -5.55
N LEU W 150 48.93 -4.09 -6.65
CA LEU W 150 49.58 -2.77 -6.63
C LEU W 150 48.56 -1.66 -6.49
N GLU W 151 47.38 -1.83 -7.07
CA GLU W 151 46.33 -0.81 -6.96
C GLU W 151 46.03 -0.56 -5.47
N GLU W 152 45.82 -1.64 -4.73
CA GLU W 152 45.54 -1.52 -3.30
C GLU W 152 46.73 -0.90 -2.55
N GLN W 153 47.94 -1.27 -2.95
CA GLN W 153 49.14 -0.73 -2.30
C GLN W 153 49.28 0.77 -2.46
N TYR W 154 49.17 1.27 -3.69
CA TYR W 154 49.36 2.71 -3.90
C TYR W 154 48.30 3.55 -3.22
N LYS W 155 47.05 3.10 -3.26
CA LYS W 155 45.98 3.85 -2.60
C LYS W 155 46.22 3.83 -1.09
N GLY W 156 46.61 2.68 -0.57
CA GLY W 156 46.85 2.53 0.87
C GLY W 156 48.01 3.42 1.36
N GLN W 157 49.09 3.48 0.58
CA GLN W 157 50.24 4.31 0.96
C GLN W 157 49.83 5.77 1.01
N ARG W 158 49.10 6.23 -0.01
CA ARG W 158 48.70 7.63 -0.03
C ARG W 158 47.81 7.94 1.16
N ASP W 159 46.93 7.01 1.50
CA ASP W 159 46.04 7.22 2.64
C ASP W 159 46.84 7.35 3.95
N LEU W 160 47.75 6.41 4.18
CA LEU W 160 48.59 6.45 5.40
C LEU W 160 49.49 7.68 5.44
N ALA W 161 50.08 8.04 4.29
CA ALA W 161 50.97 9.20 4.24
C ALA W 161 50.18 10.47 4.59
N GLY W 162 48.97 10.59 4.07
CA GLY W 162 48.16 11.77 4.38
C GLY W 162 47.81 11.80 5.86
N LYS W 163 47.41 10.67 6.42
CA LYS W 163 47.07 10.62 7.85
C LYS W 163 48.29 11.02 8.69
N ALA W 164 49.45 10.49 8.35
CA ALA W 164 50.67 10.81 9.09
C ALA W 164 50.99 12.30 8.99
N SER W 165 50.90 12.89 7.80
CA SER W 165 51.18 14.33 7.66
C SER W 165 50.23 15.16 8.49
N THR W 166 48.94 14.87 8.38
CA THR W 166 47.92 15.62 9.11
C THR W 166 48.13 15.57 10.62
N LEU W 167 48.35 14.37 11.15
CA LEU W 167 48.54 14.24 12.59
C LEU W 167 49.89 14.80 13.05
N LYS W 168 50.94 14.58 12.27
CA LYS W 168 52.25 15.05 12.69
C LYS W 168 52.32 16.57 12.83
N LYS W 169 51.56 17.30 12.02
CA LYS W 169 51.54 18.76 12.14
C LYS W 169 51.02 19.22 13.49
N LEU W 170 50.24 18.38 14.15
CA LEU W 170 49.65 18.73 15.45
C LEU W 170 50.57 18.40 16.63
N MET W 171 51.64 17.66 16.38
CA MET W 171 52.50 17.22 17.47
C MET W 171 53.40 18.22 18.18
N ASP W 172 53.83 19.28 17.51
CA ASP W 172 54.70 20.20 18.23
C ASP W 172 54.01 20.93 19.39
N ARG W 173 52.71 21.21 19.28
CA ARG W 173 52.04 21.89 20.40
C ARG W 173 50.74 21.26 20.89
N HIS W 174 50.22 20.27 20.17
CA HIS W 174 48.92 19.70 20.55
C HIS W 174 48.92 18.19 20.52
N GLU W 175 49.94 17.60 21.10
CA GLU W 175 50.06 16.16 21.10
C GLU W 175 48.85 15.41 21.66
N ALA W 176 48.37 15.80 22.82
CA ALA W 176 47.25 15.09 23.43
C ALA W 176 45.89 15.37 22.82
N LEU W 177 45.56 16.65 22.68
CA LEU W 177 44.25 16.99 22.12
C LEU W 177 44.20 16.68 20.63
N GLY W 178 45.31 16.92 19.93
CA GLY W 178 45.35 16.63 18.51
C GLY W 178 45.12 15.15 18.24
N GLU W 179 45.82 14.29 18.96
CA GLU W 179 45.65 12.85 18.73
C GLU W 179 44.26 12.39 19.18
N PHE W 180 43.76 12.97 20.27
CA PHE W 180 42.43 12.58 20.75
C PHE W 180 41.37 12.84 19.68
N ILE W 181 41.38 14.06 19.10
CA ILE W 181 40.40 14.42 18.08
C ILE W 181 40.57 13.56 16.83
N PHE W 182 41.82 13.41 16.39
CA PHE W 182 42.12 12.62 15.19
C PHE W 182 41.63 11.17 15.38
N ASP W 183 41.86 10.62 16.57
CA ASP W 183 41.46 9.26 16.90
C ASP W 183 39.94 9.11 16.79
N LYS W 184 39.18 10.08 17.30
CA LYS W 184 37.72 9.96 17.21
C LYS W 184 37.25 10.12 15.77
N LYS W 185 37.95 10.94 14.99
CA LYS W 185 37.59 11.09 13.56
C LYS W 185 37.77 9.73 12.86
N LEU W 186 38.75 8.93 13.28
CA LEU W 186 38.93 7.61 12.67
C LEU W 186 37.68 6.76 12.91
N LEU W 187 36.95 7.04 13.98
CA LEU W 187 35.73 6.30 14.31
C LEU W 187 34.52 6.97 13.68
N GLY W 188 34.73 8.06 12.94
CA GLY W 188 33.61 8.75 12.33
C GLY W 188 32.90 9.66 13.33
N ILE W 189 33.57 10.02 14.40
CA ILE W 189 32.98 10.86 15.43
C ILE W 189 33.57 12.27 15.40
N ASP W 190 32.74 13.27 15.13
CA ASP W 190 33.17 14.65 15.11
C ASP W 190 32.82 15.15 16.50
N VAL W 191 33.82 15.48 17.30
CA VAL W 191 33.53 15.96 18.65
C VAL W 191 32.92 17.37 18.61
N THR X 1 -48.23 47.94 3.88
CA THR X 1 -46.76 47.71 4.04
C THR X 1 -46.13 47.25 2.72
N GLN X 2 -44.87 47.65 2.52
CA GLN X 2 -44.12 47.28 1.31
C GLN X 2 -43.38 45.96 1.52
N CYS X 3 -43.99 44.85 1.13
CA CYS X 3 -43.37 43.55 1.32
C CYS X 3 -42.48 43.08 0.19
N ASN X 4 -42.50 43.80 -0.92
CA ASN X 4 -41.67 43.40 -2.03
C ASN X 4 -40.87 44.56 -2.59
N VAL X 5 -39.88 44.24 -3.39
CA VAL X 5 -39.04 45.26 -3.99
C VAL X 5 -39.59 45.74 -5.31
N ASN X 6 -39.58 47.06 -5.51
CA ASN X 6 -40.07 47.65 -6.76
C ASN X 6 -39.25 46.99 -7.87
N PRO X 7 -39.93 46.38 -8.85
CA PRO X 7 -39.23 45.72 -9.95
C PRO X 7 -38.33 46.63 -10.77
N VAL X 8 -37.31 46.03 -11.39
CA VAL X 8 -36.38 46.77 -12.22
C VAL X 8 -36.53 46.20 -13.62
N GLN X 9 -36.04 46.95 -14.60
CA GLN X 9 -36.15 46.49 -15.96
C GLN X 9 -34.76 46.45 -16.57
N ILE X 10 -34.48 45.39 -17.33
CA ILE X 10 -33.19 45.30 -17.99
C ILE X 10 -33.54 45.14 -19.48
N PRO X 11 -32.53 45.20 -20.37
CA PRO X 11 -32.75 45.05 -21.82
C PRO X 11 -33.52 43.76 -22.11
N LYS X 12 -34.42 43.81 -23.09
CA LYS X 12 -35.22 42.65 -23.46
C LYS X 12 -35.10 42.20 -24.92
N ASP X 13 -34.24 42.85 -25.69
CA ASP X 13 -34.11 42.46 -27.10
C ASP X 13 -33.70 40.99 -27.27
N TRP X 14 -32.99 40.45 -26.29
CA TRP X 14 -32.55 39.05 -26.36
C TRP X 14 -33.69 38.02 -26.25
N ILE X 15 -34.87 38.46 -25.80
CA ILE X 15 -36.03 37.59 -25.61
C ILE X 15 -36.74 37.53 -26.95
N THR X 16 -36.59 36.43 -27.67
CA THR X 16 -37.11 36.37 -29.04
C THR X 16 -38.13 35.32 -29.46
N MET X 17 -38.54 34.43 -28.58
CA MET X 17 -39.50 33.42 -29.01
C MET X 17 -40.80 34.06 -29.49
N HIS X 18 -41.41 33.48 -30.52
CA HIS X 18 -42.68 34.01 -31.01
C HIS X 18 -43.83 33.21 -30.44
N ARG X 19 -45.01 33.82 -30.49
CA ARG X 19 -46.22 33.24 -29.91
C ARG X 19 -46.66 31.85 -30.31
N SER X 20 -46.70 31.57 -31.60
CA SER X 20 -47.16 30.25 -32.02
C SER X 20 -46.25 29.15 -31.46
N CYS X 21 -44.95 29.37 -31.56
CA CYS X 21 -43.96 28.40 -31.06
C CYS X 21 -44.09 28.27 -29.53
N ARG X 22 -44.18 29.41 -28.84
CA ARG X 22 -44.29 29.37 -27.40
C ARG X 22 -45.57 28.65 -26.96
N ASN X 23 -46.68 28.91 -27.63
CA ASN X 23 -47.92 28.24 -27.25
C ASN X 23 -47.84 26.74 -27.51
N SER X 24 -47.17 26.31 -28.58
CA SER X 24 -47.04 24.88 -28.84
C SER X 24 -46.19 24.23 -27.76
N MET X 25 -45.17 24.95 -27.27
CA MET X 25 -44.32 24.43 -26.20
C MET X 25 -45.13 24.29 -24.92
N ARG X 26 -45.98 25.27 -24.62
CA ARG X 26 -46.80 25.22 -23.40
C ARG X 26 -47.75 24.02 -23.46
N GLN X 27 -48.30 23.76 -24.64
CA GLN X 27 -49.19 22.63 -24.80
C GLN X 27 -48.40 21.32 -24.64
N GLN X 28 -47.17 21.29 -25.14
CA GLN X 28 -46.36 20.07 -25.02
C GLN X 28 -46.04 19.79 -23.54
N ILE X 29 -45.80 20.85 -22.76
CA ILE X 29 -45.52 20.67 -21.34
C ILE X 29 -46.70 19.98 -20.65
N GLN X 30 -47.91 20.41 -20.96
CA GLN X 30 -49.09 19.77 -20.36
C GLN X 30 -49.20 18.32 -20.83
N MET X 31 -48.86 18.07 -22.09
CA MET X 31 -48.92 16.71 -22.60
C MET X 31 -47.93 15.77 -21.88
N GLU X 32 -46.72 16.26 -21.60
CA GLU X 32 -45.74 15.44 -20.88
C GLU X 32 -46.25 15.13 -19.48
N VAL X 33 -46.84 16.13 -18.82
CA VAL X 33 -47.37 15.90 -17.47
C VAL X 33 -48.51 14.88 -17.54
N GLY X 34 -49.38 15.01 -18.54
CA GLY X 34 -50.46 14.05 -18.69
C GLY X 34 -49.92 12.64 -18.87
N ALA X 35 -48.84 12.51 -19.64
CA ALA X 35 -48.23 11.19 -19.83
C ALA X 35 -47.67 10.68 -18.50
N SER X 36 -47.05 11.55 -17.70
CA SER X 36 -46.51 11.09 -16.41
C SER X 36 -47.63 10.53 -15.54
N LEU X 37 -48.79 11.18 -15.55
CA LEU X 37 -49.91 10.71 -14.74
C LEU X 37 -50.48 9.39 -15.24
N GLN X 38 -50.51 9.21 -16.55
CA GLN X 38 -51.03 7.95 -17.10
C GLN X 38 -50.07 6.81 -16.76
N TYR X 39 -48.76 7.06 -16.78
CA TYR X 39 -47.79 6.02 -16.41
C TYR X 39 -47.90 5.70 -14.92
N LEU X 40 -48.19 6.70 -14.09
CA LEU X 40 -48.35 6.42 -12.65
C LEU X 40 -49.49 5.42 -12.45
N ALA X 41 -50.56 5.60 -13.22
CA ALA X 41 -51.70 4.69 -13.10
C ALA X 41 -51.33 3.27 -13.55
N MET X 42 -50.45 3.15 -14.54
CA MET X 42 -50.01 1.82 -14.98
C MET X 42 -49.16 1.20 -13.87
N GLY X 43 -48.29 1.99 -13.28
CA GLY X 43 -47.46 1.47 -12.19
C GLY X 43 -48.35 0.98 -11.04
N ALA X 44 -49.37 1.76 -10.73
CA ALA X 44 -50.30 1.40 -9.65
C ALA X 44 -51.03 0.09 -9.97
N HIS X 45 -51.47 -0.07 -11.22
CA HIS X 45 -52.18 -1.29 -11.61
C HIS X 45 -51.33 -2.54 -11.45
N PHE X 46 -50.09 -2.51 -11.95
CA PHE X 46 -49.26 -3.70 -11.84
C PHE X 46 -48.71 -3.96 -10.44
N SER X 47 -48.89 -2.99 -9.55
CA SER X 47 -48.48 -3.13 -8.15
C SER X 47 -49.55 -3.87 -7.33
N LYS X 48 -50.77 -3.99 -7.85
CA LYS X 48 -51.84 -4.67 -7.09
C LYS X 48 -51.50 -6.12 -6.76
N ASP X 49 -51.91 -6.56 -5.58
CA ASP X 49 -51.63 -7.93 -5.15
C ASP X 49 -52.22 -8.97 -6.10
N VAL X 50 -53.37 -8.68 -6.68
CA VAL X 50 -53.99 -9.62 -7.61
C VAL X 50 -53.42 -9.59 -9.03
N VAL X 51 -52.53 -8.63 -9.31
CA VAL X 51 -51.89 -8.56 -10.65
C VAL X 51 -50.45 -9.03 -10.43
N ASN X 52 -49.80 -8.40 -9.45
CA ASN X 52 -48.46 -8.78 -9.03
C ASN X 52 -47.38 -8.92 -10.10
N ARG X 53 -47.13 -7.86 -10.84
CA ARG X 53 -46.08 -7.86 -11.87
C ARG X 53 -45.16 -6.69 -11.50
N PRO X 54 -44.28 -6.92 -10.50
CA PRO X 54 -43.35 -5.87 -10.05
C PRO X 54 -42.41 -5.33 -11.11
N GLY X 55 -42.07 -6.16 -12.10
CA GLY X 55 -41.20 -5.72 -13.17
C GLY X 55 -41.93 -4.65 -14.00
N PHE X 56 -43.17 -4.93 -14.37
CA PHE X 56 -43.96 -3.96 -15.12
C PHE X 56 -44.24 -2.73 -14.27
N ALA X 57 -44.53 -2.92 -12.98
CA ALA X 57 -44.80 -1.77 -12.12
C ALA X 57 -43.61 -0.82 -12.12
N GLN X 58 -42.41 -1.36 -11.92
CA GLN X 58 -41.21 -0.53 -11.89
C GLN X 58 -40.96 0.14 -13.24
N LEU X 59 -41.18 -0.60 -14.33
CA LEU X 59 -41.00 -0.05 -15.67
C LEU X 59 -41.85 1.20 -15.84
N PHE X 60 -43.11 1.12 -15.43
CA PHE X 60 -44.00 2.25 -15.60
C PHE X 60 -43.83 3.38 -14.60
N PHE X 61 -43.43 3.07 -13.36
CA PHE X 61 -43.16 4.15 -12.41
C PHE X 61 -41.92 4.90 -12.92
N ASP X 62 -40.94 4.16 -13.46
CA ASP X 62 -39.74 4.82 -14.02
C ASP X 62 -40.16 5.71 -15.19
N ALA X 63 -41.06 5.22 -16.03
CA ALA X 63 -41.53 6.01 -17.18
C ALA X 63 -42.25 7.27 -16.71
N ALA X 64 -43.02 7.16 -15.62
CA ALA X 64 -43.73 8.33 -15.09
C ALA X 64 -42.72 9.40 -14.67
N SER X 65 -41.67 9.01 -13.96
CA SER X 65 -40.67 9.97 -13.52
C SER X 65 -39.93 10.58 -14.71
N GLU X 66 -39.69 9.78 -15.73
CA GLU X 66 -39.02 10.29 -16.92
C GLU X 66 -39.88 11.34 -17.64
N GLU X 67 -41.20 11.12 -17.72
CA GLU X 67 -42.06 12.10 -18.39
C GLU X 67 -42.09 13.40 -17.59
N ARG X 68 -42.03 13.29 -16.26
CA ARG X 68 -41.99 14.48 -15.42
C ARG X 68 -40.70 15.24 -15.75
N GLU X 69 -39.60 14.51 -15.93
CA GLU X 69 -38.33 15.18 -16.28
C GLU X 69 -38.44 15.85 -17.66
N HIS X 70 -39.16 15.24 -18.60
CA HIS X 70 -39.34 15.86 -19.93
C HIS X 70 -40.06 17.18 -19.79
N ALA X 71 -41.12 17.21 -18.96
CA ALA X 71 -41.86 18.44 -18.75
C ALA X 71 -40.91 19.51 -18.17
N MET X 72 -40.10 19.12 -17.19
CA MET X 72 -39.16 20.06 -16.57
C MET X 72 -38.15 20.60 -17.58
N LYS X 73 -37.67 19.75 -18.50
CA LYS X 73 -36.70 20.23 -19.49
C LYS X 73 -37.31 21.27 -20.42
N LEU X 74 -38.57 21.09 -20.81
CA LEU X 74 -39.23 22.06 -21.68
C LEU X 74 -39.44 23.38 -20.94
N ILE X 75 -39.82 23.29 -19.67
CA ILE X 75 -40.00 24.49 -18.85
C ILE X 75 -38.65 25.23 -18.73
N GLU X 76 -37.57 24.48 -18.46
CA GLU X 76 -36.25 25.11 -18.34
C GLU X 76 -35.85 25.80 -19.64
N TYR X 77 -36.22 25.22 -20.79
CA TYR X 77 -35.87 25.84 -22.05
C TYR X 77 -36.58 27.20 -22.16
N LEU X 78 -37.87 27.24 -21.86
CA LEU X 78 -38.59 28.52 -21.92
C LEU X 78 -37.96 29.56 -20.98
N LEU X 79 -37.58 29.13 -19.78
CA LEU X 79 -36.98 30.05 -18.81
C LEU X 79 -35.66 30.61 -19.34
N MET X 80 -34.87 29.74 -19.98
CA MET X 80 -33.58 30.17 -20.53
C MET X 80 -33.77 31.24 -21.61
N ARG X 81 -34.86 31.13 -22.37
CA ARG X 81 -35.15 32.09 -23.44
C ARG X 81 -35.78 33.39 -22.94
N GLY X 82 -36.00 33.49 -21.64
CA GLY X 82 -36.56 34.72 -21.09
C GLY X 82 -38.07 34.71 -20.89
N GLU X 83 -38.68 33.55 -21.04
CA GLU X 83 -40.13 33.43 -20.88
C GLU X 83 -40.52 33.06 -19.45
N LEU X 84 -41.82 32.91 -19.24
CA LEU X 84 -42.40 32.54 -17.95
C LEU X 84 -42.14 33.53 -16.82
N THR X 85 -42.16 34.82 -17.15
CA THR X 85 -42.05 35.85 -16.13
C THR X 85 -43.47 36.05 -15.59
N ASN X 86 -44.44 35.44 -16.29
CA ASN X 86 -45.85 35.41 -15.88
C ASN X 86 -46.50 34.23 -16.60
N ASP X 87 -47.78 33.96 -16.34
CA ASP X 87 -48.49 32.83 -16.98
C ASP X 87 -47.87 31.49 -16.62
N VAL X 88 -47.39 31.37 -15.40
CA VAL X 88 -46.79 30.13 -14.97
C VAL X 88 -47.86 29.21 -14.35
N SER X 89 -48.75 29.79 -13.54
CA SER X 89 -49.79 29.00 -12.87
C SER X 89 -50.67 28.22 -13.84
N SER X 90 -50.94 28.79 -15.00
CA SER X 90 -51.79 28.15 -16.00
C SER X 90 -51.07 27.13 -16.87
N LEU X 91 -49.77 26.94 -16.67
CA LEU X 91 -49.02 25.99 -17.50
C LEU X 91 -49.47 24.55 -17.38
N LEU X 92 -49.87 24.15 -16.19
CA LEU X 92 -50.25 22.76 -15.91
C LEU X 92 -51.50 22.57 -15.12
N GLN X 93 -52.10 21.41 -15.32
CA GLN X 93 -53.29 21.03 -14.59
C GLN X 93 -53.16 19.52 -14.34
N VAL X 94 -53.27 19.11 -13.09
CA VAL X 94 -53.19 17.69 -12.75
C VAL X 94 -54.63 17.18 -12.73
N ARG X 95 -54.91 16.13 -13.50
CA ARG X 95 -56.25 15.53 -13.54
C ARG X 95 -56.10 14.01 -13.56
N PRO X 96 -57.13 13.29 -13.09
CA PRO X 96 -57.05 11.83 -13.08
C PRO X 96 -56.85 11.32 -14.51
N PRO X 97 -56.02 10.29 -14.69
CA PRO X 97 -55.81 9.79 -16.05
C PRO X 97 -57.06 9.07 -16.56
N THR X 98 -57.16 8.98 -17.87
CA THR X 98 -58.28 8.37 -18.57
C THR X 98 -58.43 6.87 -18.35
N ARG X 99 -57.31 6.16 -18.27
CA ARG X 99 -57.36 4.71 -18.10
C ARG X 99 -56.71 4.30 -16.80
N SER X 100 -57.26 3.29 -16.14
CA SER X 100 -56.69 2.84 -14.87
C SER X 100 -56.51 1.34 -14.77
N SER X 101 -56.91 0.61 -15.80
CA SER X 101 -56.77 -0.84 -15.79
C SER X 101 -56.39 -1.37 -17.16
N TRP X 102 -55.64 -2.48 -17.20
CA TRP X 102 -55.19 -3.12 -18.44
C TRP X 102 -55.36 -4.62 -18.25
N LYS X 103 -55.70 -5.35 -19.31
CA LYS X 103 -55.90 -6.79 -19.21
C LYS X 103 -54.62 -7.53 -18.83
N GLY X 104 -53.49 -7.07 -19.35
CA GLY X 104 -52.23 -7.72 -19.05
C GLY X 104 -51.07 -6.86 -19.51
N GLY X 105 -49.86 -7.39 -19.42
CA GLY X 105 -48.68 -6.64 -19.82
C GLY X 105 -48.71 -6.22 -21.28
N VAL X 106 -49.18 -7.08 -22.17
CA VAL X 106 -49.22 -6.70 -23.59
C VAL X 106 -50.11 -5.47 -23.82
N GLU X 107 -51.31 -5.44 -23.24
CA GLU X 107 -52.18 -4.29 -23.43
C GLU X 107 -51.53 -3.02 -22.91
N ALA X 108 -50.83 -3.11 -21.78
CA ALA X 108 -50.18 -1.91 -21.23
C ALA X 108 -49.02 -1.46 -22.12
N LEU X 109 -48.23 -2.42 -22.63
CA LEU X 109 -47.11 -2.05 -23.50
C LEU X 109 -47.63 -1.42 -24.80
N GLU X 110 -48.72 -1.96 -25.34
CA GLU X 110 -49.28 -1.40 -26.57
C GLU X 110 -49.87 -0.01 -26.33
N HIS X 111 -50.46 0.17 -25.15
CA HIS X 111 -51.01 1.48 -24.82
C HIS X 111 -49.83 2.47 -24.67
N ALA X 112 -48.76 2.04 -23.98
CA ALA X 112 -47.60 2.92 -23.82
C ALA X 112 -47.00 3.28 -25.20
N LEU X 113 -46.92 2.30 -26.09
CA LEU X 113 -46.39 2.55 -27.44
C LEU X 113 -47.24 3.61 -28.16
N SER X 114 -48.55 3.48 -28.03
CA SER X 114 -49.47 4.44 -28.65
C SER X 114 -49.33 5.84 -28.03
N MET X 115 -49.15 5.90 -26.71
CA MET X 115 -48.97 7.19 -26.03
C MET X 115 -47.67 7.82 -26.54
N GLU X 116 -46.60 7.03 -26.64
CA GLU X 116 -45.32 7.57 -27.11
C GLU X 116 -45.43 8.04 -28.56
N SER X 117 -46.13 7.27 -29.37
CA SER X 117 -46.35 7.60 -30.78
C SER X 117 -47.08 8.96 -30.87
N ASP X 118 -48.07 9.18 -29.99
CA ASP X 118 -48.79 10.47 -29.96
C ASP X 118 -47.86 11.61 -29.55
N VAL X 119 -47.00 11.35 -28.58
CA VAL X 119 -46.06 12.38 -28.13
C VAL X 119 -45.09 12.73 -29.25
N THR X 120 -44.62 11.72 -29.99
CA THR X 120 -43.69 11.97 -31.09
C THR X 120 -44.33 12.87 -32.14
N LYS X 121 -45.57 12.56 -32.48
CA LYS X 121 -46.30 13.35 -33.47
C LYS X 121 -46.49 14.78 -32.95
N SER X 122 -46.79 14.92 -31.67
CA SER X 122 -46.99 16.24 -31.09
C SER X 122 -45.69 17.05 -31.10
N ILE X 123 -44.55 16.42 -30.78
CA ILE X 123 -43.27 17.14 -30.80
C ILE X 123 -42.96 17.58 -32.25
N ARG X 124 -43.25 16.72 -33.23
CA ARG X 124 -43.00 17.09 -34.62
C ARG X 124 -43.87 18.31 -34.97
N ASN X 125 -45.07 18.40 -34.40
CA ASN X 125 -45.93 19.56 -34.66
C ASN X 125 -45.39 20.82 -33.96
N VAL X 126 -44.73 20.67 -32.82
CA VAL X 126 -44.13 21.84 -32.15
C VAL X 126 -42.98 22.31 -33.06
N ILE X 127 -42.20 21.35 -33.56
CA ILE X 127 -41.10 21.68 -34.45
C ILE X 127 -41.61 22.46 -35.67
N LYS X 128 -42.69 21.98 -36.28
CA LYS X 128 -43.27 22.67 -37.45
C LYS X 128 -43.68 24.10 -37.09
N ALA X 129 -44.38 24.27 -35.98
CA ALA X 129 -44.81 25.60 -35.56
C ALA X 129 -43.63 26.53 -35.32
N CYS X 130 -42.58 26.01 -34.69
CA CYS X 130 -41.41 26.81 -34.37
C CYS X 130 -40.52 27.11 -35.56
N GLU X 131 -40.49 26.20 -36.52
CA GLU X 131 -39.66 26.40 -37.70
C GLU X 131 -40.35 27.19 -38.79
N ASP X 132 -41.64 26.95 -38.99
CA ASP X 132 -42.35 27.59 -40.09
C ASP X 132 -43.07 28.90 -39.87
N ASP X 133 -42.91 29.50 -38.68
CA ASP X 133 -43.54 30.78 -38.41
C ASP X 133 -42.89 31.75 -39.43
N SER X 134 -43.70 32.38 -40.27
CA SER X 134 -43.15 33.28 -41.29
C SER X 134 -42.30 34.42 -40.74
N GLU X 135 -42.54 34.81 -39.50
CA GLU X 135 -41.79 35.91 -38.91
C GLU X 135 -40.50 35.51 -38.18
N PHE X 136 -40.39 34.25 -37.78
CA PHE X 136 -39.21 33.85 -37.01
C PHE X 136 -39.04 32.33 -36.99
N ASN X 137 -37.96 31.86 -37.61
CA ASN X 137 -37.65 30.44 -37.64
C ASN X 137 -36.79 30.23 -36.39
N ASP X 138 -37.30 29.52 -35.38
CA ASP X 138 -36.51 29.34 -34.16
C ASP X 138 -35.53 28.18 -34.31
N TYR X 139 -34.43 28.44 -35.01
CA TYR X 139 -33.44 27.40 -35.28
C TYR X 139 -33.00 26.58 -34.07
N HIS X 140 -32.66 27.28 -32.99
CA HIS X 140 -32.15 26.58 -31.82
C HIS X 140 -33.16 25.67 -31.14
N LEU X 141 -34.39 26.13 -30.95
CA LEU X 141 -35.37 25.27 -30.30
C LEU X 141 -35.72 24.08 -31.21
N VAL X 142 -35.84 24.32 -32.51
CA VAL X 142 -36.13 23.23 -33.44
C VAL X 142 -35.05 22.15 -33.32
N ASP X 143 -33.79 22.59 -33.26
CA ASP X 143 -32.65 21.69 -33.13
C ASP X 143 -32.69 20.93 -31.81
N TYR X 144 -33.03 21.62 -30.74
CA TYR X 144 -33.12 21.01 -29.41
C TYR X 144 -34.21 19.92 -29.39
N LEU X 145 -35.39 20.24 -29.91
CA LEU X 145 -36.48 19.27 -29.93
C LEU X 145 -36.15 18.08 -30.83
N THR X 146 -35.44 18.34 -31.92
CA THR X 146 -35.10 17.27 -32.84
C THR X 146 -34.00 16.34 -32.31
N GLY X 147 -32.91 16.93 -31.83
CA GLY X 147 -31.78 16.15 -31.36
C GLY X 147 -31.89 15.53 -29.98
N ASP X 148 -32.70 16.12 -29.11
CA ASP X 148 -32.87 15.59 -27.76
C ASP X 148 -34.20 14.86 -27.61
N PHE X 149 -35.30 15.57 -27.80
CA PHE X 149 -36.61 14.96 -27.62
C PHE X 149 -36.96 13.88 -28.63
N LEU X 150 -36.81 14.13 -29.93
CA LEU X 150 -37.15 13.08 -30.89
C LEU X 150 -36.22 11.88 -30.73
N GLU X 151 -34.96 12.11 -30.41
CA GLU X 151 -34.01 11.02 -30.22
C GLU X 151 -34.56 10.06 -29.15
N GLU X 152 -34.96 10.61 -28.01
CA GLU X 152 -35.51 9.80 -26.93
C GLU X 152 -36.81 9.10 -27.38
N GLN X 153 -37.64 9.80 -28.15
CA GLN X 153 -38.89 9.21 -28.62
C GLN X 153 -38.69 8.00 -29.51
N TYR X 154 -37.83 8.12 -30.53
CA TYR X 154 -37.66 6.99 -31.44
C TYR X 154 -37.04 5.78 -30.77
N LYS X 155 -36.06 5.99 -29.90
CA LYS X 155 -35.44 4.87 -29.19
C LYS X 155 -36.50 4.22 -28.28
N GLY X 156 -37.28 5.05 -27.61
CA GLY X 156 -38.31 4.54 -26.69
C GLY X 156 -39.38 3.72 -27.40
N GLN X 157 -39.82 4.20 -28.56
CA GLN X 157 -40.83 3.48 -29.34
C GLN X 157 -40.31 2.12 -29.77
N ARG X 158 -39.09 2.08 -30.27
CA ARG X 158 -38.52 0.81 -30.72
C ARG X 158 -38.42 -0.16 -29.55
N ASP X 159 -38.03 0.36 -28.39
CA ASP X 159 -37.91 -0.50 -27.21
C ASP X 159 -39.28 -1.09 -26.81
N LEU X 160 -40.30 -0.24 -26.72
CA LEU X 160 -41.65 -0.71 -26.37
C LEU X 160 -42.22 -1.66 -27.43
N ALA X 161 -42.00 -1.35 -28.70
CA ALA X 161 -42.52 -2.20 -29.78
C ALA X 161 -41.89 -3.59 -29.69
N GLY X 162 -40.59 -3.64 -29.43
CA GLY X 162 -39.92 -4.93 -29.32
C GLY X 162 -40.45 -5.72 -28.11
N LYS X 163 -40.62 -5.05 -26.98
CA LYS X 163 -41.15 -5.72 -25.79
C LYS X 163 -42.55 -6.27 -26.07
N ALA X 164 -43.39 -5.46 -26.71
CA ALA X 164 -44.75 -5.91 -27.04
C ALA X 164 -44.73 -7.11 -27.97
N SER X 165 -43.88 -7.08 -29.01
CA SER X 165 -43.82 -8.22 -29.94
C SER X 165 -43.37 -9.49 -29.23
N THR X 166 -42.31 -9.38 -28.44
CA THR X 166 -41.78 -10.54 -27.72
C THR X 166 -42.80 -11.15 -26.78
N LEU X 167 -43.46 -10.33 -25.98
CA LEU X 167 -44.44 -10.86 -25.04
C LEU X 167 -45.72 -11.34 -25.73
N LYS X 168 -46.16 -10.62 -26.75
CA LYS X 168 -47.40 -11.03 -27.43
C LYS X 168 -47.30 -12.41 -28.06
N LYS X 169 -46.12 -12.79 -28.54
CA LYS X 169 -45.95 -14.11 -29.14
C LYS X 169 -46.21 -15.22 -28.13
N LEU X 170 -46.06 -14.92 -26.84
CA LEU X 170 -46.27 -15.91 -25.79
C LEU X 170 -47.71 -16.04 -25.34
N MET X 171 -48.56 -15.11 -25.76
CA MET X 171 -49.94 -15.10 -25.29
C MET X 171 -50.91 -16.16 -25.77
N ASP X 172 -50.73 -16.72 -26.96
CA ASP X 172 -51.70 -17.71 -27.37
C ASP X 172 -51.67 -18.98 -26.54
N ARG X 173 -50.51 -19.39 -26.02
CA ARG X 173 -50.49 -20.61 -25.20
C ARG X 173 -49.80 -20.49 -23.84
N HIS X 174 -49.12 -19.37 -23.57
CA HIS X 174 -48.37 -19.25 -22.33
C HIS X 174 -48.58 -17.92 -21.65
N GLU X 175 -49.83 -17.52 -21.54
CA GLU X 175 -50.15 -16.24 -20.94
C GLU X 175 -49.58 -16.04 -19.54
N ALA X 176 -49.79 -17.00 -18.64
CA ALA X 176 -49.32 -16.82 -17.27
C ALA X 176 -47.82 -17.01 -17.08
N LEU X 177 -47.28 -18.11 -17.57
CA LEU X 177 -45.85 -18.34 -17.39
C LEU X 177 -45.02 -17.39 -18.23
N GLY X 178 -45.50 -17.11 -19.44
CA GLY X 178 -44.78 -16.19 -20.31
C GLY X 178 -44.66 -14.81 -19.69
N GLU X 179 -45.77 -14.28 -19.18
CA GLU X 179 -45.73 -12.96 -18.56
C GLU X 179 -44.92 -12.97 -17.27
N PHE X 180 -45.03 -14.06 -16.50
CA PHE X 180 -44.26 -14.16 -15.25
C PHE X 180 -42.76 -14.05 -15.52
N ILE X 181 -42.27 -14.84 -16.48
CA ILE X 181 -40.84 -14.82 -16.80
C ILE X 181 -40.42 -13.47 -17.37
N PHE X 182 -41.22 -12.93 -18.29
CA PHE X 182 -40.91 -11.64 -18.92
C PHE X 182 -40.83 -10.55 -17.85
N ASP X 183 -41.77 -10.60 -16.90
CA ASP X 183 -41.83 -9.62 -15.80
C ASP X 183 -40.56 -9.68 -14.96
N LYS X 184 -40.07 -10.87 -14.65
CA LYS X 184 -38.86 -10.96 -13.84
C LYS X 184 -37.64 -10.50 -14.64
N LYS X 185 -37.65 -10.74 -15.96
CA LYS X 185 -36.54 -10.27 -16.80
C LYS X 185 -36.50 -8.72 -16.75
N LEU X 186 -37.65 -8.07 -16.62
CA LEU X 186 -37.66 -6.61 -16.53
C LEU X 186 -36.90 -6.17 -15.28
N LEU X 187 -36.87 -7.03 -14.27
CA LEU X 187 -36.17 -6.73 -13.03
C LEU X 187 -34.72 -7.21 -13.08
N GLY X 188 -34.32 -7.78 -14.21
CA GLY X 188 -32.96 -8.28 -14.33
C GLY X 188 -32.79 -9.63 -13.68
N ILE X 189 -33.89 -10.34 -13.48
CA ILE X 189 -33.85 -11.66 -12.84
C ILE X 189 -34.11 -12.77 -13.85
N ASP X 190 -33.12 -13.64 -14.03
CA ASP X 190 -33.26 -14.79 -14.93
C ASP X 190 -33.67 -15.91 -14.01
N VAL X 191 -34.88 -16.42 -14.18
CA VAL X 191 -35.32 -17.51 -13.31
C VAL X 191 -34.59 -18.81 -13.66
FE FE Y . -38.83 4.01 14.29
CA CA Z . -44.63 4.62 16.47
CA CA AA . -49.75 5.20 18.41
FE FE BA . 24.30 -16.27 29.84
CA CA CA . 27.89 -18.75 34.29
CA CA DA . 31.10 -20.91 38.20
FE FE EA . -0.20 -25.13 -33.09
CA CA FA . -0.18 -28.90 -38.05
CA CA GA . -0.18 -32.20 -42.44
FE FE HA . 14.68 37.37 -10.94
CA CA IA . 16.86 42.97 -12.58
CA CA JA . 18.81 47.90 -14.06
FE FE KA . -30.13 -32.67 21.44
FE FE LA . 0.17 -44.64 20.63
FE FE MA . -18.48 -45.40 -6.13
FE FE NA . 7.60 13.78 46.84
FE FE OA . -18.57 29.41 34.97
FE FE PA . 11.50 39.55 27.24
FE FE QA . 41.59 12.80 -23.17
FE FE RA . -19.14 6.03 -45.21
FE FE SA . 37.25 -19.33 -26.04
FE FE TA . -18.82 34.71 -29.64
FE FE UA . 48.94 -6.95 1.75
FE FE VA . -41.94 12.71 -22.84
#